data_8OIC
#
_entry.id   8OIC
#
_cell.length_a   73.055
_cell.length_b   94.665
_cell.length_c   120.589
_cell.angle_alpha   105.081
_cell.angle_beta   89.959
_cell.angle_gamma   93.826
#
_symmetry.space_group_name_H-M   'P 1'
#
loop_
_entity.id
_entity.type
_entity.pdbx_description
1 polymer 'Inosine-uridine preferring nucleoside hydrolase family protein'
2 non-polymer 'CALCIUM ION'
3 non-polymer BICINE
4 water water
#
_entity_poly.entity_id   1
_entity_poly.type   'polypeptide(L)'
_entity_poly.pdbx_seq_one_letter_code
;MGSSHHHHHHSSGLVPRGSHMSIKCALDCDPGHDDLAMIMLAVYSPKLDVQYISTTHGNQTVNKTYQNARRTLNLIKRAD
KIPVYRGYSKPLTRESVACPEIHGESGLGGVDWSEIDRTMPRNPALDILGYKDESELRPDDFFKHLHRLVSAAEDKFDII
STGSETNIAQYLLAYPEDAKKIRMTTMAGNFMIVGNIMPFAEFNVLIDPEAISNILQSGVDYTFAAPLDITHTVLVTEKV
INDIKAATEPYSPKFTEMIIKLLFFFKDTYRDVFGFIDPPLHDPVAAFHLIAPEWFEHVRCHVDIETKGEYTYGCCCTNL
ILKKKDPTKIVKPDNATVCLKLKEGGHDAFWNQMITVWGEIAKEIGK
;
_entity_poly.pdbx_strand_id   A,B,C,D,E,F,G,H
#
# COMPACT_ATOMS: atom_id res chain seq x y z
N MET A 21 -6.86 -19.98 40.32
CA MET A 21 -7.52 -19.53 41.56
C MET A 21 -8.35 -18.27 41.28
N SER A 22 -7.96 -17.09 41.80
CA SER A 22 -8.91 -16.01 41.98
C SER A 22 -8.42 -14.74 41.31
N ILE A 23 -9.36 -13.87 40.96
CA ILE A 23 -9.12 -12.77 40.05
C ILE A 23 -9.04 -11.48 40.84
N LYS A 24 -7.92 -10.76 40.69
CA LYS A 24 -7.81 -9.41 41.23
C LYS A 24 -8.65 -8.45 40.38
N CYS A 25 -9.45 -7.64 41.05
CA CYS A 25 -10.35 -6.73 40.37
C CYS A 25 -10.64 -5.52 41.25
N ALA A 26 -11.22 -4.50 40.64
CA ALA A 26 -11.64 -3.30 41.35
C ALA A 26 -13.10 -3.04 40.99
N LEU A 27 -13.82 -2.34 41.88
CA LEU A 27 -15.23 -2.09 41.66
C LEU A 27 -15.43 -0.58 41.58
N ASP A 28 -16.09 -0.15 40.50
CA ASP A 28 -16.48 1.23 40.33
C ASP A 28 -17.99 1.25 40.21
N CYS A 29 -18.67 2.03 41.07
CA CYS A 29 -20.10 1.89 41.20
C CYS A 29 -20.72 3.08 41.95
N ASP A 30 -22.06 3.11 41.99
CA ASP A 30 -22.83 4.21 42.58
C ASP A 30 -23.94 3.66 43.48
N PRO A 31 -23.63 2.90 44.56
CA PRO A 31 -24.68 2.28 45.36
C PRO A 31 -25.68 3.31 45.89
N GLY A 32 -26.99 3.07 45.70
CA GLY A 32 -27.56 2.07 44.80
C GLY A 32 -27.77 0.72 45.46
N HIS A 33 -29.01 0.23 45.39
CA HIS A 33 -29.39 -1.04 45.96
C HIS A 33 -28.76 -2.21 45.20
N ASP A 34 -28.68 -2.13 43.85
CA ASP A 34 -28.08 -3.21 43.09
C ASP A 34 -26.56 -3.22 43.29
N ASP A 35 -25.95 -2.04 43.38
CA ASP A 35 -24.51 -1.95 43.52
C ASP A 35 -24.12 -2.56 44.86
N LEU A 36 -24.97 -2.34 45.87
CA LEU A 36 -24.82 -2.96 47.17
C LEU A 36 -24.83 -4.49 47.05
N ALA A 37 -25.72 -5.01 46.21
CA ALA A 37 -25.81 -6.44 45.99
C ALA A 37 -24.56 -6.96 45.26
N MET A 38 -24.05 -6.15 44.33
CA MET A 38 -22.91 -6.54 43.50
C MET A 38 -21.64 -6.55 44.37
N ILE A 39 -21.54 -5.55 45.25
CA ILE A 39 -20.42 -5.46 46.18
C ILE A 39 -20.41 -6.72 47.04
N MET A 40 -21.57 -7.04 47.61
CA MET A 40 -21.72 -8.24 48.42
C MET A 40 -21.22 -9.45 47.65
N LEU A 41 -21.68 -9.61 46.40
CA LEU A 41 -21.28 -10.76 45.59
C LEU A 41 -19.77 -10.80 45.40
N ALA A 42 -19.17 -9.70 44.94
CA ALA A 42 -17.77 -9.66 44.56
C ALA A 42 -16.87 -9.91 45.77
N VAL A 43 -17.15 -9.21 46.88
CA VAL A 43 -16.33 -9.28 48.07
C VAL A 43 -16.36 -10.72 48.62
N TYR A 44 -17.56 -11.21 48.99
CA TYR A 44 -17.71 -12.53 49.59
C TYR A 44 -17.44 -13.66 48.60
N SER A 45 -17.48 -13.42 47.28
CA SER A 45 -17.08 -14.45 46.34
C SER A 45 -15.61 -14.76 46.51
N PRO A 46 -15.23 -16.04 46.73
CA PRO A 46 -13.82 -16.43 46.79
C PRO A 46 -13.11 -16.26 45.46
N LYS A 47 -13.88 -16.22 44.38
CA LYS A 47 -13.34 -16.17 43.03
C LYS A 47 -12.82 -14.77 42.68
N LEU A 48 -13.33 -13.73 43.36
CA LEU A 48 -12.91 -12.37 43.09
C LEU A 48 -12.19 -11.81 44.31
N ASP A 49 -11.08 -11.12 44.04
CA ASP A 49 -10.19 -10.55 45.04
C ASP A 49 -10.24 -9.03 44.91
N VAL A 50 -11.23 -8.41 45.56
CA VAL A 50 -11.52 -7.00 45.37
C VAL A 50 -10.39 -6.18 46.00
N GLN A 51 -9.73 -5.35 45.18
CA GLN A 51 -8.60 -4.55 45.61
C GLN A 51 -9.05 -3.22 46.21
N TYR A 52 -10.05 -2.59 45.59
CA TYR A 52 -10.63 -1.36 46.10
C TYR A 52 -12.02 -1.20 45.51
N ILE A 53 -12.76 -0.24 46.05
CA ILE A 53 -13.99 0.25 45.44
C ILE A 53 -13.87 1.75 45.18
N SER A 54 -14.09 2.15 43.92
CA SER A 54 -14.22 3.56 43.58
C SER A 54 -15.70 3.85 43.36
N THR A 55 -16.17 4.98 43.91
CA THR A 55 -17.55 5.39 43.72
C THR A 55 -17.61 6.57 42.77
N THR A 56 -18.79 6.74 42.17
CA THR A 56 -19.02 7.73 41.15
C THR A 56 -20.43 8.29 41.35
N HIS A 57 -20.68 9.41 40.69
CA HIS A 57 -22.00 10.03 40.66
C HIS A 57 -22.98 9.13 39.90
N GLY A 58 -24.26 9.32 40.16
CA GLY A 58 -25.27 8.64 39.37
C GLY A 58 -26.63 8.74 40.05
N ASN A 59 -27.01 7.63 40.69
CA ASN A 59 -28.17 7.57 41.57
C ASN A 59 -28.17 8.80 42.47
N GLN A 60 -27.19 8.85 43.38
CA GLN A 60 -26.95 10.02 44.20
C GLN A 60 -25.69 10.74 43.76
N THR A 61 -25.39 11.83 44.47
CA THR A 61 -24.11 12.48 44.41
C THR A 61 -23.01 11.50 44.85
N VAL A 62 -21.79 11.71 44.33
CA VAL A 62 -20.70 10.77 44.55
C VAL A 62 -20.39 10.70 46.05
N ASN A 63 -20.78 11.73 46.79
CA ASN A 63 -20.50 11.75 48.21
C ASN A 63 -21.38 10.73 48.92
N LYS A 64 -22.66 10.68 48.56
CA LYS A 64 -23.58 9.71 49.15
C LYS A 64 -23.23 8.29 48.69
N THR A 65 -22.89 8.11 47.40
CA THR A 65 -22.55 6.80 46.88
C THR A 65 -21.35 6.26 47.65
N TYR A 66 -20.37 7.14 47.90
CA TYR A 66 -19.18 6.78 48.65
C TYR A 66 -19.55 6.19 50.00
N GLN A 67 -20.45 6.87 50.72
CA GLN A 67 -20.85 6.39 52.04
C GLN A 67 -21.64 5.09 51.92
N ASN A 68 -22.48 5.00 50.89
CA ASN A 68 -23.31 3.84 50.64
C ASN A 68 -22.45 2.61 50.38
N ALA A 69 -21.27 2.82 49.77
CA ALA A 69 -20.35 1.71 49.57
C ALA A 69 -19.78 1.27 50.92
N ARG A 70 -19.40 2.24 51.76
CA ARG A 70 -18.81 1.96 53.05
C ARG A 70 -19.82 1.26 53.97
N ARG A 71 -21.10 1.64 53.85
CA ARG A 71 -22.17 1.01 54.59
C ARG A 71 -22.33 -0.46 54.16
N THR A 72 -22.28 -0.70 52.85
CA THR A 72 -22.37 -2.05 52.34
C THR A 72 -21.28 -2.91 52.99
N LEU A 73 -20.07 -2.37 52.97
CA LEU A 73 -18.89 -3.06 53.48
C LEU A 73 -19.01 -3.33 54.97
N ASN A 74 -19.47 -2.32 55.72
CA ASN A 74 -19.52 -2.39 57.18
C ASN A 74 -20.63 -3.34 57.62
N LEU A 75 -21.73 -3.37 56.86
CA LEU A 75 -22.80 -4.32 57.06
C LEU A 75 -22.29 -5.75 56.95
N ILE A 76 -21.37 -5.99 56.01
CA ILE A 76 -20.91 -7.33 55.71
C ILE A 76 -19.55 -7.59 56.36
N LYS A 77 -19.13 -6.68 57.25
CA LYS A 77 -17.94 -6.86 58.07
C LYS A 77 -16.67 -6.79 57.21
N ARG A 78 -16.53 -5.74 56.38
CA ARG A 78 -15.39 -5.65 55.49
C ARG A 78 -14.85 -4.22 55.35
N ALA A 79 -15.40 -3.26 56.12
CA ALA A 79 -15.10 -1.84 55.92
C ALA A 79 -13.70 -1.48 56.41
N ASP A 80 -13.10 -2.41 57.18
CA ASP A 80 -11.77 -2.24 57.75
C ASP A 80 -10.72 -2.85 56.84
N LYS A 81 -11.16 -3.55 55.79
CA LYS A 81 -10.30 -4.36 54.93
C LYS A 81 -10.08 -3.67 53.59
N ILE A 82 -11.16 -3.22 52.96
CA ILE A 82 -11.15 -2.76 51.57
C ILE A 82 -11.20 -1.24 51.56
N PRO A 83 -10.26 -0.57 50.85
CA PRO A 83 -10.29 0.88 50.69
C PRO A 83 -11.40 1.30 49.73
N VAL A 84 -12.11 2.37 50.08
CA VAL A 84 -13.13 2.97 49.24
C VAL A 84 -12.67 4.37 48.86
N TYR A 85 -12.61 4.63 47.55
CA TYR A 85 -12.26 5.93 47.01
C TYR A 85 -13.51 6.67 46.56
N ARG A 86 -13.58 7.96 46.90
CA ARG A 86 -14.66 8.82 46.43
C ARG A 86 -14.21 9.48 45.13
N GLY A 87 -14.93 9.21 44.04
CA GLY A 87 -14.51 9.60 42.71
C GLY A 87 -15.15 10.90 42.21
N TYR A 88 -15.29 11.00 40.88
CA TYR A 88 -15.71 12.22 40.25
C TYR A 88 -17.21 12.42 40.44
N SER A 89 -17.61 13.68 40.54
CA SER A 89 -18.95 14.10 40.95
C SER A 89 -19.88 14.40 39.78
N LYS A 90 -19.35 14.57 38.54
CA LYS A 90 -20.24 14.92 37.43
C LYS A 90 -19.70 14.33 36.14
N PRO A 91 -20.52 14.23 35.08
CA PRO A 91 -20.04 13.79 33.77
C PRO A 91 -18.93 14.69 33.22
N LEU A 92 -18.23 14.18 32.20
CA LEU A 92 -17.11 14.86 31.58
C LEU A 92 -17.55 16.25 31.10
N THR A 93 -18.63 16.29 30.32
CA THR A 93 -19.06 17.51 29.65
C THR A 93 -20.56 17.77 29.82
N ARG A 94 -21.21 17.09 30.76
CA ARG A 94 -22.65 17.21 30.95
C ARG A 94 -22.97 17.46 32.41
N GLU A 95 -24.21 17.87 32.66
CA GLU A 95 -24.71 18.07 34.01
C GLU A 95 -25.09 16.71 34.59
N SER A 96 -24.99 16.58 35.92
CA SER A 96 -25.44 15.40 36.60
C SER A 96 -26.95 15.24 36.37
N VAL A 97 -27.47 14.06 36.71
CA VAL A 97 -28.89 13.95 37.00
C VAL A 97 -29.00 13.56 38.48
N ALA A 98 -28.37 14.40 39.33
CA ALA A 98 -28.03 14.03 40.69
C ALA A 98 -28.02 15.29 41.55
N GLU A 105 -33.07 11.31 49.18
CA GLU A 105 -32.74 9.91 49.53
C GLU A 105 -31.26 9.84 49.94
N SER A 106 -30.97 8.93 50.87
CA SER A 106 -29.62 8.50 51.19
C SER A 106 -28.93 8.01 49.91
N GLY A 107 -29.72 7.27 49.13
CA GLY A 107 -29.26 6.51 47.99
C GLY A 107 -29.45 5.01 48.20
N LEU A 108 -29.81 4.64 49.45
CA LEU A 108 -29.83 3.26 49.87
C LEU A 108 -30.99 3.07 50.84
N GLY A 109 -32.16 3.59 50.43
CA GLY A 109 -33.30 3.73 51.32
C GLY A 109 -34.02 2.41 51.58
N GLY A 110 -35.01 2.47 52.49
CA GLY A 110 -35.73 1.29 52.95
C GLY A 110 -35.22 0.80 54.31
N VAL A 111 -34.14 1.42 54.81
CA VAL A 111 -33.34 0.86 55.88
C VAL A 111 -32.74 2.00 56.71
N ASP A 112 -32.53 1.73 58.00
CA ASP A 112 -31.97 2.69 58.94
C ASP A 112 -30.48 2.39 59.10
N TRP A 113 -29.63 3.35 58.70
CA TRP A 113 -28.19 3.12 58.65
C TRP A 113 -27.46 3.71 59.86
N SER A 114 -28.22 4.25 60.82
CA SER A 114 -27.64 4.98 61.94
C SER A 114 -26.62 4.13 62.71
N GLU A 115 -26.88 2.82 62.86
CA GLU A 115 -25.97 1.94 63.58
C GLU A 115 -24.73 1.66 62.74
N ILE A 116 -24.94 1.24 61.48
CA ILE A 116 -23.86 0.94 60.55
C ILE A 116 -23.00 2.19 60.37
N ASP A 117 -23.61 3.37 60.49
CA ASP A 117 -22.92 4.62 60.36
C ASP A 117 -21.99 4.88 61.54
N ARG A 118 -22.48 4.75 62.79
CA ARG A 118 -21.68 5.15 63.94
C ARG A 118 -20.66 4.07 64.31
N THR A 119 -20.83 2.83 63.82
CA THR A 119 -19.86 1.77 64.10
C THR A 119 -18.91 1.59 62.93
N MET A 120 -18.87 2.58 62.04
CA MET A 120 -18.08 2.54 60.82
C MET A 120 -16.60 2.66 61.17
N PRO A 121 -15.75 1.67 60.83
CA PRO A 121 -14.31 1.82 61.01
C PRO A 121 -13.67 2.78 60.01
N ARG A 122 -12.46 3.24 60.35
CA ARG A 122 -11.66 4.12 59.52
C ARG A 122 -11.48 3.48 58.15
N ASN A 123 -11.49 4.33 57.11
CA ASN A 123 -11.37 3.91 55.73
C ASN A 123 -9.88 3.61 55.46
N PRO A 124 -9.54 2.34 55.15
CA PRO A 124 -8.18 1.99 54.73
C PRO A 124 -7.58 2.90 53.67
N ALA A 125 -8.45 3.55 52.87
CA ALA A 125 -7.99 4.44 51.81
C ALA A 125 -7.16 5.58 52.38
N LEU A 126 -7.55 6.07 53.57
CA LEU A 126 -6.91 7.24 54.14
C LEU A 126 -5.46 6.95 54.49
N ASP A 127 -5.18 5.72 54.95
CA ASP A 127 -3.83 5.36 55.33
C ASP A 127 -3.00 5.21 54.08
N ILE A 128 -3.59 4.62 53.04
CA ILE A 128 -2.94 4.49 51.75
C ILE A 128 -2.52 5.88 51.23
N LEU A 129 -3.38 6.88 51.45
CA LEU A 129 -3.23 8.17 50.79
C LEU A 129 -2.40 9.15 51.62
N GLY A 130 -2.29 8.91 52.93
CA GLY A 130 -1.63 9.84 53.83
C GLY A 130 -2.58 10.91 54.39
N TYR A 131 -3.89 10.65 54.31
CA TYR A 131 -4.89 11.59 54.79
C TYR A 131 -5.22 11.31 56.26
N LYS A 132 -5.67 12.35 56.95
CA LYS A 132 -6.11 12.24 58.33
C LYS A 132 -7.59 11.88 58.35
N ASP A 133 -8.40 12.56 57.52
CA ASP A 133 -9.84 12.33 57.50
C ASP A 133 -10.38 12.40 56.06
N GLU A 134 -11.69 12.18 55.93
CA GLU A 134 -12.33 11.94 54.66
C GLU A 134 -12.54 13.23 53.84
N SER A 135 -12.41 14.38 54.50
CA SER A 135 -12.54 15.64 53.78
C SER A 135 -11.40 15.79 52.78
N GLU A 136 -10.31 15.06 53.01
CA GLU A 136 -9.13 15.16 52.15
C GLU A 136 -9.27 14.32 50.89
N LEU A 137 -10.24 13.40 50.86
CA LEU A 137 -10.44 12.55 49.68
C LEU A 137 -10.74 13.41 48.46
N ARG A 138 -10.10 13.06 47.32
CA ARG A 138 -10.23 13.77 46.07
C ARG A 138 -10.60 12.78 44.97
N PRO A 139 -11.25 13.25 43.87
CA PRO A 139 -11.70 12.33 42.82
C PRO A 139 -10.62 11.44 42.22
N ASP A 140 -9.36 11.90 42.20
CA ASP A 140 -8.32 11.20 41.46
C ASP A 140 -7.45 10.35 42.38
N ASP A 141 -7.89 10.11 43.62
CA ASP A 141 -7.12 9.35 44.60
C ASP A 141 -6.89 7.92 44.14
N PHE A 142 -7.84 7.32 43.40
CA PHE A 142 -7.72 5.91 43.06
C PHE A 142 -6.69 5.70 41.95
N PHE A 143 -6.30 6.79 41.25
CA PHE A 143 -5.48 6.65 40.04
C PHE A 143 -4.18 5.91 40.32
N LYS A 144 -3.41 6.34 41.32
CA LYS A 144 -2.12 5.74 41.60
C LYS A 144 -2.28 4.26 41.97
N HIS A 145 -3.32 3.94 42.73
CA HIS A 145 -3.56 2.57 43.19
C HIS A 145 -3.93 1.67 42.00
N LEU A 146 -4.79 2.17 41.10
CA LEU A 146 -5.15 1.43 39.90
C LEU A 146 -3.90 1.18 39.06
N HIS A 147 -3.02 2.19 38.97
CA HIS A 147 -1.88 2.10 38.08
C HIS A 147 -0.88 1.05 38.57
N ARG A 148 -0.76 0.89 39.89
CA ARG A 148 0.09 -0.17 40.43
C ARG A 148 -0.48 -1.53 40.02
N LEU A 149 -1.80 -1.71 40.22
CA LEU A 149 -2.49 -2.94 39.86
C LEU A 149 -2.33 -3.26 38.37
N VAL A 150 -2.41 -2.23 37.52
CA VAL A 150 -2.35 -2.43 36.08
C VAL A 150 -0.94 -2.83 35.66
N SER A 151 0.06 -2.15 36.22
CA SER A 151 1.45 -2.47 35.96
C SER A 151 1.74 -3.89 36.43
N ALA A 152 1.27 -4.23 37.63
CA ALA A 152 1.42 -5.56 38.20
C ALA A 152 0.74 -6.63 37.33
N ALA A 153 -0.41 -6.32 36.75
CA ALA A 153 -1.18 -7.29 35.99
C ALA A 153 -0.30 -8.03 34.98
N GLU A 154 -0.43 -9.36 34.98
CA GLU A 154 0.23 -10.23 34.03
C GLU A 154 -0.23 -9.90 32.62
N ASP A 155 -1.55 -9.96 32.39
CA ASP A 155 -2.17 -9.71 31.10
C ASP A 155 -2.91 -8.37 31.16
N LYS A 156 -4.14 -8.39 31.68
CA LYS A 156 -4.93 -7.19 31.91
C LYS A 156 -5.52 -7.23 33.30
N PHE A 157 -5.80 -6.05 33.85
CA PHE A 157 -6.43 -5.92 35.16
C PHE A 157 -7.93 -5.68 34.97
N ASP A 158 -8.73 -6.25 35.88
CA ASP A 158 -10.17 -6.32 35.71
C ASP A 158 -10.88 -5.25 36.56
N ILE A 159 -11.80 -4.54 35.92
CA ILE A 159 -12.62 -3.55 36.57
C ILE A 159 -14.08 -3.88 36.29
N ILE A 160 -14.88 -3.93 37.35
CA ILE A 160 -16.31 -4.09 37.23
C ILE A 160 -16.92 -2.72 37.45
N SER A 161 -17.69 -2.26 36.46
CA SER A 161 -18.31 -0.94 36.49
C SER A 161 -19.82 -1.11 36.40
N THR A 162 -20.56 -0.55 37.38
CA THR A 162 -22.00 -0.68 37.40
C THR A 162 -22.70 0.66 37.68
N GLY A 163 -21.95 1.77 37.54
CA GLY A 163 -22.54 3.11 37.53
C GLY A 163 -22.11 3.86 36.27
N SER A 164 -22.08 5.19 36.33
CA SER A 164 -21.48 5.95 35.24
C SER A 164 -20.00 5.59 35.18
N GLU A 165 -19.40 5.75 33.98
CA GLU A 165 -18.02 5.31 33.78
C GLU A 165 -17.08 6.51 33.64
N THR A 166 -17.51 7.64 34.21
CA THR A 166 -16.73 8.87 34.31
C THR A 166 -15.35 8.65 34.92
N ASN A 167 -15.27 7.88 36.01
CA ASN A 167 -14.03 7.63 36.72
C ASN A 167 -13.00 6.98 35.80
N ILE A 168 -13.45 6.02 34.98
CA ILE A 168 -12.53 5.27 34.14
C ILE A 168 -12.11 6.10 32.94
N ALA A 169 -13.03 6.92 32.41
CA ALA A 169 -12.72 7.85 31.34
C ALA A 169 -11.66 8.84 31.83
N GLN A 170 -11.87 9.35 33.04
CA GLN A 170 -10.94 10.26 33.69
CA GLN A 170 -10.94 10.26 33.69
C GLN A 170 -9.57 9.59 33.87
N TYR A 171 -9.58 8.36 34.38
CA TYR A 171 -8.34 7.64 34.60
C TYR A 171 -7.55 7.53 33.30
N LEU A 172 -8.27 7.20 32.22
CA LEU A 172 -7.67 6.89 30.94
C LEU A 172 -7.14 8.15 30.26
N LEU A 173 -7.73 9.30 30.60
CA LEU A 173 -7.25 10.59 30.11
C LEU A 173 -5.93 10.93 30.78
N ALA A 174 -5.72 10.37 31.98
CA ALA A 174 -4.48 10.57 32.71
C ALA A 174 -3.51 9.43 32.47
N TYR A 175 -4.01 8.23 32.14
CA TYR A 175 -3.18 7.05 31.92
C TYR A 175 -3.56 6.40 30.60
N PRO A 176 -3.37 7.12 29.47
CA PRO A 176 -3.76 6.60 28.16
C PRO A 176 -3.20 5.22 27.87
N GLU A 177 -1.93 5.04 28.22
CA GLU A 177 -1.14 3.88 27.86
C GLU A 177 -1.62 2.64 28.63
N ASP A 178 -2.31 2.84 29.76
CA ASP A 178 -2.84 1.75 30.56
C ASP A 178 -4.07 1.10 29.91
N ALA A 179 -4.64 1.74 28.89
CA ALA A 179 -5.90 1.30 28.30
C ALA A 179 -5.82 -0.15 27.83
N LYS A 180 -4.70 -0.52 27.21
CA LYS A 180 -4.54 -1.82 26.57
C LYS A 180 -4.37 -2.91 27.64
N LYS A 181 -4.11 -2.52 28.91
CA LYS A 181 -3.96 -3.47 30.00
C LYS A 181 -5.13 -3.43 30.99
N ILE A 182 -6.27 -2.88 30.58
CA ILE A 182 -7.44 -2.88 31.43
C ILE A 182 -8.55 -3.65 30.73
N ARG A 183 -9.23 -4.52 31.50
CA ARG A 183 -10.41 -5.21 31.04
C ARG A 183 -11.60 -4.73 31.86
N MET A 184 -12.68 -4.38 31.16
CA MET A 184 -13.85 -3.83 31.81
C MET A 184 -15.06 -4.73 31.58
N THR A 185 -15.81 -4.94 32.66
CA THR A 185 -16.99 -5.78 32.68
C THR A 185 -18.10 -4.94 33.28
N THR A 186 -19.11 -4.57 32.48
CA THR A 186 -20.02 -3.50 32.89
C THR A 186 -21.47 -4.00 32.92
N MET A 187 -22.22 -3.43 33.87
CA MET A 187 -23.67 -3.32 33.76
C MET A 187 -23.95 -1.97 33.12
N ALA A 188 -24.34 -2.01 31.84
CA ALA A 188 -24.62 -0.82 31.05
C ALA A 188 -25.27 -1.25 29.75
N GLY A 189 -26.13 -0.36 29.21
CA GLY A 189 -26.61 -0.46 27.84
C GLY A 189 -27.95 -1.19 27.71
N ASN A 190 -28.59 -0.96 26.55
CA ASN A 190 -29.62 -1.83 26.01
C ASN A 190 -29.35 -1.98 24.52
N PHE A 191 -29.62 -3.17 23.98
CA PHE A 191 -29.19 -3.52 22.63
C PHE A 191 -30.39 -3.92 21.76
N MET A 192 -31.01 -5.07 22.10
CA MET A 192 -32.10 -5.61 21.29
C MET A 192 -33.44 -5.36 21.99
N ILE A 193 -33.42 -4.63 23.10
CA ILE A 193 -34.63 -4.10 23.71
C ILE A 193 -34.42 -2.60 23.93
N VAL A 194 -35.49 -1.89 24.29
CA VAL A 194 -35.45 -0.45 24.43
C VAL A 194 -34.87 -0.08 25.79
N GLY A 195 -34.77 1.23 26.06
CA GLY A 195 -34.09 1.73 27.24
C GLY A 195 -35.00 1.79 28.47
N ASN A 196 -34.52 2.40 29.57
CA ASN A 196 -35.29 2.55 30.79
C ASN A 196 -35.59 4.02 31.06
N ILE A 197 -34.57 4.81 31.42
CA ILE A 197 -34.77 6.19 31.86
C ILE A 197 -35.03 7.09 30.66
N MET A 198 -34.58 6.65 29.48
CA MET A 198 -34.98 7.30 28.25
C MET A 198 -35.36 6.23 27.24
N PRO A 199 -36.10 6.59 26.16
CA PRO A 199 -36.76 5.60 25.32
C PRO A 199 -35.88 4.46 24.79
N PHE A 200 -34.62 4.77 24.43
CA PHE A 200 -33.77 3.82 23.74
C PHE A 200 -32.38 3.71 24.34
N ALA A 201 -32.22 4.20 25.58
CA ALA A 201 -30.93 4.22 26.26
C ALA A 201 -31.12 3.84 27.73
N GLU A 202 -30.02 3.34 28.31
CA GLU A 202 -29.97 2.89 29.68
C GLU A 202 -29.19 3.89 30.52
N PHE A 203 -29.60 4.03 31.80
CA PHE A 203 -29.15 5.08 32.72
C PHE A 203 -27.63 5.32 32.71
N ASN A 204 -26.84 4.24 32.90
CA ASN A 204 -25.40 4.34 33.15
C ASN A 204 -24.67 4.90 31.93
N VAL A 205 -25.20 4.65 30.74
CA VAL A 205 -24.57 5.14 29.53
C VAL A 205 -24.95 6.60 29.30
N LEU A 206 -26.25 6.92 29.43
CA LEU A 206 -26.78 8.21 28.99
C LEU A 206 -26.39 9.29 29.98
N ILE A 207 -26.03 8.88 31.19
CA ILE A 207 -25.73 9.81 32.26
C ILE A 207 -24.33 10.40 32.05
N ASP A 208 -23.45 9.69 31.33
CA ASP A 208 -22.23 10.25 30.78
C ASP A 208 -21.80 9.44 29.55
N PRO A 209 -22.36 9.70 28.35
CA PRO A 209 -22.06 8.89 27.18
C PRO A 209 -20.68 9.15 26.57
N GLU A 210 -20.12 10.36 26.80
CA GLU A 210 -18.78 10.65 26.31
C GLU A 210 -17.77 9.76 27.03
N ALA A 211 -17.98 9.53 28.33
CA ALA A 211 -17.12 8.62 29.06
C ALA A 211 -17.03 7.28 28.35
N ILE A 212 -18.18 6.67 28.01
CA ILE A 212 -18.12 5.32 27.48
C ILE A 212 -17.56 5.38 26.06
N SER A 213 -17.95 6.42 25.32
CA SER A 213 -17.40 6.63 23.99
C SER A 213 -15.88 6.69 24.05
N ASN A 214 -15.35 7.52 24.96
CA ASN A 214 -13.92 7.63 25.21
C ASN A 214 -13.30 6.25 25.49
N ILE A 215 -13.89 5.52 26.47
CA ILE A 215 -13.39 4.23 26.91
C ILE A 215 -13.30 3.27 25.73
N LEU A 216 -14.37 3.23 24.93
CA LEU A 216 -14.49 2.23 23.86
C LEU A 216 -13.48 2.53 22.76
N GLN A 217 -13.13 3.80 22.55
CA GLN A 217 -12.16 4.05 21.51
C GLN A 217 -10.76 4.15 22.08
N SER A 218 -10.57 3.84 23.37
CA SER A 218 -9.28 3.97 24.02
C SER A 218 -8.41 2.72 23.81
N GLY A 219 -9.00 1.64 23.32
CA GLY A 219 -8.29 0.37 23.24
C GLY A 219 -8.49 -0.49 24.49
N VAL A 220 -9.37 -0.05 25.40
CA VAL A 220 -9.79 -0.88 26.52
C VAL A 220 -10.53 -2.09 25.98
N ASP A 221 -10.37 -3.21 26.67
CA ASP A 221 -11.10 -4.44 26.37
C ASP A 221 -12.40 -4.39 27.16
N TYR A 222 -13.53 -4.25 26.44
CA TYR A 222 -14.79 -3.91 27.09
C TYR A 222 -15.83 -5.00 26.88
N THR A 223 -16.47 -5.47 27.93
CA THR A 223 -17.64 -6.31 27.80
C THR A 223 -18.86 -5.59 28.39
N PHE A 224 -19.93 -5.50 27.59
CA PHE A 224 -21.27 -5.26 28.08
C PHE A 224 -21.82 -6.58 28.61
N ALA A 225 -21.54 -6.84 29.88
CA ALA A 225 -21.79 -8.13 30.50
C ALA A 225 -23.24 -8.24 30.94
N ALA A 226 -23.84 -7.08 31.25
CA ALA A 226 -25.14 -7.04 31.89
C ALA A 226 -25.94 -5.86 31.34
N PRO A 227 -26.32 -5.90 30.05
CA PRO A 227 -27.23 -4.89 29.52
C PRO A 227 -28.65 -5.22 29.96
N LEU A 228 -29.57 -4.27 29.74
CA LEU A 228 -30.97 -4.46 30.11
C LEU A 228 -31.47 -5.77 29.50
N ASP A 229 -30.96 -6.09 28.31
CA ASP A 229 -31.30 -7.32 27.59
C ASP A 229 -31.34 -8.49 28.57
N ILE A 230 -30.33 -8.58 29.46
CA ILE A 230 -30.21 -9.67 30.40
C ILE A 230 -30.88 -9.32 31.73
N THR A 231 -30.52 -8.15 32.28
CA THR A 231 -30.89 -7.82 33.66
C THR A 231 -32.42 -7.76 33.82
N HIS A 232 -33.12 -7.42 32.74
CA HIS A 232 -34.58 -7.39 32.76
C HIS A 232 -35.17 -8.79 32.79
N THR A 233 -34.35 -9.83 32.62
CA THR A 233 -34.75 -11.21 32.81
C THR A 233 -34.19 -11.79 34.11
N VAL A 234 -33.71 -10.92 35.02
CA VAL A 234 -33.16 -11.35 36.29
C VAL A 234 -33.94 -10.68 37.40
N LEU A 235 -35.04 -11.33 37.81
CA LEU A 235 -36.10 -10.69 38.58
C LEU A 235 -36.18 -11.25 39.99
N VAL A 236 -36.39 -10.32 40.94
CA VAL A 236 -36.56 -10.65 42.34
C VAL A 236 -38.02 -11.05 42.59
N THR A 237 -38.31 -12.32 42.30
CA THR A 237 -39.62 -12.91 42.51
C THR A 237 -39.82 -13.20 44.00
N GLU A 238 -41.03 -13.58 44.40
CA GLU A 238 -41.30 -13.97 45.78
C GLU A 238 -40.64 -15.31 46.06
N LYS A 239 -40.44 -16.10 44.99
CA LYS A 239 -39.66 -17.32 45.04
C LYS A 239 -38.23 -17.03 45.44
N VAL A 240 -37.60 -16.06 44.78
CA VAL A 240 -36.23 -15.66 45.08
C VAL A 240 -36.16 -15.15 46.51
N ILE A 241 -37.19 -14.42 46.95
CA ILE A 241 -37.26 -13.86 48.28
C ILE A 241 -37.26 -14.98 49.34
N ASN A 242 -38.05 -16.03 49.10
CA ASN A 242 -38.15 -17.12 50.05
C ASN A 242 -36.82 -17.86 50.15
N ASP A 243 -36.07 -17.94 49.06
CA ASP A 243 -34.76 -18.58 49.08
C ASP A 243 -33.78 -17.76 49.90
N ILE A 244 -33.92 -16.43 49.84
CA ILE A 244 -33.08 -15.53 50.61
C ILE A 244 -33.36 -15.76 52.10
N LYS A 245 -34.65 -15.74 52.46
CA LYS A 245 -35.09 -16.05 53.81
C LYS A 245 -34.56 -17.41 54.24
N ALA A 246 -34.71 -18.42 53.38
CA ALA A 246 -34.23 -19.77 53.63
C ALA A 246 -32.78 -19.73 54.06
N ALA A 247 -31.96 -18.98 53.32
CA ALA A 247 -30.52 -19.03 53.49
C ALA A 247 -30.03 -18.13 54.62
N THR A 248 -30.83 -17.14 55.05
CA THR A 248 -30.35 -16.09 55.95
C THR A 248 -31.07 -16.06 57.30
N GLU A 249 -32.40 -16.28 57.34
CA GLU A 249 -33.14 -16.15 58.59
C GLU A 249 -32.55 -17.08 59.64
N PRO A 250 -32.25 -18.36 59.33
CA PRO A 250 -31.57 -19.24 60.29
C PRO A 250 -30.38 -18.64 61.02
N TYR A 251 -29.60 -17.78 60.34
CA TYR A 251 -28.30 -17.33 60.83
C TYR A 251 -28.37 -15.90 61.35
N SER A 252 -29.24 -15.07 60.76
CA SER A 252 -29.31 -13.66 61.10
C SER A 252 -30.60 -13.05 60.55
N PRO A 253 -31.71 -13.10 61.31
CA PRO A 253 -33.00 -12.63 60.83
C PRO A 253 -33.10 -11.10 60.73
N LYS A 254 -32.11 -10.39 61.31
CA LYS A 254 -32.02 -8.95 61.14
C LYS A 254 -31.53 -8.65 59.72
N PHE A 255 -30.48 -9.35 59.30
CA PHE A 255 -29.92 -9.21 57.96
C PHE A 255 -30.99 -9.52 56.90
N THR A 256 -31.85 -10.48 57.22
CA THR A 256 -32.94 -10.88 56.34
C THR A 256 -33.84 -9.69 56.04
N GLU A 257 -34.28 -8.98 57.09
CA GLU A 257 -35.18 -7.85 56.95
C GLU A 257 -34.54 -6.78 56.05
N MET A 258 -33.25 -6.52 56.32
CA MET A 258 -32.52 -5.47 55.63
C MET A 258 -32.40 -5.78 54.14
N ILE A 259 -31.91 -6.98 53.78
CA ILE A 259 -31.66 -7.26 52.39
C ILE A 259 -32.98 -7.30 51.62
N ILE A 260 -34.08 -7.62 52.30
CA ILE A 260 -35.36 -7.73 51.61
C ILE A 260 -35.99 -6.35 51.44
N LYS A 261 -35.91 -5.50 52.47
CA LYS A 261 -36.36 -4.11 52.34
C LYS A 261 -35.65 -3.43 51.19
N LEU A 262 -34.31 -3.53 51.16
CA LEU A 262 -33.51 -2.97 50.08
C LEU A 262 -33.99 -3.53 48.75
N LEU A 263 -34.16 -4.87 48.66
CA LEU A 263 -34.44 -5.52 47.39
C LEU A 263 -35.81 -5.14 46.83
N PHE A 264 -36.73 -4.72 47.71
CA PHE A 264 -38.07 -4.41 47.26
C PHE A 264 -38.32 -2.90 47.25
N PHE A 265 -37.25 -2.09 47.33
CA PHE A 265 -37.42 -0.68 47.64
C PHE A 265 -37.92 0.09 46.42
N PHE A 266 -37.43 -0.21 45.20
CA PHE A 266 -37.92 0.52 44.03
C PHE A 266 -38.92 -0.35 43.25
N LYS A 267 -39.64 -1.21 43.98
CA LYS A 267 -40.43 -2.29 43.40
C LYS A 267 -41.74 -1.75 42.80
N ASP A 268 -42.40 -0.83 43.52
CA ASP A 268 -43.67 -0.28 43.08
C ASP A 268 -43.50 0.54 41.80
N THR A 269 -42.49 1.41 41.79
CA THR A 269 -42.09 2.16 40.62
C THR A 269 -41.79 1.21 39.47
N TYR A 270 -41.05 0.12 39.74
CA TYR A 270 -40.73 -0.84 38.70
C TYR A 270 -42.02 -1.47 38.15
N ARG A 271 -43.01 -1.69 39.02
CA ARG A 271 -44.29 -2.23 38.58
C ARG A 271 -45.09 -1.18 37.80
N ASP A 272 -45.24 0.02 38.38
CA ASP A 272 -46.15 1.05 37.90
C ASP A 272 -45.49 1.90 36.79
N VAL A 273 -44.23 2.29 36.99
CA VAL A 273 -43.55 3.18 36.06
C VAL A 273 -43.17 2.36 34.82
N PHE A 274 -42.80 1.09 35.04
CA PHE A 274 -42.07 0.33 34.03
C PHE A 274 -42.79 -0.97 33.66
N GLY A 275 -43.71 -1.47 34.50
CA GLY A 275 -44.54 -2.61 34.16
C GLY A 275 -44.04 -3.94 34.75
N PHE A 276 -43.15 -3.87 35.74
CA PHE A 276 -42.51 -5.05 36.32
C PHE A 276 -43.31 -5.51 37.54
N ILE A 277 -43.93 -6.68 37.41
CA ILE A 277 -44.55 -7.35 38.56
C ILE A 277 -43.47 -7.54 39.62
N ASP A 278 -42.28 -7.97 39.17
CA ASP A 278 -41.12 -8.16 40.03
C ASP A 278 -39.93 -7.39 39.46
N PRO A 279 -39.14 -6.71 40.32
CA PRO A 279 -38.10 -5.81 39.84
C PRO A 279 -36.83 -6.54 39.39
N PRO A 280 -36.05 -5.96 38.46
CA PRO A 280 -34.80 -6.57 38.01
C PRO A 280 -33.71 -6.29 39.04
N LEU A 281 -32.64 -7.07 39.01
CA LEU A 281 -31.47 -6.82 39.83
C LEU A 281 -30.27 -6.81 38.88
N HIS A 282 -29.74 -5.61 38.66
CA HIS A 282 -28.88 -5.33 37.52
C HIS A 282 -27.43 -5.72 37.81
N ASP A 283 -26.82 -4.98 38.74
CA ASP A 283 -25.37 -4.83 38.81
C ASP A 283 -24.65 -6.13 39.20
N PRO A 284 -25.16 -6.97 40.13
CA PRO A 284 -24.46 -8.22 40.47
C PRO A 284 -24.24 -9.14 39.27
N VAL A 285 -25.06 -9.00 38.23
CA VAL A 285 -24.89 -9.75 36.99
C VAL A 285 -23.51 -9.47 36.39
N ALA A 286 -23.02 -8.24 36.52
CA ALA A 286 -21.73 -7.84 35.95
C ALA A 286 -20.58 -8.57 36.64
N ALA A 287 -20.61 -8.59 37.97
CA ALA A 287 -19.65 -9.34 38.76
C ALA A 287 -19.76 -10.84 38.52
N PHE A 288 -20.99 -11.31 38.26
CA PHE A 288 -21.21 -12.72 37.97
C PHE A 288 -20.53 -13.11 36.65
N HIS A 289 -20.47 -12.18 35.70
CA HIS A 289 -19.76 -12.45 34.45
C HIS A 289 -18.30 -12.75 34.75
N LEU A 290 -17.67 -11.95 35.61
CA LEU A 290 -16.26 -12.09 35.89
C LEU A 290 -16.02 -13.37 36.71
N ILE A 291 -17.03 -13.79 37.50
CA ILE A 291 -16.94 -15.02 38.26
C ILE A 291 -17.11 -16.22 37.35
N ALA A 292 -18.13 -16.20 36.48
CA ALA A 292 -18.54 -17.39 35.74
C ALA A 292 -19.09 -17.01 34.37
N PRO A 293 -18.21 -16.70 33.39
CA PRO A 293 -18.65 -16.23 32.08
C PRO A 293 -19.25 -17.31 31.17
N GLU A 294 -19.14 -18.57 31.61
CA GLU A 294 -19.64 -19.69 30.83
C GLU A 294 -21.17 -19.67 30.73
N TRP A 295 -21.84 -18.95 31.65
CA TRP A 295 -23.29 -18.86 31.67
C TRP A 295 -23.83 -17.78 30.74
N PHE A 296 -22.94 -17.04 30.06
CA PHE A 296 -23.33 -15.95 29.19
C PHE A 296 -23.02 -16.30 27.75
N GLU A 297 -23.90 -15.89 26.83
CA GLU A 297 -23.56 -15.79 25.42
C GLU A 297 -22.78 -14.50 25.19
N HIS A 298 -22.01 -14.49 24.09
CA HIS A 298 -21.10 -13.41 23.78
C HIS A 298 -21.08 -13.19 22.27
N VAL A 299 -21.04 -11.95 21.83
CA VAL A 299 -20.74 -11.66 20.45
C VAL A 299 -19.87 -10.41 20.40
N ARG A 300 -18.87 -10.42 19.52
CA ARG A 300 -18.03 -9.25 19.28
C ARG A 300 -18.73 -8.37 18.24
N CYS A 301 -18.65 -7.05 18.43
CA CYS A 301 -19.13 -6.12 17.42
C CYS A 301 -18.47 -4.75 17.61
N HIS A 302 -18.80 -3.83 16.70
CA HIS A 302 -18.43 -2.43 16.88
C HIS A 302 -19.63 -1.74 17.51
N VAL A 303 -19.44 -1.14 18.69
CA VAL A 303 -20.47 -0.35 19.34
C VAL A 303 -20.13 1.12 19.19
N ASP A 304 -21.11 1.89 18.69
CA ASP A 304 -21.09 3.32 18.69
C ASP A 304 -22.03 3.86 19.75
N ILE A 305 -21.53 4.81 20.54
CA ILE A 305 -22.30 5.47 21.58
C ILE A 305 -22.81 6.82 21.06
N GLU A 306 -24.12 7.03 21.11
CA GLU A 306 -24.70 8.29 20.64
C GLU A 306 -24.36 9.39 21.64
N THR A 307 -23.77 10.47 21.14
CA THR A 307 -23.49 11.65 21.94
C THR A 307 -24.14 12.88 21.33
N LYS A 308 -24.17 12.98 20.00
CA LYS A 308 -24.73 14.12 19.28
C LYS A 308 -26.25 14.16 19.44
N GLY A 309 -26.87 13.00 19.59
CA GLY A 309 -28.32 12.89 19.56
C GLY A 309 -28.97 13.61 20.73
N GLU A 310 -30.07 14.30 20.41
CA GLU A 310 -30.77 15.17 21.34
C GLU A 310 -31.66 14.37 22.29
N TYR A 311 -32.36 13.36 21.75
CA TYR A 311 -33.30 12.55 22.51
C TYR A 311 -32.77 11.13 22.71
N THR A 312 -31.56 10.86 22.21
CA THR A 312 -31.05 9.52 22.01
C THR A 312 -29.61 9.36 22.48
N TYR A 313 -29.07 10.39 23.15
CA TYR A 313 -27.71 10.26 23.67
C TYR A 313 -27.70 9.07 24.62
N GLY A 314 -26.62 8.31 24.54
CA GLY A 314 -26.41 7.15 25.38
C GLY A 314 -26.85 5.85 24.70
N CYS A 315 -27.44 5.95 23.50
CA CYS A 315 -27.83 4.78 22.73
C CYS A 315 -26.58 3.97 22.35
N CYS A 316 -26.62 2.67 22.66
CA CYS A 316 -25.60 1.72 22.22
C CYS A 316 -26.01 1.15 20.87
N CYS A 317 -25.36 1.65 19.81
CA CYS A 317 -25.69 1.28 18.44
C CYS A 317 -24.60 0.37 17.90
N THR A 318 -24.95 -0.90 17.64
CA THR A 318 -23.97 -1.87 17.17
C THR A 318 -24.15 -2.13 15.70
N ASN A 319 -23.18 -2.81 15.08
CA ASN A 319 -23.24 -3.17 13.68
C ASN A 319 -23.61 -4.65 13.54
N LEU A 320 -24.23 -5.23 14.59
CA LEU A 320 -24.54 -6.65 14.60
C LEU A 320 -25.41 -7.03 13.37
N ILE A 321 -26.34 -6.14 13.01
CA ILE A 321 -27.24 -6.37 11.90
C ILE A 321 -26.49 -6.15 10.58
N LEU A 322 -25.58 -5.18 10.50
CA LEU A 322 -24.78 -5.02 9.28
C LEU A 322 -24.02 -6.33 8.99
N LYS A 323 -23.54 -7.00 10.04
CA LYS A 323 -22.68 -8.15 9.87
C LYS A 323 -23.44 -9.38 9.38
N LYS A 324 -24.76 -9.45 9.65
CA LYS A 324 -25.54 -10.50 9.03
C LYS A 324 -25.86 -10.10 7.59
N LYS A 325 -26.28 -8.84 7.36
CA LYS A 325 -26.60 -8.35 6.04
C LYS A 325 -25.42 -8.54 5.10
N ASP A 326 -24.24 -8.05 5.49
CA ASP A 326 -23.12 -8.04 4.57
C ASP A 326 -21.83 -7.82 5.35
N PRO A 327 -21.24 -8.91 5.90
CA PRO A 327 -20.06 -8.80 6.75
C PRO A 327 -18.84 -8.26 5.98
N THR A 328 -18.89 -8.29 4.65
CA THR A 328 -17.70 -7.98 3.87
C THR A 328 -17.53 -6.48 3.66
N LYS A 329 -18.52 -5.67 4.04
CA LYS A 329 -18.42 -4.24 3.82
C LYS A 329 -18.10 -3.49 5.11
N ILE A 330 -17.92 -4.23 6.20
CA ILE A 330 -17.75 -3.58 7.49
C ILE A 330 -16.36 -2.93 7.54
N VAL A 331 -16.26 -1.61 7.62
CA VAL A 331 -14.95 -0.95 7.61
C VAL A 331 -14.57 -0.46 9.01
N LYS A 332 -15.11 -1.12 10.05
CA LYS A 332 -14.83 -0.72 11.42
C LYS A 332 -14.53 -1.95 12.27
N PRO A 333 -13.39 -1.97 12.99
CA PRO A 333 -13.05 -3.12 13.82
C PRO A 333 -14.06 -3.28 14.95
N ASP A 334 -14.26 -4.50 15.42
CA ASP A 334 -15.01 -4.74 16.65
C ASP A 334 -14.32 -3.98 17.77
N ASN A 335 -15.06 -3.57 18.81
CA ASN A 335 -14.46 -2.90 19.95
C ASN A 335 -15.08 -3.36 21.26
N ALA A 336 -16.08 -4.22 21.20
CA ALA A 336 -16.69 -4.72 22.43
C ALA A 336 -17.17 -6.15 22.22
N THR A 337 -17.30 -6.83 23.36
CA THR A 337 -18.12 -8.02 23.44
C THR A 337 -19.46 -7.62 24.04
N VAL A 338 -20.56 -8.16 23.51
CA VAL A 338 -21.86 -7.91 24.07
C VAL A 338 -22.45 -9.25 24.50
N CYS A 339 -22.97 -9.27 25.73
CA CYS A 339 -23.70 -10.43 26.24
C CYS A 339 -25.19 -10.16 26.17
N LEU A 340 -25.86 -10.81 25.19
CA LEU A 340 -27.22 -10.50 24.81
C LEU A 340 -28.22 -11.32 25.62
N LYS A 341 -27.74 -12.33 26.36
CA LYS A 341 -28.61 -13.34 26.93
C LYS A 341 -27.77 -14.30 27.77
N LEU A 342 -28.37 -14.93 28.78
CA LEU A 342 -27.73 -16.03 29.51
C LEU A 342 -27.96 -17.36 28.77
N LYS A 343 -27.00 -18.26 28.84
CA LYS A 343 -27.24 -19.63 28.44
C LYS A 343 -28.23 -20.26 29.41
N GLU A 344 -28.85 -21.37 29.01
CA GLU A 344 -29.77 -22.08 29.90
C GLU A 344 -28.98 -22.55 31.12
N GLY A 345 -29.61 -22.39 32.30
CA GLY A 345 -28.97 -22.67 33.58
C GLY A 345 -28.43 -21.41 34.23
N GLY A 346 -28.17 -20.37 33.41
CA GLY A 346 -27.51 -19.15 33.84
C GLY A 346 -28.27 -18.43 34.97
N HIS A 347 -29.59 -18.36 34.86
CA HIS A 347 -30.38 -17.68 35.86
C HIS A 347 -30.31 -18.40 37.20
N ASP A 348 -30.44 -19.73 37.15
CA ASP A 348 -30.34 -20.55 38.36
C ASP A 348 -28.95 -20.38 38.96
N ALA A 349 -27.92 -20.51 38.10
CA ALA A 349 -26.53 -20.38 38.53
C ALA A 349 -26.30 -19.02 39.19
N PHE A 350 -26.85 -17.94 38.59
CA PHE A 350 -26.73 -16.61 39.15
C PHE A 350 -27.33 -16.55 40.55
N TRP A 351 -28.55 -17.07 40.70
CA TRP A 351 -29.25 -16.97 41.97
C TRP A 351 -28.63 -17.87 43.04
N ASN A 352 -28.07 -19.02 42.65
CA ASN A 352 -27.38 -19.87 43.61
C ASN A 352 -26.14 -19.16 44.13
N GLN A 353 -25.43 -18.53 43.21
CA GLN A 353 -24.27 -17.72 43.52
C GLN A 353 -24.66 -16.62 44.51
N MET A 354 -25.74 -15.91 44.19
CA MET A 354 -26.11 -14.74 44.96
C MET A 354 -26.56 -15.15 46.35
N ILE A 355 -27.39 -16.20 46.42
CA ILE A 355 -27.98 -16.64 47.69
C ILE A 355 -26.91 -17.28 48.56
N THR A 356 -25.96 -18.04 47.98
CA THR A 356 -24.82 -18.53 48.73
C THR A 356 -24.18 -17.38 49.51
N VAL A 357 -23.85 -16.31 48.78
CA VAL A 357 -23.12 -15.19 49.35
C VAL A 357 -23.96 -14.56 50.46
N TRP A 358 -25.25 -14.36 50.21
CA TRP A 358 -26.11 -13.78 51.23
C TRP A 358 -26.13 -14.66 52.47
N GLY A 359 -26.20 -15.98 52.27
CA GLY A 359 -26.11 -16.95 53.35
C GLY A 359 -24.85 -16.78 54.18
N GLU A 360 -23.70 -16.69 53.50
CA GLU A 360 -22.39 -16.54 54.15
C GLU A 360 -22.33 -15.21 54.91
N ILE A 361 -22.95 -14.16 54.36
CA ILE A 361 -22.98 -12.87 55.02
C ILE A 361 -23.82 -12.98 56.30
N ALA A 362 -24.99 -13.63 56.19
CA ALA A 362 -25.88 -13.84 57.32
C ALA A 362 -25.15 -14.57 58.46
N LYS A 363 -24.29 -15.53 58.11
CA LYS A 363 -23.54 -16.30 59.09
C LYS A 363 -22.55 -15.42 59.83
N GLU A 364 -21.89 -14.50 59.14
CA GLU A 364 -20.89 -13.64 59.76
C GLU A 364 -21.55 -12.59 60.65
N ILE A 365 -22.74 -12.13 60.30
CA ILE A 365 -23.42 -11.13 61.10
C ILE A 365 -24.01 -11.77 62.36
N GLY A 366 -24.64 -12.95 62.20
CA GLY A 366 -24.98 -13.82 63.33
C GLY A 366 -26.07 -13.25 64.21
N MET B 21 3.25 45.51 45.24
CA MET B 21 2.43 44.27 45.22
C MET B 21 2.59 43.56 43.87
N SER B 22 3.04 42.30 43.94
CA SER B 22 3.13 41.43 42.78
C SER B 22 2.17 40.24 42.91
N ILE B 23 1.82 39.67 41.76
CA ILE B 23 0.70 38.75 41.65
C ILE B 23 1.24 37.33 41.55
N LYS B 24 0.77 36.46 42.46
CA LYS B 24 1.02 35.03 42.33
C LYS B 24 0.15 34.47 41.21
N CYS B 25 0.77 33.69 40.33
CA CYS B 25 0.08 33.14 39.19
C CYS B 25 0.73 31.83 38.75
N ALA B 26 0.03 31.09 37.89
CA ALA B 26 0.54 29.88 37.29
C ALA B 26 0.38 29.99 35.79
N LEU B 27 1.20 29.25 35.05
CA LEU B 27 1.15 29.32 33.60
C LEU B 27 0.78 27.93 33.06
N ASP B 28 -0.23 27.89 32.20
CA ASP B 28 -0.61 26.69 31.50
C ASP B 28 -0.49 26.99 30.01
N CYS B 29 0.27 26.18 29.28
CA CYS B 29 0.65 26.57 27.93
C CYS B 29 1.22 25.38 27.15
N ASP B 30 1.47 25.58 25.85
CA ASP B 30 1.92 24.55 24.92
C ASP B 30 3.08 25.07 24.06
N PRO B 31 4.23 25.51 24.65
CA PRO B 31 5.30 26.12 23.85
C PRO B 31 5.76 25.20 22.72
N GLY B 32 5.83 25.71 21.47
CA GLY B 32 5.23 26.98 21.06
C GLY B 32 6.18 28.16 21.23
N HIS B 33 6.40 28.87 20.13
CA HIS B 33 7.28 30.03 20.09
C HIS B 33 6.70 31.20 20.89
N ASP B 34 5.38 31.43 20.80
CA ASP B 34 4.76 32.52 21.53
C ASP B 34 4.72 32.20 23.02
N ASP B 35 4.47 30.92 23.37
CA ASP B 35 4.35 30.53 24.76
C ASP B 35 5.70 30.74 25.42
N LEU B 36 6.77 30.46 24.67
CA LEU B 36 8.13 30.72 25.11
C LEU B 36 8.33 32.21 25.41
N ALA B 37 7.76 33.08 24.57
CA ALA B 37 7.86 34.51 24.77
C ALA B 37 7.06 34.94 26.00
N MET B 38 5.91 34.29 26.22
CA MET B 38 5.03 34.63 27.32
C MET B 38 5.66 34.21 28.64
N ILE B 39 6.29 33.02 28.63
CA ILE B 39 6.99 32.52 29.79
C ILE B 39 8.07 33.52 30.18
N MET B 40 8.87 33.92 29.19
CA MET B 40 9.92 34.90 29.40
C MET B 40 9.35 36.15 30.07
N LEU B 41 8.24 36.67 29.52
CA LEU B 41 7.64 37.88 30.07
C LEU B 41 7.21 37.68 31.52
N ALA B 42 6.46 36.61 31.80
CA ALA B 42 5.85 36.39 33.11
C ALA B 42 6.94 36.19 34.17
N VAL B 43 7.91 35.32 33.87
CA VAL B 43 8.95 34.96 34.82
C VAL B 43 9.76 36.21 35.17
N TYR B 44 10.41 36.82 34.17
CA TYR B 44 11.27 37.96 34.39
C TYR B 44 10.50 39.22 34.79
N SER B 45 9.20 39.29 34.53
CA SER B 45 8.43 40.43 35.05
C SER B 45 8.41 40.39 36.57
N PRO B 46 8.82 41.47 37.25
CA PRO B 46 8.73 41.53 38.71
C PRO B 46 7.28 41.55 39.21
N LYS B 47 6.36 41.94 38.32
CA LYS B 47 4.96 42.11 38.66
C LYS B 47 4.24 40.75 38.82
N LEU B 48 4.78 39.71 38.17
CA LEU B 48 4.19 38.38 38.24
C LEU B 48 5.15 37.44 38.96
N ASP B 49 4.58 36.62 39.84
CA ASP B 49 5.29 35.69 40.69
C ASP B 49 4.89 34.27 40.28
N VAL B 50 5.55 33.72 39.26
CA VAL B 50 5.16 32.46 38.66
C VAL B 50 5.41 31.31 39.64
N GLN B 51 4.35 30.59 40.02
CA GLN B 51 4.42 29.50 40.99
C GLN B 51 4.80 28.17 40.32
N TYR B 52 4.22 27.91 39.14
CA TYR B 52 4.56 26.73 38.37
C TYR B 52 4.19 26.99 36.93
N ILE B 53 4.64 26.09 36.05
CA ILE B 53 4.13 26.00 34.69
C ILE B 53 3.56 24.60 34.44
N SER B 54 2.30 24.54 34.00
CA SER B 54 1.70 23.30 33.51
C SER B 54 1.66 23.35 31.99
N THR B 55 2.05 22.25 31.35
CA THR B 55 1.98 22.16 29.91
C THR B 55 0.83 21.26 29.48
N THR B 56 0.41 21.47 28.23
CA THR B 56 -0.74 20.79 27.68
C THR B 56 -0.45 20.47 26.22
N HIS B 57 -1.29 19.60 25.66
CA HIS B 57 -1.24 19.26 24.25
C HIS B 57 -1.65 20.48 23.42
N GLY B 58 -1.23 20.49 22.16
CA GLY B 58 -1.69 21.51 21.25
C GLY B 58 -0.84 21.53 19.99
N ASN B 59 0.06 22.52 19.93
CA ASN B 59 1.09 22.61 18.92
C ASN B 59 1.72 21.24 18.74
N GLN B 60 2.45 20.78 19.77
CA GLN B 60 2.96 19.43 19.82
C GLN B 60 2.20 18.60 20.84
N THR B 61 2.62 17.33 20.97
CA THR B 61 2.21 16.48 22.06
C THR B 61 2.67 17.10 23.37
N VAL B 62 1.96 16.80 24.46
CA VAL B 62 2.19 17.43 25.75
C VAL B 62 3.60 17.09 26.23
N ASN B 63 4.17 16.00 25.71
CA ASN B 63 5.48 15.61 26.13
C ASN B 63 6.51 16.59 25.57
N LYS B 64 6.37 16.96 24.30
CA LYS B 64 7.28 17.93 23.69
C LYS B 64 7.06 19.31 24.30
N THR B 65 5.81 19.72 24.53
CA THR B 65 5.52 21.03 25.09
C THR B 65 6.17 21.14 26.47
N TYR B 66 6.10 20.06 27.24
CA TYR B 66 6.72 20.00 28.56
C TYR B 66 8.20 20.32 28.47
N GLN B 67 8.90 19.68 27.52
CA GLN B 67 10.33 19.91 27.39
C GLN B 67 10.60 21.33 26.91
N ASN B 68 9.75 21.82 26.01
CA ASN B 68 9.87 23.14 25.43
C ASN B 68 9.72 24.21 26.51
N ALA B 69 8.92 23.93 27.54
CA ALA B 69 8.80 24.84 28.66
C ALA B 69 10.10 24.84 29.45
N ARG B 70 10.64 23.64 29.70
CA ARG B 70 11.87 23.50 30.49
C ARG B 70 13.06 24.16 29.76
N ARG B 71 13.06 24.07 28.43
CA ARG B 71 14.07 24.71 27.61
C ARG B 71 13.99 26.24 27.74
N THR B 72 12.77 26.76 27.70
CA THR B 72 12.57 28.19 27.86
C THR B 72 13.19 28.64 29.18
N LEU B 73 12.87 27.89 30.24
CA LEU B 73 13.32 28.20 31.59
C LEU B 73 14.83 28.13 31.71
N ASN B 74 15.42 27.08 31.12
CA ASN B 74 16.84 26.81 31.25
C ASN B 74 17.64 27.83 30.45
N LEU B 75 17.09 28.25 29.31
CA LEU B 75 17.67 29.31 28.51
C LEU B 75 17.75 30.60 29.32
N ILE B 76 16.74 30.88 30.15
CA ILE B 76 16.65 32.14 30.87
C ILE B 76 17.12 31.99 32.32
N LYS B 77 17.74 30.83 32.61
CA LYS B 77 18.40 30.56 33.89
C LYS B 77 17.34 30.46 35.00
N ARG B 78 16.32 29.61 34.81
CA ARG B 78 15.25 29.51 35.80
C ARG B 78 14.75 28.09 35.97
N ALA B 79 15.37 27.09 35.31
CA ALA B 79 14.83 25.74 35.28
C ALA B 79 15.02 25.02 36.60
N ASP B 80 15.87 25.61 37.47
CA ASP B 80 16.20 25.08 38.78
C ASP B 80 15.28 25.67 39.84
N LYS B 81 14.47 26.66 39.45
CA LYS B 81 13.67 27.47 40.36
C LYS B 81 12.19 27.09 40.28
N ILE B 82 11.66 27.02 39.06
CA ILE B 82 10.23 26.89 38.82
C ILE B 82 9.92 25.45 38.42
N PRO B 83 8.94 24.80 39.10
CA PRO B 83 8.50 23.46 38.72
C PRO B 83 7.67 23.50 37.44
N VAL B 84 7.91 22.53 36.55
CA VAL B 84 7.12 22.37 35.34
C VAL B 84 6.40 21.03 35.42
N TYR B 85 5.07 21.07 35.27
CA TYR B 85 4.21 19.89 35.28
C TYR B 85 3.84 19.52 33.84
N ARG B 86 3.92 18.22 33.54
CA ARG B 86 3.48 17.71 32.25
C ARG B 86 2.02 17.28 32.40
N GLY B 87 1.13 17.93 31.63
CA GLY B 87 -0.30 17.80 31.81
C GLY B 87 -0.96 16.80 30.86
N TYR B 88 -2.24 17.02 30.56
CA TYR B 88 -3.04 16.08 29.80
C TYR B 88 -2.66 16.15 28.32
N SER B 89 -2.75 15.00 27.66
CA SER B 89 -2.24 14.74 26.32
C SER B 89 -3.31 14.87 25.23
N LYS B 90 -4.59 14.89 25.59
CA LYS B 90 -5.62 14.97 24.57
C LYS B 90 -6.82 15.75 25.09
N PRO B 91 -7.72 16.23 24.21
CA PRO B 91 -8.96 16.86 24.64
C PRO B 91 -9.84 15.93 25.47
N LEU B 92 -10.83 16.52 26.15
CA LEU B 92 -11.74 15.79 27.02
C LEU B 92 -12.42 14.67 26.28
N THR B 93 -13.02 14.99 25.12
CA THR B 93 -13.86 14.05 24.39
C THR B 93 -13.51 14.01 22.90
N ARG B 94 -12.37 14.57 22.51
CA ARG B 94 -11.99 14.65 21.11
C ARG B 94 -10.56 14.13 20.91
N GLU B 95 -10.21 13.88 19.65
CA GLU B 95 -8.86 13.50 19.29
C GLU B 95 -8.01 14.78 19.20
N SER B 96 -6.71 14.65 19.46
CA SER B 96 -5.77 15.76 19.26
C SER B 96 -5.80 16.17 17.79
N VAL B 97 -5.18 17.29 17.45
CA VAL B 97 -5.00 17.64 16.04
C VAL B 97 -3.50 17.66 15.73
N ALA B 98 -2.74 18.38 16.56
CA ALA B 98 -1.30 18.17 16.66
C ALA B 98 -0.84 18.17 18.13
N GLU B 105 7.94 18.63 14.28
CA GLU B 105 9.10 19.37 14.84
C GLU B 105 9.21 19.05 16.34
N SER B 106 10.25 19.63 16.94
CA SER B 106 10.42 19.74 18.38
C SER B 106 9.18 20.38 18.98
N GLY B 107 8.70 21.42 18.29
CA GLY B 107 7.68 22.32 18.77
C GLY B 107 8.23 23.74 18.95
N LEU B 108 9.55 23.88 18.82
CA LEU B 108 10.24 25.10 19.16
C LEU B 108 11.40 25.28 18.18
N GLY B 109 11.08 25.09 16.89
CA GLY B 109 12.07 24.96 15.85
C GLY B 109 12.71 26.29 15.46
N GLY B 110 13.74 26.19 14.61
CA GLY B 110 14.55 27.33 14.21
C GLY B 110 15.88 27.37 14.95
N VAL B 111 16.06 26.48 15.93
CA VAL B 111 17.09 26.67 16.95
C VAL B 111 17.64 25.32 17.41
N ASP B 112 18.91 25.32 17.87
CA ASP B 112 19.59 24.13 18.32
C ASP B 112 19.52 24.04 19.85
N TRP B 113 18.83 23.01 20.36
CA TRP B 113 18.54 22.91 21.77
C TRP B 113 19.49 21.93 22.47
N SER B 114 20.46 21.38 21.73
CA SER B 114 21.30 20.30 22.24
C SER B 114 22.02 20.70 23.53
N GLU B 115 22.45 21.97 23.62
CA GLU B 115 23.18 22.43 24.79
C GLU B 115 22.21 22.65 25.95
N ILE B 116 21.13 23.38 25.68
CA ILE B 116 20.10 23.65 26.67
C ILE B 116 19.55 22.34 27.20
N ASP B 117 19.51 21.32 26.34
CA ASP B 117 19.03 20.00 26.71
C ASP B 117 19.97 19.31 27.68
N ARG B 118 21.27 19.24 27.39
CA ARG B 118 22.18 18.43 28.19
C ARG B 118 22.59 19.14 29.47
N THR B 119 22.41 20.48 29.55
CA THR B 119 22.74 21.21 30.76
C THR B 119 21.49 21.50 31.57
N MET B 120 20.41 20.76 31.29
CA MET B 120 19.11 20.96 31.92
C MET B 120 19.19 20.47 33.36
N PRO B 121 18.94 21.34 34.37
CA PRO B 121 18.88 20.89 35.74
C PRO B 121 17.61 20.09 36.04
N ARG B 122 17.67 19.33 37.14
CA ARG B 122 16.55 18.53 37.62
C ARG B 122 15.34 19.44 37.82
N ASN B 123 14.17 18.87 37.52
CA ASN B 123 12.91 19.57 37.58
C ASN B 123 12.47 19.66 39.02
N PRO B 124 12.38 20.88 39.61
CA PRO B 124 11.85 21.05 40.96
C PRO B 124 10.54 20.32 41.21
N ALA B 125 9.78 20.05 40.15
CA ALA B 125 8.50 19.37 40.27
C ALA B 125 8.69 17.98 40.88
N LEU B 126 9.80 17.31 40.54
CA LEU B 126 10.02 15.94 40.96
C LEU B 126 10.22 15.88 42.46
N ASP B 127 10.85 16.90 43.05
CA ASP B 127 11.11 16.93 44.47
C ASP B 127 9.78 17.17 45.18
N ILE B 128 8.98 18.08 44.61
CA ILE B 128 7.65 18.36 45.14
C ILE B 128 6.83 17.08 45.20
N LEU B 129 6.97 16.24 44.18
CA LEU B 129 6.07 15.11 43.97
C LEU B 129 6.56 13.84 44.66
N GLY B 130 7.86 13.76 44.96
CA GLY B 130 8.46 12.55 45.49
C GLY B 130 8.96 11.60 44.40
N TYR B 131 9.10 12.09 43.17
CA TYR B 131 9.54 11.29 42.03
C TYR B 131 11.08 11.30 41.93
N LYS B 132 11.62 10.25 41.32
CA LYS B 132 13.04 10.14 41.08
C LYS B 132 13.35 10.76 39.72
N ASP B 133 12.54 10.44 38.70
CA ASP B 133 12.77 10.95 37.36
C ASP B 133 11.45 11.29 36.66
N GLU B 134 11.55 11.79 35.43
CA GLU B 134 10.45 12.41 34.71
C GLU B 134 9.46 11.41 34.16
N SER B 135 9.84 10.13 34.09
CA SER B 135 8.92 9.11 33.63
C SER B 135 7.74 8.99 34.59
N GLU B 136 7.94 9.42 35.83
CA GLU B 136 6.92 9.29 36.85
C GLU B 136 5.87 10.42 36.76
N LEU B 137 6.17 11.48 36.02
CA LEU B 137 5.24 12.59 35.89
C LEU B 137 3.92 12.10 35.26
N ARG B 138 2.80 12.57 35.83
CA ARG B 138 1.46 12.20 35.40
C ARG B 138 0.64 13.47 35.16
N PRO B 139 -0.41 13.42 34.31
CA PRO B 139 -1.16 14.62 33.95
C PRO B 139 -1.74 15.40 35.14
N ASP B 140 -2.04 14.72 36.25
CA ASP B 140 -2.77 15.36 37.34
C ASP B 140 -1.85 15.80 38.47
N ASP B 141 -0.53 15.82 38.23
CA ASP B 141 0.45 16.17 39.26
C ASP B 141 0.25 17.61 39.75
N PHE B 142 -0.20 18.53 38.89
CA PHE B 142 -0.27 19.93 39.30
C PHE B 142 -1.46 20.17 40.23
N PHE B 143 -2.42 19.23 40.28
CA PHE B 143 -3.67 19.47 40.97
C PHE B 143 -3.45 19.87 42.44
N LYS B 144 -2.68 19.08 43.19
CA LYS B 144 -2.50 19.35 44.61
C LYS B 144 -1.84 20.72 44.82
N HIS B 145 -0.87 21.05 43.96
CA HIS B 145 -0.12 22.29 44.06
C HIS B 145 -1.04 23.49 43.78
N LEU B 146 -1.87 23.37 42.75
CA LEU B 146 -2.83 24.43 42.42
C LEU B 146 -3.79 24.62 43.59
N HIS B 147 -4.21 23.52 44.23
CA HIS B 147 -5.22 23.59 45.26
C HIS B 147 -4.68 24.29 46.51
N ARG B 148 -3.38 24.13 46.81
CA ARG B 148 -2.76 24.87 47.91
C ARG B 148 -2.82 26.37 47.59
N LEU B 149 -2.40 26.72 46.38
CA LEU B 149 -2.39 28.11 45.93
C LEU B 149 -3.79 28.72 46.01
N VAL B 150 -4.82 27.96 45.61
CA VAL B 150 -6.18 28.48 45.53
C VAL B 150 -6.71 28.68 46.95
N SER B 151 -6.47 27.70 47.83
CA SER B 151 -6.87 27.81 49.23
C SER B 151 -6.19 29.01 49.86
N ALA B 152 -4.88 29.14 49.61
CA ALA B 152 -4.09 30.26 50.11
C ALA B 152 -4.61 31.60 49.60
N ALA B 153 -5.04 31.66 48.34
CA ALA B 153 -5.47 32.90 47.73
C ALA B 153 -6.44 33.68 48.62
N GLU B 154 -6.15 34.97 48.81
CA GLU B 154 -7.02 35.87 49.56
C GLU B 154 -8.38 35.96 48.87
N ASP B 155 -8.38 36.33 47.59
CA ASP B 155 -9.59 36.49 46.80
C ASP B 155 -9.68 35.35 45.77
N LYS B 156 -8.96 35.50 44.65
CA LYS B 156 -8.86 34.46 43.64
C LYS B 156 -7.41 34.30 43.23
N PHE B 157 -7.06 33.09 42.76
CA PHE B 157 -5.74 32.80 42.25
C PHE B 157 -5.73 32.90 40.73
N ASP B 158 -4.62 33.40 40.18
CA ASP B 158 -4.55 33.76 38.77
C ASP B 158 -3.82 32.70 37.96
N ILE B 159 -4.44 32.33 36.83
CA ILE B 159 -3.87 31.38 35.89
C ILE B 159 -3.85 32.05 34.51
N ILE B 160 -2.69 32.02 33.86
CA ILE B 160 -2.57 32.46 32.50
C ILE B 160 -2.54 31.21 31.63
N SER B 161 -3.47 31.13 30.66
CA SER B 161 -3.60 30.00 29.78
C SER B 161 -3.40 30.47 28.35
N THR B 162 -2.46 29.85 27.62
CA THR B 162 -2.20 30.24 26.25
C THR B 162 -2.10 29.02 25.32
N GLY B 163 -2.58 27.86 25.79
CA GLY B 163 -2.77 26.69 24.94
C GLY B 163 -4.20 26.18 25.05
N SER B 164 -4.43 24.89 24.77
CA SER B 164 -5.72 24.30 25.08
C SER B 164 -5.94 24.37 26.58
N GLU B 165 -7.21 24.37 27.00
CA GLU B 165 -7.54 24.59 28.40
C GLU B 165 -8.07 23.29 29.04
N THR B 166 -7.67 22.15 28.44
CA THR B 166 -7.93 20.81 28.94
C THR B 166 -7.52 20.64 30.40
N ASN B 167 -6.32 21.10 30.76
CA ASN B 167 -5.77 20.94 32.10
C ASN B 167 -6.69 21.59 33.14
N ILE B 168 -7.24 22.77 32.82
CA ILE B 168 -8.04 23.52 33.78
C ILE B 168 -9.43 22.90 33.89
N ALA B 169 -9.97 22.42 32.75
CA ALA B 169 -11.23 21.71 32.75
C ALA B 169 -11.12 20.46 33.62
N GLN B 170 -10.00 19.73 33.44
CA GLN B 170 -9.70 18.54 34.21
CA GLN B 170 -9.70 18.54 34.21
C GLN B 170 -9.59 18.87 35.70
N TYR B 171 -8.85 19.93 36.01
CA TYR B 171 -8.68 20.34 37.39
C TYR B 171 -10.04 20.59 38.05
N LEU B 172 -10.92 21.30 37.31
CA LEU B 172 -12.17 21.78 37.84
C LEU B 172 -13.16 20.62 37.99
N LEU B 173 -12.99 19.55 37.20
CA LEU B 173 -13.81 18.37 37.34
C LEU B 173 -13.42 17.63 38.60
N ALA B 174 -12.18 17.83 39.06
CA ALA B 174 -11.70 17.23 40.30
C ALA B 174 -11.86 18.20 41.48
N TYR B 175 -11.86 19.52 41.22
CA TYR B 175 -11.96 20.53 42.27
C TYR B 175 -13.06 21.53 41.88
N PRO B 176 -14.33 21.06 41.79
CA PRO B 176 -15.43 21.92 41.39
C PRO B 176 -15.54 23.20 42.21
N GLU B 177 -15.35 23.04 43.52
CA GLU B 177 -15.58 24.10 44.49
C GLU B 177 -14.50 25.20 44.38
N ASP B 178 -13.34 24.89 43.77
CA ASP B 178 -12.27 25.85 43.59
C ASP B 178 -12.57 26.83 42.45
N ALA B 179 -13.60 26.55 41.64
CA ALA B 179 -13.89 27.34 40.45
C ALA B 179 -14.06 28.81 40.79
N LYS B 180 -14.76 29.11 41.89
CA LYS B 180 -15.13 30.46 42.25
C LYS B 180 -13.91 31.23 42.77
N LYS B 181 -12.81 30.52 43.06
CA LYS B 181 -11.58 31.15 43.54
C LYS B 181 -10.46 31.12 42.50
N ILE B 182 -10.78 30.91 41.22
CA ILE B 182 -9.77 30.94 40.18
C ILE B 182 -10.12 32.05 39.20
N ARG B 183 -9.10 32.82 38.81
CA ARG B 183 -9.23 33.83 37.77
C ARG B 183 -8.34 33.42 36.60
N MET B 184 -8.91 33.46 35.39
CA MET B 184 -8.23 32.99 34.20
C MET B 184 -8.08 34.13 33.20
N THR B 185 -6.89 34.19 32.62
CA THR B 185 -6.50 35.22 31.67
C THR B 185 -5.92 34.49 30.48
N THR B 186 -6.61 34.53 29.31
CA THR B 186 -6.29 33.59 28.26
C THR B 186 -5.93 34.32 26.96
N MET B 187 -5.00 33.72 26.22
CA MET B 187 -4.91 33.90 24.78
C MET B 187 -5.77 32.81 24.13
N ALA B 188 -6.94 33.22 23.62
CA ALA B 188 -7.90 32.31 23.00
C ALA B 188 -8.99 33.12 22.33
N GLY B 189 -9.54 32.56 21.24
CA GLY B 189 -10.76 33.05 20.61
C GLY B 189 -10.53 34.03 19.46
N ASN B 190 -11.57 34.18 18.64
CA ASN B 190 -11.76 35.32 17.77
C ASN B 190 -13.22 35.75 17.88
N PHE B 191 -13.47 37.06 17.81
CA PHE B 191 -14.77 37.63 18.14
C PHE B 191 -15.33 38.45 16.99
N MET B 192 -14.67 39.56 16.65
CA MET B 192 -15.14 40.49 15.62
C MET B 192 -14.33 40.32 14.35
N ILE B 193 -13.41 39.34 14.33
CA ILE B 193 -12.73 38.92 13.13
C ILE B 193 -12.85 37.40 13.04
N VAL B 194 -12.48 36.84 11.88
CA VAL B 194 -12.67 35.41 11.63
C VAL B 194 -11.51 34.65 12.27
N GLY B 195 -11.53 33.31 12.12
CA GLY B 195 -10.59 32.44 12.81
C GLY B 195 -9.27 32.27 12.06
N ASN B 196 -8.41 31.36 12.54
CA ASN B 196 -7.14 31.07 11.91
C ASN B 196 -7.13 29.64 11.35
N ILE B 197 -7.09 28.63 12.20
CA ILE B 197 -6.92 27.24 11.78
C ILE B 197 -8.22 26.71 11.19
N MET B 198 -9.33 27.32 11.56
CA MET B 198 -10.59 27.05 10.89
C MET B 198 -11.29 28.37 10.60
N PRO B 199 -12.29 28.39 9.70
CA PRO B 199 -12.81 29.66 9.17
C PRO B 199 -13.22 30.71 10.20
N PHE B 200 -13.84 30.28 11.32
CA PHE B 200 -14.45 31.21 12.25
C PHE B 200 -14.06 30.92 13.70
N ALA B 201 -13.00 30.12 13.90
CA ALA B 201 -12.55 29.73 15.23
C ALA B 201 -11.03 29.79 15.31
N GLU B 202 -10.53 29.94 16.55
CA GLU B 202 -9.12 30.05 16.86
C GLU B 202 -8.64 28.75 17.50
N PHE B 203 -7.37 28.41 17.23
CA PHE B 203 -6.76 27.12 17.56
C PHE B 203 -7.05 26.61 18.97
N ASN B 204 -6.77 27.44 19.98
CA ASN B 204 -6.78 27.03 21.38
C ASN B 204 -8.18 26.64 21.83
N VAL B 205 -9.21 27.24 21.23
CA VAL B 205 -10.58 26.94 21.60
C VAL B 205 -11.04 25.65 20.90
N LEU B 206 -10.76 25.57 19.58
CA LEU B 206 -11.35 24.54 18.75
C LEU B 206 -10.69 23.19 19.01
N ILE B 207 -9.49 23.25 19.59
CA ILE B 207 -8.70 22.05 19.81
C ILE B 207 -9.26 21.28 21.02
N ASP B 208 -9.94 21.97 21.95
CA ASP B 208 -10.77 21.33 22.94
C ASP B 208 -11.86 22.30 23.40
N PRO B 209 -12.99 22.43 22.66
CA PRO B 209 -14.01 23.42 22.99
C PRO B 209 -14.86 23.05 24.21
N GLU B 210 -14.97 21.76 24.52
CA GLU B 210 -15.71 21.33 25.71
C GLU B 210 -15.00 21.83 26.96
N ALA B 211 -13.66 21.78 26.95
CA ALA B 211 -12.90 22.32 28.06
C ALA B 211 -13.33 23.77 28.35
N ILE B 212 -13.36 24.63 27.33
CA ILE B 212 -13.62 26.04 27.60
C ILE B 212 -15.08 26.19 27.98
N SER B 213 -15.94 25.45 27.30
CA SER B 213 -17.36 25.45 27.64
C SER B 213 -17.54 25.11 29.12
N ASN B 214 -16.91 24.01 29.56
CA ASN B 214 -16.92 23.58 30.95
C ASN B 214 -16.47 24.72 31.86
N ILE B 215 -15.30 25.30 31.56
CA ILE B 215 -14.67 26.34 32.37
C ILE B 215 -15.63 27.52 32.53
N LEU B 216 -16.23 27.94 31.41
CA LEU B 216 -17.04 29.14 31.37
C LEU B 216 -18.33 28.93 32.16
N GLN B 217 -18.84 27.71 32.21
CA GLN B 217 -20.06 27.54 33.00
C GLN B 217 -19.73 27.06 34.41
N SER B 218 -18.44 27.03 34.79
CA SER B 218 -18.04 26.51 36.09
C SER B 218 -18.11 27.57 37.19
N GLY B 219 -18.29 28.84 36.81
CA GLY B 219 -18.21 29.93 37.78
C GLY B 219 -16.80 30.48 37.91
N VAL B 220 -15.87 30.03 37.05
CA VAL B 220 -14.56 30.63 36.94
C VAL B 220 -14.73 32.06 36.44
N ASP B 221 -13.87 32.95 36.90
CA ASP B 221 -13.79 34.31 36.41
C ASP B 221 -12.83 34.33 35.23
N TYR B 222 -13.35 34.56 34.01
CA TYR B 222 -12.61 34.32 32.80
C TYR B 222 -12.45 35.61 31.99
N THR B 223 -11.23 35.93 31.58
CA THR B 223 -11.03 36.97 30.59
C THR B 223 -10.40 36.39 29.33
N PHE B 224 -11.02 36.67 28.18
CA PHE B 224 -10.38 36.58 26.88
C PHE B 224 -9.52 37.83 26.69
N ALA B 225 -8.28 37.75 27.18
CA ALA B 225 -7.39 38.88 27.28
C ALA B 225 -6.71 39.15 25.94
N ALA B 226 -6.54 38.10 25.14
CA ALA B 226 -5.73 38.15 23.94
C ALA B 226 -6.38 37.30 22.85
N PRO B 227 -7.56 37.68 22.34
CA PRO B 227 -8.14 37.01 21.18
C PRO B 227 -7.41 37.50 19.93
N LEU B 228 -7.66 36.80 18.81
CA LEU B 228 -7.06 37.17 17.53
C LEU B 228 -7.31 38.66 17.26
N ASP B 229 -8.48 39.15 17.69
CA ASP B 229 -8.87 40.54 17.55
C ASP B 229 -7.70 41.45 17.90
N ILE B 230 -6.98 41.15 19.00
CA ILE B 230 -5.87 41.97 19.47
C ILE B 230 -4.55 41.46 18.88
N THR B 231 -4.30 40.16 19.01
CA THR B 231 -2.98 39.62 18.75
C THR B 231 -2.60 39.80 17.28
N HIS B 232 -3.60 39.86 16.39
CA HIS B 232 -3.37 40.12 14.98
C HIS B 232 -2.93 41.56 14.72
N THR B 233 -3.04 42.43 15.74
CA THR B 233 -2.51 43.78 15.68
C THR B 233 -1.23 43.93 16.50
N VAL B 234 -0.61 42.81 16.88
CA VAL B 234 0.62 42.82 17.68
C VAL B 234 1.70 42.10 16.89
N LEU B 235 2.41 42.84 16.03
CA LEU B 235 3.20 42.25 14.95
C LEU B 235 4.69 42.47 15.16
N VAL B 236 5.46 41.43 14.85
CA VAL B 236 6.91 41.44 14.91
C VAL B 236 7.48 42.06 13.64
N THR B 237 7.50 43.40 13.63
CA THR B 237 8.04 44.18 12.54
C THR B 237 9.57 44.13 12.58
N GLU B 238 10.22 44.64 11.53
CA GLU B 238 11.68 44.70 11.52
C GLU B 238 12.13 45.79 12.48
N LYS B 239 11.25 46.76 12.74
CA LYS B 239 11.44 47.76 13.77
C LYS B 239 11.56 47.11 15.14
N VAL B 240 10.60 46.22 15.46
CA VAL B 240 10.61 45.51 16.74
C VAL B 240 11.88 44.67 16.83
N ILE B 241 12.29 44.08 15.70
CA ILE B 241 13.47 43.22 15.65
C ILE B 241 14.73 44.02 15.99
N ASN B 242 14.85 45.23 15.44
CA ASN B 242 16.03 46.05 15.65
C ASN B 242 16.13 46.43 17.12
N ASP B 243 14.98 46.65 17.78
CA ASP B 243 14.96 47.02 19.19
C ASP B 243 15.41 45.84 20.04
N ILE B 244 15.06 44.64 19.60
CA ILE B 244 15.45 43.42 20.29
C ILE B 244 16.98 43.30 20.22
N LYS B 245 17.52 43.42 19.00
CA LYS B 245 18.96 43.43 18.78
C LYS B 245 19.62 44.51 19.63
N ALA B 246 19.05 45.72 19.60
CA ALA B 246 19.53 46.85 20.39
C ALA B 246 19.72 46.43 21.85
N ALA B 247 18.70 45.76 22.40
CA ALA B 247 18.63 45.51 23.83
C ALA B 247 19.44 44.28 24.23
N THR B 248 19.74 43.36 23.27
CA THR B 248 20.27 42.06 23.62
C THR B 248 21.67 41.80 23.07
N GLU B 249 21.97 42.21 21.83
CA GLU B 249 23.27 41.89 21.22
C GLU B 249 24.40 42.37 22.12
N PRO B 250 24.36 43.63 22.62
CA PRO B 250 25.38 44.10 23.56
C PRO B 250 25.74 43.14 24.70
N TYR B 251 24.75 42.39 25.21
CA TYR B 251 24.89 41.63 26.44
C TYR B 251 25.06 40.14 26.16
N SER B 252 24.44 39.64 25.09
CA SER B 252 24.45 38.21 24.80
C SER B 252 24.02 37.98 23.36
N PRO B 253 24.97 38.00 22.39
CA PRO B 253 24.62 37.91 20.97
C PRO B 253 24.19 36.51 20.55
N LYS B 254 24.41 35.51 21.42
CA LYS B 254 23.87 34.18 21.16
C LYS B 254 22.37 34.20 21.38
N PHE B 255 21.95 34.80 22.52
CA PHE B 255 20.53 34.92 22.85
C PHE B 255 19.78 35.67 21.75
N THR B 256 20.47 36.65 21.15
CA THR B 256 19.91 37.47 20.10
C THR B 256 19.48 36.59 18.92
N GLU B 257 20.41 35.73 18.48
CA GLU B 257 20.18 34.86 17.32
C GLU B 257 18.97 33.97 17.59
N MET B 258 18.94 33.42 18.81
CA MET B 258 17.92 32.47 19.20
C MET B 258 16.54 33.12 19.21
N ILE B 259 16.38 34.24 19.90
CA ILE B 259 15.06 34.82 20.04
C ILE B 259 14.56 35.28 18.67
N ILE B 260 15.48 35.64 17.76
CA ILE B 260 15.06 36.16 16.47
C ILE B 260 14.69 35.03 15.52
N LYS B 261 15.49 33.94 15.54
CA LYS B 261 15.14 32.76 14.76
C LYS B 261 13.77 32.24 15.14
N LEU B 262 13.55 32.09 16.46
CA LEU B 262 12.25 31.67 16.98
C LEU B 262 11.17 32.63 16.50
N LEU B 263 11.40 33.94 16.63
CA LEU B 263 10.36 34.94 16.36
C LEU B 263 9.97 34.97 14.89
N PHE B 264 10.87 34.54 14.00
CA PHE B 264 10.59 34.60 12.57
C PHE B 264 10.29 33.21 12.00
N PHE B 265 10.02 32.22 12.86
CA PHE B 265 10.07 30.83 12.41
C PHE B 265 8.83 30.46 11.61
N PHE B 266 7.63 30.93 11.98
CA PHE B 266 6.44 30.61 11.19
C PHE B 266 6.03 31.82 10.35
N LYS B 267 7.03 32.61 9.91
CA LYS B 267 6.81 33.93 9.36
C LYS B 267 6.32 33.84 7.92
N ASP B 268 6.92 32.93 7.12
CA ASP B 268 6.57 32.79 5.71
C ASP B 268 5.14 32.28 5.56
N THR B 269 4.79 31.24 6.33
CA THR B 269 3.44 30.73 6.43
C THR B 269 2.49 31.87 6.82
N TYR B 270 2.87 32.67 7.82
CA TYR B 270 2.00 33.77 8.23
C TYR B 270 1.82 34.75 7.08
N ARG B 271 2.86 34.96 6.26
CA ARG B 271 2.76 35.84 5.10
C ARG B 271 1.90 35.20 4.01
N ASP B 272 2.22 33.94 3.65
CA ASP B 272 1.67 33.27 2.48
C ASP B 272 0.32 32.61 2.80
N VAL B 273 0.24 31.92 3.96
CA VAL B 273 -0.96 31.18 4.30
C VAL B 273 -2.04 32.17 4.72
N PHE B 274 -1.63 33.26 5.40
CA PHE B 274 -2.55 34.08 6.15
C PHE B 274 -2.51 35.55 5.71
N GLY B 275 -1.43 35.98 5.04
CA GLY B 275 -1.38 37.33 4.46
C GLY B 275 -0.60 38.34 5.32
N PHE B 276 0.18 37.85 6.29
CA PHE B 276 0.90 38.70 7.22
C PHE B 276 2.29 39.02 6.71
N ILE B 277 2.52 40.28 6.35
CA ILE B 277 3.85 40.75 6.04
C ILE B 277 4.75 40.48 7.25
N ASP B 278 4.22 40.77 8.45
CA ASP B 278 4.90 40.52 9.71
C ASP B 278 4.01 39.68 10.61
N PRO B 279 4.57 38.66 11.31
CA PRO B 279 3.75 37.70 12.05
C PRO B 279 3.28 38.25 13.39
N PRO B 280 2.13 37.77 13.92
CA PRO B 280 1.62 38.21 15.21
C PRO B 280 2.40 37.49 16.31
N LEU B 281 2.34 38.03 17.53
CA LEU B 281 2.89 37.37 18.69
C LEU B 281 1.80 37.33 19.75
N HIS B 282 1.26 36.13 19.96
CA HIS B 282 -0.05 35.97 20.58
C HIS B 282 0.07 35.98 22.10
N ASP B 283 0.72 34.95 22.65
CA ASP B 283 0.54 34.52 24.02
C ASP B 283 1.07 35.53 25.04
N PRO B 284 2.21 36.22 24.84
CA PRO B 284 2.68 37.20 25.82
C PRO B 284 1.67 38.31 26.12
N VAL B 285 0.77 38.57 25.17
CA VAL B 285 -0.31 39.54 25.37
C VAL B 285 -1.16 39.15 26.59
N ALA B 286 -1.36 37.84 26.81
CA ALA B 286 -2.19 37.34 27.91
C ALA B 286 -1.55 37.68 29.26
N ALA B 287 -0.25 37.40 29.37
CA ALA B 287 0.53 37.74 30.55
C ALA B 287 0.60 39.25 30.76
N PHE B 288 0.63 40.00 29.64
CA PHE B 288 0.66 41.45 29.70
C PHE B 288 -0.63 41.99 30.30
N HIS B 289 -1.76 41.31 30.05
CA HIS B 289 -3.02 41.71 30.65
C HIS B 289 -2.91 41.66 32.16
N LEU B 290 -2.33 40.58 32.69
CA LEU B 290 -2.26 40.39 34.12
C LEU B 290 -1.27 41.37 34.73
N ILE B 291 -0.25 41.77 33.94
CA ILE B 291 0.73 42.75 34.39
C ILE B 291 0.11 44.15 34.38
N ALA B 292 -0.57 44.52 33.29
CA ALA B 292 -0.97 45.91 33.06
C ALA B 292 -2.28 45.96 32.29
N PRO B 293 -3.44 45.72 32.96
CA PRO B 293 -4.73 45.66 32.28
C PRO B 293 -5.28 47.01 31.84
N GLU B 294 -4.62 48.08 32.26
CA GLU B 294 -5.06 49.44 31.92
C GLU B 294 -4.90 49.71 30.43
N TRP B 295 -4.07 48.94 29.73
CA TRP B 295 -3.84 49.12 28.30
C TRP B 295 -4.88 48.41 27.44
N PHE B 296 -5.82 47.69 28.08
CA PHE B 296 -6.83 46.92 27.37
C PHE B 296 -8.20 47.53 27.61
N GLU B 297 -9.04 47.51 26.57
CA GLU B 297 -10.47 47.69 26.74
C GLU B 297 -11.08 46.36 27.17
N HIS B 298 -12.26 46.44 27.79
CA HIS B 298 -12.91 45.28 28.38
C HIS B 298 -14.41 45.43 28.19
N VAL B 299 -15.09 44.33 27.88
CA VAL B 299 -16.53 44.33 27.92
C VAL B 299 -16.98 42.99 28.47
N ARG B 300 -18.00 43.01 29.32
CA ARG B 300 -18.62 41.80 29.85
C ARG B 300 -19.67 41.34 28.85
N CYS B 301 -19.78 40.03 28.66
CA CYS B 301 -20.84 39.47 27.85
C CYS B 301 -21.07 38.01 28.21
N HIS B 302 -22.07 37.40 27.58
CA HIS B 302 -22.24 35.97 27.63
C HIS B 302 -21.56 35.36 26.41
N VAL B 303 -20.58 34.48 26.63
CA VAL B 303 -19.94 33.75 25.56
C VAL B 303 -20.44 32.31 25.55
N ASP B 304 -20.91 31.87 24.38
CA ASP B 304 -21.21 30.48 24.11
C ASP B 304 -20.14 29.89 23.21
N ILE B 305 -19.64 28.71 23.58
CA ILE B 305 -18.64 27.98 22.81
C ILE B 305 -19.35 26.90 21.98
N GLU B 306 -19.15 26.93 20.66
CA GLU B 306 -19.76 25.95 19.78
C GLU B 306 -19.08 24.61 19.98
N THR B 307 -19.88 23.58 20.27
CA THR B 307 -19.38 22.22 20.39
C THR B 307 -20.10 21.29 19.42
N LYS B 308 -21.40 21.51 19.20
CA LYS B 308 -22.20 20.67 18.31
C LYS B 308 -21.82 20.88 16.86
N GLY B 309 -21.35 22.08 16.53
CA GLY B 309 -21.10 22.48 15.16
C GLY B 309 -20.03 21.64 14.48
N GLU B 310 -20.30 21.27 13.22
CA GLU B 310 -19.46 20.38 12.44
C GLU B 310 -18.23 21.08 11.87
N TYR B 311 -18.41 22.30 11.36
CA TYR B 311 -17.34 23.06 10.74
C TYR B 311 -16.98 24.28 11.58
N THR B 312 -17.62 24.42 12.74
CA THR B 312 -17.64 25.67 13.50
C THR B 312 -17.42 25.42 14.99
N TYR B 313 -17.06 24.19 15.38
CA TYR B 313 -16.75 23.94 16.78
C TYR B 313 -15.59 24.86 17.15
N GLY B 314 -15.68 25.40 18.37
CA GLY B 314 -14.68 26.28 18.92
C GLY B 314 -14.98 27.76 18.66
N CYS B 315 -16.08 28.05 17.95
CA CYS B 315 -16.52 29.41 17.72
C CYS B 315 -16.92 30.02 19.06
N CYS B 316 -16.35 31.22 19.34
CA CYS B 316 -16.76 32.04 20.46
C CYS B 316 -17.90 32.95 20.03
N CYS B 317 -19.13 32.59 20.43
CA CYS B 317 -20.33 33.30 20.02
C CYS B 317 -20.86 34.08 21.21
N THR B 318 -20.77 35.41 21.12
CA THR B 318 -21.16 36.30 22.19
C THR B 318 -22.47 36.96 21.85
N ASN B 319 -23.08 37.59 22.85
CA ASN B 319 -24.31 38.35 22.67
C ASN B 319 -24.00 39.85 22.62
N LEU B 320 -22.75 40.20 22.28
CA LEU B 320 -22.28 41.58 22.34
C LEU B 320 -23.18 42.51 21.54
N ILE B 321 -23.61 42.04 20.37
CA ILE B 321 -24.39 42.87 19.47
C ILE B 321 -25.85 42.90 19.98
N LEU B 322 -26.36 41.79 20.55
CA LEU B 322 -27.70 41.77 21.11
C LEU B 322 -27.87 42.89 22.15
N LYS B 323 -26.80 43.28 22.87
CA LYS B 323 -26.90 44.39 23.82
C LYS B 323 -27.54 45.68 23.27
N LYS B 324 -28.89 45.66 23.28
CA LYS B 324 -29.71 46.85 23.07
C LYS B 324 -30.78 46.96 24.19
N LYS B 325 -30.82 46.01 25.16
CA LYS B 325 -31.95 45.87 26.08
C LYS B 325 -31.52 45.20 27.38
N PRO B 333 -27.09 35.73 31.59
CA PRO B 333 -26.09 36.46 32.41
C PRO B 333 -24.73 36.44 31.73
N ASP B 334 -23.98 37.53 31.89
CA ASP B 334 -22.61 37.59 31.43
C ASP B 334 -21.82 36.47 32.08
N ASN B 335 -20.77 35.97 31.42
CA ASN B 335 -19.92 34.94 32.01
C ASN B 335 -18.44 35.18 31.69
N ALA B 336 -18.14 36.19 30.88
CA ALA B 336 -16.74 36.48 30.58
C ALA B 336 -16.56 37.97 30.37
N THR B 337 -15.30 38.39 30.52
CA THR B 337 -14.85 39.66 30.00
C THR B 337 -14.13 39.38 28.69
N VAL B 338 -14.36 40.23 27.68
CA VAL B 338 -13.65 40.12 26.42
C VAL B 338 -12.85 41.41 26.18
N CYS B 339 -11.58 41.26 25.83
CA CYS B 339 -10.76 42.39 25.45
C CYS B 339 -10.65 42.45 23.92
N LEU B 340 -11.35 43.41 23.31
CA LEU B 340 -11.53 43.44 21.86
C LEU B 340 -10.43 44.25 21.18
N LYS B 341 -9.61 44.96 21.97
CA LYS B 341 -8.72 45.96 21.41
C LYS B 341 -7.86 46.53 22.53
N LEU B 342 -6.64 46.99 22.19
CA LEU B 342 -5.83 47.74 23.14
C LEU B 342 -6.21 49.22 23.10
N LYS B 343 -6.13 49.90 24.25
CA LYS B 343 -6.20 51.34 24.27
C LYS B 343 -4.97 51.91 23.56
N GLU B 344 -5.04 53.18 23.15
CA GLU B 344 -3.92 53.83 22.50
C GLU B 344 -2.75 53.86 23.48
N GLY B 345 -1.55 53.57 22.98
CA GLY B 345 -0.36 53.42 23.81
C GLY B 345 -0.06 51.97 24.13
N GLY B 346 -1.09 51.12 24.07
CA GLY B 346 -1.01 49.73 24.50
C GLY B 346 0.04 48.92 23.76
N HIS B 347 0.12 49.12 22.45
CA HIS B 347 1.07 48.38 21.63
C HIS B 347 2.52 48.75 22.01
N ASP B 348 2.75 50.07 22.16
CA ASP B 348 4.07 50.55 22.56
C ASP B 348 4.40 50.02 23.95
N ALA B 349 3.43 50.14 24.87
CA ALA B 349 3.61 49.67 26.24
C ALA B 349 3.93 48.17 26.26
N PHE B 350 3.23 47.38 25.44
CA PHE B 350 3.49 45.96 25.33
C PHE B 350 4.93 45.70 24.89
N TRP B 351 5.36 46.39 23.83
CA TRP B 351 6.68 46.13 23.27
C TRP B 351 7.80 46.62 24.18
N ASN B 352 7.56 47.72 24.94
CA ASN B 352 8.56 48.18 25.88
C ASN B 352 8.73 47.15 26.99
N GLN B 353 7.58 46.62 27.44
CA GLN B 353 7.56 45.56 28.43
C GLN B 353 8.35 44.37 27.92
N MET B 354 8.07 43.95 26.69
CA MET B 354 8.63 42.73 26.16
C MET B 354 10.14 42.89 25.97
N ILE B 355 10.55 44.03 25.38
CA ILE B 355 11.95 44.27 25.07
C ILE B 355 12.77 44.46 26.35
N THR B 356 12.21 45.16 27.35
CA THR B 356 12.84 45.22 28.66
C THR B 356 13.24 43.83 29.12
N VAL B 357 12.26 42.91 29.14
CA VAL B 357 12.46 41.58 29.68
C VAL B 357 13.54 40.87 28.87
N TRP B 358 13.47 40.97 27.54
CA TRP B 358 14.48 40.33 26.71
C TRP B 358 15.86 40.87 27.03
N GLY B 359 15.96 42.20 27.21
CA GLY B 359 17.19 42.85 27.62
C GLY B 359 17.74 42.26 28.92
N GLU B 360 16.87 42.14 29.94
CA GLU B 360 17.23 41.61 31.24
C GLU B 360 17.68 40.15 31.14
N ILE B 361 17.04 39.39 30.25
CA ILE B 361 17.41 38.01 30.03
C ILE B 361 18.80 37.95 29.40
N ALA B 362 19.03 38.79 28.38
CA ALA B 362 20.31 38.86 27.71
C ALA B 362 21.44 39.15 28.69
N LYS B 363 21.17 40.02 29.68
CA LYS B 363 22.14 40.40 30.68
C LYS B 363 22.51 39.21 31.57
N GLU B 364 21.51 38.41 31.96
CA GLU B 364 21.77 37.28 32.84
C GLU B 364 22.48 36.14 32.12
N ILE B 365 22.24 35.97 30.82
CA ILE B 365 22.91 34.92 30.08
C ILE B 365 24.36 35.31 29.82
N GLY B 366 24.58 36.57 29.38
CA GLY B 366 25.91 37.14 29.32
C GLY B 366 26.78 36.50 28.24
N MET C 21 -70.84 6.25 6.95
CA MET C 21 -70.86 5.24 5.84
C MET C 21 -69.44 4.88 5.43
N SER C 22 -68.84 5.46 4.37
CA SER C 22 -67.49 5.11 3.97
C SER C 22 -66.62 6.37 3.95
N ILE C 23 -65.30 6.16 4.07
CA ILE C 23 -64.37 7.22 4.38
C ILE C 23 -63.58 7.57 3.13
N LYS C 24 -63.63 8.85 2.75
CA LYS C 24 -62.75 9.35 1.70
C LYS C 24 -61.33 9.47 2.23
N CYS C 25 -60.38 8.94 1.46
CA CYS C 25 -58.99 8.92 1.87
C CYS C 25 -58.07 8.91 0.65
N ALA C 26 -56.79 9.16 0.89
CA ALA C 26 -55.76 9.10 -0.13
C ALA C 26 -54.64 8.20 0.39
N LEU C 27 -53.88 7.61 -0.53
CA LEU C 27 -52.81 6.70 -0.15
C LEU C 27 -51.49 7.28 -0.63
N ASP C 28 -50.53 7.38 0.29
CA ASP C 28 -49.18 7.78 -0.04
C ASP C 28 -48.27 6.62 0.36
N CYS C 29 -47.45 6.12 -0.58
CA CYS C 29 -46.77 4.86 -0.33
C CYS C 29 -45.65 4.62 -1.35
N ASP C 30 -44.85 3.56 -1.11
CA ASP C 30 -43.68 3.24 -1.91
C ASP C 30 -43.66 1.74 -2.26
N PRO C 31 -44.67 1.20 -2.97
CA PRO C 31 -44.74 -0.25 -3.21
C PRO C 31 -43.48 -0.77 -3.90
N GLY C 32 -42.87 -1.84 -3.36
CA GLY C 32 -43.13 -2.38 -2.03
C GLY C 32 -44.22 -3.44 -2.00
N HIS C 33 -43.88 -4.61 -1.46
CA HIS C 33 -44.78 -5.74 -1.37
C HIS C 33 -45.92 -5.47 -0.38
N ASP C 34 -45.62 -4.85 0.76
CA ASP C 34 -46.64 -4.58 1.76
C ASP C 34 -47.56 -3.46 1.26
N ASP C 35 -46.98 -2.46 0.57
CA ASP C 35 -47.77 -1.33 0.11
C ASP C 35 -48.77 -1.84 -0.92
N LEU C 36 -48.34 -2.81 -1.74
CA LEU C 36 -49.21 -3.50 -2.66
C LEU C 36 -50.38 -4.17 -1.93
N ALA C 37 -50.09 -4.79 -0.78
CA ALA C 37 -51.12 -5.43 0.02
C ALA C 37 -52.07 -4.39 0.61
N MET C 38 -51.53 -3.24 1.01
CA MET C 38 -52.31 -2.18 1.65
C MET C 38 -53.24 -1.55 0.62
N ILE C 39 -52.71 -1.35 -0.59
CA ILE C 39 -53.49 -0.78 -1.69
C ILE C 39 -54.68 -1.70 -1.95
N MET C 40 -54.39 -3.01 -2.08
CA MET C 40 -55.42 -4.00 -2.28
C MET C 40 -56.50 -3.86 -1.20
N LEU C 41 -56.09 -3.79 0.07
CA LEU C 41 -57.04 -3.70 1.17
C LEU C 41 -57.91 -2.44 1.04
N ALA C 42 -57.26 -1.28 0.87
CA ALA C 42 -57.96 -0.01 0.90
C ALA C 42 -58.94 0.12 -0.27
N VAL C 43 -58.47 -0.23 -1.47
CA VAL C 43 -59.27 -0.09 -2.69
C VAL C 43 -60.51 -1.00 -2.58
N TYR C 44 -60.29 -2.32 -2.46
CA TYR C 44 -61.37 -3.29 -2.42
C TYR C 44 -62.21 -3.18 -1.14
N SER C 45 -61.70 -2.59 -0.07
CA SER C 45 -62.54 -2.37 1.10
C SER C 45 -63.65 -1.39 0.75
N PRO C 46 -64.93 -1.76 0.99
CA PRO C 46 -66.06 -0.85 0.77
C PRO C 46 -66.03 0.34 1.74
N LYS C 47 -65.33 0.15 2.87
CA LYS C 47 -65.30 1.12 3.94
C LYS C 47 -64.42 2.33 3.58
N LEU C 48 -63.46 2.13 2.66
CA LEU C 48 -62.55 3.20 2.28
C LEU C 48 -62.78 3.55 0.81
N ASP C 49 -62.83 4.87 0.55
CA ASP C 49 -63.12 5.43 -0.75
C ASP C 49 -61.87 6.15 -1.24
N VAL C 50 -60.97 5.40 -1.88
CA VAL C 50 -59.65 5.90 -2.24
C VAL C 50 -59.80 6.92 -3.35
N GLN C 51 -59.35 8.16 -3.11
CA GLN C 51 -59.46 9.27 -4.05
C GLN C 51 -58.29 9.28 -5.02
N TYR C 52 -57.07 9.03 -4.51
CA TYR C 52 -55.89 8.93 -5.34
C TYR C 52 -54.83 8.13 -4.59
N ILE C 53 -53.76 7.78 -5.31
CA ILE C 53 -52.55 7.28 -4.70
C ILE C 53 -51.37 8.20 -5.09
N SER C 54 -50.63 8.70 -4.10
CA SER C 54 -49.37 9.38 -4.34
C SER C 54 -48.24 8.42 -3.95
N THR C 55 -47.21 8.36 -4.81
CA THR C 55 -46.05 7.53 -4.52
C THR C 55 -44.87 8.40 -4.14
N THR C 56 -43.94 7.78 -3.43
CA THR C 56 -42.79 8.46 -2.88
C THR C 56 -41.59 7.54 -2.99
N HIS C 57 -40.40 8.12 -2.80
CA HIS C 57 -39.15 7.38 -2.75
C HIS C 57 -39.13 6.49 -1.51
N GLY C 58 -38.30 5.46 -1.54
CA GLY C 58 -38.06 4.66 -0.36
C GLY C 58 -37.36 3.37 -0.72
N ASN C 59 -38.14 2.29 -0.74
CA ASN C 59 -37.72 1.00 -1.25
C ASN C 59 -36.95 1.22 -2.56
N GLN C 60 -37.68 1.64 -3.59
CA GLN C 60 -37.08 2.04 -4.85
C GLN C 60 -37.16 3.55 -5.02
N THR C 61 -36.63 4.02 -6.15
CA THR C 61 -36.84 5.37 -6.62
C THR C 61 -38.33 5.60 -6.85
N VAL C 62 -38.76 6.85 -6.74
CA VAL C 62 -40.18 7.21 -6.79
C VAL C 62 -40.75 6.81 -8.14
N ASN C 63 -39.87 6.70 -9.15
CA ASN C 63 -40.34 6.35 -10.47
C ASN C 63 -40.80 4.90 -10.50
N LYS C 64 -40.02 4.00 -9.87
CA LYS C 64 -40.38 2.60 -9.81
C LYS C 64 -41.60 2.39 -8.91
N THR C 65 -41.64 3.09 -7.77
CA THR C 65 -42.77 2.95 -6.85
C THR C 65 -44.05 3.35 -7.56
N TYR C 66 -43.97 4.43 -8.34
CA TYR C 66 -45.11 4.91 -9.11
C TYR C 66 -45.66 3.79 -10.01
N GLN C 67 -44.77 3.11 -10.73
CA GLN C 67 -45.22 2.06 -11.63
C GLN C 67 -45.75 0.87 -10.83
N ASN C 68 -45.11 0.57 -9.69
CA ASN C 68 -45.50 -0.52 -8.82
C ASN C 68 -46.90 -0.31 -8.27
N ALA C 69 -47.28 0.96 -8.07
CA ALA C 69 -48.62 1.26 -7.63
C ALA C 69 -49.60 0.97 -8.77
N ARG C 70 -49.25 1.39 -9.99
CA ARG C 70 -50.10 1.20 -11.15
C ARG C 70 -50.28 -0.28 -11.46
N ARG C 71 -49.22 -1.07 -11.24
CA ARG C 71 -49.27 -2.51 -11.41
C ARG C 71 -50.24 -3.14 -10.41
N THR C 72 -50.17 -2.69 -9.16
CA THR C 72 -51.06 -3.18 -8.14
C THR C 72 -52.50 -2.97 -8.59
N LEU C 73 -52.78 -1.75 -9.05
CA LEU C 73 -54.11 -1.34 -9.47
C LEU C 73 -54.58 -2.17 -10.66
N ASN C 74 -53.69 -2.35 -11.64
CA ASN C 74 -54.04 -3.00 -12.90
C ASN C 74 -54.25 -4.50 -12.67
N LEU C 75 -53.47 -5.08 -11.74
CA LEU C 75 -53.64 -6.47 -11.34
C LEU C 75 -55.03 -6.67 -10.76
N ILE C 76 -55.55 -5.67 -10.01
CA ILE C 76 -56.81 -5.82 -9.29
C ILE C 76 -57.93 -5.12 -10.06
N LYS C 77 -57.65 -4.72 -11.31
CA LYS C 77 -58.65 -4.19 -12.23
C LYS C 77 -59.14 -2.82 -11.76
N ARG C 78 -58.22 -1.89 -11.49
CA ARG C 78 -58.61 -0.59 -10.97
C ARG C 78 -57.76 0.55 -11.53
N ALA C 79 -56.85 0.27 -12.49
CA ALA C 79 -55.87 1.25 -12.93
C ALA C 79 -56.51 2.32 -13.82
N ASP C 80 -57.75 2.06 -14.25
CA ASP C 80 -58.51 2.95 -15.11
C ASP C 80 -59.41 3.87 -14.28
N LYS C 81 -59.47 3.62 -12.96
CA LYS C 81 -60.42 4.25 -12.06
C LYS C 81 -59.71 5.29 -11.19
N ILE C 82 -58.59 4.89 -10.57
CA ILE C 82 -57.93 5.67 -9.54
C ILE C 82 -56.69 6.35 -10.13
N PRO C 83 -56.55 7.68 -9.97
CA PRO C 83 -55.35 8.39 -10.43
C PRO C 83 -54.16 8.11 -9.49
N VAL C 84 -52.99 7.89 -10.09
CA VAL C 84 -51.75 7.72 -9.35
C VAL C 84 -50.82 8.88 -9.68
N TYR C 85 -50.35 9.57 -8.64
CA TYR C 85 -49.41 10.67 -8.76
C TYR C 85 -48.01 10.20 -8.41
N ARG C 86 -47.03 10.61 -9.22
CA ARG C 86 -45.63 10.33 -8.93
C ARG C 86 -45.07 11.52 -8.15
N GLY C 87 -44.61 11.24 -6.91
CA GLY C 87 -44.26 12.28 -5.96
C GLY C 87 -42.76 12.60 -5.92
N TYR C 88 -42.31 13.06 -4.75
CA TYR C 88 -40.95 13.54 -4.58
C TYR C 88 -39.99 12.37 -4.51
N SER C 89 -38.78 12.62 -5.04
CA SER C 89 -37.77 11.60 -5.30
C SER C 89 -36.73 11.47 -4.19
N LYS C 90 -36.63 12.43 -3.28
CA LYS C 90 -35.61 12.34 -2.24
C LYS C 90 -36.11 13.00 -0.96
N PRO C 91 -35.48 12.73 0.19
CA PRO C 91 -35.80 13.43 1.43
C PRO C 91 -35.60 14.94 1.33
N LEU C 92 -36.16 15.65 2.32
CA LEU C 92 -36.10 17.10 2.37
C LEU C 92 -34.66 17.57 2.34
N THR C 93 -33.81 17.01 3.23
CA THR C 93 -32.46 17.50 3.39
C THR C 93 -31.44 16.36 3.42
N ARG C 94 -31.82 15.16 2.99
CA ARG C 94 -30.94 14.00 3.06
C ARG C 94 -30.91 13.27 1.71
N GLU C 95 -29.96 12.33 1.58
CA GLU C 95 -29.89 11.45 0.44
C GLU C 95 -30.90 10.31 0.57
N SER C 96 -31.37 9.82 -0.57
CA SER C 96 -32.25 8.66 -0.63
C SER C 96 -31.58 7.45 0.04
N GLU C 105 -35.39 -5.35 -7.55
CA GLU C 105 -34.86 -4.27 -8.41
C GLU C 105 -35.99 -3.50 -9.06
N SER C 106 -37.05 -4.21 -9.49
CA SER C 106 -38.29 -3.56 -9.88
C SER C 106 -38.82 -2.74 -8.70
N GLY C 107 -38.75 -3.39 -7.53
CA GLY C 107 -39.36 -2.94 -6.30
C GLY C 107 -40.48 -3.88 -5.85
N LEU C 108 -40.84 -4.84 -6.73
CA LEU C 108 -42.02 -5.66 -6.52
C LEU C 108 -41.72 -7.08 -7.02
N GLY C 109 -40.55 -7.59 -6.62
CA GLY C 109 -39.97 -8.79 -7.20
C GLY C 109 -40.67 -10.07 -6.73
N GLY C 110 -40.28 -11.19 -7.37
CA GLY C 110 -40.88 -12.49 -7.14
C GLY C 110 -41.87 -12.87 -8.23
N VAL C 111 -42.12 -11.94 -9.16
CA VAL C 111 -43.28 -12.03 -10.04
C VAL C 111 -42.97 -11.38 -11.38
N ASP C 112 -43.63 -11.84 -12.44
CA ASP C 112 -43.42 -11.34 -13.80
C ASP C 112 -44.52 -10.33 -14.14
N TRP C 113 -44.13 -9.08 -14.38
CA TRP C 113 -45.09 -8.00 -14.55
C TRP C 113 -45.29 -7.65 -16.02
N SER C 114 -44.68 -8.40 -16.93
CA SER C 114 -44.65 -8.05 -18.33
C SER C 114 -46.06 -7.91 -18.91
N GLU C 115 -47.00 -8.76 -18.45
CA GLU C 115 -48.38 -8.73 -18.94
C GLU C 115 -49.11 -7.51 -18.34
N ILE C 116 -49.03 -7.38 -17.01
CA ILE C 116 -49.67 -6.28 -16.31
C ILE C 116 -49.14 -4.96 -16.84
N ASP C 117 -47.87 -4.96 -17.27
CA ASP C 117 -47.23 -3.79 -17.83
C ASP C 117 -47.83 -3.40 -19.17
N ARG C 118 -47.93 -4.36 -20.12
CA ARG C 118 -48.32 -3.99 -21.47
C ARG C 118 -49.83 -3.81 -21.59
N THR C 119 -50.62 -4.32 -20.64
CA THR C 119 -52.06 -4.14 -20.67
C THR C 119 -52.49 -3.00 -19.75
N MET C 120 -51.54 -2.15 -19.38
CA MET C 120 -51.77 -1.06 -18.44
C MET C 120 -52.60 0.02 -19.13
N PRO C 121 -53.80 0.37 -18.61
CA PRO C 121 -54.55 1.52 -19.13
C PRO C 121 -53.93 2.88 -18.77
N ARG C 122 -54.33 3.91 -19.53
CA ARG C 122 -53.92 5.29 -19.29
C ARG C 122 -54.23 5.69 -17.86
N ASN C 123 -53.33 6.49 -17.28
CA ASN C 123 -53.44 6.95 -15.90
C ASN C 123 -54.46 8.09 -15.86
N PRO C 124 -55.59 7.90 -15.14
CA PRO C 124 -56.56 8.97 -14.92
C PRO C 124 -55.94 10.30 -14.49
N ALA C 125 -54.77 10.23 -13.84
CA ALA C 125 -54.09 11.42 -13.35
C ALA C 125 -53.79 12.37 -14.49
N LEU C 126 -53.45 11.82 -15.66
CA LEU C 126 -52.99 12.65 -16.76
C LEU C 126 -54.12 13.53 -17.28
N ASP C 127 -55.36 13.00 -17.27
CA ASP C 127 -56.50 13.76 -17.76
C ASP C 127 -56.81 14.85 -16.75
N ILE C 128 -56.73 14.51 -15.46
CA ILE C 128 -56.93 15.48 -14.39
C ILE C 128 -55.95 16.65 -14.58
N LEU C 129 -54.72 16.36 -14.98
CA LEU C 129 -53.64 17.33 -14.94
C LEU C 129 -53.51 18.12 -16.25
N GLY C 130 -54.03 17.57 -17.34
CA GLY C 130 -53.88 18.17 -18.67
C GLY C 130 -52.64 17.68 -19.40
N TYR C 131 -52.07 16.56 -18.94
CA TYR C 131 -50.86 16.01 -19.54
C TYR C 131 -51.22 15.03 -20.64
N LYS C 132 -50.29 14.87 -21.59
CA LYS C 132 -50.44 13.91 -22.67
C LYS C 132 -49.87 12.57 -22.22
N ASP C 133 -48.69 12.59 -21.58
CA ASP C 133 -48.04 11.35 -21.16
C ASP C 133 -47.35 11.54 -19.80
N GLU C 134 -46.76 10.45 -19.32
CA GLU C 134 -46.28 10.34 -17.95
C GLU C 134 -44.98 11.10 -17.73
N SER C 135 -44.28 11.47 -18.80
CA SER C 135 -43.07 12.25 -18.64
C SER C 135 -43.38 13.62 -18.05
N GLU C 136 -44.63 14.06 -18.19
CA GLU C 136 -45.03 15.38 -17.73
C GLU C 136 -45.35 15.38 -16.25
N LEU C 137 -45.51 14.20 -15.63
CA LEU C 137 -45.79 14.12 -14.21
C LEU C 137 -44.68 14.79 -13.40
N ARG C 138 -45.08 15.59 -12.40
CA ARG C 138 -44.16 16.31 -11.53
C ARG C 138 -44.49 15.99 -10.08
N PRO C 139 -43.51 16.11 -9.16
CA PRO C 139 -43.74 15.74 -7.76
C PRO C 139 -44.93 16.43 -7.09
N ASP C 140 -45.28 17.65 -7.51
CA ASP C 140 -46.27 18.43 -6.80
C ASP C 140 -47.65 18.38 -7.45
N ASP C 141 -47.84 17.42 -8.37
CA ASP C 141 -49.11 17.28 -9.08
C ASP C 141 -50.27 16.99 -8.14
N PHE C 142 -50.03 16.25 -7.04
CA PHE C 142 -51.14 15.85 -6.19
C PHE C 142 -51.64 17.02 -5.33
N PHE C 143 -50.87 18.09 -5.23
CA PHE C 143 -51.16 19.16 -4.29
C PHE C 143 -52.56 19.74 -4.51
N LYS C 144 -52.88 20.13 -5.74
CA LYS C 144 -54.16 20.78 -6.01
C LYS C 144 -55.31 19.82 -5.70
N HIS C 145 -55.13 18.53 -6.03
CA HIS C 145 -56.17 17.53 -5.82
C HIS C 145 -56.40 17.31 -4.32
N LEU C 146 -55.31 17.22 -3.54
CA LEU C 146 -55.42 17.08 -2.09
C LEU C 146 -56.13 18.29 -1.52
N HIS C 147 -55.83 19.49 -2.04
CA HIS C 147 -56.38 20.70 -1.45
C HIS C 147 -57.89 20.81 -1.68
N ARG C 148 -58.39 20.29 -2.81
CA ARG C 148 -59.81 20.23 -3.05
C ARG C 148 -60.45 19.33 -2.00
N LEU C 149 -59.88 18.13 -1.82
CA LEU C 149 -60.38 17.16 -0.85
C LEU C 149 -60.39 17.75 0.55
N VAL C 150 -59.34 18.49 0.92
CA VAL C 150 -59.21 19.01 2.28
C VAL C 150 -60.23 20.12 2.50
N SER C 151 -60.39 21.00 1.52
CA SER C 151 -61.39 22.07 1.59
C SER C 151 -62.78 21.45 1.70
N ALA C 152 -63.04 20.44 0.86
CA ALA C 152 -64.32 19.73 0.87
C ALA C 152 -64.57 19.05 2.21
N ALA C 153 -63.53 18.50 2.84
CA ALA C 153 -63.68 17.73 4.07
C ALA C 153 -64.54 18.48 5.09
N GLU C 154 -65.54 17.77 5.66
CA GLU C 154 -66.41 18.31 6.70
C GLU C 154 -65.57 18.63 7.92
N ASP C 155 -64.84 17.62 8.41
CA ASP C 155 -63.97 17.73 9.58
C ASP C 155 -62.50 17.73 9.12
N LYS C 156 -61.94 16.53 8.91
CA LYS C 156 -60.58 16.38 8.40
C LYS C 156 -60.57 15.33 7.31
N PHE C 157 -59.59 15.45 6.41
CA PHE C 157 -59.41 14.49 5.33
C PHE C 157 -58.34 13.47 5.72
N ASP C 158 -58.53 12.23 5.32
CA ASP C 158 -57.71 11.11 5.80
C ASP C 158 -56.67 10.69 4.76
N ILE C 159 -55.43 10.53 5.24
CA ILE C 159 -54.33 10.09 4.42
C ILE C 159 -53.69 8.89 5.11
N ILE C 160 -53.51 7.81 4.36
CA ILE C 160 -52.77 6.65 4.84
C ILE C 160 -51.38 6.73 4.21
N SER C 161 -50.35 6.73 5.07
CA SER C 161 -48.97 6.85 4.63
C SER C 161 -48.21 5.61 5.09
N THR C 162 -47.57 4.90 4.16
CA THR C 162 -46.85 3.68 4.49
C THR C 162 -45.46 3.64 3.85
N GLY C 163 -44.98 4.79 3.37
CA GLY C 163 -43.59 4.96 2.95
C GLY C 163 -42.96 6.14 3.68
N SER C 164 -41.93 6.77 3.07
CA SER C 164 -41.44 8.03 3.61
C SER C 164 -42.57 9.06 3.50
N GLU C 165 -42.54 10.08 4.36
CA GLU C 165 -43.65 11.05 4.44
C GLU C 165 -43.21 12.40 3.87
N THR C 166 -42.19 12.37 2.99
CA THR C 166 -41.69 13.52 2.25
C THR C 166 -42.79 14.28 1.52
N ASN C 167 -43.69 13.56 0.84
CA ASN C 167 -44.76 14.14 0.05
C ASN C 167 -45.65 15.03 0.91
N ILE C 168 -45.97 14.57 2.12
CA ILE C 168 -46.90 15.27 3.00
C ILE C 168 -46.20 16.48 3.63
N ALA C 169 -44.91 16.32 3.97
CA ALA C 169 -44.11 17.42 4.48
C ALA C 169 -44.05 18.53 3.43
N GLN C 170 -43.80 18.11 2.18
CA GLN C 170 -43.76 19.02 1.04
CA GLN C 170 -43.76 19.02 1.04
C GLN C 170 -45.10 19.73 0.86
N TYR C 171 -46.19 18.96 0.90
CA TYR C 171 -47.52 19.51 0.75
C TYR C 171 -47.75 20.62 1.78
N LEU C 172 -47.35 20.32 3.03
CA LEU C 172 -47.67 21.16 4.18
C LEU C 172 -46.82 22.42 4.16
N LEU C 173 -45.64 22.35 3.52
CA LEU C 173 -44.79 23.52 3.35
C LEU C 173 -45.42 24.46 2.33
N ALA C 174 -46.25 23.91 1.44
CA ALA C 174 -46.96 24.70 0.46
C ALA C 174 -48.37 25.05 0.95
N TYR C 175 -48.96 24.22 1.82
CA TYR C 175 -50.32 24.42 2.31
C TYR C 175 -50.30 24.33 3.84
N PRO C 176 -49.60 25.26 4.53
CA PRO C 176 -49.49 25.23 5.98
C PRO C 176 -50.83 25.15 6.70
N GLU C 177 -51.78 25.94 6.19
CA GLU C 177 -53.08 26.14 6.82
C GLU C 177 -53.95 24.87 6.71
N ASP C 178 -53.64 23.98 5.77
CA ASP C 178 -54.38 22.73 5.60
C ASP C 178 -54.03 21.69 6.66
N ALA C 179 -52.96 21.95 7.44
CA ALA C 179 -52.45 20.98 8.39
C ALA C 179 -53.53 20.54 9.37
N LYS C 180 -54.33 21.51 9.84
CA LYS C 180 -55.30 21.26 10.91
C LYS C 180 -56.50 20.48 10.37
N LYS C 181 -56.62 20.37 9.03
CA LYS C 181 -57.71 19.62 8.41
C LYS C 181 -57.24 18.32 7.76
N ILE C 182 -56.06 17.82 8.14
CA ILE C 182 -55.60 16.55 7.62
C ILE C 182 -55.42 15.59 8.79
N ARG C 183 -55.89 14.35 8.60
CA ARG C 183 -55.65 13.28 9.54
C ARG C 183 -54.78 12.22 8.87
N MET C 184 -53.74 11.79 9.58
CA MET C 184 -52.77 10.87 9.02
C MET C 184 -52.75 9.58 9.85
N THR C 185 -52.70 8.46 9.13
CA THR C 185 -52.68 7.13 9.71
C THR C 185 -51.50 6.41 9.06
N THR C 186 -50.46 6.10 9.83
CA THR C 186 -49.19 5.71 9.23
C THR C 186 -48.75 4.33 9.69
N MET C 187 -48.10 3.61 8.77
CA MET C 187 -47.14 2.56 9.13
C MET C 187 -45.77 3.21 9.22
N ALA C 188 -45.29 3.40 10.44
CA ALA C 188 -44.01 4.05 10.72
C ALA C 188 -43.68 3.87 12.19
N GLY C 189 -42.39 3.81 12.49
CA GLY C 189 -41.88 3.91 13.85
C GLY C 189 -41.66 2.58 14.54
N ASN C 190 -40.84 2.65 15.61
CA ASN C 190 -40.80 1.64 16.66
C ASN C 190 -40.75 2.38 17.99
N PHE C 191 -41.41 1.82 19.02
CA PHE C 191 -41.62 2.54 20.27
C PHE C 191 -41.08 1.74 21.46
N MET C 192 -41.69 0.58 21.75
CA MET C 192 -41.34 -0.23 22.90
C MET C 192 -40.53 -1.45 22.46
N ILE C 193 -40.22 -1.53 21.16
CA ILE C 193 -39.23 -2.47 20.65
C ILE C 193 -38.22 -1.69 19.82
N VAL C 194 -37.11 -2.34 19.44
CA VAL C 194 -36.02 -1.66 18.76
C VAL C 194 -36.36 -1.59 17.26
N GLY C 195 -35.44 -1.01 16.47
CA GLY C 195 -35.70 -0.71 15.07
C GLY C 195 -35.42 -1.90 14.15
N ASN C 196 -35.47 -1.68 12.84
CA ASN C 196 -35.18 -2.71 11.84
C ASN C 196 -33.90 -2.36 11.06
N ILE C 197 -33.94 -1.33 10.21
CA ILE C 197 -32.85 -1.03 9.31
C ILE C 197 -31.70 -0.36 10.08
N MET C 198 -32.05 0.27 11.20
CA MET C 198 -31.02 0.73 12.11
C MET C 198 -31.43 0.37 13.54
N PRO C 199 -30.47 0.40 14.50
CA PRO C 199 -30.68 -0.24 15.80
C PRO C 199 -31.97 0.14 16.54
N PHE C 200 -32.38 1.40 16.47
CA PHE C 200 -33.47 1.91 17.29
C PHE C 200 -34.49 2.70 16.49
N ALA C 201 -34.45 2.58 15.15
CA ALA C 201 -35.35 3.32 14.27
C ALA C 201 -35.88 2.41 13.16
N GLU C 202 -37.02 2.80 12.61
CA GLU C 202 -37.72 2.07 11.56
C GLU C 202 -37.55 2.82 10.24
N PHE C 203 -37.50 2.06 9.14
CA PHE C 203 -37.15 2.55 7.80
C PHE C 203 -37.83 3.86 7.40
N ASN C 204 -39.16 3.91 7.49
CA ASN C 204 -39.97 4.98 6.93
C ASN C 204 -39.67 6.31 7.62
N VAL C 205 -39.31 6.26 8.90
CA VAL C 205 -39.00 7.47 9.64
C VAL C 205 -37.59 7.94 9.34
N LEU C 206 -36.62 7.00 9.37
CA LEU C 206 -35.21 7.34 9.35
C LEU C 206 -34.79 7.78 7.95
N ILE C 207 -35.59 7.40 6.96
CA ILE C 207 -35.26 7.65 5.57
C ILE C 207 -35.56 9.12 5.24
N ASP C 208 -36.47 9.76 5.97
CA ASP C 208 -36.61 11.21 5.97
C ASP C 208 -37.22 11.66 7.30
N PRO C 209 -36.42 11.81 8.38
CA PRO C 209 -36.96 12.14 9.69
C PRO C 209 -37.42 13.60 9.85
N GLU C 210 -36.85 14.51 9.04
CA GLU C 210 -37.27 15.89 9.07
C GLU C 210 -38.71 15.99 8.57
N ALA C 211 -39.07 15.21 7.55
CA ALA C 211 -40.44 15.17 7.09
C ALA C 211 -41.39 14.89 8.25
N ILE C 212 -41.14 13.84 9.04
CA ILE C 212 -42.10 13.47 10.06
C ILE C 212 -42.06 14.50 11.17
N SER C 213 -40.86 14.96 11.49
CA SER C 213 -40.71 16.02 12.47
C SER C 213 -41.55 17.22 12.08
N ASN C 214 -41.41 17.67 10.83
CA ASN C 214 -42.19 18.76 10.27
C ASN C 214 -43.69 18.50 10.45
N ILE C 215 -44.15 17.32 9.99
CA ILE C 215 -45.56 16.94 10.02
C ILE C 215 -46.09 17.02 11.44
N LEU C 216 -45.33 16.47 12.39
CA LEU C 216 -45.79 16.34 13.77
C LEU C 216 -45.90 17.71 14.42
N GLN C 217 -45.05 18.67 14.03
CA GLN C 217 -45.16 19.95 14.66
C GLN C 217 -46.02 20.89 13.81
N SER C 218 -46.66 20.39 12.74
CA SER C 218 -47.45 21.22 11.85
C SER C 218 -48.87 21.40 12.36
N GLY C 219 -49.28 20.62 13.37
CA GLY C 219 -50.66 20.61 13.82
C GLY C 219 -51.52 19.58 13.07
N VAL C 220 -50.87 18.73 12.28
CA VAL C 220 -51.54 17.58 11.68
C VAL C 220 -51.98 16.64 12.81
N ASP C 221 -53.11 15.98 12.61
CA ASP C 221 -53.59 14.95 13.52
C ASP C 221 -52.99 13.62 13.06
N TYR C 222 -52.07 13.06 13.85
CA TYR C 222 -51.21 11.98 13.41
C TYR C 222 -51.43 10.74 14.29
N THR C 223 -51.65 9.58 13.67
CA THR C 223 -51.60 8.32 14.39
C THR C 223 -50.49 7.45 13.82
N PHE C 224 -49.61 6.97 14.72
CA PHE C 224 -48.76 5.82 14.45
C PHE C 224 -49.60 4.56 14.63
N ALA C 225 -50.28 4.16 13.55
CA ALA C 225 -51.28 3.12 13.58
C ALA C 225 -50.65 1.73 13.53
N ALA C 226 -49.48 1.65 12.91
CA ALA C 226 -48.83 0.40 12.61
C ALA C 226 -47.33 0.52 12.78
N PRO C 227 -46.83 0.74 14.01
CA PRO C 227 -45.39 0.70 14.26
C PRO C 227 -44.94 -0.75 14.29
N LEU C 228 -43.62 -0.96 14.28
CA LEU C 228 -43.04 -2.30 14.35
C LEU C 228 -43.66 -3.04 15.54
N ASP C 229 -43.93 -2.31 16.62
CA ASP C 229 -44.54 -2.86 17.82
C ASP C 229 -45.67 -3.80 17.45
N ILE C 230 -46.52 -3.41 16.49
CA ILE C 230 -47.67 -4.20 16.08
C ILE C 230 -47.31 -5.11 14.92
N THR C 231 -46.73 -4.53 13.87
CA THR C 231 -46.58 -5.22 12.60
C THR C 231 -45.70 -6.46 12.76
N HIS C 232 -44.77 -6.43 13.74
CA HIS C 232 -43.93 -7.57 14.04
C HIS C 232 -44.72 -8.70 14.71
N THR C 233 -45.97 -8.44 15.11
CA THR C 233 -46.88 -9.46 15.60
C THR C 233 -47.94 -9.81 14.56
N VAL C 234 -47.74 -9.41 13.30
CA VAL C 234 -48.70 -9.68 12.23
C VAL C 234 -47.98 -10.46 11.14
N LEU C 235 -47.98 -11.79 11.29
CA LEU C 235 -47.03 -12.67 10.62
C LEU C 235 -47.75 -13.57 9.62
N VAL C 236 -47.11 -13.71 8.46
CA VAL C 236 -47.59 -14.57 7.39
C VAL C 236 -47.16 -16.01 7.68
N THR C 237 -47.95 -16.68 8.53
CA THR C 237 -47.74 -18.07 8.90
C THR C 237 -48.19 -18.98 7.76
N GLU C 238 -47.89 -20.28 7.85
CA GLU C 238 -48.35 -21.22 6.83
C GLU C 238 -49.86 -21.40 6.98
N LYS C 239 -50.37 -21.15 8.20
CA LYS C 239 -51.80 -21.11 8.47
C LYS C 239 -52.46 -20.01 7.65
N VAL C 240 -51.89 -18.80 7.70
CA VAL C 240 -52.41 -17.66 6.97
C VAL C 240 -52.36 -17.97 5.47
N ILE C 241 -51.28 -18.65 5.03
CA ILE C 241 -51.08 -19.00 3.64
C ILE C 241 -52.19 -19.93 3.15
N ASN C 242 -52.54 -20.93 3.97
CA ASN C 242 -53.54 -21.90 3.58
C ASN C 242 -54.90 -21.21 3.41
N ASP C 243 -55.18 -20.21 4.26
CA ASP C 243 -56.43 -19.48 4.18
C ASP C 243 -56.49 -18.65 2.91
N ILE C 244 -55.33 -18.13 2.50
CA ILE C 244 -55.22 -17.35 1.26
C ILE C 244 -55.56 -18.26 0.09
N LYS C 245 -54.89 -19.42 0.04
CA LYS C 245 -55.15 -20.44 -0.96
C LYS C 245 -56.63 -20.83 -0.95
N ALA C 246 -57.17 -21.08 0.26
CA ALA C 246 -58.57 -21.41 0.44
C ALA C 246 -59.46 -20.41 -0.29
N ALA C 247 -59.17 -19.12 -0.09
CA ALA C 247 -60.05 -18.06 -0.54
C ALA C 247 -59.84 -17.70 -2.02
N THR C 248 -58.68 -18.05 -2.60
CA THR C 248 -58.31 -17.54 -3.91
C THR C 248 -58.15 -18.63 -4.98
N GLU C 249 -57.57 -19.78 -4.64
CA GLU C 249 -57.33 -20.82 -5.65
C GLU C 249 -58.63 -21.18 -6.37
N PRO C 250 -59.75 -21.41 -5.64
CA PRO C 250 -61.04 -21.64 -6.28
C PRO C 250 -61.40 -20.70 -7.42
N TYR C 251 -61.00 -19.42 -7.32
CA TYR C 251 -61.49 -18.39 -8.23
C TYR C 251 -60.41 -17.99 -9.24
N SER C 252 -59.13 -18.06 -8.85
CA SER C 252 -58.04 -17.60 -9.69
C SER C 252 -56.72 -18.14 -9.16
N PRO C 253 -56.29 -19.34 -9.59
CA PRO C 253 -55.07 -19.96 -9.06
C PRO C 253 -53.79 -19.29 -9.56
N LYS C 254 -53.91 -18.42 -10.56
CA LYS C 254 -52.77 -17.62 -11.00
C LYS C 254 -52.51 -16.52 -9.97
N PHE C 255 -53.59 -15.83 -9.54
CA PHE C 255 -53.50 -14.80 -8.52
C PHE C 255 -52.93 -15.36 -7.23
N THR C 256 -53.26 -16.62 -6.94
CA THR C 256 -52.79 -17.31 -5.75
C THR C 256 -51.26 -17.35 -5.75
N GLU C 257 -50.67 -17.79 -6.87
CA GLU C 257 -49.22 -17.91 -7.00
C GLU C 257 -48.56 -16.56 -6.77
N MET C 258 -49.15 -15.53 -7.40
CA MET C 258 -48.61 -14.18 -7.36
C MET C 258 -48.60 -13.63 -5.94
N ILE C 259 -49.75 -13.66 -5.25
CA ILE C 259 -49.83 -13.02 -3.96
C ILE C 259 -48.92 -13.76 -2.97
N ILE C 260 -48.69 -15.06 -3.19
CA ILE C 260 -47.90 -15.85 -2.25
C ILE C 260 -46.41 -15.62 -2.52
N LYS C 261 -46.00 -15.58 -3.79
CA LYS C 261 -44.63 -15.24 -4.15
C LYS C 261 -44.24 -13.89 -3.55
N LEU C 262 -45.09 -12.88 -3.79
CA LEU C 262 -44.89 -11.55 -3.24
C LEU C 262 -44.75 -11.64 -1.71
N LEU C 263 -45.69 -12.35 -1.06
CA LEU C 263 -45.78 -12.36 0.39
C LEU C 263 -44.55 -13.03 1.03
N PHE C 264 -43.88 -13.92 0.29
CA PHE C 264 -42.77 -14.66 0.85
C PHE C 264 -41.45 -14.16 0.28
N PHE C 265 -41.43 -12.97 -0.34
CA PHE C 265 -40.29 -12.60 -1.18
C PHE C 265 -39.09 -12.19 -0.34
N PHE C 266 -39.27 -11.48 0.78
CA PHE C 266 -38.15 -11.10 1.63
C PHE C 266 -38.10 -11.98 2.88
N LYS C 267 -38.53 -13.24 2.72
CA LYS C 267 -38.85 -14.13 3.85
C LYS C 267 -37.57 -14.69 4.48
N ASP C 268 -36.61 -15.08 3.65
CA ASP C 268 -35.35 -15.66 4.11
C ASP C 268 -34.53 -14.65 4.90
N THR C 269 -34.40 -13.44 4.35
CA THR C 269 -33.79 -12.32 5.03
C THR C 269 -34.50 -12.06 6.36
N TYR C 270 -35.84 -12.10 6.36
CA TYR C 270 -36.59 -11.86 7.60
C TYR C 270 -36.24 -12.96 8.62
N ARG C 271 -36.03 -14.20 8.14
CA ARG C 271 -35.65 -15.30 9.01
C ARG C 271 -34.20 -15.15 9.49
N ASP C 272 -33.27 -14.92 8.54
CA ASP C 272 -31.83 -14.96 8.78
C ASP C 272 -31.31 -13.63 9.32
N VAL C 273 -31.76 -12.51 8.72
CA VAL C 273 -31.24 -11.20 9.07
C VAL C 273 -31.84 -10.80 10.41
N PHE C 274 -33.11 -11.18 10.63
CA PHE C 274 -33.91 -10.57 11.69
C PHE C 274 -34.46 -11.61 12.66
N GLY C 275 -34.52 -12.89 12.27
CA GLY C 275 -34.90 -13.96 13.19
C GLY C 275 -36.37 -14.39 13.06
N PHE C 276 -37.01 -14.02 11.95
CA PHE C 276 -38.43 -14.30 11.74
C PHE C 276 -38.60 -15.63 11.02
N ILE C 277 -39.14 -16.63 11.73
CA ILE C 277 -39.57 -17.86 11.10
C ILE C 277 -40.60 -17.51 10.02
N ASP C 278 -41.52 -16.59 10.35
CA ASP C 278 -42.53 -16.10 9.42
C ASP C 278 -42.46 -14.58 9.34
N PRO C 279 -42.54 -14.00 8.13
CA PRO C 279 -42.30 -12.57 7.97
C PRO C 279 -43.51 -11.72 8.35
N PRO C 280 -43.29 -10.45 8.77
CA PRO C 280 -44.40 -9.56 9.11
C PRO C 280 -45.01 -9.00 7.84
N LEU C 281 -46.24 -8.45 7.95
CA LEU C 281 -46.86 -7.72 6.86
C LEU C 281 -47.29 -6.37 7.40
N HIS C 282 -46.59 -5.31 6.99
CA HIS C 282 -46.60 -4.04 7.70
C HIS C 282 -47.79 -3.17 7.30
N ASP C 283 -47.77 -2.71 6.05
CA ASP C 283 -48.50 -1.52 5.64
C ASP C 283 -50.02 -1.71 5.66
N PRO C 284 -50.61 -2.86 5.27
CA PRO C 284 -52.06 -3.02 5.33
C PRO C 284 -52.65 -2.80 6.72
N VAL C 285 -51.84 -2.97 7.77
CA VAL C 285 -52.26 -2.69 9.13
C VAL C 285 -52.70 -1.23 9.27
N ALA C 286 -52.03 -0.31 8.56
CA ALA C 286 -52.32 1.11 8.62
C ALA C 286 -53.71 1.41 8.07
N ALA C 287 -54.01 0.84 6.90
CA ALA C 287 -55.33 0.93 6.28
C ALA C 287 -56.39 0.25 7.14
N PHE C 288 -56.00 -0.83 7.82
CA PHE C 288 -56.92 -1.53 8.70
C PHE C 288 -57.33 -0.66 9.88
N HIS C 289 -56.42 0.20 10.34
CA HIS C 289 -56.74 1.14 11.41
C HIS C 289 -57.88 2.04 10.96
N LEU C 290 -57.79 2.55 9.74
CA LEU C 290 -58.78 3.50 9.25
C LEU C 290 -60.11 2.78 9.00
N ILE C 291 -60.04 1.49 8.68
CA ILE C 291 -61.24 0.67 8.47
C ILE C 291 -61.89 0.35 9.81
N ALA C 292 -61.09 -0.11 10.79
CA ALA C 292 -61.63 -0.70 12.00
C ALA C 292 -60.71 -0.43 13.18
N PRO C 293 -60.74 0.81 13.76
CA PRO C 293 -59.82 1.19 14.83
C PRO C 293 -60.13 0.57 16.19
N GLU C 294 -61.27 -0.11 16.28
CA GLU C 294 -61.70 -0.72 17.53
C GLU C 294 -60.78 -1.89 17.92
N TRP C 295 -60.03 -2.43 16.96
CA TRP C 295 -59.14 -3.56 17.22
C TRP C 295 -57.77 -3.11 17.73
N PHE C 296 -57.56 -1.79 17.84
CA PHE C 296 -56.28 -1.24 18.25
C PHE C 296 -56.42 -0.57 19.61
N GLU C 297 -55.39 -0.72 20.46
CA GLU C 297 -55.18 0.17 21.59
C GLU C 297 -54.56 1.49 21.10
N HIS C 298 -54.74 2.55 21.88
CA HIS C 298 -54.31 3.88 21.52
C HIS C 298 -53.83 4.61 22.78
N VAL C 299 -52.76 5.37 22.65
CA VAL C 299 -52.39 6.29 23.71
C VAL C 299 -51.90 7.57 23.06
N ARG C 300 -52.28 8.72 23.65
CA ARG C 300 -51.78 10.02 23.22
C ARG C 300 -50.46 10.27 23.93
N CYS C 301 -49.51 10.89 23.22
CA CYS C 301 -48.27 11.34 23.84
C CYS C 301 -47.62 12.42 23.00
N HIS C 302 -46.51 12.95 23.49
CA HIS C 302 -45.66 13.81 22.70
C HIS C 302 -44.56 12.95 22.11
N VAL C 303 -44.48 12.94 20.76
CA VAL C 303 -43.41 12.24 20.06
C VAL C 303 -42.41 13.26 19.52
N ASP C 304 -41.14 13.05 19.86
CA ASP C 304 -40.02 13.75 19.27
C ASP C 304 -39.31 12.83 18.30
N ILE C 305 -39.01 13.33 17.10
CA ILE C 305 -38.27 12.59 16.08
C ILE C 305 -36.81 13.03 16.12
N GLU C 306 -35.90 12.07 16.28
CA GLU C 306 -34.47 12.37 16.31
C GLU C 306 -34.00 12.74 14.91
N THR C 307 -33.40 13.92 14.80
CA THR C 307 -32.81 14.37 13.54
C THR C 307 -31.33 14.67 13.72
N LYS C 308 -30.94 15.21 14.88
CA LYS C 308 -29.57 15.58 15.17
C LYS C 308 -28.69 14.34 15.32
N GLY C 309 -29.28 13.25 15.78
CA GLY C 309 -28.53 12.06 16.14
C GLY C 309 -27.84 11.41 14.96
N GLU C 310 -26.60 10.97 15.20
CA GLU C 310 -25.72 10.44 14.19
C GLU C 310 -26.05 8.99 13.85
N TYR C 311 -26.35 8.20 14.88
CA TYR C 311 -26.61 6.78 14.75
C TYR C 311 -28.07 6.46 15.03
N THR C 312 -28.86 7.50 15.32
CA THR C 312 -30.17 7.36 15.94
C THR C 312 -31.22 8.25 15.27
N TYR C 313 -30.87 8.89 14.14
CA TYR C 313 -31.86 9.69 13.43
C TYR C 313 -33.01 8.77 13.07
N GLY C 314 -34.22 9.30 13.22
CA GLY C 314 -35.46 8.60 12.90
C GLY C 314 -36.05 7.91 14.11
N CYS C 315 -35.39 7.99 15.27
CA CYS C 315 -35.92 7.43 16.50
C CYS C 315 -37.18 8.19 16.90
N CYS C 316 -38.27 7.45 17.17
CA CYS C 316 -39.49 8.01 17.71
C CYS C 316 -39.41 7.98 19.24
N CYS C 317 -39.15 9.15 19.83
CA CYS C 317 -38.92 9.26 21.26
C CYS C 317 -40.16 9.92 21.90
N THR C 318 -40.88 9.14 22.70
CA THR C 318 -42.10 9.62 23.31
C THR C 318 -41.86 9.87 24.79
N ASN C 319 -42.81 10.56 25.42
CA ASN C 319 -42.74 10.87 26.84
C ASN C 319 -43.65 9.93 27.61
N LEU C 320 -43.99 8.76 27.02
CA LEU C 320 -44.90 7.82 27.65
C LEU C 320 -44.40 7.43 29.05
N ILE C 321 -43.08 7.26 29.19
CA ILE C 321 -42.48 6.88 30.46
C ILE C 321 -42.43 8.08 31.41
N LEU C 322 -42.20 9.30 30.91
CA LEU C 322 -42.28 10.47 31.77
C LEU C 322 -43.66 10.55 32.41
N LYS C 323 -44.70 10.22 31.66
CA LYS C 323 -46.07 10.38 32.12
C LYS C 323 -46.46 9.38 33.19
N LYS C 324 -45.79 8.22 33.26
CA LYS C 324 -45.97 7.35 34.40
C LYS C 324 -45.15 7.88 35.57
N LYS C 325 -43.88 8.23 35.33
CA LYS C 325 -42.98 8.74 36.37
C LYS C 325 -43.61 9.95 37.06
N ASP C 326 -43.97 10.96 36.28
CA ASP C 326 -44.42 12.21 36.87
C ASP C 326 -45.23 12.99 35.84
N PRO C 327 -46.54 12.67 35.71
CA PRO C 327 -47.38 13.29 34.69
C PRO C 327 -47.53 14.80 34.90
N THR C 328 -47.22 15.27 36.12
CA THR C 328 -47.57 16.64 36.47
C THR C 328 -46.50 17.62 36.01
N LYS C 329 -45.35 17.12 35.54
CA LYS C 329 -44.26 17.98 35.12
C LYS C 329 -44.12 17.98 33.62
N ILE C 330 -45.06 17.36 32.91
CA ILE C 330 -44.98 17.32 31.46
C ILE C 330 -45.29 18.71 30.91
N VAL C 331 -44.31 19.40 30.30
CA VAL C 331 -44.53 20.76 29.81
C VAL C 331 -44.63 20.73 28.28
N LYS C 332 -45.05 19.59 27.73
CA LYS C 332 -45.15 19.45 26.27
C LYS C 332 -46.50 18.84 25.90
N PRO C 333 -47.28 19.50 25.02
CA PRO C 333 -48.58 18.96 24.64
C PRO C 333 -48.40 17.64 23.90
N ASP C 334 -49.39 16.73 24.01
CA ASP C 334 -49.41 15.56 23.15
C ASP C 334 -49.44 16.03 21.69
N ASN C 335 -48.92 15.22 20.76
CA ASN C 335 -48.99 15.56 19.34
C ASN C 335 -49.29 14.34 18.48
N ALA C 336 -49.36 13.16 19.07
CA ALA C 336 -49.69 11.97 18.31
C ALA C 336 -50.48 11.00 19.16
N THR C 337 -51.18 10.12 18.47
CA THR C 337 -51.67 8.88 19.05
C THR C 337 -50.72 7.78 18.63
N VAL C 338 -50.42 6.86 19.55
CA VAL C 338 -49.60 5.70 19.23
C VAL C 338 -50.42 4.44 19.49
N CYS C 339 -50.43 3.52 18.52
CA CYS C 339 -51.04 2.21 18.70
C CYS C 339 -49.97 1.16 18.97
N LEU C 340 -49.88 0.73 20.24
CA LEU C 340 -48.77 -0.06 20.73
C LEU C 340 -49.03 -1.56 20.56
N LYS C 341 -50.27 -1.94 20.23
CA LYS C 341 -50.69 -3.32 20.31
C LYS C 341 -52.13 -3.44 19.79
N LEU C 342 -52.50 -4.60 19.25
CA LEU C 342 -53.89 -4.89 18.92
C LEU C 342 -54.62 -5.42 20.16
N LYS C 343 -55.91 -5.10 20.28
CA LYS C 343 -56.76 -5.77 21.24
C LYS C 343 -56.91 -7.23 20.84
N GLU C 344 -57.32 -8.08 21.78
CA GLU C 344 -57.54 -9.49 21.48
C GLU C 344 -58.65 -9.59 20.44
N GLY C 345 -58.46 -10.48 19.45
CA GLY C 345 -59.34 -10.60 18.31
C GLY C 345 -58.81 -9.84 17.09
N GLY C 346 -57.95 -8.83 17.34
CA GLY C 346 -57.47 -7.92 16.32
C GLY C 346 -56.73 -8.62 15.19
N HIS C 347 -55.89 -9.59 15.54
CA HIS C 347 -55.12 -10.30 14.53
C HIS C 347 -56.04 -11.11 13.62
N ASP C 348 -57.00 -11.82 14.22
CA ASP C 348 -57.97 -12.58 13.46
C ASP C 348 -58.79 -11.64 12.58
N ALA C 349 -59.27 -10.54 13.17
CA ALA C 349 -60.07 -9.56 12.46
C ALA C 349 -59.28 -9.00 11.28
N PHE C 350 -57.99 -8.70 11.48
CA PHE C 350 -57.13 -8.21 10.41
C PHE C 350 -57.06 -9.22 9.28
N TRP C 351 -56.79 -10.48 9.61
CA TRP C 351 -56.59 -11.50 8.59
C TRP C 351 -57.90 -11.85 7.88
N ASN C 352 -59.05 -11.77 8.56
CA ASN C 352 -60.33 -12.01 7.90
C ASN C 352 -60.58 -10.90 6.89
N GLN C 353 -60.28 -9.67 7.30
CA GLN C 353 -60.39 -8.52 6.44
C GLN C 353 -59.51 -8.70 5.21
N MET C 354 -58.25 -9.10 5.44
CA MET C 354 -57.27 -9.15 4.37
C MET C 354 -57.64 -10.27 3.40
N ILE C 355 -58.02 -11.44 3.93
CA ILE C 355 -58.30 -12.61 3.11
C ILE C 355 -59.61 -12.41 2.35
N THR C 356 -60.62 -11.79 2.97
CA THR C 356 -61.83 -11.41 2.25
C THR C 356 -61.45 -10.67 0.97
N VAL C 357 -60.64 -9.61 1.12
CA VAL C 357 -60.30 -8.73 0.01
C VAL C 357 -59.57 -9.55 -1.05
N TRP C 358 -58.61 -10.38 -0.64
CA TRP C 358 -57.88 -11.20 -1.58
C TRP C 358 -58.83 -12.12 -2.34
N GLY C 359 -59.80 -12.70 -1.63
CA GLY C 359 -60.84 -13.52 -2.23
C GLY C 359 -61.61 -12.77 -3.30
N GLU C 360 -62.05 -11.54 -2.98
CA GLU C 360 -62.82 -10.70 -3.89
C GLU C 360 -61.97 -10.33 -5.12
N ILE C 361 -60.67 -10.11 -4.90
CA ILE C 361 -59.76 -9.80 -6.00
C ILE C 361 -59.63 -11.03 -6.90
N ALA C 362 -59.46 -12.20 -6.30
CA ALA C 362 -59.36 -13.46 -7.03
C ALA C 362 -60.58 -13.68 -7.92
N LYS C 363 -61.77 -13.30 -7.41
CA LYS C 363 -63.02 -13.43 -8.15
C LYS C 363 -63.03 -12.54 -9.39
N GLU C 364 -62.52 -11.30 -9.27
CA GLU C 364 -62.54 -10.36 -10.37
C GLU C 364 -61.51 -10.75 -11.44
N ILE C 365 -60.39 -11.35 -11.04
CA ILE C 365 -59.38 -11.75 -12.00
C ILE C 365 -59.83 -13.01 -12.74
N GLY C 366 -60.38 -14.00 -12.00
CA GLY C 366 -61.10 -15.12 -12.58
C GLY C 366 -60.20 -16.08 -13.35
N MET D 21 -26.29 40.13 -26.24
CA MET D 21 -27.08 41.35 -25.89
C MET D 21 -27.58 41.27 -24.46
N SER D 22 -28.82 40.85 -24.14
CA SER D 22 -29.32 40.97 -22.77
C SER D 22 -29.71 39.61 -22.20
N ILE D 23 -29.70 39.51 -20.88
CA ILE D 23 -29.75 38.23 -20.19
C ILE D 23 -31.14 38.04 -19.60
N LYS D 24 -31.78 36.93 -19.95
CA LYS D 24 -33.01 36.53 -19.29
C LYS D 24 -32.69 36.01 -17.88
N CYS D 25 -33.45 36.51 -16.90
CA CYS D 25 -33.22 36.15 -15.51
C CYS D 25 -34.52 36.26 -14.71
N ALA D 26 -34.50 35.71 -13.51
CA ALA D 26 -35.61 35.80 -12.59
C ALA D 26 -35.09 36.31 -11.25
N LEU D 27 -35.96 36.92 -10.45
CA LEU D 27 -35.53 37.51 -9.19
C LEU D 27 -36.29 36.81 -8.07
N ASP D 28 -35.54 36.34 -7.07
CA ASP D 28 -36.11 35.76 -5.87
C ASP D 28 -35.60 36.58 -4.71
N CYS D 29 -36.49 37.13 -3.88
CA CYS D 29 -36.09 38.16 -2.92
C CYS D 29 -37.16 38.39 -1.86
N ASP D 30 -36.81 39.21 -0.85
CA ASP D 30 -37.66 39.49 0.31
C ASP D 30 -37.70 40.98 0.60
N PRO D 31 -38.14 41.86 -0.33
CA PRO D 31 -38.06 43.31 -0.10
C PRO D 31 -38.77 43.74 1.18
N GLY D 32 -38.10 44.51 2.05
CA GLY D 32 -36.67 44.78 2.02
C GLY D 32 -36.30 46.00 1.19
N HIS D 33 -35.59 46.95 1.82
CA HIS D 33 -35.17 48.17 1.16
C HIS D 33 -34.10 47.90 0.10
N ASP D 34 -33.16 46.98 0.38
CA ASP D 34 -32.12 46.66 -0.60
C ASP D 34 -32.71 45.89 -1.78
N ASP D 35 -33.67 44.98 -1.50
CA ASP D 35 -34.24 44.16 -2.55
C ASP D 35 -35.00 45.09 -3.50
N LEU D 36 -35.64 46.11 -2.93
CA LEU D 36 -36.30 47.15 -3.72
C LEU D 36 -35.29 47.84 -4.65
N ALA D 37 -34.09 48.11 -4.14
CA ALA D 37 -33.04 48.74 -4.92
C ALA D 37 -32.56 47.79 -6.02
N MET D 38 -32.49 46.50 -5.71
CA MET D 38 -31.99 45.50 -6.64
C MET D 38 -32.99 45.30 -7.77
N ILE D 39 -34.29 45.29 -7.41
CA ILE D 39 -35.35 45.15 -8.38
C ILE D 39 -35.26 46.32 -9.34
N MET D 40 -35.16 47.54 -8.79
CA MET D 40 -35.01 48.73 -9.61
C MET D 40 -33.85 48.56 -10.59
N LEU D 41 -32.68 48.13 -10.10
CA LEU D 41 -31.51 47.94 -10.95
C LEU D 41 -31.79 46.94 -12.06
N ALA D 42 -32.30 45.75 -11.72
CA ALA D 42 -32.45 44.66 -12.67
C ALA D 42 -33.47 45.02 -13.74
N VAL D 43 -34.63 45.54 -13.33
CA VAL D 43 -35.72 45.84 -14.23
C VAL D 43 -35.26 46.92 -15.23
N TYR D 44 -34.91 48.10 -14.73
CA TYR D 44 -34.54 49.23 -15.57
C TYR D 44 -33.19 49.02 -16.26
N SER D 45 -32.34 48.10 -15.80
CA SER D 45 -31.14 47.78 -16.55
C SER D 45 -31.51 47.15 -17.88
N PRO D 46 -31.03 47.71 -19.02
CA PRO D 46 -31.27 47.10 -20.33
C PRO D 46 -30.58 45.74 -20.48
N LYS D 47 -29.56 45.51 -19.66
CA LYS D 47 -28.73 44.32 -19.74
C LYS D 47 -29.47 43.09 -19.20
N LEU D 48 -30.44 43.30 -18.30
CA LEU D 48 -31.18 42.20 -17.71
C LEU D 48 -32.64 42.26 -18.15
N ASP D 49 -33.17 41.08 -18.50
CA ASP D 49 -34.51 40.90 -18.99
C ASP D 49 -35.31 40.08 -17.97
N VAL D 50 -35.88 40.77 -16.98
CA VAL D 50 -36.50 40.12 -15.83
C VAL D 50 -37.78 39.42 -16.28
N GLN D 51 -37.85 38.09 -16.09
CA GLN D 51 -38.98 37.28 -16.51
C GLN D 51 -40.10 37.25 -15.45
N TYR D 52 -39.70 37.15 -14.18
CA TYR D 52 -40.64 37.21 -13.08
C TYR D 52 -39.88 37.59 -11.82
N ILE D 53 -40.63 37.88 -10.75
CA ILE D 53 -40.09 37.97 -9.42
C ILE D 53 -40.81 36.98 -8.50
N SER D 54 -40.04 36.13 -7.80
CA SER D 54 -40.58 35.29 -6.74
C SER D 54 -40.15 35.90 -5.41
N THR D 55 -41.09 35.96 -4.47
CA THR D 55 -40.79 36.45 -3.14
C THR D 55 -40.75 35.29 -2.16
N THR D 56 -40.05 35.54 -1.05
CA THR D 56 -39.81 34.54 -0.04
C THR D 56 -39.87 35.22 1.32
N HIS D 57 -39.97 34.39 2.36
CA HIS D 57 -39.94 34.84 3.73
C HIS D 57 -38.55 35.39 4.06
N GLY D 58 -38.50 36.22 5.10
CA GLY D 58 -37.23 36.72 5.56
C GLY D 58 -37.40 37.90 6.50
N ASN D 59 -37.09 39.09 5.97
CA ASN D 59 -37.36 40.35 6.61
C ASN D 59 -38.77 40.33 7.19
N GLN D 60 -39.76 40.29 6.31
CA GLN D 60 -41.15 40.06 6.71
C GLN D 60 -41.61 38.67 6.30
N THR D 61 -42.87 38.38 6.64
CA THR D 61 -43.58 37.23 6.10
C THR D 61 -43.66 37.33 4.58
N VAL D 62 -43.74 36.19 3.90
CA VAL D 62 -43.68 36.15 2.45
C VAL D 62 -44.84 36.94 1.86
N ASN D 63 -45.91 37.11 2.65
CA ASN D 63 -47.06 37.84 2.16
C ASN D 63 -46.72 39.33 2.04
N LYS D 64 -46.04 39.88 3.05
CA LYS D 64 -45.64 41.27 3.00
C LYS D 64 -44.55 41.50 1.94
N THR D 65 -43.59 40.59 1.84
CA THR D 65 -42.52 40.73 0.86
C THR D 65 -43.13 40.75 -0.54
N TYR D 66 -44.12 39.90 -0.76
CA TYR D 66 -44.83 39.83 -2.04
C TYR D 66 -45.39 41.20 -2.40
N GLN D 67 -46.06 41.84 -1.45
CA GLN D 67 -46.65 43.14 -1.73
C GLN D 67 -45.57 44.19 -1.93
N ASN D 68 -44.49 44.09 -1.15
CA ASN D 68 -43.36 45.00 -1.22
C ASN D 68 -42.70 44.94 -2.60
N ALA D 69 -42.72 43.76 -3.22
CA ALA D 69 -42.20 43.63 -4.56
C ALA D 69 -43.11 44.36 -5.53
N ARG D 70 -44.43 44.17 -5.37
CA ARG D 70 -45.41 44.79 -6.26
C ARG D 70 -45.38 46.31 -6.13
N ARG D 71 -45.13 46.81 -4.91
CA ARG D 71 -44.99 48.22 -4.66
C ARG D 71 -43.77 48.79 -5.40
N THR D 72 -42.65 48.05 -5.33
CA THR D 72 -41.45 48.46 -6.02
C THR D 72 -41.77 48.65 -7.50
N LEU D 73 -42.44 47.64 -8.06
CA LEU D 73 -42.76 47.60 -9.48
C LEU D 73 -43.69 48.75 -9.86
N ASN D 74 -44.71 48.98 -9.02
CA ASN D 74 -45.76 49.95 -9.32
C ASN D 74 -45.19 51.37 -9.20
N LEU D 75 -44.27 51.56 -8.25
CA LEU D 75 -43.56 52.81 -8.09
C LEU D 75 -42.77 53.15 -9.36
N ILE D 76 -42.19 52.12 -10.01
CA ILE D 76 -41.30 52.32 -11.16
C ILE D 76 -42.06 52.04 -12.46
N LYS D 77 -43.39 51.91 -12.36
CA LYS D 77 -44.26 51.83 -13.52
C LYS D 77 -44.05 50.49 -14.25
N ARG D 78 -44.11 49.37 -13.53
CA ARG D 78 -43.84 48.08 -14.15
C ARG D 78 -44.74 46.97 -13.60
N ALA D 79 -45.71 47.29 -12.73
CA ALA D 79 -46.46 46.28 -12.01
C ALA D 79 -47.48 45.58 -12.91
N ASP D 80 -47.69 46.15 -14.10
CA ASP D 80 -48.62 45.62 -15.09
C ASP D 80 -47.89 44.73 -16.10
N LYS D 81 -46.54 44.69 -16.00
CA LYS D 81 -45.69 44.04 -16.99
C LYS D 81 -45.12 42.73 -16.45
N ILE D 82 -44.57 42.77 -15.23
CA ILE D 82 -43.81 41.67 -14.67
C ILE D 82 -44.67 40.91 -13.66
N PRO D 83 -44.79 39.58 -13.80
CA PRO D 83 -45.51 38.77 -12.81
C PRO D 83 -44.72 38.61 -11.53
N VAL D 84 -45.40 38.73 -10.39
CA VAL D 84 -44.80 38.49 -9.09
C VAL D 84 -45.48 37.28 -8.47
N TYR D 85 -44.66 36.27 -8.08
CA TYR D 85 -45.12 35.07 -7.41
C TYR D 85 -44.86 35.18 -5.92
N ARG D 86 -45.86 34.77 -5.12
CA ARG D 86 -45.71 34.71 -3.68
C ARG D 86 -45.27 33.29 -3.34
N GLY D 87 -44.07 33.16 -2.74
CA GLY D 87 -43.41 31.88 -2.55
C GLY D 87 -43.62 31.28 -1.17
N TYR D 88 -42.65 30.47 -0.73
CA TYR D 88 -42.77 29.71 0.49
C TYR D 88 -42.57 30.64 1.69
N SER D 89 -43.28 30.31 2.78
CA SER D 89 -43.47 31.16 3.95
C SER D 89 -42.51 30.83 5.09
N LYS D 90 -41.85 29.67 5.06
CA LYS D 90 -40.97 29.29 6.15
C LYS D 90 -39.82 28.45 5.60
N PRO D 91 -38.72 28.30 6.37
CA PRO D 91 -37.63 27.40 6.00
C PRO D 91 -38.08 25.95 5.83
N LEU D 92 -37.22 25.15 5.17
CA LEU D 92 -37.48 23.75 4.90
C LEU D 92 -37.82 23.01 6.18
N THR D 93 -36.96 23.13 7.19
CA THR D 93 -37.06 22.34 8.39
C THR D 93 -36.93 23.19 9.66
N ARG D 94 -37.04 24.51 9.54
CA ARG D 94 -36.85 25.39 10.68
C ARG D 94 -38.01 26.39 10.76
N GLU D 95 -38.07 27.07 11.92
CA GLU D 95 -39.04 28.13 12.13
C GLU D 95 -38.50 29.41 11.48
N SER D 96 -39.42 30.27 11.05
CA SER D 96 -39.05 31.59 10.54
C SER D 96 -38.33 32.36 11.62
N VAL D 97 -37.67 33.45 11.22
CA VAL D 97 -37.23 34.50 12.14
C VAL D 97 -36.44 35.52 11.31
N LEU D 108 -41.00 47.77 4.41
CA LEU D 108 -40.50 48.75 3.40
C LEU D 108 -40.76 50.15 3.93
N GLY D 109 -40.43 50.37 5.21
CA GLY D 109 -40.86 51.54 5.94
C GLY D 109 -40.05 52.79 5.58
N GLY D 110 -40.49 53.93 6.14
CA GLY D 110 -39.91 55.23 5.85
C GLY D 110 -40.75 56.03 4.87
N VAL D 111 -41.81 55.41 4.34
CA VAL D 111 -42.56 55.94 3.22
C VAL D 111 -44.01 55.47 3.34
N ASP D 112 -44.93 56.28 2.77
CA ASP D 112 -46.35 56.01 2.78
C ASP D 112 -46.75 55.35 1.46
N TRP D 113 -47.25 54.11 1.55
CA TRP D 113 -47.52 53.31 0.35
C TRP D 113 -48.99 53.34 -0.03
N SER D 114 -49.81 54.12 0.67
CA SER D 114 -51.26 54.11 0.49
C SER D 114 -51.64 54.39 -0.96
N GLU D 115 -50.91 55.29 -1.64
CA GLU D 115 -51.20 55.65 -3.02
C GLU D 115 -50.78 54.50 -3.96
N ILE D 116 -49.52 54.06 -3.81
CA ILE D 116 -48.98 52.98 -4.62
C ILE D 116 -49.83 51.73 -4.44
N ASP D 117 -50.42 51.58 -3.24
CA ASP D 117 -51.26 50.45 -2.93
C ASP D 117 -52.59 50.50 -3.69
N ARG D 118 -53.29 51.65 -3.66
CA ARG D 118 -54.64 51.68 -4.22
C ARG D 118 -54.60 51.84 -5.75
N THR D 119 -53.48 52.27 -6.31
CA THR D 119 -53.37 52.39 -7.76
C THR D 119 -52.64 51.19 -8.36
N MET D 120 -52.56 50.12 -7.58
CA MET D 120 -51.84 48.91 -7.95
C MET D 120 -52.62 48.19 -9.04
N PRO D 121 -52.04 47.97 -10.24
CA PRO D 121 -52.70 47.15 -11.26
C PRO D 121 -52.70 45.66 -10.90
N ARG D 122 -53.59 44.93 -11.57
CA ARG D 122 -53.70 43.49 -11.43
C ARG D 122 -52.35 42.84 -11.73
N ASN D 123 -52.06 41.76 -10.99
CA ASN D 123 -50.80 41.05 -11.07
C ASN D 123 -50.85 40.16 -12.30
N PRO D 124 -49.98 40.40 -13.32
CA PRO D 124 -49.86 39.50 -14.47
C PRO D 124 -49.77 38.02 -14.11
N ALA D 125 -49.29 37.72 -12.90
CA ALA D 125 -49.14 36.33 -12.46
C ALA D 125 -50.50 35.63 -12.47
N LEU D 126 -51.56 36.36 -12.11
CA LEU D 126 -52.89 35.76 -11.95
C LEU D 126 -53.40 35.26 -13.30
N ASP D 127 -53.11 36.01 -14.37
CA ASP D 127 -53.60 35.67 -15.69
C ASP D 127 -52.81 34.45 -16.17
N ILE D 128 -51.50 34.42 -15.90
CA ILE D 128 -50.66 33.29 -16.22
C ILE D 128 -51.23 32.02 -15.58
N LEU D 129 -51.72 32.15 -14.33
CA LEU D 129 -52.04 31.00 -13.51
C LEU D 129 -53.49 30.55 -13.68
N GLY D 130 -54.36 31.45 -14.16
CA GLY D 130 -55.79 31.18 -14.24
C GLY D 130 -56.55 31.58 -12.98
N TYR D 131 -55.94 32.40 -12.13
CA TYR D 131 -56.53 32.83 -10.88
C TYR D 131 -57.35 34.11 -11.08
N LYS D 132 -58.35 34.29 -10.22
CA LYS D 132 -59.17 35.49 -10.23
C LYS D 132 -58.52 36.53 -9.33
N ASP D 133 -58.09 36.11 -8.13
CA ASP D 133 -57.50 37.04 -7.19
C ASP D 133 -56.32 36.38 -6.46
N GLU D 134 -55.69 37.18 -5.58
CA GLU D 134 -54.40 36.87 -4.99
C GLU D 134 -54.51 35.82 -3.88
N SER D 135 -55.72 35.57 -3.38
CA SER D 135 -55.89 34.53 -2.38
C SER D 135 -55.55 33.16 -2.96
N GLU D 136 -55.62 33.05 -4.29
CA GLU D 136 -55.39 31.78 -4.95
C GLU D 136 -53.89 31.51 -5.14
N LEU D 137 -53.04 32.52 -4.97
CA LEU D 137 -51.60 32.33 -5.12
C LEU D 137 -51.10 31.30 -4.12
N ARG D 138 -50.23 30.40 -4.59
CA ARG D 138 -49.66 29.32 -3.80
C ARG D 138 -48.15 29.35 -3.93
N PRO D 139 -47.40 28.82 -2.93
CA PRO D 139 -45.94 28.90 -2.96
C PRO D 139 -45.28 28.33 -4.22
N ASP D 140 -45.90 27.33 -4.86
CA ASP D 140 -45.24 26.61 -5.92
C ASP D 140 -45.69 27.08 -7.31
N ASP D 141 -46.36 28.26 -7.38
CA ASP D 141 -46.87 28.79 -8.63
C ASP D 141 -45.74 29.07 -9.63
N PHE D 142 -44.56 29.46 -9.16
CA PHE D 142 -43.51 29.87 -10.07
C PHE D 142 -42.85 28.65 -10.74
N PHE D 143 -43.08 27.44 -10.20
CA PHE D 143 -42.34 26.26 -10.65
C PHE D 143 -42.50 26.04 -12.16
N LYS D 144 -43.74 26.01 -12.67
CA LYS D 144 -43.96 25.70 -14.07
C LYS D 144 -43.31 26.77 -14.95
N HIS D 145 -43.39 28.04 -14.52
CA HIS D 145 -42.85 29.15 -15.28
C HIS D 145 -41.32 29.07 -15.35
N LEU D 146 -40.69 28.76 -14.20
CA LEU D 146 -39.25 28.61 -14.15
C LEU D 146 -38.84 27.46 -15.07
N HIS D 147 -39.62 26.38 -15.09
CA HIS D 147 -39.25 25.19 -15.83
C HIS D 147 -39.28 25.43 -17.35
N ARG D 148 -40.21 26.28 -17.81
CA ARG D 148 -40.24 26.68 -19.21
C ARG D 148 -38.95 27.44 -19.53
N LEU D 149 -38.61 28.42 -18.69
CA LEU D 149 -37.41 29.23 -18.88
C LEU D 149 -36.15 28.36 -18.90
N VAL D 150 -36.09 27.35 -18.02
CA VAL D 150 -34.89 26.54 -17.89
C VAL D 150 -34.77 25.63 -19.11
N SER D 151 -35.89 25.04 -19.55
CA SER D 151 -35.90 24.21 -20.75
C SER D 151 -35.49 25.05 -21.94
N ALA D 152 -36.07 26.25 -22.05
CA ALA D 152 -35.76 27.19 -23.12
C ALA D 152 -34.27 27.59 -23.10
N ALA D 153 -33.69 27.77 -21.92
CA ALA D 153 -32.32 28.23 -21.81
C ALA D 153 -31.37 27.45 -22.73
N GLU D 154 -30.55 28.19 -23.50
CA GLU D 154 -29.53 27.62 -24.36
C GLU D 154 -28.53 26.84 -23.51
N ASP D 155 -27.93 27.52 -22.50
CA ASP D 155 -26.92 26.94 -21.64
C ASP D 155 -27.52 26.75 -20.24
N LYS D 156 -27.54 27.83 -19.44
CA LYS D 156 -28.18 27.83 -18.14
C LYS D 156 -29.04 29.09 -18.00
N PHE D 157 -30.07 29.01 -17.16
CA PHE D 157 -30.93 30.13 -16.86
C PHE D 157 -30.50 30.79 -15.56
N ASP D 158 -30.59 32.12 -15.50
CA ASP D 158 -30.01 32.91 -14.43
C ASP D 158 -31.07 33.34 -13.42
N ILE D 159 -30.74 33.14 -12.13
CA ILE D 159 -31.58 33.53 -11.03
C ILE D 159 -30.74 34.39 -10.09
N ILE D 160 -31.28 35.55 -9.73
CA ILE D 160 -30.68 36.40 -8.72
C ILE D 160 -31.48 36.18 -7.45
N SER D 161 -30.79 35.77 -6.37
CA SER D 161 -31.41 35.50 -5.08
C SER D 161 -30.81 36.44 -4.04
N THR D 162 -31.65 37.21 -3.35
CA THR D 162 -31.17 38.16 -2.35
C THR D 162 -31.97 38.07 -1.05
N GLY D 163 -32.74 36.98 -0.88
CA GLY D 163 -33.38 36.66 0.40
C GLY D 163 -33.00 35.24 0.81
N SER D 164 -33.84 34.59 1.63
CA SER D 164 -33.67 33.15 1.86
C SER D 164 -33.82 32.41 0.55
N GLU D 165 -33.20 31.23 0.44
CA GLU D 165 -33.16 30.49 -0.81
C GLU D 165 -34.04 29.24 -0.74
N THR D 166 -35.02 29.28 0.18
CA THR D 166 -36.05 28.27 0.35
C THR D 166 -36.77 27.93 -0.95
N ASN D 167 -37.16 28.96 -1.72
CA ASN D 167 -37.91 28.80 -2.96
C ASN D 167 -37.14 27.93 -3.95
N ILE D 168 -35.84 28.15 -4.05
CA ILE D 168 -35.01 27.47 -5.03
C ILE D 168 -34.73 26.04 -4.59
N ALA D 169 -34.54 25.85 -3.28
CA ALA D 169 -34.38 24.52 -2.71
C ALA D 169 -35.63 23.69 -2.98
N GLN D 170 -36.78 24.32 -2.75
CA GLN D 170 -38.08 23.71 -3.00
CA GLN D 170 -38.08 23.71 -3.00
C GLN D 170 -38.23 23.34 -4.48
N TYR D 171 -37.90 24.30 -5.36
CA TYR D 171 -37.99 24.07 -6.79
C TYR D 171 -37.18 22.84 -7.18
N LEU D 172 -35.96 22.76 -6.64
CA LEU D 172 -34.97 21.76 -7.03
C LEU D 172 -35.36 20.39 -6.51
N LEU D 173 -36.11 20.36 -5.40
CA LEU D 173 -36.62 19.11 -4.85
C LEU D 173 -37.73 18.58 -5.76
N ALA D 174 -38.37 19.49 -6.50
CA ALA D 174 -39.41 19.11 -7.45
C ALA D 174 -38.83 18.94 -8.86
N TYR D 175 -37.74 19.65 -9.17
CA TYR D 175 -37.13 19.61 -10.50
C TYR D 175 -35.63 19.34 -10.35
N PRO D 176 -35.26 18.17 -9.82
CA PRO D 176 -33.85 17.83 -9.58
C PRO D 176 -32.98 18.01 -10.82
N GLU D 177 -33.51 17.57 -11.96
CA GLU D 177 -32.78 17.48 -13.21
C GLU D 177 -32.50 18.89 -13.77
N ASP D 178 -33.27 19.91 -13.35
CA ASP D 178 -33.06 21.27 -13.80
C ASP D 178 -31.86 21.93 -13.14
N ALA D 179 -31.29 21.30 -12.09
CA ALA D 179 -30.23 21.90 -11.30
C ALA D 179 -29.04 22.29 -12.18
N LYS D 180 -28.69 21.40 -13.12
CA LYS D 180 -27.49 21.58 -13.93
C LYS D 180 -27.70 22.69 -14.96
N LYS D 181 -28.94 23.14 -15.16
CA LYS D 181 -29.25 24.20 -16.11
C LYS D 181 -29.65 25.50 -15.40
N ILE D 182 -29.34 25.66 -14.11
CA ILE D 182 -29.64 26.90 -13.42
C ILE D 182 -28.33 27.50 -12.93
N ARG D 183 -28.19 28.82 -13.14
CA ARG D 183 -27.08 29.58 -12.59
C ARG D 183 -27.62 30.57 -11.56
N MET D 184 -26.98 30.61 -10.39
CA MET D 184 -27.47 31.41 -9.29
C MET D 184 -26.41 32.44 -8.90
N THR D 185 -26.89 33.66 -8.66
CA THR D 185 -26.06 34.79 -8.30
C THR D 185 -26.70 35.39 -7.06
N THR D 186 -26.02 35.31 -5.91
CA THR D 186 -26.69 35.57 -4.65
C THR D 186 -26.01 36.70 -3.89
N MET D 187 -26.84 37.47 -3.18
CA MET D 187 -26.41 38.20 -1.99
C MET D 187 -26.64 37.29 -0.78
N ALA D 188 -25.54 36.74 -0.25
CA ALA D 188 -25.59 35.82 0.87
C ALA D 188 -24.18 35.57 1.38
N GLY D 189 -24.05 35.34 2.69
CA GLY D 189 -22.83 34.83 3.29
C GLY D 189 -21.91 35.91 3.85
N ASN D 190 -21.01 35.46 4.73
CA ASN D 190 -19.79 36.17 5.09
C ASN D 190 -18.65 35.15 5.10
N PHE D 191 -17.45 35.56 4.69
CA PHE D 191 -16.35 34.63 4.44
C PHE D 191 -15.12 35.01 5.25
N MET D 192 -14.52 36.18 4.93
CA MET D 192 -13.28 36.61 5.57
C MET D 192 -13.57 37.69 6.61
N ILE D 193 -14.86 38.00 6.82
CA ILE D 193 -15.30 38.83 7.95
C ILE D 193 -16.41 38.08 8.67
N VAL D 194 -16.80 38.59 9.84
CA VAL D 194 -17.77 37.91 10.68
C VAL D 194 -19.18 38.24 10.18
N GLY D 195 -20.20 37.71 10.86
CA GLY D 195 -21.58 37.80 10.39
C GLY D 195 -22.27 39.09 10.85
N ASN D 196 -23.60 39.18 10.61
CA ASN D 196 -24.38 40.34 11.01
C ASN D 196 -25.38 39.94 12.09
N ILE D 197 -26.43 39.18 11.74
CA ILE D 197 -27.54 38.90 12.64
C ILE D 197 -27.13 37.85 13.65
N MET D 198 -26.11 37.05 13.32
CA MET D 198 -25.48 36.20 14.30
C MET D 198 -23.97 36.31 14.15
N PRO D 199 -23.17 35.90 15.16
CA PRO D 199 -21.76 36.28 15.24
C PRO D 199 -20.92 35.99 14.00
N PHE D 200 -21.17 34.85 13.33
CA PHE D 200 -20.29 34.40 12.25
C PHE D 200 -21.07 34.00 11.00
N ALA D 201 -22.35 34.39 10.91
CA ALA D 201 -23.21 34.05 9.78
C ALA D 201 -24.04 35.27 9.37
N GLU D 202 -24.48 35.24 8.10
CA GLU D 202 -25.25 36.31 7.50
C GLU D 202 -26.71 35.86 7.36
N PHE D 203 -27.63 36.83 7.48
CA PHE D 203 -29.06 36.61 7.59
C PHE D 203 -29.65 35.58 6.61
N ASN D 204 -29.38 35.77 5.31
CA ASN D 204 -30.02 35.02 4.24
C ASN D 204 -29.65 33.54 4.29
N VAL D 205 -28.46 33.23 4.79
CA VAL D 205 -28.01 31.86 4.89
C VAL D 205 -28.62 31.19 6.13
N LEU D 206 -28.54 31.89 7.27
CA LEU D 206 -28.84 31.29 8.57
C LEU D 206 -30.34 31.12 8.74
N ILE D 207 -31.10 31.87 7.94
CA ILE D 207 -32.54 31.87 8.05
C ILE D 207 -33.12 30.60 7.43
N ASP D 208 -32.40 30.00 6.47
CA ASP D 208 -32.66 28.63 6.04
C ASP D 208 -31.39 28.01 5.47
N PRO D 209 -30.48 27.48 6.31
CA PRO D 209 -29.20 26.98 5.83
C PRO D 209 -29.28 25.65 5.09
N GLU D 210 -30.32 24.85 5.37
CA GLU D 210 -30.51 23.58 4.66
C GLU D 210 -30.81 23.88 3.19
N ALA D 211 -31.60 24.92 2.93
CA ALA D 211 -31.86 25.32 1.56
C ALA D 211 -30.54 25.51 0.80
N ILE D 212 -29.61 26.30 1.35
CA ILE D 212 -28.41 26.62 0.58
C ILE D 212 -27.54 25.37 0.50
N SER D 213 -27.48 24.62 1.59
CA SER D 213 -26.76 23.36 1.60
C SER D 213 -27.27 22.46 0.48
N ASN D 214 -28.60 22.29 0.40
CA ASN D 214 -29.25 21.53 -0.65
C ASN D 214 -28.83 22.03 -2.03
N ILE D 215 -28.97 23.36 -2.25
CA ILE D 215 -28.67 24.00 -3.53
C ILE D 215 -27.23 23.70 -3.95
N LEU D 216 -26.30 23.85 -3.00
CA LEU D 216 -24.88 23.73 -3.27
C LEU D 216 -24.52 22.28 -3.62
N GLN D 217 -25.23 21.31 -3.07
CA GLN D 217 -24.90 19.94 -3.42
C GLN D 217 -25.78 19.45 -4.56
N SER D 218 -26.60 20.32 -5.17
CA SER D 218 -27.55 19.92 -6.20
C SER D 218 -26.92 19.90 -7.58
N GLY D 219 -25.72 20.48 -7.73
CA GLY D 219 -25.12 20.63 -9.05
C GLY D 219 -25.51 21.96 -9.70
N VAL D 220 -26.19 22.84 -8.95
CA VAL D 220 -26.42 24.21 -9.39
C VAL D 220 -25.08 24.91 -9.49
N ASP D 221 -24.97 25.82 -10.46
CA ASP D 221 -23.82 26.68 -10.61
C ASP D 221 -24.06 27.93 -9.76
N TYR D 222 -23.29 28.08 -8.67
CA TYR D 222 -23.63 29.03 -7.62
C TYR D 222 -22.50 30.04 -7.46
N THR D 223 -22.85 31.33 -7.49
CA THR D 223 -21.88 32.35 -7.09
C THR D 223 -22.41 33.11 -5.87
N PHE D 224 -21.56 33.18 -4.84
CA PHE D 224 -21.69 34.18 -3.78
C PHE D 224 -21.15 35.50 -4.32
N ALA D 225 -22.03 36.26 -4.97
CA ALA D 225 -21.65 37.44 -5.72
C ALA D 225 -21.49 38.64 -4.80
N ALA D 226 -22.25 38.63 -3.70
CA ALA D 226 -22.37 39.78 -2.83
C ALA D 226 -22.44 39.33 -1.37
N PRO D 227 -21.35 38.73 -0.82
CA PRO D 227 -21.28 38.46 0.60
C PRO D 227 -21.01 39.76 1.35
N LEU D 228 -21.15 39.70 2.69
CA LEU D 228 -20.88 40.86 3.53
C LEU D 228 -19.50 41.42 3.20
N ASP D 229 -18.57 40.52 2.87
CA ASP D 229 -17.20 40.88 2.51
C ASP D 229 -17.21 42.10 1.57
N ILE D 230 -18.11 42.09 0.57
CA ILE D 230 -18.19 43.16 -0.43
C ILE D 230 -19.18 44.23 0.02
N THR D 231 -20.39 43.80 0.38
CA THR D 231 -21.51 44.72 0.57
C THR D 231 -21.20 45.71 1.69
N HIS D 232 -20.39 45.29 2.67
CA HIS D 232 -19.98 46.15 3.76
C HIS D 232 -19.01 47.24 3.29
N THR D 233 -18.50 47.13 2.05
CA THR D 233 -17.70 48.18 1.44
C THR D 233 -18.50 48.95 0.37
N VAL D 234 -19.83 48.80 0.37
CA VAL D 234 -20.68 49.48 -0.59
C VAL D 234 -21.69 50.32 0.18
N LEU D 235 -21.29 51.57 0.48
CA LEU D 235 -21.93 52.36 1.51
C LEU D 235 -22.64 53.57 0.91
N VAL D 236 -23.82 53.85 1.46
CA VAL D 236 -24.62 55.01 1.08
C VAL D 236 -24.14 56.24 1.85
N THR D 237 -23.07 56.83 1.31
CA THR D 237 -22.45 58.03 1.86
C THR D 237 -23.32 59.24 1.51
N GLU D 238 -23.02 60.41 2.08
CA GLU D 238 -23.75 61.62 1.74
C GLU D 238 -23.34 62.08 0.35
N LYS D 239 -22.14 61.65 -0.07
CA LYS D 239 -21.67 61.81 -1.44
C LYS D 239 -22.60 61.09 -2.41
N VAL D 240 -22.87 59.81 -2.13
CA VAL D 240 -23.74 59.01 -2.96
C VAL D 240 -25.13 59.63 -2.99
N ILE D 241 -25.58 60.17 -1.83
CA ILE D 241 -26.89 60.78 -1.71
C ILE D 241 -27.00 62.00 -2.61
N ASN D 242 -25.95 62.83 -2.65
CA ASN D 242 -25.99 64.05 -3.45
C ASN D 242 -26.08 63.70 -4.93
N ASP D 243 -25.43 62.61 -5.33
CA ASP D 243 -25.46 62.18 -6.72
C ASP D 243 -26.86 61.69 -7.10
N ILE D 244 -27.54 61.06 -6.12
CA ILE D 244 -28.91 60.59 -6.32
C ILE D 244 -29.81 61.81 -6.55
N LYS D 245 -29.71 62.78 -5.64
CA LYS D 245 -30.43 64.04 -5.77
C LYS D 245 -30.12 64.70 -7.12
N ALA D 246 -28.83 64.76 -7.47
CA ALA D 246 -28.38 65.31 -8.74
C ALA D 246 -29.17 64.69 -9.89
N ALA D 247 -29.28 63.37 -9.88
CA ALA D 247 -29.81 62.63 -11.01
C ALA D 247 -31.34 62.60 -11.02
N THR D 248 -32.00 62.84 -9.88
CA THR D 248 -33.43 62.57 -9.76
C THR D 248 -34.26 63.83 -9.47
N GLU D 249 -33.78 64.75 -8.62
CA GLU D 249 -34.59 65.91 -8.25
C GLU D 249 -35.02 66.68 -9.51
N PRO D 250 -34.11 66.95 -10.47
CA PRO D 250 -34.49 67.55 -11.76
C PRO D 250 -35.74 66.97 -12.42
N TYR D 251 -35.96 65.66 -12.30
CA TYR D 251 -36.98 64.96 -13.07
C TYR D 251 -38.20 64.61 -12.23
N SER D 252 -37.99 64.35 -10.93
CA SER D 252 -39.05 63.90 -10.05
C SER D 252 -38.62 64.03 -8.60
N PRO D 253 -38.85 65.21 -7.96
CA PRO D 253 -38.39 65.44 -6.60
C PRO D 253 -39.19 64.67 -5.55
N LYS D 254 -40.32 64.09 -5.95
CA LYS D 254 -41.08 63.22 -5.07
C LYS D 254 -40.33 61.89 -4.94
N PHE D 255 -39.90 61.33 -6.09
CA PHE D 255 -39.14 60.09 -6.14
C PHE D 255 -37.86 60.23 -5.32
N THR D 256 -37.27 61.43 -5.35
CA THR D 256 -36.04 61.72 -4.62
C THR D 256 -36.26 61.48 -3.13
N GLU D 257 -37.35 62.05 -2.57
CA GLU D 257 -37.65 61.93 -1.15
C GLU D 257 -37.80 60.46 -0.78
N MET D 258 -38.51 59.72 -1.63
CA MET D 258 -38.82 58.33 -1.37
C MET D 258 -37.56 57.48 -1.34
N ILE D 259 -36.73 57.57 -2.38
CA ILE D 259 -35.58 56.69 -2.46
C ILE D 259 -34.61 57.02 -1.32
N ILE D 260 -34.60 58.27 -0.86
CA ILE D 260 -33.65 58.67 0.17
C ILE D 260 -34.16 58.25 1.56
N LYS D 261 -35.46 58.42 1.80
CA LYS D 261 -36.05 57.92 3.04
C LYS D 261 -35.80 56.42 3.20
N LEU D 262 -36.10 55.66 2.14
CA LEU D 262 -35.86 54.23 2.12
C LEU D 262 -34.39 53.95 2.40
N LEU D 263 -33.50 54.67 1.71
CA LEU D 263 -32.06 54.38 1.76
C LEU D 263 -31.49 54.65 3.14
N PHE D 264 -32.11 55.55 3.92
CA PHE D 264 -31.57 55.91 5.21
C PHE D 264 -32.39 55.30 6.35
N PHE D 265 -33.24 54.31 6.05
CA PHE D 265 -34.27 53.92 7.00
C PHE D 265 -33.69 53.09 8.14
N PHE D 266 -32.73 52.17 7.88
CA PHE D 266 -32.15 51.37 8.96
C PHE D 266 -30.76 51.92 9.31
N LYS D 267 -30.58 53.25 9.15
CA LYS D 267 -29.27 53.87 9.15
C LYS D 267 -28.72 54.01 10.57
N ASP D 268 -29.59 54.40 11.52
CA ASP D 268 -29.19 54.61 12.91
C ASP D 268 -28.77 53.28 13.54
N THR D 269 -29.59 52.25 13.35
CA THR D 269 -29.26 50.89 13.76
C THR D 269 -27.93 50.47 13.14
N TYR D 270 -27.72 50.74 11.85
CA TYR D 270 -26.47 50.38 11.20
C TYR D 270 -25.31 51.10 11.87
N ARG D 271 -25.52 52.35 12.30
CA ARG D 271 -24.49 53.11 12.99
C ARG D 271 -24.27 52.55 14.41
N ASP D 272 -25.37 52.41 15.17
CA ASP D 272 -25.34 52.11 16.60
C ASP D 272 -25.19 50.61 16.86
N VAL D 273 -25.97 49.79 16.12
CA VAL D 273 -26.00 48.36 16.37
C VAL D 273 -24.70 47.76 15.82
N PHE D 274 -24.22 48.31 14.69
CA PHE D 274 -23.22 47.63 13.89
C PHE D 274 -21.97 48.49 13.68
N GLY D 275 -22.05 49.81 13.86
CA GLY D 275 -20.87 50.67 13.82
C GLY D 275 -20.69 51.41 12.49
N PHE D 276 -21.74 51.45 11.67
CA PHE D 276 -21.67 52.02 10.33
C PHE D 276 -22.07 53.50 10.38
N ILE D 277 -21.10 54.38 10.12
CA ILE D 277 -21.42 55.79 9.93
C ILE D 277 -22.40 55.90 8.76
N ASP D 278 -22.14 55.12 7.70
CA ASP D 278 -23.01 55.06 6.53
C ASP D 278 -23.42 53.62 6.26
N PRO D 279 -24.69 53.35 5.95
CA PRO D 279 -25.18 51.97 5.84
C PRO D 279 -24.80 51.30 4.53
N PRO D 280 -24.65 49.95 4.51
CA PRO D 280 -24.32 49.21 3.29
C PRO D 280 -25.59 49.05 2.46
N LEU D 281 -25.42 48.76 1.17
CA LEU D 281 -26.53 48.44 0.30
C LEU D 281 -26.21 47.12 -0.39
N HIS D 282 -26.91 46.08 0.03
CA HIS D 282 -26.48 44.71 -0.18
C HIS D 282 -26.89 44.19 -1.56
N ASP D 283 -28.20 44.04 -1.75
CA ASP D 283 -28.77 43.15 -2.75
C ASP D 283 -28.51 43.62 -4.19
N PRO D 284 -28.55 44.94 -4.53
CA PRO D 284 -28.26 45.35 -5.90
C PRO D 284 -26.88 44.93 -6.41
N VAL D 285 -25.95 44.68 -5.48
CA VAL D 285 -24.62 44.19 -5.83
C VAL D 285 -24.75 42.84 -6.57
N ALA D 286 -25.72 42.00 -6.18
CA ALA D 286 -25.91 40.68 -6.77
C ALA D 286 -26.33 40.81 -8.23
N ALA D 287 -27.31 41.68 -8.50
CA ALA D 287 -27.75 41.99 -9.85
C ALA D 287 -26.63 42.64 -10.66
N PHE D 288 -25.79 43.43 -9.99
CA PHE D 288 -24.67 44.08 -10.65
C PHE D 288 -23.65 43.04 -11.13
N HIS D 289 -23.51 41.94 -10.38
CA HIS D 289 -22.63 40.86 -10.82
C HIS D 289 -23.10 40.32 -12.16
N LEU D 290 -24.41 40.10 -12.30
CA LEU D 290 -24.95 39.51 -13.51
C LEU D 290 -24.86 40.51 -14.66
N ILE D 291 -24.90 41.81 -14.35
CA ILE D 291 -24.78 42.87 -15.34
C ILE D 291 -23.32 42.99 -15.79
N ALA D 292 -22.39 43.04 -14.82
CA ALA D 292 -21.01 43.41 -15.11
C ALA D 292 -20.05 42.69 -14.17
N PRO D 293 -19.76 41.40 -14.42
CA PRO D 293 -18.93 40.59 -13.52
C PRO D 293 -17.44 40.91 -13.56
N GLU D 294 -17.04 41.75 -14.52
CA GLU D 294 -15.64 42.11 -14.68
C GLU D 294 -15.15 42.96 -13.50
N TRP D 295 -16.06 43.58 -12.75
CA TRP D 295 -15.70 44.42 -11.61
C TRP D 295 -15.48 43.62 -10.33
N PHE D 296 -15.69 42.29 -10.40
CA PHE D 296 -15.57 41.44 -9.23
C PHE D 296 -14.37 40.51 -9.40
N GLU D 297 -13.67 40.27 -8.29
CA GLU D 297 -12.77 39.13 -8.18
C GLU D 297 -13.60 37.87 -7.88
N HIS D 298 -13.02 36.73 -8.20
CA HIS D 298 -13.70 35.45 -8.10
C HIS D 298 -12.70 34.38 -7.68
N VAL D 299 -13.11 33.47 -6.81
CA VAL D 299 -12.32 32.30 -6.54
C VAL D 299 -13.27 31.11 -6.40
N ARG D 300 -12.88 29.96 -6.95
CA ARG D 300 -13.62 28.72 -6.78
C ARG D 300 -13.15 28.06 -5.50
N CYS D 301 -14.10 27.46 -4.76
CA CYS D 301 -13.75 26.69 -3.58
C CYS D 301 -14.89 25.73 -3.24
N HIS D 302 -14.66 24.91 -2.22
CA HIS D 302 -15.71 24.10 -1.64
C HIS D 302 -16.27 24.87 -0.45
N VAL D 303 -17.57 25.17 -0.47
CA VAL D 303 -18.25 25.80 0.64
C VAL D 303 -19.11 24.77 1.36
N ASP D 304 -18.90 24.68 2.68
CA ASP D 304 -19.77 23.93 3.57
C ASP D 304 -20.64 24.91 4.34
N ILE D 305 -21.94 24.62 4.39
CA ILE D 305 -22.90 25.41 5.15
C ILE D 305 -23.17 24.71 6.48
N GLU D 306 -22.98 25.41 7.59
CA GLU D 306 -23.20 24.84 8.92
C GLU D 306 -24.71 24.69 9.13
N THR D 307 -25.13 23.47 9.46
CA THR D 307 -26.52 23.21 9.79
C THR D 307 -26.63 22.61 11.20
N LYS D 308 -25.67 21.76 11.59
CA LYS D 308 -25.68 21.09 12.88
C LYS D 308 -25.43 22.07 14.01
N GLY D 309 -24.66 23.13 13.73
CA GLY D 309 -24.18 24.04 14.75
C GLY D 309 -25.30 24.80 15.43
N GLU D 310 -25.18 24.92 16.76
CA GLU D 310 -26.21 25.48 17.61
C GLU D 310 -26.22 27.00 17.56
N TYR D 311 -25.04 27.62 17.56
CA TYR D 311 -24.90 29.07 17.58
C TYR D 311 -24.31 29.57 16.28
N THR D 312 -24.09 28.67 15.33
CA THR D 312 -23.26 28.92 14.16
C THR D 312 -23.90 28.39 12.86
N TYR D 313 -25.16 27.97 12.94
CA TYR D 313 -25.84 27.54 11.73
C TYR D 313 -25.84 28.72 10.77
N GLY D 314 -25.63 28.40 9.49
CA GLY D 314 -25.61 29.37 8.42
C GLY D 314 -24.19 29.87 8.11
N CYS D 315 -23.19 29.40 8.87
CA CYS D 315 -21.82 29.78 8.60
C CYS D 315 -21.38 29.21 7.25
N CYS D 316 -20.81 30.08 6.41
CA CYS D 316 -20.20 29.66 5.15
C CYS D 316 -18.73 29.34 5.38
N CYS D 317 -18.41 28.04 5.47
CA CYS D 317 -17.09 27.57 5.81
C CYS D 317 -16.43 27.01 4.55
N THR D 318 -15.39 27.70 4.06
CA THR D 318 -14.73 27.32 2.83
C THR D 318 -13.40 26.67 3.14
N ASN D 319 -12.80 26.05 2.12
CA ASN D 319 -11.47 25.45 2.22
C ASN D 319 -10.44 26.37 1.59
N LEU D 320 -10.73 27.68 1.51
CA LEU D 320 -9.85 28.68 0.89
C LEU D 320 -8.53 28.86 1.65
N ILE D 321 -8.62 29.49 2.84
CA ILE D 321 -7.44 29.98 3.54
C ILE D 321 -6.79 28.80 4.27
N LYS D 332 -12.20 17.34 -1.60
CA LYS D 332 -13.59 17.77 -1.92
C LYS D 332 -13.60 18.72 -3.11
N PRO D 333 -14.39 18.41 -4.15
CA PRO D 333 -14.45 19.27 -5.33
C PRO D 333 -15.00 20.66 -4.97
N ASP D 334 -14.56 21.69 -5.70
CA ASP D 334 -15.15 23.00 -5.59
C ASP D 334 -16.64 22.89 -5.88
N ASN D 335 -17.46 23.78 -5.30
CA ASN D 335 -18.88 23.78 -5.56
C ASN D 335 -19.43 25.19 -5.69
N ALA D 336 -18.61 26.20 -5.46
CA ALA D 336 -19.08 27.57 -5.63
C ALA D 336 -17.94 28.46 -6.09
N THR D 337 -18.34 29.59 -6.67
CA THR D 337 -17.45 30.72 -6.85
C THR D 337 -17.78 31.70 -5.73
N VAL D 338 -16.75 32.33 -5.15
CA VAL D 338 -16.94 33.34 -4.14
C VAL D 338 -16.31 34.64 -4.64
N CYS D 339 -17.06 35.74 -4.52
CA CYS D 339 -16.54 37.07 -4.82
C CYS D 339 -16.20 37.79 -3.51
N LEU D 340 -14.89 37.89 -3.23
CA LEU D 340 -14.39 38.34 -1.94
C LEU D 340 -14.22 39.86 -1.90
N LYS D 341 -14.31 40.52 -3.06
CA LYS D 341 -13.89 41.91 -3.16
C LYS D 341 -14.18 42.41 -4.59
N LEU D 342 -14.41 43.72 -4.76
CA LEU D 342 -14.50 44.32 -6.08
C LEU D 342 -13.09 44.69 -6.56
N LYS D 343 -12.86 44.60 -7.88
CA LYS D 343 -11.68 45.17 -8.47
C LYS D 343 -11.74 46.69 -8.34
N GLU D 344 -10.59 47.36 -8.47
CA GLU D 344 -10.58 48.81 -8.39
C GLU D 344 -11.40 49.37 -9.54
N GLY D 345 -12.20 50.41 -9.25
CA GLY D 345 -13.17 50.97 -10.18
C GLY D 345 -14.58 50.42 -9.94
N GLY D 346 -14.66 49.24 -9.30
CA GLY D 346 -15.90 48.51 -9.14
C GLY D 346 -16.95 49.29 -8.38
N HIS D 347 -16.52 49.99 -7.31
CA HIS D 347 -17.46 50.75 -6.50
C HIS D 347 -18.06 51.90 -7.31
N ASP D 348 -17.20 52.62 -8.03
CA ASP D 348 -17.66 53.70 -8.87
C ASP D 348 -18.58 53.17 -9.95
N ALA D 349 -18.16 52.09 -10.61
CA ALA D 349 -18.95 51.46 -11.66
C ALA D 349 -20.32 51.06 -11.13
N PHE D 350 -20.37 50.47 -9.91
CA PHE D 350 -21.62 50.09 -9.28
C PHE D 350 -22.53 51.31 -9.09
N TRP D 351 -21.97 52.38 -8.53
CA TRP D 351 -22.79 53.54 -8.21
C TRP D 351 -23.23 54.30 -9.46
N ASN D 352 -22.42 54.28 -10.54
CA ASN D 352 -22.83 54.91 -11.79
C ASN D 352 -24.01 54.13 -12.36
N GLN D 353 -23.91 52.80 -12.30
CA GLN D 353 -24.97 51.92 -12.72
C GLN D 353 -26.24 52.23 -11.93
N MET D 354 -26.10 52.32 -10.61
CA MET D 354 -27.26 52.44 -9.75
C MET D 354 -27.92 53.81 -9.96
N ILE D 355 -27.11 54.86 -10.02
CA ILE D 355 -27.62 56.23 -10.13
C ILE D 355 -28.23 56.46 -11.52
N THR D 356 -27.61 55.90 -12.57
CA THR D 356 -28.23 55.91 -13.90
C THR D 356 -29.68 55.45 -13.80
N VAL D 357 -29.87 54.25 -13.22
CA VAL D 357 -31.17 53.61 -13.16
C VAL D 357 -32.13 54.50 -12.38
N TRP D 358 -31.67 55.03 -11.23
CA TRP D 358 -32.53 55.89 -10.44
C TRP D 358 -32.95 57.11 -11.25
N GLY D 359 -31.99 57.70 -12.01
CA GLY D 359 -32.26 58.80 -12.90
C GLY D 359 -33.36 58.46 -13.91
N GLU D 360 -33.24 57.30 -14.57
CA GLU D 360 -34.19 56.84 -15.57
C GLU D 360 -35.57 56.63 -14.95
N ILE D 361 -35.60 56.14 -13.71
CA ILE D 361 -36.85 55.93 -13.00
C ILE D 361 -37.49 57.29 -12.71
N ALA D 362 -36.68 58.23 -12.23
CA ALA D 362 -37.15 59.59 -11.94
C ALA D 362 -37.78 60.23 -13.18
N LYS D 363 -37.20 59.96 -14.36
CA LYS D 363 -37.70 60.50 -15.61
C LYS D 363 -39.08 59.94 -15.95
N GLU D 364 -39.29 58.64 -15.70
CA GLU D 364 -40.56 58.00 -16.03
C GLU D 364 -41.66 58.43 -15.06
N ILE D 365 -41.31 58.70 -13.80
CA ILE D 365 -42.31 59.11 -12.83
C ILE D 365 -42.69 60.58 -13.07
N GLY D 366 -41.70 61.44 -13.32
CA GLY D 366 -41.93 62.78 -13.84
C GLY D 366 -42.59 63.71 -12.85
N MET E 21 8.82 27.89 -7.96
CA MET E 21 8.57 26.43 -8.11
C MET E 21 9.81 25.66 -7.65
N SER E 22 9.64 24.91 -6.56
CA SER E 22 10.69 24.02 -6.06
C SER E 22 10.17 22.59 -6.04
N ILE E 23 11.11 21.63 -6.09
CA ILE E 23 10.81 20.24 -6.38
C ILE E 23 10.89 19.45 -5.07
N LYS E 24 9.79 18.75 -4.74
CA LYS E 24 9.83 17.79 -3.66
C LYS E 24 10.58 16.54 -4.12
N CYS E 25 11.50 16.08 -3.28
CA CYS E 25 12.34 14.95 -3.62
C CYS E 25 12.80 14.24 -2.35
N ALA E 26 13.35 13.04 -2.52
CA ALA E 26 13.93 12.28 -1.43
C ALA E 26 15.34 11.88 -1.84
N LEU E 27 16.19 11.61 -0.86
CA LEU E 27 17.57 11.25 -1.14
C LEU E 27 17.83 9.85 -0.59
N ASP E 28 18.36 8.99 -1.47
CA ASP E 28 18.79 7.67 -1.07
C ASP E 28 20.29 7.58 -1.37
N CYS E 29 21.11 7.24 -0.37
CA CYS E 29 22.55 7.41 -0.52
C CYS E 29 23.32 6.65 0.56
N ASP E 30 24.65 6.61 0.41
CA ASP E 30 25.55 5.86 1.30
C ASP E 30 26.74 6.73 1.70
N PRO E 31 26.55 7.89 2.36
CA PRO E 31 27.68 8.78 2.66
C PRO E 31 28.79 8.07 3.43
N GLY E 32 30.05 8.18 2.96
CA GLY E 32 30.42 8.67 1.65
C GLY E 32 30.66 10.19 1.62
N HIS E 33 31.84 10.57 1.16
CA HIS E 33 32.24 11.96 1.06
C HIS E 33 31.43 12.69 0.00
N ASP E 34 31.17 12.05 -1.15
CA ASP E 34 30.42 12.72 -2.22
C ASP E 34 28.96 12.82 -1.82
N ASP E 35 28.42 11.79 -1.15
CA ASP E 35 27.02 11.80 -0.77
C ASP E 35 26.80 12.93 0.22
N LEU E 36 27.78 13.16 1.09
CA LEU E 36 27.78 14.30 2.00
C LEU E 36 27.70 15.63 1.22
N ALA E 37 28.45 15.71 0.11
CA ALA E 37 28.43 16.90 -0.72
C ALA E 37 27.08 17.07 -1.40
N MET E 38 26.47 15.95 -1.80
CA MET E 38 25.21 15.97 -2.53
C MET E 38 24.09 16.37 -1.59
N ILE E 39 24.15 15.86 -0.35
CA ILE E 39 23.17 16.20 0.67
C ILE E 39 23.23 17.71 0.90
N MET E 40 24.45 18.22 1.10
CA MET E 40 24.65 19.65 1.27
C MET E 40 23.99 20.43 0.13
N LEU E 41 24.26 20.03 -1.11
CA LEU E 41 23.70 20.72 -2.26
C LEU E 41 22.17 20.70 -2.22
N ALA E 42 21.58 19.51 -2.06
CA ALA E 42 20.14 19.32 -2.18
C ALA E 42 19.40 20.09 -1.08
N VAL E 43 19.87 19.94 0.16
CA VAL E 43 19.22 20.55 1.31
C VAL E 43 19.26 22.07 1.16
N TYR E 44 20.46 22.66 1.12
CA TYR E 44 20.64 24.11 1.05
C TYR E 44 20.16 24.69 -0.29
N SER E 45 20.04 23.89 -1.35
CA SER E 45 19.44 24.41 -2.58
C SER E 45 17.98 24.76 -2.33
N PRO E 46 17.56 26.02 -2.64
CA PRO E 46 16.15 26.40 -2.55
C PRO E 46 15.26 25.67 -3.55
N LYS E 47 15.90 25.16 -4.62
CA LYS E 47 15.19 24.54 -5.73
C LYS E 47 14.71 23.13 -5.35
N LEU E 48 15.36 22.49 -4.38
CA LEU E 48 14.98 21.15 -3.97
C LEU E 48 14.46 21.18 -2.54
N ASP E 49 13.35 20.46 -2.34
CA ASP E 49 12.63 20.40 -1.08
C ASP E 49 12.73 18.97 -0.56
N VAL E 50 13.83 18.67 0.15
CA VAL E 50 14.15 17.33 0.57
C VAL E 50 13.16 16.89 1.63
N GLN E 51 12.42 15.80 1.36
CA GLN E 51 11.40 15.27 2.25
C GLN E 51 11.98 14.33 3.30
N TYR E 52 12.93 13.48 2.88
CA TYR E 52 13.64 12.60 3.79
C TYR E 52 14.95 12.19 3.13
N ILE E 53 15.80 11.53 3.93
CA ILE E 53 16.96 10.81 3.40
C ILE E 53 16.87 9.36 3.84
N SER E 54 16.95 8.43 2.86
CA SER E 54 17.11 7.01 3.14
C SER E 54 18.57 6.64 2.87
N THR E 55 19.17 5.87 3.79
CA THR E 55 20.52 5.39 3.60
C THR E 55 20.51 3.91 3.24
N THR E 56 21.61 3.48 2.62
CA THR E 56 21.74 2.14 2.11
C THR E 56 23.19 1.69 2.33
N HIS E 57 23.40 0.39 2.18
CA HIS E 57 24.72 -0.20 2.26
C HIS E 57 25.55 0.25 1.05
N GLY E 58 26.87 0.16 1.19
CA GLY E 58 27.73 0.39 0.05
C GLY E 58 29.17 0.52 0.50
N ASN E 59 29.68 1.77 0.55
CA ASN E 59 31.07 1.79 1.02
C ASN E 59 31.11 1.35 2.48
N GLN E 60 30.26 1.83 3.40
CA GLN E 60 30.16 1.20 4.70
C GLN E 60 28.85 0.42 4.80
N THR E 61 28.71 -0.25 5.96
CA THR E 61 27.45 -0.83 6.37
C THR E 61 26.39 0.26 6.47
N VAL E 62 25.12 -0.13 6.29
CA VAL E 62 24.03 0.82 6.22
C VAL E 62 23.92 1.56 7.56
N ASN E 63 24.45 0.95 8.62
CA ASN E 63 24.37 1.58 9.91
C ASN E 63 25.31 2.79 9.96
N LYS E 64 26.52 2.65 9.44
CA LYS E 64 27.47 3.76 9.40
C LYS E 64 26.99 4.84 8.43
N THR E 65 26.46 4.44 7.27
CA THR E 65 25.99 5.41 6.29
C THR E 65 24.87 6.25 6.89
N TYR E 66 23.99 5.58 7.65
CA TYR E 66 22.90 6.26 8.33
C TYR E 66 23.43 7.38 9.22
N GLN E 67 24.45 7.08 10.02
CA GLN E 67 24.99 8.06 10.94
C GLN E 67 25.71 9.17 10.16
N ASN E 68 26.39 8.77 9.07
CA ASN E 68 27.12 9.70 8.23
C ASN E 68 26.18 10.71 7.59
N ALA E 69 24.94 10.29 7.30
CA ALA E 69 23.94 11.20 6.78
C ALA E 69 23.55 12.19 7.87
N ARG E 70 23.32 11.68 9.10
CA ARG E 70 22.91 12.51 10.22
C ARG E 70 24.01 13.52 10.58
N ARG E 71 25.27 13.10 10.45
CA ARG E 71 26.40 13.99 10.67
C ARG E 71 26.42 15.12 9.64
N THR E 72 26.18 14.77 8.38
CA THR E 72 26.14 15.77 7.33
C THR E 72 25.10 16.83 7.69
N LEU E 73 23.92 16.35 8.10
CA LEU E 73 22.79 17.21 8.41
C LEU E 73 23.11 18.11 9.61
N ASN E 74 23.72 17.51 10.64
CA ASN E 74 23.96 18.21 11.90
C ASN E 74 25.08 19.24 11.71
N LEU E 75 26.05 18.92 10.85
CA LEU E 75 27.10 19.84 10.48
C LEU E 75 26.52 21.08 9.83
N ILE E 76 25.46 20.90 9.02
CA ILE E 76 24.89 21.99 8.25
C ILE E 76 23.63 22.53 8.92
N LYS E 77 23.39 22.10 10.17
CA LYS E 77 22.32 22.64 11.01
C LYS E 77 20.96 22.23 10.46
N ARG E 78 20.75 20.93 10.21
CA ARG E 78 19.49 20.49 9.61
C ARG E 78 19.01 19.15 10.17
N ALA E 79 19.70 18.60 11.19
CA ALA E 79 19.43 17.24 11.65
C ALA E 79 18.13 17.16 12.45
N ASP E 80 17.62 18.34 12.82
CA ASP E 80 16.40 18.46 13.60
C ASP E 80 15.19 18.65 12.68
N LYS E 81 15.44 18.80 11.37
CA LYS E 81 14.42 19.19 10.39
C LYS E 81 14.04 17.99 9.52
N ILE E 82 15.06 17.28 8.99
CA ILE E 82 14.86 16.26 7.98
C ILE E 82 14.98 14.88 8.62
N PRO E 83 13.98 13.98 8.41
CA PRO E 83 14.07 12.61 8.90
C PRO E 83 15.04 11.79 8.06
N VAL E 84 15.86 10.97 8.73
CA VAL E 84 16.76 10.05 8.07
C VAL E 84 16.33 8.62 8.42
N TYR E 85 16.12 7.81 7.38
CA TYR E 85 15.75 6.41 7.51
C TYR E 85 16.97 5.53 7.25
N ARG E 86 17.15 4.52 8.10
CA ARG E 86 18.19 3.53 7.90
C ARG E 86 17.60 2.36 7.10
N GLY E 87 18.16 2.12 5.92
CA GLY E 87 17.58 1.20 4.95
C GLY E 87 18.19 -0.20 4.98
N TYR E 88 18.15 -0.87 3.82
CA TYR E 88 18.55 -2.25 3.71
C TYR E 88 20.07 -2.36 3.75
N SER E 89 20.53 -3.47 4.34
CA SER E 89 21.92 -3.69 4.70
C SER E 89 22.69 -4.50 3.65
N LYS E 90 22.02 -5.18 2.71
CA LYS E 90 22.76 -5.98 1.74
C LYS E 90 22.03 -6.00 0.41
N PRO E 91 22.69 -6.39 -0.70
CA PRO E 91 22.03 -6.55 -1.99
C PRO E 91 20.90 -7.58 -1.95
N LEU E 92 20.04 -7.54 -2.97
CA LEU E 92 18.89 -8.42 -3.07
C LEU E 92 19.33 -9.87 -2.98
N THR E 93 20.30 -10.26 -3.81
CA THR E 93 20.69 -11.66 -3.95
C THR E 93 22.20 -11.84 -3.91
N ARG E 94 22.94 -10.83 -3.46
CA ARG E 94 24.39 -10.89 -3.41
C ARG E 94 24.90 -10.50 -2.02
N GLU E 95 26.18 -10.78 -1.78
CA GLU E 95 26.82 -10.38 -0.55
C GLU E 95 27.25 -8.91 -0.66
N SER E 96 27.30 -8.21 0.48
CA SER E 96 27.83 -6.85 0.50
C SER E 96 29.27 -6.86 0.02
N VAL E 97 29.80 -5.68 -0.33
CA VAL E 97 31.24 -5.52 -0.39
C VAL E 97 31.57 -4.46 0.66
N ALA E 98 31.15 -4.75 1.90
CA ALA E 98 31.17 -3.78 2.99
C ALA E 98 31.87 -4.36 4.24
N GLU E 105 36.95 2.16 8.70
CA GLU E 105 36.61 3.59 8.44
C GLU E 105 35.22 3.88 9.01
N SER E 106 35.04 5.13 9.46
CA SER E 106 33.72 5.66 9.77
C SER E 106 32.82 5.55 8.53
N GLY E 107 33.44 5.85 7.40
CA GLY E 107 32.78 6.04 6.12
C GLY E 107 32.94 7.49 5.65
N LEU E 108 33.45 8.36 6.53
CA LEU E 108 33.44 9.80 6.31
C LEU E 108 34.73 10.38 6.89
N GLY E 109 35.85 9.72 6.58
CA GLY E 109 37.12 9.96 7.25
C GLY E 109 37.81 11.25 6.80
N GLY E 110 38.89 11.58 7.51
CA GLY E 110 39.62 12.82 7.31
C GLY E 110 39.29 13.88 8.36
N VAL E 111 38.32 13.56 9.24
CA VAL E 111 37.66 14.57 10.06
C VAL E 111 37.22 13.96 11.38
N ASP E 112 37.14 14.80 12.43
CA ASP E 112 36.77 14.38 13.77
C ASP E 112 35.30 14.70 13.99
N TRP E 113 34.49 13.66 14.21
CA TRP E 113 33.05 13.80 14.28
C TRP E 113 32.54 13.82 15.73
N SER E 114 33.46 13.77 16.70
CA SER E 114 33.09 13.61 18.10
C SER E 114 32.13 14.70 18.58
N GLU E 115 32.31 15.94 18.08
CA GLU E 115 31.46 17.06 18.47
C GLU E 115 30.09 16.92 17.80
N ILE E 116 30.12 16.75 16.47
CA ILE E 116 28.91 16.62 15.69
C ILE E 116 28.09 15.43 16.20
N ASP E 117 28.80 14.42 16.71
CA ASP E 117 28.17 13.23 17.24
C ASP E 117 27.42 13.52 18.54
N ARG E 118 28.07 14.18 19.52
CA ARG E 118 27.46 14.31 20.83
C ARG E 118 26.43 15.44 20.86
N THR E 119 26.45 16.36 19.88
CA THR E 119 25.47 17.44 19.82
C THR E 119 24.36 17.11 18.83
N MET E 120 24.26 15.83 18.47
CA MET E 120 23.31 15.36 17.48
C MET E 120 21.89 15.41 18.05
N PRO E 121 20.95 16.17 17.44
CA PRO E 121 19.55 16.15 17.88
C PRO E 121 18.82 14.86 17.51
N ARG E 122 17.70 14.62 18.20
CA ARG E 122 16.82 13.48 17.95
C ARG E 122 16.42 13.46 16.47
N ASN E 123 16.33 12.25 15.92
CA ASN E 123 15.99 12.03 14.53
C ASN E 123 14.47 12.21 14.38
N PRO E 124 14.02 13.22 13.61
CA PRO E 124 12.59 13.38 13.28
C PRO E 124 11.90 12.09 12.82
N ALA E 125 12.68 11.16 12.26
CA ALA E 125 12.15 9.91 11.76
C ALA E 125 11.47 9.12 12.88
N LEU E 126 12.03 9.20 14.09
CA LEU E 126 11.54 8.39 15.20
C LEU E 126 10.12 8.82 15.60
N ASP E 127 9.86 10.13 15.53
CA ASP E 127 8.54 10.62 15.91
C ASP E 127 7.54 10.22 14.84
N ILE E 128 7.96 10.31 13.58
CA ILE E 128 7.14 9.89 12.47
C ILE E 128 6.72 8.41 12.66
N LEU E 129 7.65 7.59 13.15
CA LEU E 129 7.48 6.15 13.14
C LEU E 129 6.82 5.62 14.41
N GLY E 130 6.88 6.40 15.49
CA GLY E 130 6.39 5.96 16.79
C GLY E 130 7.45 5.25 17.63
N TYR E 131 8.73 5.42 17.25
CA TYR E 131 9.83 4.77 17.94
C TYR E 131 10.35 5.66 19.06
N LYS E 132 10.95 5.02 20.06
CA LYS E 132 11.55 5.73 21.17
C LYS E 132 13.01 6.03 20.81
N ASP E 133 13.73 5.04 20.26
CA ASP E 133 15.13 5.22 19.92
C ASP E 133 15.47 4.50 18.61
N GLU E 134 16.74 4.62 18.20
CA GLU E 134 17.19 4.27 16.87
C GLU E 134 17.34 2.76 16.70
N SER E 135 17.36 2.00 17.79
CA SER E 135 17.43 0.55 17.69
C SER E 135 16.18 0.00 17.01
N GLU E 136 15.10 0.77 17.06
CA GLU E 136 13.82 0.33 16.51
C GLU E 136 13.74 0.55 15.01
N LEU E 137 14.66 1.35 14.44
CA LEU E 137 14.66 1.60 13.01
C LEU E 137 14.82 0.29 12.24
N ARG E 138 14.03 0.13 11.18
CA ARG E 138 14.01 -1.07 10.34
C ARG E 138 14.17 -0.66 8.89
N PRO E 139 14.69 -1.54 8.01
CA PRO E 139 14.96 -1.17 6.62
C PRO E 139 13.75 -0.61 5.86
N ASP E 140 12.54 -1.03 6.23
CA ASP E 140 11.37 -0.70 5.42
C ASP E 140 10.58 0.48 5.99
N ASP E 141 11.19 1.23 6.94
CA ASP E 141 10.52 2.35 7.58
C ASP E 141 10.15 3.45 6.58
N PHE E 142 10.96 3.65 5.53
CA PHE E 142 10.71 4.77 4.63
C PHE E 142 9.52 4.48 3.70
N PHE E 143 9.10 3.21 3.61
CA PHE E 143 8.13 2.81 2.60
C PHE E 143 6.83 3.63 2.71
N LYS E 144 6.23 3.69 3.89
CA LYS E 144 4.96 4.37 4.06
C LYS E 144 5.10 5.85 3.71
N HIS E 145 6.22 6.46 4.11
CA HIS E 145 6.46 7.88 3.88
C HIS E 145 6.61 8.16 2.39
N LEU E 146 7.36 7.31 1.68
CA LEU E 146 7.53 7.45 0.23
C LEU E 146 6.16 7.32 -0.45
N HIS E 147 5.33 6.40 0.05
CA HIS E 147 4.07 6.11 -0.61
C HIS E 147 3.10 7.28 -0.49
N ARG E 148 3.15 8.01 0.63
CA ARG E 148 2.34 9.21 0.78
C ARG E 148 2.78 10.24 -0.26
N LEU E 149 4.10 10.46 -0.36
CA LEU E 149 4.67 11.41 -1.31
C LEU E 149 4.28 11.05 -2.74
N VAL E 150 4.31 9.76 -3.07
CA VAL E 150 4.06 9.31 -4.44
C VAL E 150 2.58 9.49 -4.78
N SER E 151 1.70 9.12 -3.84
CA SER E 151 0.27 9.31 -4.01
C SER E 151 -0.02 10.79 -4.18
N ALA E 152 0.57 11.63 -3.31
CA ALA E 152 0.41 13.07 -3.36
C ALA E 152 0.91 13.65 -4.69
N ALA E 153 2.01 13.11 -5.23
CA ALA E 153 2.61 13.64 -6.45
C ALA E 153 1.56 13.87 -7.54
N GLU E 154 1.60 15.06 -8.14
CA GLU E 154 0.76 15.44 -9.27
C GLU E 154 1.07 14.50 -10.44
N ASP E 155 2.34 14.45 -10.85
CA ASP E 155 2.80 13.65 -11.98
C ASP E 155 3.62 12.48 -11.45
N LYS E 156 4.91 12.72 -11.16
CA LYS E 156 5.78 11.73 -10.55
C LYS E 156 6.56 12.39 -9.43
N PHE E 157 6.98 11.57 -8.46
CA PHE E 157 7.79 12.02 -7.34
C PHE E 157 9.26 11.70 -7.62
N ASP E 158 10.15 12.60 -7.18
CA ASP E 158 11.56 12.57 -7.56
C ASP E 158 12.43 11.97 -6.45
N ILE E 159 13.30 11.04 -6.84
CA ILE E 159 14.24 10.42 -5.94
C ILE E 159 15.64 10.57 -6.54
N ILE E 160 16.57 11.07 -5.73
CA ILE E 160 17.96 11.13 -6.10
C ILE E 160 18.66 9.97 -5.40
N SER E 161 19.32 9.12 -6.20
CA SER E 161 20.00 7.94 -5.69
C SER E 161 21.47 8.03 -6.04
N THR E 162 22.35 7.94 -5.04
CA THR E 162 23.78 8.03 -5.28
C THR E 162 24.56 6.94 -4.56
N GLY E 163 23.86 5.89 -4.10
CA GLY E 163 24.51 4.67 -3.61
C GLY E 163 23.96 3.46 -4.34
N SER E 164 24.02 2.27 -3.72
CA SER E 164 23.30 1.12 -4.27
C SER E 164 21.81 1.44 -4.28
N GLU E 165 21.06 0.80 -5.17
CA GLU E 165 19.65 1.13 -5.35
C GLU E 165 18.74 0.01 -4.82
N THR E 166 19.29 -0.78 -3.89
CA THR E 166 18.61 -1.83 -3.16
C THR E 166 17.30 -1.34 -2.52
N ASN E 167 17.34 -0.17 -1.87
CA ASN E 167 16.19 0.38 -1.16
C ASN E 167 15.01 0.58 -2.11
N ILE E 168 15.29 1.08 -3.31
CA ILE E 168 14.24 1.41 -4.26
C ILE E 168 13.70 0.14 -4.91
N ALA E 169 14.59 -0.84 -5.16
CA ALA E 169 14.19 -2.14 -5.67
C ALA E 169 13.25 -2.81 -4.67
N GLN E 170 13.64 -2.74 -3.39
CA GLN E 170 12.85 -3.28 -2.30
CA GLN E 170 12.85 -3.28 -2.30
C GLN E 170 11.49 -2.58 -2.21
N TYR E 171 11.51 -1.25 -2.29
CA TYR E 171 10.27 -0.48 -2.23
C TYR E 171 9.31 -0.94 -3.33
N LEU E 172 9.86 -1.12 -4.53
CA LEU E 172 9.08 -1.38 -5.73
C LEU E 172 8.54 -2.80 -5.71
N LEU E 173 9.23 -3.71 -5.01
CA LEU E 173 8.74 -5.07 -4.84
C LEU E 173 7.55 -5.08 -3.89
N ALA E 174 7.47 -4.05 -3.03
CA ALA E 174 6.35 -3.91 -2.11
C ALA E 174 5.29 -2.97 -2.68
N TYR E 175 5.69 -2.03 -3.57
CA TYR E 175 4.76 -1.06 -4.15
C TYR E 175 4.95 -1.06 -5.66
N PRO E 176 4.65 -2.18 -6.34
CA PRO E 176 4.82 -2.30 -7.78
C PRO E 176 4.17 -1.18 -8.57
N GLU E 177 2.95 -0.84 -8.14
CA GLU E 177 2.08 0.08 -8.85
C GLU E 177 2.60 1.52 -8.75
N ASP E 178 3.45 1.81 -7.76
CA ASP E 178 4.02 3.14 -7.59
C ASP E 178 5.14 3.42 -8.60
N ALA E 179 5.60 2.37 -9.32
CA ALA E 179 6.74 2.50 -10.20
C ALA E 179 6.54 3.59 -11.24
N LYS E 180 5.33 3.67 -11.79
CA LYS E 180 5.01 4.56 -12.90
C LYS E 180 4.91 6.01 -12.39
N LYS E 181 4.85 6.21 -11.07
CA LYS E 181 4.81 7.55 -10.49
C LYS E 181 6.10 7.94 -9.77
N ILE E 182 7.21 7.25 -10.06
CA ILE E 182 8.48 7.61 -9.47
C ILE E 182 9.44 8.00 -10.57
N ARG E 183 10.15 9.11 -10.36
CA ARG E 183 11.22 9.52 -11.25
C ARG E 183 12.55 9.45 -10.50
N MET E 184 13.54 8.84 -11.12
CA MET E 184 14.82 8.60 -10.46
C MET E 184 15.93 9.30 -11.24
N THR E 185 16.82 9.93 -10.48
CA THR E 185 17.95 10.68 -10.99
C THR E 185 19.17 10.15 -10.24
N THR E 186 20.08 9.47 -10.93
CA THR E 186 21.08 8.67 -10.24
C THR E 186 22.50 9.11 -10.63
N MET E 187 23.40 9.01 -9.63
CA MET E 187 24.82 8.84 -9.88
C MET E 187 25.09 7.33 -9.92
N ALA E 188 25.30 6.81 -11.12
CA ALA E 188 25.54 5.40 -11.35
C ALA E 188 25.97 5.19 -12.80
N GLY E 189 26.80 4.18 -13.01
CA GLY E 189 27.10 3.67 -14.35
C GLY E 189 28.36 4.25 -14.97
N ASN E 190 28.86 3.54 -15.99
CA ASN E 190 29.77 4.07 -16.98
C ASN E 190 29.29 3.55 -18.35
N PHE E 191 29.43 4.38 -19.39
CA PHE E 191 28.82 4.12 -20.68
C PHE E 191 29.85 4.13 -21.79
N MET E 192 30.46 5.29 -22.07
CA MET E 192 31.41 5.46 -23.16
C MET E 192 32.84 5.50 -22.61
N ILE E 193 33.00 5.30 -21.30
CA ILE E 193 34.30 5.05 -20.70
C ILE E 193 34.19 3.80 -19.84
N VAL E 194 35.33 3.28 -19.39
CA VAL E 194 35.37 2.03 -18.65
C VAL E 194 35.00 2.30 -17.19
N GLY E 195 35.01 1.23 -16.37
CA GLY E 195 34.52 1.30 -15.00
C GLY E 195 35.59 1.78 -14.02
N ASN E 196 35.29 1.71 -12.71
CA ASN E 196 36.23 2.09 -11.67
C ASN E 196 36.63 0.86 -10.84
N ILE E 197 35.71 0.32 -10.04
CA ILE E 197 36.05 -0.72 -9.07
C ILE E 197 36.19 -2.05 -9.79
N MET E 198 35.57 -2.17 -10.97
CA MET E 198 35.84 -3.30 -11.84
C MET E 198 35.99 -2.79 -13.27
N PRO E 199 36.55 -3.62 -14.19
CA PRO E 199 37.03 -3.11 -15.47
C PRO E 199 36.07 -2.27 -16.29
N PHE E 200 34.79 -2.67 -16.31
CA PHE E 200 33.82 -2.07 -17.21
C PHE E 200 32.52 -1.69 -16.49
N ALA E 201 32.55 -1.61 -15.15
CA ALA E 201 31.38 -1.30 -14.35
C ALA E 201 31.73 -0.33 -13.23
N GLU E 202 30.71 0.39 -12.78
CA GLU E 202 30.84 1.40 -11.74
C GLU E 202 30.23 0.86 -10.45
N PHE E 203 30.80 1.28 -9.31
CA PHE E 203 30.52 0.75 -7.97
C PHE E 203 29.03 0.55 -7.66
N ASN E 204 28.23 1.61 -7.85
CA ASN E 204 26.84 1.65 -7.38
C ASN E 204 25.98 0.63 -8.12
N VAL E 205 26.34 0.33 -9.37
CA VAL E 205 25.57 -0.64 -10.14
C VAL E 205 26.00 -2.06 -9.77
N LEU E 206 27.31 -2.30 -9.70
CA LEU E 206 27.86 -3.65 -9.61
C LEU E 206 27.64 -4.21 -8.21
N ILE E 207 27.44 -3.32 -7.25
CA ILE E 207 27.30 -3.71 -5.86
C ILE E 207 25.92 -4.32 -5.61
N ASP E 208 24.93 -3.95 -6.42
CA ASP E 208 23.66 -4.68 -6.49
C ASP E 208 23.04 -4.48 -7.87
N PRO E 209 23.46 -5.23 -8.91
CA PRO E 209 22.96 -5.01 -10.26
C PRO E 209 21.53 -5.50 -10.50
N GLU E 210 21.07 -6.46 -9.70
CA GLU E 210 19.69 -6.94 -9.80
C GLU E 210 18.74 -5.82 -9.41
N ALA E 211 19.11 -5.05 -8.38
CA ALA E 211 18.30 -3.91 -7.99
C ALA E 211 18.04 -3.00 -9.19
N ILE E 212 19.10 -2.62 -9.91
CA ILE E 212 18.92 -1.63 -10.97
C ILE E 212 18.19 -2.29 -12.12
N SER E 213 18.53 -3.55 -12.39
CA SER E 213 17.83 -4.32 -13.42
C SER E 213 16.34 -4.31 -13.14
N ASN E 214 15.97 -4.67 -11.89
CA ASN E 214 14.59 -4.65 -11.43
C ASN E 214 13.95 -3.28 -11.68
N ILE E 215 14.61 -2.22 -11.19
CA ILE E 215 14.11 -0.84 -11.28
C ILE E 215 13.82 -0.49 -12.73
N LEU E 216 14.77 -0.82 -13.62
CA LEU E 216 14.70 -0.40 -15.01
C LEU E 216 13.56 -1.11 -15.72
N GLN E 217 13.26 -2.34 -15.32
CA GLN E 217 12.17 -3.01 -16.00
C GLN E 217 10.86 -2.84 -15.24
N SER E 218 10.84 -2.01 -14.19
CA SER E 218 9.65 -1.80 -13.37
C SER E 218 8.72 -0.75 -13.96
N GLY E 219 9.19 0.00 -14.95
CA GLY E 219 8.42 1.12 -15.49
C GLY E 219 8.73 2.42 -14.76
N VAL E 220 9.74 2.41 -13.90
CA VAL E 220 10.25 3.64 -13.31
C VAL E 220 10.84 4.50 -14.43
N ASP E 221 10.71 5.82 -14.28
CA ASP E 221 11.33 6.77 -15.17
C ASP E 221 12.72 7.07 -14.62
N TYR E 222 13.76 6.64 -15.35
CA TYR E 222 15.10 6.57 -14.80
C TYR E 222 16.04 7.44 -15.64
N THR E 223 16.81 8.31 -14.98
CA THR E 223 17.91 8.98 -15.65
C THR E 223 19.23 8.60 -14.98
N PHE E 224 20.17 8.14 -15.81
CA PHE E 224 21.59 8.13 -15.45
C PHE E 224 22.14 9.54 -15.62
N ALA E 225 22.01 10.34 -14.57
CA ALA E 225 22.27 11.76 -14.61
C ALA E 225 23.76 12.06 -14.46
N ALA E 226 24.47 11.15 -13.76
CA ALA E 226 25.84 11.38 -13.37
C ALA E 226 26.62 10.06 -13.45
N PRO E 227 26.82 9.51 -14.67
CA PRO E 227 27.71 8.37 -14.83
C PRO E 227 29.15 8.84 -14.76
N LEU E 228 30.09 7.89 -14.67
CA LEU E 228 31.51 8.20 -14.65
C LEU E 228 31.85 9.10 -15.83
N ASP E 229 31.16 8.88 -16.96
CA ASP E 229 31.33 9.66 -18.17
C ASP E 229 31.42 11.15 -17.83
N ILE E 230 30.54 11.62 -16.94
CA ILE E 230 30.48 13.03 -16.57
C ILE E 230 31.36 13.29 -15.34
N THR E 231 31.15 12.50 -14.28
CA THR E 231 31.72 12.81 -12.99
C THR E 231 33.24 12.81 -13.05
N HIS E 232 33.82 12.02 -13.96
CA HIS E 232 35.26 11.98 -14.16
C HIS E 232 35.77 13.25 -14.84
N THR E 233 34.86 14.11 -15.32
CA THR E 233 35.20 15.43 -15.83
C THR E 233 34.81 16.54 -14.83
N VAL E 234 34.52 16.16 -13.58
CA VAL E 234 34.13 17.12 -12.55
C VAL E 234 35.12 17.00 -11.40
N LEU E 235 36.22 17.76 -11.50
CA LEU E 235 37.42 17.50 -10.74
C LEU E 235 37.68 18.63 -9.74
N VAL E 236 38.10 18.21 -8.55
CA VAL E 236 38.45 19.11 -7.46
C VAL E 236 39.89 19.57 -7.65
N THR E 237 40.05 20.59 -8.51
CA THR E 237 41.34 21.20 -8.80
C THR E 237 41.74 22.11 -7.63
N GLU E 238 42.98 22.61 -7.64
CA GLU E 238 43.40 23.55 -6.60
C GLU E 238 42.71 24.89 -6.82
N LYS E 239 42.31 25.13 -8.07
CA LYS E 239 41.47 26.27 -8.44
C LYS E 239 40.13 26.20 -7.71
N VAL E 240 39.47 25.04 -7.80
CA VAL E 240 38.19 24.83 -7.15
C VAL E 240 38.37 24.99 -5.65
N ILE E 241 39.50 24.50 -5.11
CA ILE E 241 39.79 24.57 -3.68
C ILE E 241 39.89 26.02 -3.23
N ASN E 242 40.57 26.87 -4.01
CA ASN E 242 40.75 28.25 -3.64
C ASN E 242 39.41 28.98 -3.59
N ASP E 243 38.50 28.61 -4.50
CA ASP E 243 37.18 29.23 -4.54
C ASP E 243 36.38 28.82 -3.31
N ILE E 244 36.59 27.58 -2.84
CA ILE E 244 35.92 27.09 -1.65
C ILE E 244 36.39 27.91 -0.46
N LYS E 245 37.72 28.02 -0.31
CA LYS E 245 38.33 28.85 0.70
C LYS E 245 37.81 30.28 0.62
N ALA E 246 37.78 30.84 -0.61
CA ALA E 246 37.27 32.17 -0.85
C ALA E 246 35.90 32.34 -0.22
N ALA E 247 35.02 31.36 -0.46
CA ALA E 247 33.62 31.49 -0.12
C ALA E 247 33.35 31.15 1.35
N THR E 248 34.25 30.41 2.02
CA THR E 248 33.95 29.85 3.33
C THR E 248 34.86 30.37 4.45
N GLU E 249 36.17 30.55 4.19
CA GLU E 249 37.08 30.95 5.26
C GLU E 249 36.60 32.24 5.93
N PRO E 250 36.21 33.29 5.15
CA PRO E 250 35.64 34.50 5.74
C PRO E 250 34.57 34.27 6.81
N TYR E 251 33.76 33.22 6.67
CA TYR E 251 32.56 33.04 7.48
C TYR E 251 32.75 31.96 8.54
N SER E 252 33.57 30.94 8.23
CA SER E 252 33.75 29.80 9.12
C SER E 252 34.98 29.01 8.69
N PRO E 253 36.17 29.35 9.20
CA PRO E 253 37.41 28.70 8.77
C PRO E 253 37.57 27.28 9.31
N LYS E 254 36.71 26.89 10.26
CA LYS E 254 36.66 25.51 10.73
C LYS E 254 36.00 24.65 9.64
N PHE E 255 34.85 25.13 9.12
CA PHE E 255 34.12 24.45 8.05
C PHE E 255 35.01 24.29 6.82
N THR E 256 35.87 25.28 6.59
CA THR E 256 36.80 25.27 5.46
C THR E 256 37.69 24.03 5.53
N GLU E 257 38.31 23.82 6.72
CA GLU E 257 39.24 22.72 6.92
C GLU E 257 38.52 21.40 6.67
N MET E 258 37.31 21.29 7.21
CA MET E 258 36.52 20.08 7.13
C MET E 258 36.17 19.73 5.70
N ILE E 259 35.60 20.67 4.94
CA ILE E 259 35.12 20.34 3.60
C ILE E 259 36.33 20.01 2.72
N ILE E 260 37.50 20.57 3.03
CA ILE E 260 38.66 20.36 2.18
C ILE E 260 39.32 19.02 2.53
N LYS E 261 39.41 18.69 3.82
CA LYS E 261 39.90 17.38 4.24
C LYS E 261 39.06 16.26 3.61
N LEU E 262 37.74 16.39 3.74
CA LEU E 262 36.81 15.44 3.13
C LEU E 262 37.07 15.35 1.64
N LEU E 263 37.17 16.51 0.97
CA LEU E 263 37.23 16.56 -0.49
C LEU E 263 38.53 15.94 -1.02
N PHE E 264 39.58 15.93 -0.21
CA PHE E 264 40.87 15.44 -0.66
C PHE E 264 41.19 14.08 -0.03
N PHE E 265 40.18 13.40 0.54
CA PHE E 265 40.46 12.27 1.41
C PHE E 265 40.88 11.04 0.62
N PHE E 266 40.27 10.76 -0.54
CA PHE E 266 40.66 9.60 -1.33
C PHE E 266 41.52 10.04 -2.53
N LYS E 267 42.29 11.13 -2.34
CA LYS E 267 42.91 11.86 -3.44
C LYS E 267 44.13 11.14 -3.97
N ASP E 268 44.97 10.60 -3.07
CA ASP E 268 46.20 9.91 -3.45
C ASP E 268 45.89 8.63 -4.22
N THR E 269 44.93 7.85 -3.69
CA THR E 269 44.41 6.67 -4.37
C THR E 269 43.88 7.06 -5.75
N TYR E 270 43.13 8.17 -5.84
CA TYR E 270 42.61 8.61 -7.13
C TYR E 270 43.77 8.92 -8.08
N ARG E 271 44.86 9.48 -7.56
CA ARG E 271 46.04 9.76 -8.37
C ARG E 271 46.77 8.47 -8.76
N ASP E 272 47.05 7.62 -7.76
CA ASP E 272 47.93 6.45 -7.91
C ASP E 272 47.17 5.25 -8.46
N VAL E 273 45.97 5.00 -7.91
CA VAL E 273 45.21 3.81 -8.26
C VAL E 273 44.62 4.03 -9.65
N PHE E 274 44.21 5.28 -9.93
CA PHE E 274 43.31 5.54 -11.05
C PHE E 274 43.91 6.55 -12.04
N GLY E 275 44.92 7.35 -11.61
CA GLY E 275 45.62 8.23 -12.53
C GLY E 275 45.14 9.69 -12.49
N PHE E 276 44.39 10.05 -11.43
CA PHE E 276 43.80 11.37 -11.31
C PHE E 276 44.74 12.31 -10.54
N ILE E 277 45.29 13.31 -11.24
CA ILE E 277 46.00 14.38 -10.56
C ILE E 277 45.04 15.03 -9.57
N ASP E 278 43.80 15.25 -10.00
CA ASP E 278 42.75 15.81 -9.16
C ASP E 278 41.53 14.89 -9.12
N PRO E 279 40.92 14.65 -7.95
CA PRO E 279 39.88 13.63 -7.82
C PRO E 279 38.52 14.12 -8.32
N PRO E 280 37.64 13.21 -8.78
CA PRO E 280 36.30 13.58 -9.23
C PRO E 280 35.39 13.78 -8.02
N LEU E 281 34.26 14.45 -8.21
CA LEU E 281 33.23 14.57 -7.20
C LEU E 281 31.90 14.14 -7.82
N HIS E 282 31.42 12.98 -7.40
CA HIS E 282 30.42 12.23 -8.15
C HIS E 282 29.00 12.72 -7.87
N ASP E 283 28.54 12.46 -6.64
CA ASP E 283 27.13 12.38 -6.31
C ASP E 283 26.41 13.73 -6.41
N PRO E 284 26.99 14.89 -6.03
CA PRO E 284 26.28 16.17 -6.16
C PRO E 284 25.85 16.49 -7.59
N VAL E 285 26.54 15.90 -8.58
CA VAL E 285 26.17 16.05 -9.98
C VAL E 285 24.73 15.55 -10.21
N ALA E 286 24.33 14.48 -9.48
CA ALA E 286 23.00 13.89 -9.63
C ALA E 286 21.92 14.86 -9.18
N ALA E 287 22.13 15.46 -8.00
CA ALA E 287 21.24 16.49 -7.46
C ALA E 287 21.24 17.73 -8.35
N PHE E 288 22.39 18.04 -8.97
CA PHE E 288 22.49 19.17 -9.87
C PHE E 288 21.61 18.95 -11.11
N HIS E 289 21.48 17.70 -11.54
CA HIS E 289 20.60 17.40 -12.67
C HIS E 289 19.16 17.81 -12.33
N LEU E 290 18.72 17.46 -11.12
CA LEU E 290 17.34 17.74 -10.74
C LEU E 290 17.16 19.24 -10.52
N ILE E 291 18.24 19.95 -10.14
CA ILE E 291 18.19 21.40 -9.97
C ILE E 291 18.16 22.08 -11.34
N ALA E 292 19.05 21.68 -12.26
CA ALA E 292 19.30 22.43 -13.47
C ALA E 292 19.68 21.49 -14.62
N PRO E 293 18.70 20.79 -15.23
CA PRO E 293 18.98 19.79 -16.26
C PRO E 293 19.39 20.37 -17.61
N GLU E 294 19.29 21.68 -17.74
CA GLU E 294 19.62 22.36 -18.99
C GLU E 294 21.12 22.28 -19.29
N TRP E 295 21.95 22.01 -18.26
CA TRP E 295 23.39 21.93 -18.41
C TRP E 295 23.85 20.54 -18.86
N PHE E 296 22.90 19.60 -19.00
CA PHE E 296 23.22 18.22 -19.37
C PHE E 296 22.69 17.92 -20.75
N GLU E 297 23.46 17.14 -21.52
CA GLU E 297 22.94 16.45 -22.68
C GLU E 297 22.21 15.18 -22.22
N HIS E 298 21.31 14.70 -23.08
CA HIS E 298 20.44 13.58 -22.76
C HIS E 298 20.23 12.73 -24.01
N VAL E 299 20.22 11.41 -23.85
CA VAL E 299 19.75 10.55 -24.92
C VAL E 299 18.92 9.43 -24.31
N ARG E 300 17.82 9.05 -24.97
CA ARG E 300 17.02 7.89 -24.57
C ARG E 300 17.62 6.65 -25.21
N CYS E 301 17.63 5.54 -24.45
CA CYS E 301 18.04 4.26 -25.02
C CYS E 301 17.49 3.13 -24.17
N HIS E 302 17.74 1.90 -24.63
CA HIS E 302 17.47 0.72 -23.82
C HIS E 302 18.76 0.35 -23.12
N VAL E 303 18.74 0.33 -21.78
CA VAL E 303 19.89 -0.10 -20.99
C VAL E 303 19.60 -1.49 -20.43
N ASP E 304 20.54 -2.42 -20.68
CA ASP E 304 20.59 -3.71 -20.05
C ASP E 304 21.69 -3.72 -19.00
N ILE E 305 21.36 -4.20 -17.81
CA ILE E 305 22.30 -4.35 -16.71
C ILE E 305 22.80 -5.80 -16.65
N GLU E 306 24.10 -5.99 -16.71
CA GLU E 306 24.68 -7.34 -16.71
C GLU E 306 24.55 -7.91 -15.30
N THR E 307 23.94 -9.10 -15.22
CA THR E 307 23.83 -9.81 -13.97
C THR E 307 24.48 -11.20 -14.06
N LYS E 308 24.33 -11.87 -15.21
CA LYS E 308 24.89 -13.19 -15.43
C LYS E 308 26.41 -13.17 -15.48
N GLY E 309 26.98 -12.04 -15.93
CA GLY E 309 28.39 -11.95 -16.21
C GLY E 309 29.25 -12.11 -14.96
N GLU E 310 30.34 -12.85 -15.13
CA GLU E 310 31.23 -13.25 -14.04
C GLU E 310 32.17 -12.12 -13.64
N TYR E 311 32.72 -11.42 -14.65
CA TYR E 311 33.70 -10.37 -14.46
C TYR E 311 33.12 -9.01 -14.81
N THR E 312 31.83 -8.99 -15.19
CA THR E 312 31.23 -7.88 -15.89
C THR E 312 29.84 -7.56 -15.32
N TYR E 313 29.46 -8.18 -14.21
CA TYR E 313 28.19 -7.83 -13.60
C TYR E 313 28.24 -6.35 -13.26
N GLY E 314 27.11 -5.67 -13.49
CA GLY E 314 26.95 -4.26 -13.22
C GLY E 314 27.23 -3.39 -14.43
N CYS E 315 27.65 -4.01 -15.55
CA CYS E 315 27.88 -3.28 -16.78
C CYS E 315 26.55 -2.72 -17.30
N CYS E 316 26.56 -1.42 -17.60
CA CYS E 316 25.44 -0.74 -18.23
C CYS E 316 25.61 -0.81 -19.75
N CYS E 317 24.87 -1.73 -20.38
CA CYS E 317 25.01 -2.02 -21.79
C CYS E 317 23.80 -1.45 -22.52
N THR E 318 24.03 -0.42 -23.34
CA THR E 318 22.99 0.27 -24.05
C THR E 318 23.03 -0.15 -25.50
N ASN E 319 21.95 0.18 -26.22
CA ASN E 319 21.83 -0.07 -27.65
C ASN E 319 22.11 1.22 -28.42
N LEU E 320 22.83 2.18 -27.81
CA LEU E 320 23.09 3.47 -28.45
C LEU E 320 23.80 3.27 -29.80
N ILE E 321 24.73 2.30 -29.83
CA ILE E 321 25.50 2.03 -31.03
C ILE E 321 24.65 1.23 -32.02
N LEU E 322 23.78 0.33 -31.55
CA LEU E 322 22.86 -0.35 -32.46
C LEU E 322 22.02 0.68 -33.22
N LYS E 323 21.62 1.75 -32.55
CA LYS E 323 20.70 2.72 -33.12
C LYS E 323 21.37 3.57 -34.22
N LYS E 324 22.69 3.72 -34.18
CA LYS E 324 23.35 4.31 -35.34
C LYS E 324 23.50 3.26 -36.45
N LYS E 325 23.99 2.06 -36.08
CA LYS E 325 24.24 0.96 -37.02
C LYS E 325 22.97 0.63 -37.80
N ASP E 326 21.88 0.33 -37.08
CA ASP E 326 20.67 -0.11 -37.74
C ASP E 326 19.46 0.13 -36.82
N PRO E 327 18.94 1.38 -36.80
CA PRO E 327 17.86 1.74 -35.89
C PRO E 327 16.59 0.95 -36.14
N THR E 328 16.48 0.35 -37.33
CA THR E 328 15.21 -0.18 -37.78
C THR E 328 15.00 -1.59 -37.24
N LYS E 329 16.03 -2.21 -36.65
CA LYS E 329 15.91 -3.58 -36.19
C LYS E 329 15.82 -3.64 -34.67
N ILE E 330 15.79 -2.48 -34.02
CA ILE E 330 15.74 -2.43 -32.56
C ILE E 330 14.36 -2.93 -32.11
N VAL E 331 14.29 -4.08 -31.44
CA VAL E 331 13.00 -4.63 -31.01
C VAL E 331 12.80 -4.40 -29.51
N LYS E 332 13.47 -3.36 -28.96
CA LYS E 332 13.42 -3.12 -27.53
C LYS E 332 13.12 -1.65 -27.23
N PRO E 333 12.06 -1.35 -26.45
CA PRO E 333 11.73 0.02 -26.13
C PRO E 333 12.84 0.67 -25.31
N ASP E 334 13.02 1.99 -25.46
CA ASP E 334 13.91 2.71 -24.56
C ASP E 334 13.41 2.52 -23.13
N ASN E 335 14.31 2.61 -22.14
CA ASN E 335 13.90 2.50 -20.74
C ASN E 335 14.64 3.49 -19.85
N ALA E 336 15.59 4.22 -20.40
CA ALA E 336 16.30 5.20 -19.60
C ALA E 336 16.69 6.38 -20.47
N THR E 337 16.96 7.49 -19.78
CA THR E 337 17.72 8.59 -20.34
C THR E 337 19.13 8.45 -19.82
N VAL E 338 20.12 8.71 -20.68
CA VAL E 338 21.52 8.75 -20.26
C VAL E 338 22.08 10.14 -20.51
N CYS E 339 22.76 10.69 -19.50
CA CYS E 339 23.49 11.95 -19.66
C CYS E 339 24.98 11.67 -19.85
N LEU E 340 25.45 11.82 -21.09
CA LEU E 340 26.78 11.38 -21.49
C LEU E 340 27.83 12.47 -21.27
N LYS E 341 27.40 13.70 -20.97
CA LYS E 341 28.28 14.85 -21.01
C LYS E 341 27.53 16.09 -20.56
N LEU E 342 28.23 17.09 -20.00
CA LEU E 342 27.64 18.40 -19.74
C LEU E 342 27.72 19.26 -20.99
N LYS E 343 26.73 20.12 -21.19
CA LYS E 343 26.84 21.17 -22.19
C LYS E 343 27.91 22.16 -21.73
N GLU E 344 28.43 22.96 -22.68
CA GLU E 344 29.40 23.98 -22.34
C GLU E 344 28.76 24.97 -21.36
N GLY E 345 29.55 25.36 -20.34
CA GLY E 345 29.06 26.18 -19.25
C GLY E 345 28.69 25.34 -18.02
N GLY E 346 28.38 24.05 -18.25
CA GLY E 346 27.85 23.16 -17.24
C GLY E 346 28.79 23.00 -16.05
N HIS E 347 30.09 22.87 -16.32
CA HIS E 347 31.04 22.69 -15.24
C HIS E 347 31.11 23.93 -14.36
N ASP E 348 31.16 25.10 -14.98
CA ASP E 348 31.16 26.36 -14.25
C ASP E 348 29.87 26.49 -13.45
N ALA E 349 28.74 26.23 -14.11
CA ALA E 349 27.44 26.31 -13.47
C ALA E 349 27.37 25.37 -12.27
N PHE E 350 27.89 24.14 -12.41
CA PHE E 350 27.92 23.17 -11.32
C PHE E 350 28.72 23.73 -10.14
N TRP E 351 29.93 24.24 -10.42
CA TRP E 351 30.80 24.69 -9.34
C TRP E 351 30.28 25.97 -8.69
N ASN E 352 29.60 26.85 -9.44
CA ASN E 352 29.02 28.05 -8.84
C ASN E 352 27.92 27.63 -7.89
N GLN E 353 27.10 26.66 -8.33
CA GLN E 353 26.05 26.09 -7.52
C GLN E 353 26.64 25.52 -6.24
N MET E 354 27.70 24.72 -6.39
CA MET E 354 28.24 23.98 -5.26
C MET E 354 28.88 24.95 -4.26
N ILE E 355 29.66 25.91 -4.77
CA ILE E 355 30.39 26.84 -3.93
C ILE E 355 29.43 27.81 -3.24
N THR E 356 28.37 28.26 -3.95
CA THR E 356 27.31 29.04 -3.31
C THR E 356 26.85 28.33 -2.04
N VAL E 357 26.47 27.06 -2.18
CA VAL E 357 25.89 26.30 -1.09
C VAL E 357 26.90 26.21 0.04
N TRP E 358 28.15 25.89 -0.28
CA TRP E 358 29.17 25.78 0.74
C TRP E 358 29.32 27.11 1.47
N GLY E 359 29.30 28.23 0.73
CA GLY E 359 29.34 29.56 1.28
C GLY E 359 28.21 29.79 2.28
N GLU E 360 26.97 29.44 1.88
CA GLU E 360 25.78 29.62 2.71
C GLU E 360 25.88 28.74 3.97
N ILE E 361 26.46 27.55 3.84
CA ILE E 361 26.65 26.66 4.97
C ILE E 361 27.66 27.29 5.94
N ALA E 362 28.76 27.80 5.39
CA ALA E 362 29.80 28.45 6.18
C ALA E 362 29.22 29.61 6.99
N LYS E 363 28.27 30.35 6.39
CA LYS E 363 27.63 31.48 7.05
C LYS E 363 26.80 31.03 8.23
N GLU E 364 26.08 29.91 8.10
CA GLU E 364 25.22 29.42 9.16
C GLU E 364 26.04 28.85 10.32
N ILE E 365 27.18 28.25 10.03
CA ILE E 365 28.01 27.67 11.07
C ILE E 365 28.75 28.78 11.84
N GLY E 366 29.30 29.76 11.10
CA GLY E 366 29.77 31.01 11.68
C GLY E 366 31.00 30.83 12.55
N MET F 21 2.03 -29.60 25.34
CA MET F 21 2.96 -28.73 24.57
C MET F 21 2.48 -28.67 23.11
N SER F 22 2.07 -27.47 22.70
CA SER F 22 1.74 -27.20 21.31
C SER F 22 2.62 -26.08 20.77
N ILE F 23 2.80 -26.08 19.44
CA ILE F 23 3.86 -25.33 18.80
C ILE F 23 3.25 -24.10 18.13
N LYS F 24 3.78 -22.93 18.48
CA LYS F 24 3.43 -21.71 17.79
C LYS F 24 4.13 -21.69 16.43
N CYS F 25 3.34 -21.38 15.39
CA CYS F 25 3.87 -21.39 14.04
C CYS F 25 3.08 -20.40 13.18
N ALA F 26 3.62 -20.12 11.99
CA ALA F 26 2.96 -19.30 11.01
C ALA F 26 2.94 -20.06 9.69
N LEU F 27 1.98 -19.73 8.83
CA LEU F 27 1.85 -20.43 7.55
C LEU F 27 2.05 -19.43 6.43
N ASP F 28 2.94 -19.78 5.50
CA ASP F 28 3.16 -19.01 4.30
C ASP F 28 2.85 -19.93 3.13
N CYS F 29 1.95 -19.54 2.23
CA CYS F 29 1.43 -20.46 1.25
C CYS F 29 0.69 -19.73 0.12
N ASP F 30 0.30 -20.50 -0.91
CA ASP F 30 -0.33 -19.98 -2.12
C ASP F 30 -1.56 -20.83 -2.50
N PRO F 31 -2.59 -20.96 -1.63
CA PRO F 31 -3.70 -21.87 -1.92
C PRO F 31 -4.37 -21.55 -3.26
N GLY F 32 -4.55 -22.57 -4.12
CA GLY F 32 -3.94 -23.88 -4.02
C GLY F 32 -4.79 -24.88 -3.23
N HIS F 33 -5.11 -26.02 -3.85
CA HIS F 33 -5.91 -27.06 -3.24
C HIS F 33 -5.13 -27.76 -2.12
N ASP F 34 -3.83 -27.99 -2.30
CA ASP F 34 -3.04 -28.64 -1.25
C ASP F 34 -2.84 -27.69 -0.07
N ASP F 35 -2.62 -26.39 -0.36
CA ASP F 35 -2.37 -25.43 0.69
C ASP F 35 -3.62 -25.33 1.55
N LEU F 36 -4.78 -25.41 0.91
CA LEU F 36 -6.05 -25.46 1.61
C LEU F 36 -6.10 -26.67 2.56
N ALA F 37 -5.59 -27.80 2.11
CA ALA F 37 -5.55 -29.01 2.94
C ALA F 37 -4.58 -28.84 4.10
N MET F 38 -3.47 -28.14 3.85
CA MET F 38 -2.42 -27.96 4.84
C MET F 38 -2.92 -27.00 5.93
N ILE F 39 -3.63 -25.95 5.49
CA ILE F 39 -4.21 -24.99 6.41
C ILE F 39 -5.17 -25.73 7.32
N MET F 40 -6.06 -26.54 6.73
CA MET F 40 -7.01 -27.34 7.49
C MET F 40 -6.26 -28.15 8.55
N LEU F 41 -5.20 -28.86 8.14
CA LEU F 41 -4.44 -29.70 9.06
C LEU F 41 -3.87 -28.87 10.21
N ALA F 42 -3.17 -27.78 9.88
CA ALA F 42 -2.42 -27.01 10.87
C ALA F 42 -3.37 -26.35 11.87
N VAL F 43 -4.43 -25.71 11.36
CA VAL F 43 -5.37 -24.98 12.20
C VAL F 43 -6.04 -25.95 13.17
N TYR F 44 -6.78 -26.94 12.63
CA TYR F 44 -7.53 -27.88 13.44
C TYR F 44 -6.63 -28.82 14.23
N SER F 45 -5.37 -29.01 13.85
CA SER F 45 -4.46 -29.78 14.69
C SER F 45 -4.26 -29.08 16.03
N PRO F 46 -4.52 -29.78 17.16
CA PRO F 46 -4.25 -29.22 18.49
C PRO F 46 -2.77 -28.99 18.75
N LYS F 47 -1.93 -29.70 17.98
CA LYS F 47 -0.48 -29.69 18.18
C LYS F 47 0.13 -28.38 17.65
N LEU F 48 -0.53 -27.72 16.70
CA LEU F 48 -0.02 -26.50 16.10
C LEU F 48 -0.95 -25.35 16.46
N ASP F 49 -0.34 -24.23 16.83
CA ASP F 49 -0.99 -23.01 17.27
C ASP F 49 -0.71 -21.92 16.23
N VAL F 50 -1.53 -21.88 15.18
CA VAL F 50 -1.28 -21.02 14.03
C VAL F 50 -1.48 -19.56 14.43
N GLN F 51 -0.43 -18.75 14.29
CA GLN F 51 -0.46 -17.35 14.69
C GLN F 51 -0.99 -16.45 13.57
N TYR F 52 -0.59 -16.75 12.32
CA TYR F 52 -1.11 -16.03 11.16
C TYR F 52 -0.90 -16.89 9.93
N ILE F 53 -1.50 -16.48 8.83
CA ILE F 53 -1.18 -16.99 7.51
C ILE F 53 -0.73 -15.85 6.60
N SER F 54 0.46 -15.98 5.99
CA SER F 54 0.91 -15.08 4.94
C SER F 54 0.76 -15.79 3.61
N THR F 55 0.23 -15.07 2.61
CA THR F 55 0.10 -15.64 1.28
C THR F 55 1.13 -15.00 0.34
N THR F 56 1.40 -15.73 -0.73
CA THR F 56 2.43 -15.37 -1.69
C THR F 56 1.93 -15.73 -3.07
N HIS F 57 2.62 -15.19 -4.07
CA HIS F 57 2.38 -15.50 -5.47
C HIS F 57 2.75 -16.95 -5.74
N GLY F 58 2.19 -17.50 -6.81
CA GLY F 58 2.57 -18.83 -7.22
C GLY F 58 1.57 -19.40 -8.21
N ASN F 59 0.74 -20.33 -7.71
CA ASN F 59 -0.38 -20.86 -8.43
C ASN F 59 -1.12 -19.70 -9.09
N GLN F 60 -1.74 -18.86 -8.26
CA GLN F 60 -2.35 -17.63 -8.73
C GLN F 60 -1.51 -16.42 -8.29
N THR F 61 -1.98 -15.24 -8.68
CA THR F 61 -1.52 -13.99 -8.14
C THR F 61 -1.76 -13.94 -6.64
N VAL F 62 -0.92 -13.19 -5.92
CA VAL F 62 -0.94 -13.20 -4.45
C VAL F 62 -2.30 -12.70 -3.97
N ASN F 63 -3.00 -11.96 -4.82
CA ASN F 63 -4.29 -11.43 -4.43
C ASN F 63 -5.31 -12.56 -4.35
N LYS F 64 -5.30 -13.46 -5.33
CA LYS F 64 -6.20 -14.60 -5.32
C LYS F 64 -5.83 -15.57 -4.22
N THR F 65 -4.53 -15.83 -4.02
CA THR F 65 -4.10 -16.76 -2.99
C THR F 65 -4.56 -16.26 -1.62
N TYR F 66 -4.47 -14.95 -1.42
CA TYR F 66 -4.91 -14.32 -0.19
C TYR F 66 -6.37 -14.66 0.08
N GLN F 67 -7.22 -14.51 -0.92
CA GLN F 67 -8.64 -14.77 -0.76
C GLN F 67 -8.88 -16.26 -0.55
N ASN F 68 -8.10 -17.09 -1.25
CA ASN F 68 -8.21 -18.54 -1.16
C ASN F 68 -7.87 -19.02 0.24
N ALA F 69 -6.96 -18.31 0.91
CA ALA F 69 -6.65 -18.64 2.29
C ALA F 69 -7.84 -18.29 3.18
N ARG F 70 -8.44 -17.12 2.96
CA ARG F 70 -9.56 -16.66 3.74
C ARG F 70 -10.78 -17.56 3.55
N ARG F 71 -10.96 -18.07 2.33
CA ARG F 71 -12.01 -19.02 2.03
C ARG F 71 -11.81 -20.32 2.80
N THR F 72 -10.58 -20.80 2.83
CA THR F 72 -10.26 -22.01 3.56
C THR F 72 -10.70 -21.83 5.01
N LEU F 73 -10.30 -20.68 5.58
CA LEU F 73 -10.55 -20.38 6.98
C LEU F 73 -12.05 -20.27 7.25
N ASN F 74 -12.77 -19.59 6.35
CA ASN F 74 -14.19 -19.29 6.55
C ASN F 74 -15.01 -20.58 6.40
N LEU F 75 -14.56 -21.46 5.49
CA LEU F 75 -15.17 -22.76 5.32
C LEU F 75 -15.07 -23.57 6.62
N ILE F 76 -13.94 -23.44 7.34
CA ILE F 76 -13.68 -24.26 8.52
C ILE F 76 -13.98 -23.46 9.79
N LYS F 77 -14.63 -22.29 9.65
CA LYS F 77 -15.13 -21.51 10.76
C LYS F 77 -13.97 -20.90 11.55
N ARG F 78 -13.04 -20.22 10.87
CA ARG F 78 -11.86 -19.70 11.55
C ARG F 78 -11.43 -18.34 11.01
N ALA F 79 -12.20 -17.75 10.08
CA ALA F 79 -11.76 -16.55 9.36
C ALA F 79 -11.84 -15.32 10.26
N ASP F 80 -12.52 -15.45 11.40
CA ASP F 80 -12.71 -14.39 12.38
C ASP F 80 -11.63 -14.47 13.46
N LYS F 81 -10.82 -15.53 13.44
CA LYS F 81 -9.87 -15.84 14.50
C LYS F 81 -8.43 -15.54 14.07
N ILE F 82 -8.05 -16.02 12.89
CA ILE F 82 -6.66 -16.01 12.42
C ILE F 82 -6.50 -14.90 11.40
N PRO F 83 -5.49 -14.00 11.57
CA PRO F 83 -5.19 -12.97 10.58
C PRO F 83 -4.51 -13.57 9.35
N VAL F 84 -4.93 -13.10 8.17
CA VAL F 84 -4.29 -13.46 6.91
C VAL F 84 -3.64 -12.21 6.32
N TYR F 85 -2.34 -12.31 6.02
CA TYR F 85 -1.57 -11.26 5.39
C TYR F 85 -1.41 -11.54 3.90
N ARG F 86 -1.60 -10.50 3.08
CA ARG F 86 -1.36 -10.60 1.65
C ARG F 86 0.07 -10.15 1.40
N GLY F 87 0.90 -11.07 0.85
CA GLY F 87 2.34 -10.86 0.76
C GLY F 87 2.80 -10.36 -0.60
N TYR F 88 4.05 -10.69 -0.94
CA TYR F 88 4.70 -10.18 -2.14
C TYR F 88 4.14 -10.88 -3.38
N SER F 89 4.08 -10.13 -4.47
CA SER F 89 3.36 -10.48 -5.69
C SER F 89 4.26 -11.09 -6.77
N LYS F 90 5.59 -10.96 -6.64
CA LYS F 90 6.48 -11.49 -7.66
C LYS F 90 7.78 -11.95 -7.02
N PRO F 91 8.59 -12.78 -7.74
CA PRO F 91 9.92 -13.15 -7.25
C PRO F 91 10.83 -11.96 -7.03
N LEU F 92 11.92 -12.19 -6.29
CA LEU F 92 12.91 -11.17 -5.97
C LEU F 92 13.42 -10.51 -7.25
N THR F 93 13.87 -11.33 -8.21
CA THR F 93 14.55 -10.80 -9.39
C THR F 93 14.01 -11.40 -10.69
N ARG F 94 12.85 -12.07 -10.63
CA ARG F 94 12.31 -12.74 -11.80
C ARG F 94 10.84 -12.36 -11.99
N GLU F 95 10.31 -12.70 -13.18
CA GLU F 95 8.90 -12.57 -13.45
C GLU F 95 8.12 -13.74 -12.83
N SER F 96 6.85 -13.48 -12.46
CA SER F 96 5.95 -14.56 -12.08
C SER F 96 5.80 -15.50 -13.28
N GLY F 107 -8.11 -20.11 -8.41
CA GLY F 107 -6.96 -20.75 -7.74
C GLY F 107 -7.40 -21.95 -6.88
N LEU F 108 -8.72 -22.13 -6.75
CA LEU F 108 -9.27 -23.08 -5.80
C LEU F 108 -10.52 -23.70 -6.42
N GLY F 109 -10.41 -24.10 -7.69
CA GLY F 109 -11.55 -24.44 -8.52
C GLY F 109 -12.14 -25.81 -8.19
N GLY F 110 -13.27 -26.11 -8.84
CA GLY F 110 -14.02 -27.33 -8.58
C GLY F 110 -15.22 -27.13 -7.65
N VAL F 111 -15.36 -25.90 -7.16
CA VAL F 111 -16.24 -25.59 -6.05
C VAL F 111 -16.75 -24.16 -6.22
N ASP F 112 -17.96 -23.91 -5.69
CA ASP F 112 -18.59 -22.60 -5.77
C ASP F 112 -18.38 -21.85 -4.46
N TRP F 113 -17.66 -20.74 -4.51
CA TRP F 113 -17.25 -20.02 -3.31
C TRP F 113 -18.14 -18.82 -3.04
N SER F 114 -19.20 -18.63 -3.84
CA SER F 114 -20.03 -17.43 -3.76
C SER F 114 -20.59 -17.21 -2.35
N GLU F 115 -20.96 -18.30 -1.66
CA GLU F 115 -21.53 -18.18 -0.32
C GLU F 115 -20.42 -17.90 0.68
N ILE F 116 -19.35 -18.69 0.65
CA ILE F 116 -18.20 -18.51 1.52
C ILE F 116 -17.64 -17.10 1.35
N ASP F 117 -17.76 -16.57 0.13
CA ASP F 117 -17.28 -15.22 -0.17
C ASP F 117 -18.14 -14.16 0.50
N ARG F 118 -19.47 -14.22 0.36
CA ARG F 118 -20.31 -13.13 0.84
C ARG F 118 -20.54 -13.21 2.35
N THR F 119 -20.28 -14.38 2.97
CA THR F 119 -20.44 -14.51 4.41
C THR F 119 -19.08 -14.42 5.11
N MET F 120 -18.09 -13.88 4.39
CA MET F 120 -16.72 -13.77 4.88
C MET F 120 -16.67 -12.69 5.95
N PRO F 121 -16.24 -13.01 7.19
CA PRO F 121 -16.03 -11.99 8.21
C PRO F 121 -14.79 -11.14 7.94
N ARG F 122 -14.75 -9.97 8.58
CA ARG F 122 -13.63 -9.05 8.51
C ARG F 122 -12.36 -9.78 8.93
N ASN F 123 -11.27 -9.41 8.26
CA ASN F 123 -9.97 -10.02 8.45
C ASN F 123 -9.36 -9.45 9.72
N PRO F 124 -9.11 -10.27 10.77
CA PRO F 124 -8.41 -9.84 11.97
C PRO F 124 -7.13 -9.05 11.69
N ALA F 125 -6.51 -9.28 10.53
CA ALA F 125 -5.28 -8.62 10.17
C ALA F 125 -5.49 -7.11 10.13
N LEU F 126 -6.68 -6.67 9.67
CA LEU F 126 -6.93 -5.25 9.47
C LEU F 126 -6.94 -4.52 10.81
N ASP F 127 -7.45 -5.17 11.86
CA ASP F 127 -7.54 -4.55 13.16
C ASP F 127 -6.13 -4.47 13.74
N ILE F 128 -5.33 -5.53 13.54
CA ILE F 128 -3.95 -5.56 13.96
C ILE F 128 -3.19 -4.39 13.34
N LEU F 129 -3.50 -4.08 12.07
CA LEU F 129 -2.68 -3.17 11.28
C LEU F 129 -3.17 -1.72 11.40
N GLY F 130 -4.43 -1.52 11.79
CA GLY F 130 -5.06 -0.21 11.81
C GLY F 130 -5.72 0.17 10.49
N TYR F 131 -5.97 -0.82 9.64
CA TYR F 131 -6.58 -0.60 8.33
C TYR F 131 -8.10 -0.64 8.43
N LYS F 132 -8.76 0.05 7.49
CA LYS F 132 -10.21 0.03 7.39
C LYS F 132 -10.62 -1.13 6.49
N ASP F 133 -9.95 -1.28 5.34
CA ASP F 133 -10.30 -2.31 4.38
C ASP F 133 -9.05 -2.93 3.75
N GLU F 134 -9.28 -3.91 2.87
CA GLU F 134 -8.24 -4.80 2.37
C GLU F 134 -7.37 -4.14 1.32
N SER F 135 -7.82 -3.02 0.75
CA SER F 135 -7.00 -2.30 -0.22
C SER F 135 -5.73 -1.78 0.44
N GLU F 136 -5.76 -1.62 1.77
CA GLU F 136 -4.65 -1.06 2.51
C GLU F 136 -3.59 -2.11 2.80
N LEU F 137 -3.89 -3.39 2.63
CA LEU F 137 -2.92 -4.46 2.87
C LEU F 137 -1.72 -4.27 1.95
N ARG F 138 -0.51 -4.44 2.51
CA ARG F 138 0.75 -4.28 1.80
C ARG F 138 1.59 -5.52 2.00
N PRO F 139 2.53 -5.84 1.08
CA PRO F 139 3.30 -7.08 1.17
C PRO F 139 4.06 -7.26 2.49
N ASP F 140 4.47 -6.16 3.14
CA ASP F 140 5.36 -6.26 4.28
C ASP F 140 4.61 -6.15 5.61
N ASP F 141 3.28 -6.26 5.59
CA ASP F 141 2.46 -6.15 6.78
C ASP F 141 2.80 -7.23 7.82
N PHE F 142 3.20 -8.43 7.38
CA PHE F 142 3.40 -9.51 8.33
C PHE F 142 4.72 -9.33 9.10
N PHE F 143 5.61 -8.45 8.62
CA PHE F 143 6.96 -8.36 9.16
C PHE F 143 6.94 -8.08 10.66
N LYS F 144 6.21 -7.04 11.10
CA LYS F 144 6.23 -6.67 12.51
C LYS F 144 5.67 -7.80 13.37
N HIS F 145 4.63 -8.48 12.88
CA HIS F 145 3.99 -9.56 13.61
C HIS F 145 4.95 -10.74 13.76
N LEU F 146 5.64 -11.09 12.67
CA LEU F 146 6.61 -12.18 12.72
C LEU F 146 7.72 -11.84 13.71
N HIS F 147 8.13 -10.56 13.73
CA HIS F 147 9.28 -10.17 14.54
C HIS F 147 8.95 -10.25 16.04
N ARG F 148 7.69 -9.98 16.41
CA ARG F 148 7.27 -10.16 17.80
C ARG F 148 7.37 -11.64 18.16
N LEU F 149 6.83 -12.51 17.30
CA LEU F 149 6.85 -13.95 17.51
C LEU F 149 8.29 -14.47 17.64
N VAL F 150 9.20 -13.95 16.81
CA VAL F 150 10.57 -14.44 16.77
C VAL F 150 11.30 -13.99 18.04
N SER F 151 11.10 -12.73 18.44
CA SER F 151 11.69 -12.21 19.67
C SER F 151 11.17 -13.01 20.85
N ALA F 152 9.85 -13.25 20.88
CA ALA F 152 9.20 -14.03 21.93
C ALA F 152 9.76 -15.45 21.98
N ALA F 153 10.03 -16.06 20.82
CA ALA F 153 10.47 -17.45 20.76
C ALA F 153 11.60 -17.73 21.75
N GLU F 154 11.44 -18.81 22.52
CA GLU F 154 12.46 -19.29 23.46
C GLU F 154 13.72 -19.66 22.67
N ASP F 155 13.56 -20.56 21.70
CA ASP F 155 14.66 -21.07 20.89
C ASP F 155 14.53 -20.50 19.47
N LYS F 156 13.68 -21.14 18.64
CA LYS F 156 13.38 -20.64 17.31
C LYS F 156 11.87 -20.68 17.08
N PHE F 157 11.39 -19.81 16.20
CA PHE F 157 10.00 -19.77 15.81
C PHE F 157 9.80 -20.52 14.49
N ASP F 158 8.66 -21.21 14.37
CA ASP F 158 8.44 -22.15 13.29
C ASP F 158 7.55 -21.56 12.20
N ILE F 159 7.99 -21.74 10.95
CA ILE F 159 7.26 -21.29 9.79
C ILE F 159 7.11 -22.48 8.86
N ILE F 160 5.86 -22.73 8.43
CA ILE F 160 5.58 -23.74 7.42
C ILE F 160 5.37 -22.99 6.11
N SER F 161 6.16 -23.35 5.10
CA SER F 161 6.11 -22.71 3.79
C SER F 161 5.77 -23.77 2.74
N THR F 162 4.71 -23.53 1.97
CA THR F 162 4.29 -24.49 0.95
C THR F 162 3.99 -23.80 -0.38
N GLY F 163 4.45 -22.55 -0.55
CA GLY F 163 4.44 -21.87 -1.84
C GLY F 163 5.83 -21.35 -2.18
N SER F 164 5.93 -20.32 -3.02
CA SER F 164 7.22 -19.65 -3.19
C SER F 164 7.65 -19.06 -1.85
N GLU F 165 8.96 -18.88 -1.66
CA GLU F 165 9.49 -18.47 -0.36
C GLU F 165 10.00 -17.02 -0.40
N THR F 166 9.46 -16.26 -1.38
CA THR F 166 9.72 -14.84 -1.56
C THR F 166 9.49 -14.03 -0.28
N ASN F 167 8.37 -14.29 0.41
CA ASN F 167 7.99 -13.56 1.61
C ASN F 167 9.08 -13.67 2.69
N ILE F 168 9.63 -14.87 2.85
CA ILE F 168 10.59 -15.12 3.91
C ILE F 168 11.95 -14.53 3.54
N ALA F 169 12.30 -14.60 2.25
CA ALA F 169 13.52 -13.99 1.75
C ALA F 169 13.46 -12.48 2.00
N GLN F 170 12.30 -11.90 1.68
CA GLN F 170 12.03 -10.49 1.89
CA GLN F 170 12.03 -10.49 1.89
C GLN F 170 12.13 -10.13 3.36
N TYR F 171 11.49 -10.94 4.22
CA TYR F 171 11.53 -10.69 5.65
C TYR F 171 12.96 -10.65 6.15
N LEU F 172 13.77 -11.60 5.68
CA LEU F 172 15.12 -11.81 6.17
C LEU F 172 16.05 -10.71 5.67
N LEU F 173 15.72 -10.11 4.54
CA LEU F 173 16.47 -8.99 4.01
C LEU F 173 16.20 -7.76 4.87
N ALA F 174 15.05 -7.74 5.53
CA ALA F 174 14.70 -6.65 6.45
C ALA F 174 15.06 -6.99 7.89
N TYR F 175 15.11 -8.29 8.24
CA TYR F 175 15.40 -8.74 9.60
C TYR F 175 16.49 -9.80 9.54
N PRO F 176 17.71 -9.42 9.07
CA PRO F 176 18.82 -10.36 8.93
C PRO F 176 19.10 -11.16 10.19
N GLU F 177 19.07 -10.45 11.33
CA GLU F 177 19.48 -10.97 12.62
C GLU F 177 18.48 -12.01 13.14
N ASP F 178 17.23 -11.98 12.63
CA ASP F 178 16.21 -12.93 13.04
C ASP F 178 16.41 -14.31 12.41
N ALA F 179 17.31 -14.41 11.41
CA ALA F 179 17.49 -15.65 10.65
C ALA F 179 17.79 -16.82 11.56
N LYS F 180 18.65 -16.60 12.57
CA LYS F 180 19.15 -17.65 13.42
C LYS F 180 18.06 -18.11 14.40
N LYS F 181 16.96 -17.35 14.50
CA LYS F 181 15.85 -17.70 15.38
C LYS F 181 14.60 -18.14 14.61
N ILE F 182 14.74 -18.51 13.34
CA ILE F 182 13.61 -18.99 12.57
C ILE F 182 13.90 -20.42 12.13
N ARG F 183 12.90 -21.29 12.27
CA ARG F 183 12.96 -22.64 11.75
C ARG F 183 11.90 -22.78 10.66
N MET F 184 12.33 -23.35 9.52
CA MET F 184 11.46 -23.46 8.36
C MET F 184 11.25 -24.92 8.00
N THR F 185 10.00 -25.24 7.69
CA THR F 185 9.57 -26.58 7.34
C THR F 185 8.79 -26.44 6.04
N THR F 186 9.32 -26.97 4.93
CA THR F 186 8.81 -26.60 3.62
C THR F 186 8.33 -27.83 2.85
N MET F 187 7.29 -27.62 2.06
CA MET F 187 7.02 -28.42 0.88
C MET F 187 7.71 -27.72 -0.31
N ALA F 188 8.83 -28.31 -0.75
CA ALA F 188 9.64 -27.75 -1.82
C ALA F 188 10.70 -28.77 -2.22
N GLY F 189 11.06 -28.75 -3.52
CA GLY F 189 12.20 -29.47 -4.03
C GLY F 189 11.88 -30.87 -4.59
N ASN F 190 12.84 -31.37 -5.39
CA ASN F 190 12.97 -32.77 -5.71
C ASN F 190 14.46 -33.11 -5.63
N PHE F 191 14.78 -34.33 -5.16
CA PHE F 191 16.15 -34.69 -4.82
C PHE F 191 16.58 -35.95 -5.58
N MET F 192 15.95 -37.09 -5.28
CA MET F 192 16.32 -38.38 -5.87
C MET F 192 15.34 -38.78 -6.97
N ILE F 193 14.37 -37.91 -7.26
CA ILE F 193 13.53 -38.05 -8.43
C ILE F 193 13.56 -36.72 -9.18
N VAL F 194 13.00 -36.72 -10.40
CA VAL F 194 13.06 -35.54 -11.26
C VAL F 194 11.95 -34.57 -10.85
N GLY F 195 11.84 -33.44 -11.56
CA GLY F 195 10.95 -32.36 -11.18
C GLY F 195 9.54 -32.54 -11.73
N ASN F 196 8.68 -31.52 -11.58
CA ASN F 196 7.31 -31.53 -12.08
C ASN F 196 7.14 -30.50 -13.19
N ILE F 197 7.15 -29.20 -12.84
CA ILE F 197 6.82 -28.15 -13.78
C ILE F 197 7.98 -27.88 -14.72
N MET F 198 9.18 -28.27 -14.31
CA MET F 198 10.31 -28.32 -15.23
C MET F 198 11.05 -29.63 -15.00
N PRO F 199 11.92 -30.06 -15.95
CA PRO F 199 12.42 -31.42 -15.96
C PRO F 199 13.05 -31.92 -14.66
N PHE F 200 13.80 -31.06 -13.95
CA PHE F 200 14.60 -31.49 -12.82
C PHE F 200 14.40 -30.61 -11.58
N ALA F 201 13.34 -29.79 -11.59
CA ALA F 201 13.05 -28.86 -10.50
C ALA F 201 11.55 -28.89 -10.17
N GLU F 202 11.23 -28.48 -8.95
CA GLU F 202 9.89 -28.45 -8.42
C GLU F 202 9.41 -27.01 -8.36
N PHE F 203 8.10 -26.81 -8.58
CA PHE F 203 7.46 -25.50 -8.76
C PHE F 203 7.89 -24.43 -7.76
N ASN F 204 7.80 -24.73 -6.47
CA ASN F 204 7.97 -23.75 -5.40
C ASN F 204 9.39 -23.19 -5.36
N VAL F 205 10.37 -24.00 -5.79
CA VAL F 205 11.75 -23.57 -5.79
C VAL F 205 12.03 -22.73 -7.04
N LEU F 206 11.58 -23.21 -8.21
CA LEU F 206 11.99 -22.65 -9.48
C LEU F 206 11.28 -21.34 -9.73
N ILE F 207 10.17 -21.14 -9.02
CA ILE F 207 9.35 -19.96 -9.24
C ILE F 207 10.00 -18.74 -8.58
N ASP F 208 10.84 -18.96 -7.56
CA ASP F 208 11.77 -17.94 -7.08
C ASP F 208 12.96 -18.63 -6.42
N PRO F 209 13.98 -19.07 -7.18
CA PRO F 209 15.10 -19.82 -6.59
C PRO F 209 16.07 -18.96 -5.80
N GLU F 210 16.14 -17.66 -6.10
CA GLU F 210 17.00 -16.76 -5.35
C GLU F 210 16.49 -16.66 -3.91
N ALA F 211 15.17 -16.62 -3.75
CA ALA F 211 14.60 -16.60 -2.41
C ALA F 211 15.17 -17.76 -1.59
N ILE F 212 15.10 -18.99 -2.10
CA ILE F 212 15.47 -20.14 -1.28
C ILE F 212 16.99 -20.12 -1.10
N SER F 213 17.71 -19.76 -2.16
CA SER F 213 19.15 -19.62 -2.07
C SER F 213 19.51 -18.66 -0.94
N ASN F 214 18.88 -17.48 -0.94
CA ASN F 214 19.06 -16.47 0.10
C ASN F 214 18.79 -17.08 1.48
N ILE F 215 17.63 -17.73 1.64
CA ILE F 215 17.17 -18.30 2.91
C ILE F 215 18.22 -19.29 3.42
N LEU F 216 18.69 -20.17 2.52
CA LEU F 216 19.59 -21.25 2.90
C LEU F 216 20.94 -20.71 3.32
N GLN F 217 21.37 -19.58 2.77
CA GLN F 217 22.66 -19.05 3.19
C GLN F 217 22.48 -18.02 4.29
N SER F 218 21.25 -17.82 4.80
CA SER F 218 20.98 -16.78 5.78
C SER F 218 21.27 -17.25 7.21
N GLY F 219 21.48 -18.55 7.40
CA GLY F 219 21.60 -19.11 8.74
C GLY F 219 20.26 -19.56 9.31
N VAL F 220 19.22 -19.53 8.49
CA VAL F 220 17.94 -20.12 8.85
C VAL F 220 18.13 -21.62 8.99
N ASP F 221 17.39 -22.21 9.92
CA ASP F 221 17.33 -23.66 10.09
C ASP F 221 16.24 -24.19 9.17
N TYR F 222 16.63 -24.91 8.12
CA TYR F 222 15.71 -25.24 7.04
C TYR F 222 15.54 -26.75 6.91
N THR F 223 14.29 -27.21 6.87
CA THR F 223 14.03 -28.60 6.48
C THR F 223 13.20 -28.64 5.20
N PHE F 224 13.70 -29.40 4.21
CA PHE F 224 12.88 -29.88 3.11
C PHE F 224 12.09 -31.08 3.62
N ALA F 225 10.92 -30.79 4.18
CA ALA F 225 10.13 -31.77 4.90
C ALA F 225 9.30 -32.62 3.94
N ALA F 226 8.95 -32.02 2.79
CA ALA F 226 8.00 -32.61 1.87
C ALA F 226 8.43 -32.31 0.43
N PRO F 227 9.58 -32.86 -0.03
CA PRO F 227 9.94 -32.79 -1.44
C PRO F 227 9.09 -33.78 -2.23
N LEU F 228 9.14 -33.66 -3.56
CA LEU F 228 8.40 -34.55 -4.44
C LEU F 228 8.71 -36.01 -4.07
N ASP F 229 9.95 -36.24 -3.65
CA ASP F 229 10.42 -37.56 -3.24
C ASP F 229 9.38 -38.22 -2.34
N ILE F 230 8.79 -37.47 -1.40
CA ILE F 230 7.80 -38.00 -0.46
C ILE F 230 6.40 -37.83 -1.02
N THR F 231 6.06 -36.60 -1.42
CA THR F 231 4.69 -36.23 -1.71
C THR F 231 4.14 -37.05 -2.88
N HIS F 232 5.02 -37.49 -3.78
CA HIS F 232 4.64 -38.34 -4.90
C HIS F 232 4.30 -39.75 -4.44
N THR F 233 4.58 -40.09 -3.17
CA THR F 233 4.15 -41.34 -2.57
C THR F 233 2.99 -41.12 -1.58
N VAL F 234 2.34 -39.96 -1.64
CA VAL F 234 1.23 -39.63 -0.75
C VAL F 234 0.02 -39.32 -1.62
N LEU F 235 -0.73 -40.37 -1.97
CA LEU F 235 -1.69 -40.33 -3.08
C LEU F 235 -3.12 -40.44 -2.58
N VAL F 236 -3.99 -39.65 -3.19
CA VAL F 236 -5.43 -39.65 -2.92
C VAL F 236 -6.08 -40.77 -3.73
N THR F 237 -5.99 -41.99 -3.17
CA THR F 237 -6.58 -43.18 -3.73
C THR F 237 -8.09 -43.17 -3.48
N GLU F 238 -8.82 -44.11 -4.10
CA GLU F 238 -10.26 -44.24 -3.86
C GLU F 238 -10.48 -44.77 -2.43
N LYS F 239 -9.46 -45.49 -1.93
CA LYS F 239 -9.43 -45.94 -0.55
C LYS F 239 -9.43 -44.74 0.40
N VAL F 240 -8.52 -43.79 0.15
CA VAL F 240 -8.42 -42.58 0.97
C VAL F 240 -9.74 -41.82 0.89
N ILE F 241 -10.35 -41.78 -0.31
CA ILE F 241 -11.60 -41.08 -0.54
C ILE F 241 -12.72 -41.66 0.32
N ASN F 242 -12.80 -42.99 0.38
CA ASN F 242 -13.87 -43.64 1.12
C ASN F 242 -13.73 -43.34 2.60
N ASP F 243 -12.49 -43.24 3.09
CA ASP F 243 -12.25 -42.94 4.50
C ASP F 243 -12.68 -41.51 4.81
N ILE F 244 -12.49 -40.61 3.84
CA ILE F 244 -12.90 -39.22 3.98
C ILE F 244 -14.42 -39.16 4.12
N LYS F 245 -15.10 -39.82 3.18
CA LYS F 245 -16.55 -39.96 3.21
C LYS F 245 -17.01 -40.57 4.54
N ALA F 246 -16.33 -41.65 4.96
CA ALA F 246 -16.61 -42.31 6.22
C ALA F 246 -16.65 -41.31 7.34
N ALA F 247 -15.62 -40.44 7.39
CA ALA F 247 -15.42 -39.56 8.54
C ALA F 247 -16.26 -38.30 8.47
N THR F 248 -16.76 -37.91 7.27
CA THR F 248 -17.35 -36.60 7.10
C THR F 248 -18.84 -36.62 6.71
N GLU F 249 -19.26 -37.57 5.85
CA GLU F 249 -20.65 -37.60 5.42
C GLU F 249 -21.59 -37.65 6.62
N PRO F 250 -21.33 -38.51 7.64
CA PRO F 250 -22.10 -38.52 8.88
C PRO F 250 -22.42 -37.15 9.47
N TYR F 251 -21.48 -36.20 9.39
CA TYR F 251 -21.60 -34.94 10.09
C TYR F 251 -21.96 -33.78 9.17
N SER F 252 -21.52 -33.84 7.91
CA SER F 252 -21.71 -32.73 6.98
C SER F 252 -21.47 -33.20 5.56
N PRO F 253 -22.51 -33.71 4.86
CA PRO F 253 -22.33 -34.27 3.52
C PRO F 253 -22.10 -33.19 2.45
N LYS F 254 -22.31 -31.92 2.80
CA LYS F 254 -21.95 -30.83 1.92
C LYS F 254 -20.44 -30.68 1.89
N PHE F 255 -19.82 -30.68 3.08
CA PHE F 255 -18.38 -30.58 3.23
C PHE F 255 -17.69 -31.74 2.50
N THR F 256 -18.33 -32.90 2.51
CA THR F 256 -17.83 -34.09 1.85
C THR F 256 -17.65 -33.82 0.36
N GLU F 257 -18.69 -33.26 -0.29
CA GLU F 257 -18.67 -32.98 -1.72
C GLU F 257 -17.53 -32.02 -2.03
N MET F 258 -17.40 -30.98 -1.19
CA MET F 258 -16.41 -29.93 -1.40
C MET F 258 -15.00 -30.48 -1.32
N ILE F 259 -14.67 -31.19 -0.24
CA ILE F 259 -13.29 -31.62 -0.05
C ILE F 259 -12.92 -32.62 -1.16
N ILE F 260 -13.91 -33.35 -1.69
CA ILE F 260 -13.62 -34.37 -2.68
C ILE F 260 -13.47 -33.74 -4.07
N LYS F 261 -14.34 -32.77 -4.40
CA LYS F 261 -14.20 -32.02 -5.64
C LYS F 261 -12.81 -31.36 -5.71
N LEU F 262 -12.45 -30.66 -4.64
CA LEU F 262 -11.15 -30.02 -4.53
C LEU F 262 -10.06 -31.06 -4.73
N LEU F 263 -10.16 -32.20 -4.02
CA LEU F 263 -9.09 -33.19 -3.98
C LEU F 263 -8.88 -33.84 -5.35
N PHE F 264 -9.93 -33.86 -6.19
CA PHE F 264 -9.83 -34.54 -7.47
C PHE F 264 -9.73 -33.53 -8.62
N PHE F 265 -9.44 -32.25 -8.32
CA PHE F 265 -9.63 -31.21 -9.30
C PHE F 265 -8.53 -31.22 -10.36
N PHE F 266 -7.25 -31.46 -9.99
CA PHE F 266 -6.19 -31.51 -11.00
C PHE F 266 -5.81 -32.96 -11.29
N LYS F 267 -6.80 -33.87 -11.19
CA LYS F 267 -6.56 -35.30 -11.16
C LYS F 267 -6.27 -35.84 -12.56
N ASP F 268 -7.02 -35.36 -13.57
CA ASP F 268 -6.86 -35.83 -14.94
C ASP F 268 -5.49 -35.43 -15.50
N THR F 269 -5.12 -34.16 -15.29
CA THR F 269 -3.80 -33.66 -15.62
C THR F 269 -2.74 -34.51 -14.91
N TYR F 270 -2.94 -34.81 -13.63
CA TYR F 270 -1.97 -35.62 -12.89
C TYR F 270 -1.87 -37.00 -13.54
N ARG F 271 -2.97 -37.55 -14.03
CA ARG F 271 -2.96 -38.83 -14.71
C ARG F 271 -2.30 -38.72 -16.08
N ASP F 272 -2.75 -37.76 -16.90
CA ASP F 272 -2.40 -37.64 -18.31
C ASP F 272 -1.07 -36.89 -18.49
N VAL F 273 -0.88 -35.79 -17.77
CA VAL F 273 0.30 -34.96 -17.94
C VAL F 273 1.49 -35.66 -17.29
N PHE F 274 1.23 -36.34 -16.17
CA PHE F 274 2.29 -36.76 -15.27
C PHE F 274 2.30 -38.27 -15.03
N GLY F 275 1.18 -38.97 -15.30
CA GLY F 275 1.15 -40.43 -15.23
C GLY F 275 0.56 -40.98 -13.93
N PHE F 276 -0.14 -40.12 -13.17
CA PHE F 276 -0.66 -40.50 -11.86
C PHE F 276 -2.09 -41.01 -11.99
N ILE F 277 -2.27 -42.31 -11.73
CA ILE F 277 -3.61 -42.87 -11.62
C ILE F 277 -4.34 -42.10 -10.51
N ASP F 278 -3.64 -41.84 -9.40
CA ASP F 278 -4.16 -41.07 -8.28
C ASP F 278 -3.22 -39.92 -7.95
N PRO F 279 -3.76 -38.71 -7.69
CA PRO F 279 -2.92 -37.51 -7.56
C PRO F 279 -2.25 -37.42 -6.19
N PRO F 280 -1.09 -36.73 -6.09
CA PRO F 280 -0.40 -36.56 -4.81
C PRO F 280 -1.08 -35.45 -4.03
N LEU F 281 -0.82 -35.39 -2.72
CA LEU F 281 -1.25 -34.28 -1.90
C LEU F 281 -0.03 -33.76 -1.16
N HIS F 282 0.44 -32.58 -1.57
CA HIS F 282 1.79 -32.13 -1.26
C HIS F 282 1.88 -31.49 0.12
N ASP F 283 1.23 -30.32 0.25
CA ASP F 283 1.57 -29.34 1.25
C ASP F 283 1.25 -29.78 2.67
N PRO F 284 0.13 -30.49 2.97
CA PRO F 284 -0.14 -30.93 4.33
C PRO F 284 0.97 -31.81 4.93
N VAL F 285 1.76 -32.46 4.07
CA VAL F 285 2.91 -33.23 4.52
C VAL F 285 3.89 -32.34 5.31
N ALA F 286 4.03 -31.07 4.91
CA ALA F 286 4.95 -30.13 5.56
C ALA F 286 4.50 -29.84 6.98
N ALA F 287 3.21 -29.54 7.16
CA ALA F 287 2.60 -29.34 8.46
C ALA F 287 2.67 -30.61 9.30
N PHE F 288 2.56 -31.77 8.65
CA PHE F 288 2.64 -33.04 9.34
C PHE F 288 4.03 -33.26 9.92
N HIS F 289 5.06 -32.75 9.24
CA HIS F 289 6.41 -32.83 9.77
C HIS F 289 6.49 -32.11 11.12
N LEU F 290 5.91 -30.92 11.18
CA LEU F 290 6.01 -30.11 12.39
C LEU F 290 5.16 -30.75 13.49
N ILE F 291 4.09 -31.47 13.12
CA ILE F 291 3.24 -32.16 14.08
C ILE F 291 3.95 -33.41 14.60
N ALA F 292 4.51 -34.22 13.69
CA ALA F 292 4.98 -35.56 14.04
C ALA F 292 6.18 -35.94 13.18
N PRO F 293 7.39 -35.43 13.50
CA PRO F 293 8.57 -35.65 12.69
C PRO F 293 9.17 -37.05 12.79
N GLU F 294 8.65 -37.84 13.73
CA GLU F 294 9.15 -39.19 13.96
C GLU F 294 8.82 -40.11 12.78
N TRP F 295 7.85 -39.73 11.93
CA TRP F 295 7.45 -40.53 10.78
C TRP F 295 8.32 -40.27 9.55
N PHE F 296 9.27 -39.33 9.67
CA PHE F 296 10.13 -38.95 8.56
C PHE F 296 11.56 -39.40 8.85
N GLU F 297 12.24 -39.86 7.79
CA GLU F 297 13.69 -39.94 7.81
C GLU F 297 14.26 -38.55 7.52
N HIS F 298 15.51 -38.35 7.96
CA HIS F 298 16.16 -37.06 7.88
C HIS F 298 17.63 -37.27 7.56
N VAL F 299 18.19 -36.43 6.69
CA VAL F 299 19.63 -36.40 6.53
C VAL F 299 20.05 -34.94 6.38
N ARG F 300 21.18 -34.59 7.02
CA ARG F 300 21.76 -33.28 6.85
C ARG F 300 22.66 -33.30 5.63
N CYS F 301 22.65 -32.20 4.86
CA CYS F 301 23.56 -32.06 3.76
C CYS F 301 23.71 -30.57 3.40
N HIS F 302 24.58 -30.31 2.42
CA HIS F 302 24.68 -28.99 1.83
C HIS F 302 23.82 -29.01 0.58
N VAL F 303 22.83 -28.11 0.51
CA VAL F 303 21.99 -27.94 -0.67
C VAL F 303 22.41 -26.67 -1.40
N ASP F 304 22.70 -26.80 -2.69
CA ASP F 304 22.87 -25.68 -3.59
C ASP F 304 21.65 -25.55 -4.49
N ILE F 305 21.13 -24.32 -4.60
CA ILE F 305 20.00 -24.02 -5.45
C ILE F 305 20.50 -23.42 -6.78
N GLU F 306 20.12 -24.02 -7.90
CA GLU F 306 20.52 -23.53 -9.21
C GLU F 306 19.80 -22.23 -9.51
N THR F 307 20.56 -21.17 -9.82
CA THR F 307 19.99 -19.90 -10.23
C THR F 307 20.51 -19.50 -11.60
N LYS F 308 21.79 -19.79 -11.89
CA LYS F 308 22.43 -19.43 -13.16
C LYS F 308 21.86 -20.24 -14.31
N GLY F 309 21.43 -21.47 -14.03
CA GLY F 309 21.03 -22.43 -15.05
C GLY F 309 19.82 -21.95 -15.83
N GLU F 310 19.86 -22.16 -17.15
CA GLU F 310 18.87 -21.67 -18.10
C GLU F 310 17.61 -22.53 -18.10
N TYR F 311 17.79 -23.86 -18.06
CA TYR F 311 16.68 -24.79 -18.13
C TYR F 311 16.51 -25.54 -16.80
N THR F 312 17.34 -25.16 -15.81
CA THR F 312 17.54 -25.96 -14.61
C THR F 312 17.53 -25.10 -13.35
N TYR F 313 17.15 -23.83 -13.48
CA TYR F 313 17.02 -22.99 -12.30
C TYR F 313 15.98 -23.67 -11.39
N GLY F 314 16.27 -23.63 -10.08
CA GLY F 314 15.41 -24.19 -9.05
C GLY F 314 15.80 -25.61 -8.69
N CYS F 315 16.80 -26.18 -9.36
CA CYS F 315 17.29 -27.51 -9.04
C CYS F 315 17.91 -27.51 -7.63
N CYS F 316 17.47 -28.46 -6.80
CA CYS F 316 18.06 -28.67 -5.49
C CYS F 316 19.20 -29.70 -5.62
N CYS F 317 20.44 -29.20 -5.61
CA CYS F 317 21.61 -30.03 -5.84
C CYS F 317 22.35 -30.21 -4.52
N THR F 318 22.35 -31.43 -3.99
CA THR F 318 22.93 -31.73 -2.69
C THR F 318 24.25 -32.46 -2.89
N ASN F 319 25.02 -32.57 -1.80
CA ASN F 319 26.28 -33.31 -1.81
C ASN F 319 26.09 -34.68 -1.16
N LEU F 320 24.84 -35.17 -1.15
CA LEU F 320 24.50 -36.43 -0.50
C LEU F 320 25.35 -37.57 -1.08
N ILE F 321 25.60 -37.53 -2.39
CA ILE F 321 26.39 -38.56 -3.06
C ILE F 321 27.87 -38.36 -2.75
N LEU F 322 28.37 -37.12 -2.64
CA LEU F 322 29.76 -36.90 -2.26
C LEU F 322 30.02 -37.55 -0.90
N LYS F 323 29.03 -37.42 -0.01
CA LYS F 323 29.12 -37.95 1.34
C LYS F 323 29.45 -39.45 1.29
N LYS F 324 28.79 -40.20 0.39
CA LYS F 324 28.85 -41.67 0.45
C LYS F 324 30.30 -42.12 0.29
N LYS F 325 31.10 -41.39 -0.51
CA LYS F 325 32.53 -41.34 -0.26
C LYS F 325 32.73 -40.66 1.10
N LYS F 332 32.22 -27.95 2.30
CA LYS F 332 31.07 -27.06 2.54
C LYS F 332 30.20 -27.61 3.68
N PRO F 333 29.93 -26.80 4.72
CA PRO F 333 29.10 -27.26 5.82
C PRO F 333 27.68 -27.57 5.35
N ASP F 334 27.03 -28.50 6.04
CA ASP F 334 25.62 -28.77 5.85
C ASP F 334 24.83 -27.47 6.06
N ASN F 335 23.68 -27.33 5.40
CA ASN F 335 22.85 -26.16 5.58
C ASN F 335 21.37 -26.51 5.62
N ALA F 336 21.03 -27.78 5.39
CA ALA F 336 19.64 -28.17 5.44
C ALA F 336 19.53 -29.60 5.95
N THR F 337 18.34 -29.92 6.43
CA THR F 337 17.91 -31.29 6.59
C THR F 337 17.02 -31.62 5.40
N VAL F 338 17.16 -32.83 4.85
CA VAL F 338 16.29 -33.29 3.79
C VAL F 338 15.57 -34.54 4.26
N CYS F 339 14.25 -34.55 4.06
CA CYS F 339 13.44 -35.73 4.32
C CYS F 339 13.14 -36.45 3.01
N LEU F 340 13.82 -37.58 2.79
CA LEU F 340 13.82 -38.25 1.50
C LEU F 340 12.69 -39.27 1.38
N LYS F 341 12.03 -39.57 2.51
CA LYS F 341 11.13 -40.72 2.57
C LYS F 341 10.47 -40.74 3.95
N LEU F 342 9.26 -41.33 4.04
CA LEU F 342 8.63 -41.58 5.32
C LEU F 342 9.12 -42.92 5.88
N LYS F 343 9.21 -43.03 7.20
CA LYS F 343 9.40 -44.31 7.84
C LYS F 343 8.13 -45.14 7.62
N GLU F 344 8.23 -46.47 7.77
CA GLU F 344 7.07 -47.33 7.61
C GLU F 344 6.06 -46.95 8.68
N GLY F 345 4.77 -46.91 8.30
CA GLY F 345 3.71 -46.41 9.17
C GLY F 345 3.35 -44.96 8.89
N GLY F 346 4.31 -44.22 8.30
CA GLY F 346 4.20 -42.78 8.10
C GLY F 346 3.01 -42.41 7.23
N HIS F 347 2.78 -43.19 6.17
CA HIS F 347 1.68 -42.88 5.26
C HIS F 347 0.33 -43.02 5.98
N ASP F 348 0.19 -44.13 6.71
CA ASP F 348 -1.02 -44.38 7.47
C ASP F 348 -1.19 -43.29 8.52
N ALA F 349 -0.12 -43.00 9.26
CA ALA F 349 -0.14 -41.96 10.29
C ALA F 349 -0.56 -40.62 9.70
N PHE F 350 -0.02 -40.27 8.52
CA PHE F 350 -0.38 -39.04 7.83
C PHE F 350 -1.88 -39.01 7.55
N TRP F 351 -2.40 -40.09 6.97
CA TRP F 351 -3.79 -40.11 6.55
C TRP F 351 -4.76 -40.16 7.74
N ASN F 352 -4.36 -40.79 8.85
CA ASN F 352 -5.19 -40.79 10.04
C ASN F 352 -5.28 -39.38 10.59
N GLN F 353 -4.12 -38.70 10.60
CA GLN F 353 -4.05 -37.31 11.01
C GLN F 353 -4.98 -36.46 10.15
N MET F 354 -4.87 -36.65 8.83
CA MET F 354 -5.58 -35.79 7.90
C MET F 354 -7.09 -36.03 8.00
N ILE F 355 -7.49 -37.30 8.06
CA ILE F 355 -8.89 -37.67 8.07
C ILE F 355 -9.54 -37.28 9.42
N THR F 356 -8.81 -37.44 10.52
CA THR F 356 -9.27 -36.93 11.80
C THR F 356 -9.71 -35.48 11.65
N VAL F 357 -8.80 -34.64 11.12
CA VAL F 357 -9.02 -33.21 11.03
C VAL F 357 -10.24 -32.96 10.16
N TRP F 358 -10.33 -33.64 9.01
CA TRP F 358 -11.47 -33.46 8.14
C TRP F 358 -12.77 -33.81 8.88
N GLY F 359 -12.74 -34.91 9.65
CA GLY F 359 -13.87 -35.30 10.48
C GLY F 359 -14.29 -34.18 11.43
N GLU F 360 -13.31 -33.60 12.16
CA GLU F 360 -13.55 -32.53 13.12
C GLU F 360 -14.12 -31.29 12.42
N ILE F 361 -13.65 -31.02 11.20
CA ILE F 361 -14.14 -29.90 10.43
C ILE F 361 -15.60 -30.15 10.04
N ALA F 362 -15.89 -31.36 9.57
CA ALA F 362 -17.23 -31.76 9.18
C ALA F 362 -18.20 -31.57 10.35
N LYS F 363 -17.75 -31.88 11.58
CA LYS F 363 -18.56 -31.75 12.78
C LYS F 363 -18.92 -30.28 13.04
N GLU F 364 -17.97 -29.37 12.85
CA GLU F 364 -18.20 -27.96 13.13
C GLU F 364 -19.10 -27.33 12.08
N ILE F 365 -19.03 -27.79 10.83
CA ILE F 365 -19.87 -27.23 9.78
C ILE F 365 -21.30 -27.76 9.92
N GLY F 366 -21.45 -29.06 10.19
CA GLY F 366 -22.73 -29.64 10.62
C GLY F 366 -23.78 -29.63 9.53
N MET G 21 68.97 -10.74 -38.76
CA MET G 21 68.06 -11.63 -37.99
C MET G 21 66.60 -11.28 -38.34
N SER G 22 65.93 -12.24 -38.98
CA SER G 22 64.51 -12.11 -39.28
C SER G 22 63.71 -13.25 -38.63
N ILE G 23 62.43 -12.99 -38.40
CA ILE G 23 61.60 -13.81 -37.54
C ILE G 23 60.67 -14.64 -38.40
N LYS G 24 60.72 -15.96 -38.19
CA LYS G 24 59.73 -16.84 -38.80
C LYS G 24 58.41 -16.70 -38.05
N CYS G 25 57.33 -16.54 -38.82
CA CYS G 25 56.01 -16.33 -38.24
C CYS G 25 54.93 -16.83 -39.20
N ALA G 26 53.71 -16.94 -38.68
CA ALA G 26 52.56 -17.32 -39.48
C ALA G 26 51.47 -16.29 -39.23
N LEU G 27 50.56 -16.13 -40.18
CA LEU G 27 49.52 -15.12 -40.08
C LEU G 27 48.16 -15.81 -40.08
N ASP G 28 47.35 -15.50 -39.07
CA ASP G 28 45.99 -15.99 -38.99
C ASP G 28 45.09 -14.77 -38.98
N CYS G 29 44.12 -14.70 -39.92
CA CYS G 29 43.41 -13.45 -40.13
C CYS G 29 42.15 -13.65 -40.97
N ASP G 30 41.34 -12.58 -41.09
CA ASP G 30 40.06 -12.61 -41.78
C ASP G 30 39.92 -11.41 -42.73
N PRO G 31 40.80 -11.23 -43.74
CA PRO G 31 40.76 -10.04 -44.58
C PRO G 31 39.39 -9.84 -45.23
N GLY G 32 38.80 -8.63 -45.12
CA GLY G 32 39.21 -7.58 -44.20
C GLY G 32 40.25 -6.63 -44.80
N HIS G 33 39.92 -5.34 -44.76
CA HIS G 33 40.78 -4.29 -45.31
C HIS G 33 42.04 -4.12 -44.46
N ASP G 34 41.93 -4.20 -43.12
CA ASP G 34 43.10 -4.03 -42.26
C ASP G 34 44.00 -5.26 -42.37
N ASP G 35 43.39 -6.45 -42.47
CA ASP G 35 44.16 -7.69 -42.53
C ASP G 35 44.98 -7.67 -43.81
N LEU G 36 44.37 -7.14 -44.88
CA LEU G 36 45.09 -6.93 -46.14
C LEU G 36 46.30 -6.03 -45.94
N ALA G 37 46.15 -4.98 -45.13
CA ALA G 37 47.25 -4.06 -44.85
C ALA G 37 48.33 -4.77 -44.02
N MET G 38 47.90 -5.63 -43.10
CA MET G 38 48.82 -6.31 -42.19
C MET G 38 49.62 -7.35 -42.97
N ILE G 39 48.94 -8.04 -43.89
CA ILE G 39 49.59 -9.04 -44.74
C ILE G 39 50.67 -8.32 -45.54
N MET G 40 50.30 -7.21 -46.17
CA MET G 40 51.24 -6.42 -46.94
C MET G 40 52.47 -6.09 -46.09
N LEU G 41 52.24 -5.59 -44.86
CA LEU G 41 53.35 -5.22 -43.98
C LEU G 41 54.25 -6.42 -43.70
N ALA G 42 53.65 -7.54 -43.26
CA ALA G 42 54.40 -8.70 -42.79
C ALA G 42 55.22 -9.32 -43.93
N VAL G 43 54.58 -9.52 -45.07
CA VAL G 43 55.20 -10.17 -46.21
C VAL G 43 56.38 -9.33 -46.69
N TYR G 44 56.12 -8.09 -47.11
CA TYR G 44 57.15 -7.21 -47.66
C TYR G 44 58.16 -6.76 -46.60
N SER G 45 57.82 -6.83 -45.31
CA SER G 45 58.82 -6.54 -44.29
C SER G 45 59.94 -7.58 -44.34
N PRO G 46 61.21 -7.14 -44.47
CA PRO G 46 62.34 -8.07 -44.43
C PRO G 46 62.52 -8.73 -43.07
N LYS G 47 61.96 -8.08 -42.03
CA LYS G 47 62.13 -8.49 -40.65
C LYS G 47 61.27 -9.72 -40.33
N LEU G 48 60.18 -9.93 -41.10
CA LEU G 48 59.31 -11.06 -40.87
C LEU G 48 59.37 -12.00 -42.07
N ASP G 49 59.44 -13.30 -41.75
CA ASP G 49 59.57 -14.38 -42.71
C ASP G 49 58.29 -15.22 -42.64
N VAL G 50 57.27 -14.80 -43.41
CA VAL G 50 55.95 -15.38 -43.31
C VAL G 50 55.99 -16.79 -43.89
N GLN G 51 55.63 -17.79 -43.07
CA GLN G 51 55.66 -19.19 -43.44
C GLN G 51 54.36 -19.61 -44.13
N TYR G 52 53.23 -19.15 -43.60
CA TYR G 52 51.94 -19.40 -44.22
C TYR G 52 50.95 -18.34 -43.74
N ILE G 53 49.79 -18.31 -44.37
CA ILE G 53 48.64 -17.58 -43.87
C ILE G 53 47.47 -18.55 -43.66
N SER G 54 46.91 -18.56 -42.44
CA SER G 54 45.66 -19.26 -42.18
C SER G 54 44.55 -18.23 -42.08
N THR G 55 43.41 -18.51 -42.73
CA THR G 55 42.26 -17.64 -42.63
C THR G 55 41.19 -18.26 -41.74
N THR G 56 40.34 -17.38 -41.24
CA THR G 56 39.31 -17.74 -40.29
C THR G 56 38.05 -16.95 -40.61
N HIS G 57 36.94 -17.38 -40.02
CA HIS G 57 35.67 -16.67 -40.11
C HIS G 57 35.77 -15.34 -39.37
N GLY G 58 34.89 -14.42 -39.73
CA GLY G 58 34.80 -13.18 -38.99
C GLY G 58 33.96 -12.16 -39.75
N ASN G 59 34.69 -11.21 -40.35
CA ASN G 59 34.14 -10.24 -41.29
C ASN G 59 33.20 -11.00 -42.24
N GLN G 60 33.80 -11.84 -43.09
CA GLN G 60 33.07 -12.72 -43.97
C GLN G 60 33.18 -14.16 -43.48
N THR G 61 32.53 -15.06 -44.22
CA THR G 61 32.77 -16.48 -44.10
C THR G 61 34.22 -16.80 -44.40
N VAL G 62 34.72 -17.89 -43.84
CA VAL G 62 36.12 -18.25 -43.94
C VAL G 62 36.49 -18.49 -45.40
N ASN G 63 35.47 -18.81 -46.23
CA ASN G 63 35.75 -19.06 -47.63
C ASN G 63 36.11 -17.76 -48.32
N LYS G 64 35.37 -16.68 -48.04
CA LYS G 64 35.66 -15.38 -48.63
C LYS G 64 36.98 -14.82 -48.08
N THR G 65 37.22 -14.97 -46.77
CA THR G 65 38.45 -14.46 -46.18
C THR G 65 39.65 -15.14 -46.82
N TYR G 66 39.52 -16.45 -47.07
CA TYR G 66 40.57 -17.23 -47.71
C TYR G 66 40.93 -16.61 -49.06
N GLN G 67 39.92 -16.29 -49.87
CA GLN G 67 40.17 -15.73 -51.18
C GLN G 67 40.75 -14.32 -51.05
N ASN G 68 40.25 -13.57 -50.08
CA ASN G 68 40.70 -12.20 -49.82
C ASN G 68 42.17 -12.18 -49.44
N ALA G 69 42.64 -13.24 -48.77
CA ALA G 69 44.05 -13.33 -48.46
C ALA G 69 44.84 -13.57 -49.74
N ARG G 70 44.34 -14.48 -50.60
CA ARG G 70 45.02 -14.82 -51.84
C ARG G 70 45.05 -13.62 -52.78
N ARG G 71 43.99 -12.80 -52.77
CA ARG G 71 43.95 -11.58 -53.54
C ARG G 71 44.99 -10.58 -53.06
N THR G 72 45.13 -10.45 -51.74
CA THR G 72 46.13 -9.57 -51.17
C THR G 72 47.50 -9.98 -51.70
N LEU G 73 47.78 -11.29 -51.64
CA LEU G 73 49.05 -11.85 -52.03
C LEU G 73 49.31 -11.63 -53.52
N ASN G 74 48.28 -11.87 -54.34
CA ASN G 74 48.42 -11.83 -55.78
C ASN G 74 48.58 -10.39 -56.25
N LEU G 75 47.91 -9.46 -55.57
CA LEU G 75 48.06 -8.03 -55.82
C LEU G 75 49.51 -7.61 -55.60
N ILE G 76 50.17 -8.19 -54.58
CA ILE G 76 51.52 -7.78 -54.19
C ILE G 76 52.55 -8.75 -54.75
N LYS G 77 52.12 -9.64 -55.64
CA LYS G 77 53.01 -10.54 -56.39
C LYS G 77 53.62 -11.57 -55.46
N ARG G 78 52.79 -12.28 -54.68
CA ARG G 78 53.31 -13.23 -53.71
C ARG G 78 52.46 -14.50 -53.59
N ALA G 79 51.42 -14.64 -54.43
CA ALA G 79 50.44 -15.70 -54.27
C ALA G 79 51.01 -17.05 -54.71
N ASP G 80 52.16 -17.00 -55.40
CA ASP G 80 52.84 -18.18 -55.90
C ASP G 80 53.90 -18.66 -54.90
N LYS G 81 54.12 -17.88 -53.83
CA LYS G 81 55.22 -18.08 -52.90
C LYS G 81 54.70 -18.65 -51.57
N ILE G 82 53.66 -18.02 -51.01
CA ILE G 82 53.20 -18.29 -49.66
C ILE G 82 51.93 -19.14 -49.73
N PRO G 83 51.88 -20.27 -49.00
CA PRO G 83 50.66 -21.08 -48.92
C PRO G 83 49.61 -20.41 -48.03
N VAL G 84 48.36 -20.44 -48.48
CA VAL G 84 47.23 -19.95 -47.72
C VAL G 84 46.32 -21.13 -47.38
N TYR G 85 46.04 -21.30 -46.08
CA TYR G 85 45.15 -22.34 -45.58
C TYR G 85 43.78 -21.73 -45.26
N ARG G 86 42.71 -22.43 -45.67
CA ARG G 86 41.36 -22.04 -45.32
C ARG G 86 40.98 -22.78 -44.04
N GLY G 87 40.69 -22.01 -42.98
CA GLY G 87 40.53 -22.55 -41.63
C GLY G 87 39.07 -22.80 -41.23
N TYR G 88 38.81 -22.72 -39.93
CA TYR G 88 37.51 -23.06 -39.37
C TYR G 88 36.51 -21.94 -39.66
N SER G 89 35.25 -22.37 -39.85
CA SER G 89 34.18 -21.55 -40.38
C SER G 89 33.29 -20.94 -39.30
N LYS G 90 33.36 -21.43 -38.06
CA LYS G 90 32.48 -20.89 -37.02
C LYS G 90 33.18 -20.95 -35.67
N PRO G 91 32.69 -20.21 -34.65
CA PRO G 91 33.24 -20.31 -33.29
C PRO G 91 33.12 -21.71 -32.72
N LEU G 92 33.88 -21.96 -31.63
CA LEU G 92 33.91 -23.25 -30.97
C LEU G 92 32.51 -23.69 -30.58
N THR G 93 31.78 -22.81 -29.88
CA THR G 93 30.49 -23.18 -29.30
C THR G 93 29.42 -22.14 -29.58
N ARG G 94 29.66 -21.23 -30.53
CA ARG G 94 28.72 -20.15 -30.80
C ARG G 94 28.44 -20.07 -32.30
N GLU G 95 27.40 -19.31 -32.65
CA GLU G 95 27.05 -19.07 -34.03
C GLU G 95 27.97 -17.98 -34.60
N SER G 96 28.23 -18.05 -35.92
CA SER G 96 28.97 -17.01 -36.59
C SER G 96 28.18 -15.72 -36.48
N VAL G 97 28.84 -14.60 -36.81
CA VAL G 97 28.13 -13.38 -37.16
C VAL G 97 28.50 -13.09 -38.61
N ALA G 98 28.23 -14.10 -39.46
CA ALA G 98 28.76 -14.25 -40.79
C ALA G 98 27.80 -15.18 -41.55
N SER G 106 33.19 -8.43 -51.48
CA SER G 106 32.23 -8.43 -50.34
C SER G 106 32.81 -9.25 -49.18
N GLY G 107 34.12 -9.05 -48.98
CA GLY G 107 34.86 -8.90 -47.74
C GLY G 107 35.97 -7.85 -47.88
N LEU G 108 36.15 -7.35 -49.11
CA LEU G 108 37.31 -6.55 -49.45
C LEU G 108 36.87 -5.49 -50.46
N GLY G 109 35.75 -4.83 -50.15
CA GLY G 109 35.05 -3.99 -51.10
C GLY G 109 35.72 -2.64 -51.33
N GLY G 110 35.19 -1.89 -52.30
CA GLY G 110 35.76 -0.62 -52.74
C GLY G 110 36.54 -0.78 -54.05
N VAL G 111 36.68 -2.03 -54.51
CA VAL G 111 37.69 -2.37 -55.51
C VAL G 111 37.18 -3.55 -56.34
N ASP G 112 37.59 -3.61 -57.61
CA ASP G 112 37.18 -4.65 -58.54
C ASP G 112 38.31 -5.68 -58.63
N TRP G 113 38.03 -6.93 -58.21
CA TRP G 113 39.05 -7.95 -58.06
C TRP G 113 39.07 -8.91 -59.25
N SER G 114 38.26 -8.64 -60.28
CA SER G 114 38.10 -9.55 -61.41
C SER G 114 39.43 -9.89 -62.07
N GLU G 115 40.36 -8.94 -62.16
CA GLU G 115 41.66 -9.19 -62.77
C GLU G 115 42.54 -10.03 -61.84
N ILE G 116 42.65 -9.59 -60.59
CA ILE G 116 43.44 -10.29 -59.59
C ILE G 116 42.92 -11.71 -59.41
N ASP G 117 41.61 -11.88 -59.63
CA ASP G 117 40.97 -13.18 -59.53
C ASP G 117 41.38 -14.10 -60.68
N ARG G 118 41.30 -13.64 -61.93
CA ARG G 118 41.54 -14.53 -63.05
C ARG G 118 43.02 -14.76 -63.30
N THR G 119 43.91 -13.91 -62.76
CA THR G 119 45.34 -14.10 -62.92
C THR G 119 45.94 -14.76 -61.68
N MET G 120 45.09 -15.36 -60.85
CA MET G 120 45.48 -15.94 -59.58
C MET G 120 46.26 -17.23 -59.84
N PRO G 121 47.53 -17.35 -59.39
CA PRO G 121 48.26 -18.61 -59.49
C PRO G 121 47.77 -19.66 -58.50
N ARG G 122 48.14 -20.92 -58.79
CA ARG G 122 47.83 -22.06 -57.93
C ARG G 122 48.38 -21.79 -56.54
N ASN G 123 47.61 -22.27 -55.54
CA ASN G 123 47.93 -22.08 -54.13
C ASN G 123 49.01 -23.10 -53.76
N PRO G 124 50.22 -22.64 -53.38
CA PRO G 124 51.27 -23.53 -52.86
C PRO G 124 50.79 -24.54 -51.81
N ALA G 125 49.71 -24.18 -51.10
CA ALA G 125 49.18 -25.04 -50.05
C ALA G 125 48.76 -26.40 -50.62
N LEU G 126 48.23 -26.39 -51.85
CA LEU G 126 47.67 -27.60 -52.43
C LEU G 126 48.78 -28.63 -52.68
N ASP G 127 49.97 -28.16 -53.08
CA ASP G 127 51.07 -29.06 -53.36
C ASP G 127 51.58 -29.62 -52.04
N ILE G 128 51.64 -28.76 -51.02
CA ILE G 128 52.03 -29.19 -49.68
C ILE G 128 51.12 -30.33 -49.21
N LEU G 129 49.82 -30.21 -49.52
CA LEU G 129 48.80 -31.06 -48.92
C LEU G 129 48.55 -32.32 -49.73
N GLY G 130 48.90 -32.31 -51.03
CA GLY G 130 48.61 -33.40 -51.93
C GLY G 130 47.24 -33.27 -52.61
N TYR G 131 46.67 -32.05 -52.59
CA TYR G 131 45.37 -31.79 -53.17
C TYR G 131 45.51 -31.38 -54.63
N LYS G 132 44.46 -31.63 -55.40
CA LYS G 132 44.41 -31.23 -56.80
C LYS G 132 43.84 -29.81 -56.87
N ASP G 133 42.75 -29.55 -56.13
CA ASP G 133 42.10 -28.24 -56.19
C ASP G 133 41.63 -27.82 -54.79
N GLU G 134 41.04 -26.62 -54.74
CA GLU G 134 40.75 -25.93 -53.48
C GLU G 134 39.54 -26.51 -52.76
N SER G 135 38.72 -27.30 -53.46
CA SER G 135 37.58 -27.92 -52.81
C SER G 135 38.05 -28.91 -51.74
N GLU G 136 39.28 -29.38 -51.87
CA GLU G 136 39.82 -30.38 -50.97
C GLU G 136 40.34 -29.75 -49.67
N LEU G 137 40.52 -28.42 -49.65
CA LEU G 137 40.99 -27.75 -48.45
C LEU G 137 40.03 -27.99 -47.29
N ARG G 138 40.61 -28.28 -46.12
CA ARG G 138 39.85 -28.55 -44.90
C ARG G 138 40.36 -27.64 -43.79
N PRO G 139 39.53 -27.35 -42.76
CA PRO G 139 39.94 -26.43 -41.69
C PRO G 139 41.24 -26.77 -40.99
N ASP G 140 41.58 -28.07 -40.90
CA ASP G 140 42.70 -28.48 -40.06
C ASP G 140 43.97 -28.72 -40.88
N ASP G 141 44.00 -28.27 -42.14
CA ASP G 141 45.14 -28.46 -43.02
C ASP G 141 46.40 -27.80 -42.47
N PHE G 142 46.28 -26.67 -41.77
CA PHE G 142 47.48 -25.95 -41.35
C PHE G 142 48.16 -26.64 -40.17
N PHE G 143 47.45 -27.57 -39.49
CA PHE G 143 47.94 -28.13 -38.24
C PHE G 143 49.33 -28.77 -38.40
N LYS G 144 49.50 -29.66 -39.38
CA LYS G 144 50.76 -30.35 -39.53
C LYS G 144 51.90 -29.35 -39.83
N HIS G 145 51.61 -28.34 -40.64
CA HIS G 145 52.60 -27.35 -41.03
C HIS G 145 53.02 -26.51 -39.82
N LEU G 146 52.04 -26.09 -39.01
CA LEU G 146 52.34 -25.35 -37.80
C LEU G 146 53.20 -26.20 -36.86
N HIS G 147 52.89 -27.49 -36.78
CA HIS G 147 53.56 -28.35 -35.83
C HIS G 147 55.03 -28.57 -36.19
N ARG G 148 55.34 -28.59 -37.50
CA ARG G 148 56.73 -28.66 -37.93
C ARG G 148 57.46 -27.41 -37.47
N LEU G 149 56.86 -26.24 -37.74
CA LEU G 149 57.42 -24.95 -37.36
C LEU G 149 57.66 -24.88 -35.85
N VAL G 150 56.72 -25.38 -35.05
CA VAL G 150 56.79 -25.27 -33.61
C VAL G 150 57.89 -26.19 -33.08
N SER G 151 57.95 -27.42 -33.60
CA SER G 151 58.99 -28.36 -33.23
C SER G 151 60.35 -27.79 -33.58
N ALA G 152 60.46 -27.25 -34.82
CA ALA G 152 61.68 -26.63 -35.30
C ALA G 152 62.09 -25.43 -34.43
N ALA G 153 61.12 -24.64 -33.97
CA ALA G 153 61.41 -23.43 -33.21
C ALA G 153 62.44 -23.67 -32.11
N GLU G 154 63.45 -22.80 -32.06
CA GLU G 154 64.49 -22.82 -31.03
C GLU G 154 63.84 -22.60 -29.67
N ASP G 155 63.13 -21.48 -29.53
CA ASP G 155 62.45 -21.10 -28.30
C ASP G 155 60.93 -21.27 -28.47
N LYS G 156 60.29 -20.28 -29.09
CA LYS G 156 58.87 -20.34 -29.42
C LYS G 156 58.67 -19.85 -30.85
N PHE G 157 57.59 -20.32 -31.48
CA PHE G 157 57.22 -19.90 -32.82
C PHE G 157 56.15 -18.81 -32.75
N ASP G 158 56.22 -17.84 -33.66
CA ASP G 158 55.42 -16.63 -33.60
C ASP G 158 54.24 -16.67 -34.54
N ILE G 159 53.07 -16.32 -34.00
CA ILE G 159 51.83 -16.26 -34.75
C ILE G 159 51.22 -14.88 -34.56
N ILE G 160 50.88 -14.23 -35.67
CA ILE G 160 50.17 -12.97 -35.64
C ILE G 160 48.71 -13.29 -35.95
N SER G 161 47.81 -12.91 -35.04
CA SER G 161 46.39 -13.17 -35.17
C SER G 161 45.65 -11.83 -35.18
N THR G 162 44.85 -11.59 -36.22
CA THR G 162 44.11 -10.33 -36.34
C THR G 162 42.65 -10.56 -36.74
N GLY G 163 42.17 -11.81 -36.60
CA GLY G 163 40.74 -12.11 -36.70
C GLY G 163 40.27 -12.88 -35.47
N SER G 164 39.20 -13.67 -35.58
CA SER G 164 38.86 -14.58 -34.50
C SER G 164 40.01 -15.57 -34.31
N GLU G 165 40.13 -16.12 -33.10
CA GLU G 165 41.28 -16.97 -32.76
C GLU G 165 40.85 -18.44 -32.63
N THR G 166 39.72 -18.77 -33.27
CA THR G 166 39.19 -20.12 -33.37
C THR G 166 40.22 -21.12 -33.88
N ASN G 167 40.97 -20.76 -34.93
CA ASN G 167 41.95 -21.64 -35.53
C ASN G 167 43.01 -22.08 -34.52
N ILE G 168 43.47 -21.15 -33.68
CA ILE G 168 44.54 -21.42 -32.75
C ILE G 168 44.01 -22.23 -31.57
N ALA G 169 42.77 -21.93 -31.14
CA ALA G 169 42.11 -22.70 -30.10
C ALA G 169 41.96 -24.15 -30.55
N GLN G 170 41.53 -24.31 -31.80
CA GLN G 170 41.37 -25.62 -32.43
CA GLN G 170 41.37 -25.62 -32.43
C GLN G 170 42.71 -26.34 -32.48
N TYR G 171 43.75 -25.64 -32.95
CA TYR G 171 45.07 -26.23 -33.05
C TYR G 171 45.51 -26.77 -31.70
N LEU G 172 45.29 -25.97 -30.65
CA LEU G 172 45.80 -26.24 -29.31
C LEU G 172 45.02 -27.39 -28.66
N LEU G 173 43.77 -27.58 -29.09
CA LEU G 173 42.97 -28.70 -28.61
C LEU G 173 43.50 -29.99 -29.22
N ALA G 174 44.16 -29.89 -30.37
CA ALA G 174 44.78 -31.03 -31.03
C ALA G 174 46.25 -31.15 -30.66
N TYR G 175 46.91 -30.04 -30.31
CA TYR G 175 48.34 -30.03 -29.99
C TYR G 175 48.54 -29.29 -28.67
N PRO G 176 47.98 -29.83 -27.56
CA PRO G 176 48.06 -29.19 -26.26
C PRO G 176 49.49 -28.83 -25.86
N GLU G 177 50.41 -29.77 -26.12
CA GLU G 177 51.78 -29.71 -25.66
C GLU G 177 52.55 -28.62 -26.41
N ASP G 178 52.07 -28.20 -27.60
CA ASP G 178 52.71 -27.15 -28.38
C ASP G 178 52.47 -25.77 -27.80
N ALA G 179 51.52 -25.65 -26.83
CA ALA G 179 51.10 -24.36 -26.32
C ALA G 179 52.27 -23.57 -25.77
N LYS G 180 53.18 -24.26 -25.05
CA LYS G 180 54.27 -23.62 -24.35
C LYS G 180 55.34 -23.15 -25.33
N LYS G 181 55.26 -23.61 -26.60
CA LYS G 181 56.22 -23.22 -27.62
C LYS G 181 55.60 -22.30 -28.69
N ILE G 182 54.47 -21.67 -28.39
CA ILE G 182 53.85 -20.74 -29.32
C ILE G 182 53.80 -19.36 -28.67
N ARG G 183 54.17 -18.34 -29.45
CA ARG G 183 54.03 -16.96 -29.04
C ARG G 183 53.02 -16.28 -29.96
N MET G 184 52.07 -15.56 -29.35
CA MET G 184 50.99 -14.96 -30.10
C MET G 184 51.00 -13.45 -29.91
N THR G 185 50.79 -12.74 -31.01
CA THR G 185 50.79 -11.30 -31.07
C THR G 185 49.51 -10.91 -31.79
N THR G 186 48.56 -10.27 -31.08
CA THR G 186 47.21 -10.17 -31.58
C THR G 186 46.76 -8.71 -31.69
N MET G 187 45.95 -8.44 -32.72
CA MET G 187 45.01 -7.34 -32.71
C MET G 187 43.68 -7.88 -32.15
N ALA G 188 43.40 -7.51 -30.90
CA ALA G 188 42.22 -7.97 -30.20
C ALA G 188 42.08 -7.19 -28.90
N GLY G 189 40.82 -6.98 -28.48
CA GLY G 189 40.52 -6.48 -27.15
C GLY G 189 40.33 -4.97 -27.08
N ASN G 190 39.68 -4.55 -25.99
CA ASN G 190 39.74 -3.19 -25.48
C ASN G 190 39.89 -3.30 -23.97
N PHE G 191 40.66 -2.37 -23.38
CA PHE G 191 41.08 -2.49 -21.98
C PHE G 191 40.62 -1.28 -21.17
N MET G 192 41.21 -0.11 -21.47
CA MET G 192 40.95 1.10 -20.70
C MET G 192 40.02 2.04 -21.48
N ILE G 193 39.53 1.57 -22.63
CA ILE G 193 38.47 2.23 -23.36
C ILE G 193 37.40 1.17 -23.66
N VAL G 194 36.22 1.63 -24.13
CA VAL G 194 35.09 0.75 -24.32
C VAL G 194 35.24 0.02 -25.66
N GLY G 195 34.25 -0.82 -26.00
CA GLY G 195 34.34 -1.69 -27.16
C GLY G 195 33.86 -1.02 -28.44
N ASN G 196 33.74 -1.79 -29.54
CA ASN G 196 33.26 -1.29 -30.81
C ASN G 196 31.92 -1.94 -31.17
N ILE G 197 31.91 -3.23 -31.50
CA ILE G 197 30.73 -3.90 -32.02
C ILE G 197 29.75 -4.18 -30.89
N MET G 198 30.25 -4.24 -29.67
CA MET G 198 29.39 -4.28 -28.50
C MET G 198 29.95 -3.31 -27.46
N PRO G 199 29.14 -2.92 -26.44
CA PRO G 199 29.49 -1.80 -25.58
C PRO G 199 30.90 -1.81 -24.96
N PHE G 200 31.36 -2.98 -24.53
CA PHE G 200 32.57 -3.09 -23.74
C PHE G 200 33.52 -4.16 -24.25
N ALA G 201 33.30 -4.63 -25.50
CA ALA G 201 34.10 -5.69 -26.09
C ALA G 201 34.41 -5.36 -27.55
N GLU G 202 35.49 -5.97 -28.04
CA GLU G 202 36.00 -5.77 -29.38
C GLU G 202 35.70 -7.01 -30.22
N PHE G 203 35.45 -6.79 -31.52
CA PHE G 203 34.94 -7.78 -32.46
C PHE G 203 35.63 -9.16 -32.36
N ASN G 204 36.97 -9.18 -32.45
CA ASN G 204 37.74 -10.40 -32.60
C ASN G 204 37.62 -11.29 -31.38
N VAL G 205 37.41 -10.70 -30.21
CA VAL G 205 37.29 -11.46 -28.98
C VAL G 205 35.87 -12.00 -28.84
N LEU G 206 34.87 -11.14 -29.08
CA LEU G 206 33.49 -11.43 -28.73
C LEU G 206 32.90 -12.42 -29.73
N ILE G 207 33.53 -12.50 -30.91
CA ILE G 207 33.03 -13.34 -31.98
C ILE G 207 33.33 -14.81 -31.69
N ASP G 208 34.38 -15.07 -30.89
CA ASP G 208 34.59 -16.38 -30.28
C ASP G 208 35.42 -16.22 -29.01
N PRO G 209 34.78 -15.88 -27.85
CA PRO G 209 35.54 -15.61 -26.63
C PRO G 209 36.08 -16.87 -25.94
N GLU G 210 35.44 -18.04 -26.18
CA GLU G 210 35.93 -19.28 -25.63
C GLU G 210 37.29 -19.61 -26.23
N ALA G 211 37.46 -19.33 -27.52
CA ALA G 211 38.75 -19.53 -28.15
C ALA G 211 39.84 -18.80 -27.36
N ILE G 212 39.64 -17.51 -27.08
CA ILE G 212 40.73 -16.75 -26.48
C ILE G 212 40.89 -17.21 -25.03
N SER G 213 39.77 -17.46 -24.37
CA SER G 213 39.80 -18.00 -23.01
C SER G 213 40.64 -19.27 -22.97
N ASN G 214 40.35 -20.21 -23.89
CA ASN G 214 41.11 -21.45 -24.04
C ASN G 214 42.59 -21.15 -24.20
N ILE G 215 42.92 -20.28 -25.19
CA ILE G 215 44.31 -19.94 -25.54
C ILE G 215 45.04 -19.41 -24.32
N LEU G 216 44.39 -18.51 -23.58
CA LEU G 216 45.03 -17.81 -22.47
C LEU G 216 45.29 -18.76 -21.33
N GLN G 217 44.45 -19.78 -21.15
CA GLN G 217 44.73 -20.70 -20.07
C GLN G 217 45.53 -21.92 -20.55
N SER G 218 45.98 -21.91 -21.82
CA SER G 218 46.70 -23.04 -22.39
C SER G 218 48.19 -22.99 -22.07
N GLY G 219 48.68 -21.87 -21.56
CA GLY G 219 50.11 -21.67 -21.36
C GLY G 219 50.79 -21.05 -22.58
N VAL G 220 49.99 -20.61 -23.55
CA VAL G 220 50.50 -19.84 -24.67
C VAL G 220 51.04 -18.51 -24.13
N ASP G 221 52.11 -18.01 -24.76
CA ASP G 221 52.65 -16.70 -24.45
C ASP G 221 51.92 -15.70 -25.34
N TYR G 222 51.10 -14.85 -24.73
CA TYR G 222 50.12 -14.06 -25.47
C TYR G 222 50.39 -12.57 -25.25
N THR G 223 50.46 -11.80 -26.34
CA THR G 223 50.45 -10.35 -26.24
C THR G 223 49.21 -9.80 -26.94
N PHE G 224 48.46 -8.97 -26.22
CA PHE G 224 47.52 -8.03 -26.81
C PHE G 224 48.31 -6.82 -27.31
N ALA G 225 48.80 -6.93 -28.54
CA ALA G 225 49.74 -5.99 -29.11
C ALA G 225 49.03 -4.75 -29.63
N ALA G 226 47.78 -4.93 -30.05
CA ALA G 226 47.03 -3.91 -30.77
C ALA G 226 45.57 -3.96 -30.33
N PRO G 227 45.26 -3.61 -29.07
CA PRO G 227 43.88 -3.44 -28.65
C PRO G 227 43.35 -2.11 -29.18
N LEU G 228 42.03 -1.90 -29.07
CA LEU G 228 41.40 -0.67 -29.49
C LEU G 228 42.13 0.52 -28.86
N ASP G 229 42.60 0.31 -27.61
CA ASP G 229 43.34 1.31 -26.86
C ASP G 229 44.35 2.00 -27.76
N ILE G 230 45.08 1.20 -28.57
CA ILE G 230 46.12 1.71 -29.46
C ILE G 230 45.55 2.05 -30.84
N THR G 231 44.85 1.09 -31.43
CA THR G 231 44.48 1.17 -32.84
C THR G 231 43.56 2.37 -33.09
N HIS G 232 42.80 2.77 -32.08
CA HIS G 232 41.94 3.94 -32.17
C HIS G 232 42.74 5.24 -32.17
N THR G 233 44.06 5.16 -31.89
CA THR G 233 44.97 6.29 -32.03
C THR G 233 45.85 6.14 -33.27
N VAL G 234 45.50 5.23 -34.19
CA VAL G 234 46.28 4.99 -35.39
C VAL G 234 45.37 5.23 -36.60
N LEU G 235 45.31 6.50 -37.04
CA LEU G 235 44.23 6.98 -37.89
C LEU G 235 44.76 7.34 -39.28
N VAL G 236 43.98 6.98 -40.28
CA VAL G 236 44.24 7.28 -41.68
C VAL G 236 43.76 8.71 -41.98
N THR G 237 44.62 9.67 -41.62
CA THR G 237 44.39 11.08 -41.87
C THR G 237 44.62 11.40 -43.35
N GLU G 238 44.25 12.61 -43.79
CA GLU G 238 44.50 13.00 -45.17
C GLU G 238 46.00 13.25 -45.35
N LYS G 239 46.68 13.56 -44.23
CA LYS G 239 48.13 13.63 -44.18
C LYS G 239 48.75 12.28 -44.54
N VAL G 240 48.27 11.22 -43.87
CA VAL G 240 48.76 9.87 -44.12
C VAL G 240 48.49 9.50 -45.58
N ILE G 241 47.32 9.91 -46.10
CA ILE G 241 46.91 9.63 -47.46
C ILE G 241 47.88 10.26 -48.46
N ASN G 242 48.27 11.51 -48.21
CA ASN G 242 49.16 12.21 -49.13
C ASN G 242 50.52 11.52 -49.17
N ASP G 243 50.98 10.99 -48.03
CA ASP G 243 52.25 10.29 -47.96
C ASP G 243 52.19 8.98 -48.75
N ILE G 244 51.02 8.34 -48.72
CA ILE G 244 50.79 7.11 -49.48
C ILE G 244 50.91 7.42 -50.97
N LYS G 245 50.17 8.44 -51.41
CA LYS G 245 50.24 8.94 -52.77
C LYS G 245 51.68 9.28 -53.14
N ALA G 246 52.36 10.03 -52.25
CA ALA G 246 53.76 10.41 -52.44
C ALA G 246 54.58 9.19 -52.79
N ALA G 247 54.41 8.11 -52.02
CA ALA G 247 55.28 6.95 -52.10
C ALA G 247 54.89 6.00 -53.23
N THR G 248 53.65 6.07 -53.73
CA THR G 248 53.14 5.04 -54.63
C THR G 248 52.77 5.56 -56.02
N GLU G 249 52.18 6.76 -56.14
CA GLU G 249 51.74 7.25 -57.44
C GLU G 249 52.91 7.26 -58.42
N PRO G 250 54.10 7.78 -58.03
CA PRO G 250 55.29 7.71 -58.89
C PRO G 250 55.55 6.36 -59.56
N TYR G 251 55.24 5.25 -58.86
CA TYR G 251 55.65 3.92 -59.30
C TYR G 251 54.49 3.13 -59.87
N SER G 252 53.27 3.37 -59.37
CA SER G 252 52.10 2.60 -59.77
C SER G 252 50.83 3.32 -59.35
N PRO G 253 50.28 4.22 -60.19
CA PRO G 253 49.12 5.02 -59.80
C PRO G 253 47.82 4.21 -59.78
N LYS G 254 47.84 2.99 -60.33
CA LYS G 254 46.72 2.08 -60.19
C LYS G 254 46.65 1.55 -58.77
N PHE G 255 47.81 1.11 -58.25
CA PHE G 255 47.92 0.62 -56.89
C PHE G 255 47.49 1.70 -55.90
N THR G 256 47.79 2.95 -56.22
CA THR G 256 47.43 4.09 -55.39
C THR G 256 45.91 4.15 -55.20
N GLU G 257 45.16 4.06 -56.31
CA GLU G 257 43.70 4.13 -56.27
C GLU G 257 43.16 3.02 -55.37
N MET G 258 43.70 1.82 -55.56
CA MET G 258 43.25 0.64 -54.87
C MET G 258 43.46 0.76 -53.36
N ILE G 259 44.69 1.07 -52.94
CA ILE G 259 44.98 1.07 -51.51
C ILE G 259 44.18 2.18 -50.84
N ILE G 260 43.85 3.25 -51.57
CA ILE G 260 43.16 4.37 -50.95
C ILE G 260 41.65 4.09 -50.87
N LYS G 261 41.09 3.49 -51.92
CA LYS G 261 39.69 3.05 -51.89
C LYS G 261 39.46 2.10 -50.71
N LEU G 262 40.33 1.08 -50.60
CA LEU G 262 40.27 0.13 -49.51
C LEU G 262 40.36 0.87 -48.18
N LEU G 263 41.32 1.79 -48.05
CA LEU G 263 41.63 2.43 -46.77
C LEU G 263 40.49 3.33 -46.32
N PHE G 264 39.67 3.82 -47.25
CA PHE G 264 38.60 4.73 -46.90
C PHE G 264 37.23 4.05 -46.98
N PHE G 265 37.20 2.71 -47.02
CA PHE G 265 35.98 2.02 -47.43
C PHE G 265 34.95 2.02 -46.31
N PHE G 266 35.34 1.85 -45.04
CA PHE G 266 34.35 1.87 -43.95
C PHE G 266 34.42 3.21 -43.21
N LYS G 267 34.75 4.27 -43.96
CA LYS G 267 35.15 5.56 -43.37
C LYS G 267 33.94 6.34 -42.87
N ASP G 268 32.85 6.34 -43.64
CA ASP G 268 31.64 7.07 -43.28
C ASP G 268 31.00 6.49 -42.02
N THR G 269 30.86 5.17 -41.99
CA THR G 269 30.42 4.44 -40.82
C THR G 269 31.32 4.78 -39.62
N TYR G 270 32.64 4.79 -39.83
CA TYR G 270 33.55 5.12 -38.74
C TYR G 270 33.29 6.54 -38.23
N ARG G 271 32.95 7.45 -39.15
CA ARG G 271 32.62 8.83 -38.78
C ARG G 271 31.27 8.90 -38.08
N ASP G 272 30.24 8.31 -38.71
CA ASP G 272 28.84 8.46 -38.31
C ASP G 272 28.46 7.49 -37.19
N VAL G 273 28.90 6.22 -37.31
CA VAL G 273 28.50 5.19 -36.37
C VAL G 273 29.29 5.40 -35.08
N PHE G 274 30.56 5.82 -35.23
CA PHE G 274 31.52 5.72 -34.14
C PHE G 274 32.14 7.07 -33.79
N GLY G 275 32.09 8.07 -34.69
CA GLY G 275 32.53 9.42 -34.38
C GLY G 275 33.93 9.74 -34.88
N PHE G 276 34.44 8.92 -35.81
CA PHE G 276 35.81 9.07 -36.32
C PHE G 276 35.81 9.95 -37.56
N ILE G 277 36.39 11.15 -37.44
CA ILE G 277 36.66 11.97 -38.61
C ILE G 277 37.54 11.16 -39.57
N ASP G 278 38.54 10.47 -39.00
CA ASP G 278 39.44 9.62 -39.76
C ASP G 278 39.44 8.20 -39.19
N PRO G 279 39.38 7.15 -40.02
CA PRO G 279 39.20 5.80 -39.54
C PRO G 279 40.49 5.19 -38.99
N PRO G 280 40.41 4.22 -38.04
CA PRO G 280 41.59 3.57 -37.50
C PRO G 280 42.06 2.50 -38.49
N LEU G 281 43.31 2.06 -38.34
CA LEU G 281 43.84 0.93 -39.09
C LEU G 281 44.44 -0.04 -38.08
N HIS G 282 43.74 -1.16 -37.88
CA HIS G 282 43.91 -1.99 -36.71
C HIS G 282 45.08 -2.96 -36.87
N ASP G 283 44.91 -3.92 -37.79
CA ASP G 283 45.64 -5.18 -37.77
C ASP G 283 47.13 -5.02 -38.06
N PRO G 284 47.59 -4.14 -38.98
CA PRO G 284 49.04 -3.99 -39.22
C PRO G 284 49.83 -3.62 -37.97
N VAL G 285 49.16 -2.99 -36.99
CA VAL G 285 49.78 -2.67 -35.71
C VAL G 285 50.31 -3.94 -35.03
N ALA G 286 49.60 -5.07 -35.19
CA ALA G 286 49.96 -6.34 -34.56
C ALA G 286 51.28 -6.86 -35.14
N ALA G 287 51.38 -6.85 -36.47
CA ALA G 287 52.60 -7.22 -37.18
C ALA G 287 53.74 -6.25 -36.87
N PHE G 288 53.39 -4.97 -36.65
CA PHE G 288 54.38 -3.97 -36.30
C PHE G 288 54.99 -4.26 -34.93
N HIS G 289 54.21 -4.84 -34.03
CA HIS G 289 54.73 -5.22 -32.73
C HIS G 289 55.86 -6.25 -32.91
N LEU G 290 55.61 -7.23 -33.77
CA LEU G 290 56.57 -8.31 -33.95
C LEU G 290 57.80 -7.78 -34.70
N ILE G 291 57.62 -6.74 -35.51
CA ILE G 291 58.73 -6.12 -36.22
C ILE G 291 59.54 -5.25 -35.26
N ALA G 292 58.88 -4.42 -34.47
CA ALA G 292 59.54 -3.36 -33.71
C ALA G 292 58.81 -3.10 -32.39
N PRO G 293 59.00 -3.98 -31.37
CA PRO G 293 58.26 -3.85 -30.11
C PRO G 293 58.72 -2.71 -29.21
N GLU G 294 59.84 -2.08 -29.59
CA GLU G 294 60.39 -0.99 -28.80
C GLU G 294 59.48 0.24 -28.81
N TRP G 295 58.56 0.33 -29.78
CA TRP G 295 57.65 1.46 -29.90
C TRP G 295 56.41 1.29 -29.03
N PHE G 296 56.28 0.15 -28.34
CA PHE G 296 55.11 -0.16 -27.54
C PHE G 296 55.48 -0.18 -26.07
N GLU G 297 54.57 0.32 -25.23
CA GLU G 297 54.59 0.03 -23.81
C GLU G 297 53.98 -1.36 -23.58
N HIS G 298 54.32 -1.97 -22.44
CA HIS G 298 53.93 -3.33 -22.14
C HIS G 298 53.66 -3.45 -20.64
N VAL G 299 52.61 -4.19 -20.26
CA VAL G 299 52.46 -4.56 -18.87
C VAL G 299 51.94 -5.99 -18.82
N ARG G 300 52.47 -6.77 -17.87
CA ARG G 300 51.99 -8.12 -17.63
C ARG G 300 50.80 -8.04 -16.67
N CYS G 301 49.78 -8.88 -16.91
CA CYS G 301 48.67 -8.98 -15.99
C CYS G 301 47.94 -10.31 -16.22
N HIS G 302 46.94 -10.56 -15.39
CA HIS G 302 46.02 -11.65 -15.61
C HIS G 302 44.82 -11.09 -16.36
N VAL G 303 44.54 -11.64 -17.55
CA VAL G 303 43.35 -11.28 -18.31
C VAL G 303 42.34 -12.41 -18.20
N ASP G 304 41.10 -12.05 -17.80
CA ASP G 304 39.95 -12.91 -17.86
C ASP G 304 39.06 -12.51 -19.02
N ILE G 305 38.65 -13.50 -19.82
CA ILE G 305 37.73 -13.28 -20.94
C ILE G 305 36.30 -13.66 -20.51
N GLU G 306 35.36 -12.71 -20.63
CA GLU G 306 33.98 -12.96 -20.25
C GLU G 306 33.34 -13.90 -21.28
N THR G 307 32.77 -15.00 -20.80
CA THR G 307 32.04 -15.94 -21.64
C THR G 307 30.61 -16.12 -21.14
N LYS G 308 30.40 -16.12 -19.82
CA LYS G 308 29.09 -16.31 -19.22
C LYS G 308 28.18 -15.10 -19.48
N GLY G 309 28.79 -13.93 -19.59
CA GLY G 309 28.06 -12.67 -19.64
C GLY G 309 27.20 -12.56 -20.89
N GLU G 310 25.98 -12.04 -20.68
CA GLU G 310 24.94 -11.98 -21.69
C GLU G 310 25.16 -10.83 -22.66
N TYR G 311 25.55 -9.67 -22.12
CA TYR G 311 25.72 -8.44 -22.89
C TYR G 311 27.20 -8.06 -22.98
N THR G 312 28.06 -8.89 -22.41
CA THR G 312 29.44 -8.53 -22.10
C THR G 312 30.40 -9.65 -22.45
N TYR G 313 29.94 -10.69 -23.15
CA TYR G 313 30.85 -11.74 -23.58
C TYR G 313 31.89 -11.06 -24.46
N GLY G 314 33.15 -11.50 -24.28
CA GLY G 314 34.27 -11.02 -25.06
C GLY G 314 35.02 -9.88 -24.36
N CYS G 315 34.51 -9.45 -23.19
CA CYS G 315 35.17 -8.43 -22.41
C CYS G 315 36.52 -8.95 -21.90
N CYS G 316 37.58 -8.17 -22.16
CA CYS G 316 38.91 -8.43 -21.61
C CYS G 316 39.03 -7.74 -20.26
N CYS G 317 38.91 -8.52 -19.19
CA CYS G 317 38.91 -8.01 -17.82
C CYS G 317 40.25 -8.34 -17.16
N THR G 318 41.05 -7.31 -16.88
CA THR G 318 42.37 -7.51 -16.30
C THR G 318 42.36 -7.15 -14.83
N ASN G 319 43.43 -7.52 -14.12
CA ASN G 319 43.58 -7.21 -12.70
C ASN G 319 44.54 -6.03 -12.53
N LEU G 320 44.72 -5.22 -13.59
CA LEU G 320 45.68 -4.14 -13.57
C LEU G 320 45.39 -3.19 -12.40
N ILE G 321 44.10 -2.93 -12.13
CA ILE G 321 43.71 -2.04 -11.06
C ILE G 321 43.86 -2.73 -9.71
N LEU G 322 43.61 -4.05 -9.61
CA LEU G 322 43.87 -4.76 -8.36
C LEU G 322 45.34 -4.58 -7.96
N LYS G 323 46.23 -4.60 -8.96
CA LYS G 323 47.67 -4.59 -8.70
C LYS G 323 48.17 -3.22 -8.23
N LYS G 324 47.46 -2.15 -8.55
CA LYS G 324 47.79 -0.87 -7.94
C LYS G 324 47.20 -0.84 -6.53
N LYS G 325 45.93 -1.22 -6.37
CA LYS G 325 45.24 -1.23 -5.09
C LYS G 325 46.02 -2.03 -4.07
N ASP G 326 46.34 -3.27 -4.40
CA ASP G 326 47.00 -4.14 -3.45
C ASP G 326 47.66 -5.31 -4.16
N PRO G 327 48.90 -5.12 -4.66
CA PRO G 327 49.57 -6.16 -5.46
C PRO G 327 49.84 -7.43 -4.65
N THR G 328 49.79 -7.33 -3.32
CA THR G 328 50.24 -8.42 -2.48
C THR G 328 49.15 -9.46 -2.27
N LYS G 329 47.92 -9.16 -2.69
CA LYS G 329 46.82 -10.08 -2.49
C LYS G 329 46.44 -10.79 -3.78
N ILE G 330 47.20 -10.57 -4.86
CA ILE G 330 46.83 -11.13 -6.14
C ILE G 330 47.07 -12.63 -6.12
N VAL G 331 46.02 -13.45 -6.22
CA VAL G 331 46.17 -14.90 -6.16
C VAL G 331 46.04 -15.50 -7.57
N LYS G 332 46.32 -14.70 -8.60
CA LYS G 332 46.22 -15.19 -9.97
C LYS G 332 47.48 -14.84 -10.75
N PRO G 333 48.14 -15.85 -11.37
CA PRO G 333 49.36 -15.58 -12.14
C PRO G 333 49.04 -14.70 -13.33
N ASP G 334 49.99 -13.85 -13.76
CA ASP G 334 49.84 -13.14 -15.02
C ASP G 334 49.69 -14.17 -16.13
N ASN G 335 49.03 -13.82 -17.24
CA ASN G 335 48.92 -14.74 -18.36
C ASN G 335 49.04 -14.01 -19.70
N ALA G 336 49.16 -12.69 -19.67
CA ALA G 336 49.32 -11.94 -20.90
C ALA G 336 50.16 -10.72 -20.65
N THR G 337 50.73 -10.22 -21.76
CA THR G 337 51.22 -8.87 -21.82
C THR G 337 50.15 -8.04 -22.53
N VAL G 338 49.92 -6.82 -22.05
CA VAL G 338 49.01 -5.90 -22.70
C VAL G 338 49.79 -4.66 -23.12
N CYS G 339 49.60 -4.25 -24.37
CA CYS G 339 50.17 -3.01 -24.87
C CYS G 339 49.08 -1.93 -24.90
N LEU G 340 49.16 -0.99 -23.93
CA LEU G 340 48.09 -0.05 -23.68
C LEU G 340 48.25 1.23 -24.50
N LYS G 341 49.40 1.40 -25.15
CA LYS G 341 49.76 2.68 -25.75
C LYS G 341 51.09 2.55 -26.48
N LEU G 342 51.32 3.37 -27.50
CA LEU G 342 52.64 3.46 -28.13
C LEU G 342 53.52 4.44 -27.37
N LYS G 343 54.82 4.19 -27.32
CA LYS G 343 55.77 5.20 -26.87
C LYS G 343 55.78 6.34 -27.88
N GLU G 344 56.27 7.51 -27.46
CA GLU G 344 56.38 8.66 -28.35
C GLU G 344 57.30 8.28 -29.50
N GLY G 345 56.91 8.67 -30.72
CA GLY G 345 57.60 8.30 -31.95
C GLY G 345 56.95 7.09 -32.63
N GLY G 346 56.19 6.30 -31.85
CA GLY G 346 55.63 5.04 -32.30
C GLY G 346 54.70 5.20 -33.51
N HIS G 347 53.87 6.24 -33.48
CA HIS G 347 52.92 6.46 -34.56
C HIS G 347 53.66 6.79 -35.85
N ASP G 348 54.66 7.68 -35.76
CA ASP G 348 55.47 8.06 -36.90
C ASP G 348 56.21 6.82 -37.43
N ALA G 349 56.84 6.08 -36.50
CA ALA G 349 57.57 4.87 -36.84
C ALA G 349 56.66 3.87 -37.55
N PHE G 350 55.43 3.69 -37.04
CA PHE G 350 54.46 2.81 -37.66
C PHE G 350 54.17 3.23 -39.10
N TRP G 351 53.88 4.53 -39.29
CA TRP G 351 53.49 5.00 -40.60
C TRP G 351 54.65 5.00 -41.59
N ASN G 352 55.89 5.21 -41.12
CA ASN G 352 57.05 5.13 -42.00
C ASN G 352 57.22 3.69 -42.48
N GLN G 353 57.05 2.76 -41.52
CA GLN G 353 57.10 1.34 -41.81
C GLN G 353 56.04 0.99 -42.86
N MET G 354 54.81 1.47 -42.65
CA MET G 354 53.70 1.07 -43.48
C MET G 354 53.88 1.64 -44.89
N ILE G 355 54.24 2.93 -44.96
CA ILE G 355 54.36 3.62 -46.24
C ILE G 355 55.56 3.10 -47.04
N THR G 356 56.68 2.79 -46.36
CA THR G 356 57.79 2.11 -47.00
C THR G 356 57.27 0.90 -47.79
N VAL G 357 56.55 0.03 -47.09
CA VAL G 357 56.11 -1.24 -47.65
C VAL G 357 55.20 -0.95 -48.83
N TRP G 358 54.27 -0.01 -48.68
CA TRP G 358 53.37 0.32 -49.77
C TRP G 358 54.15 0.81 -50.97
N GLY G 359 55.18 1.64 -50.73
CA GLY G 359 56.08 2.12 -51.76
C GLY G 359 56.74 0.96 -52.51
N GLU G 360 57.29 -0.01 -51.76
CA GLU G 360 57.97 -1.17 -52.33
C GLU G 360 56.98 -2.01 -53.15
N ILE G 361 55.74 -2.10 -52.68
CA ILE G 361 54.71 -2.86 -53.40
C ILE G 361 54.39 -2.14 -54.72
N ALA G 362 54.24 -0.80 -54.65
CA ALA G 362 53.97 0.01 -55.82
C ALA G 362 55.06 -0.19 -56.88
N LYS G 363 56.32 -0.33 -56.44
CA LYS G 363 57.45 -0.52 -57.34
C LYS G 363 57.35 -1.86 -58.07
N GLU G 364 56.94 -2.91 -57.37
CA GLU G 364 56.86 -4.24 -57.97
C GLU G 364 55.69 -4.34 -58.94
N ILE G 365 54.60 -3.63 -58.67
CA ILE G 365 53.45 -3.67 -59.56
C ILE G 365 53.72 -2.84 -60.82
N GLY G 366 54.30 -1.65 -60.64
CA GLY G 366 54.89 -0.88 -61.74
C GLY G 366 53.85 -0.34 -62.73
N MET H 21 22.11 -58.12 -44.78
CA MET H 21 22.33 -56.65 -44.66
C MET H 21 22.94 -56.34 -43.28
N SER H 22 24.18 -55.85 -43.30
CA SER H 22 24.86 -55.44 -42.08
C SER H 22 25.27 -53.97 -42.21
N ILE H 23 25.47 -53.32 -41.06
CA ILE H 23 25.55 -51.88 -40.98
C ILE H 23 27.00 -51.49 -40.75
N LYS H 24 27.52 -50.63 -41.64
CA LYS H 24 28.81 -50.01 -41.42
C LYS H 24 28.68 -48.94 -40.34
N CYS H 25 29.59 -48.97 -39.37
CA CYS H 25 29.54 -48.05 -38.25
C CYS H 25 30.94 -47.84 -37.70
N ALA H 26 31.07 -46.81 -36.85
CA ALA H 26 32.30 -46.52 -36.15
C ALA H 26 31.99 -46.41 -34.67
N LEU H 27 32.99 -46.62 -33.82
CA LEU H 27 32.79 -46.58 -32.39
C LEU H 27 33.66 -45.47 -31.81
N ASP H 28 33.03 -44.59 -31.02
CA ASP H 28 33.73 -43.56 -30.30
C ASP H 28 33.45 -43.79 -28.82
N CYS H 29 34.47 -43.92 -27.99
CA CYS H 29 34.27 -44.42 -26.64
C CYS H 29 35.50 -44.19 -25.75
N ASP H 30 35.34 -44.48 -24.45
CA ASP H 30 36.37 -44.24 -23.44
C ASP H 30 36.54 -45.46 -22.53
N PRO H 31 36.89 -46.66 -23.05
CA PRO H 31 36.94 -47.86 -22.21
C PRO H 31 37.85 -47.68 -21.00
N GLY H 32 37.36 -48.01 -19.78
CA GLY H 32 35.95 -48.26 -19.49
C GLY H 32 35.55 -49.73 -19.64
N HIS H 33 35.01 -50.30 -18.58
CA HIS H 33 34.56 -51.69 -18.57
C HIS H 33 33.33 -51.88 -19.46
N ASP H 34 32.39 -50.93 -19.47
CA ASP H 34 31.21 -51.06 -20.32
C ASP H 34 31.57 -50.88 -21.79
N ASP H 35 32.50 -49.94 -22.08
CA ASP H 35 32.87 -49.66 -23.45
C ASP H 35 33.54 -50.91 -24.01
N LEU H 36 34.32 -51.60 -23.17
CA LEU H 36 34.91 -52.88 -23.53
C LEU H 36 33.84 -53.89 -23.91
N ALA H 37 32.72 -53.91 -23.15
CA ALA H 37 31.62 -54.81 -23.43
C ALA H 37 30.93 -54.43 -24.74
N MET H 38 30.83 -53.13 -25.01
CA MET H 38 30.14 -52.62 -26.18
C MET H 38 30.96 -52.94 -27.43
N ILE H 39 32.29 -52.78 -27.31
CA ILE H 39 33.21 -53.08 -28.39
C ILE H 39 33.05 -54.56 -28.75
N MET H 40 33.08 -55.41 -27.72
CA MET H 40 32.90 -56.85 -27.91
C MET H 40 31.61 -57.11 -28.69
N LEU H 41 30.50 -56.49 -28.26
CA LEU H 41 29.22 -56.69 -28.90
C LEU H 41 29.28 -56.28 -30.37
N ALA H 42 29.74 -55.06 -30.64
CA ALA H 42 29.69 -54.49 -31.98
C ALA H 42 30.57 -55.29 -32.94
N VAL H 43 31.81 -55.58 -32.52
CA VAL H 43 32.78 -56.25 -33.38
C VAL H 43 32.25 -57.64 -33.73
N TYR H 44 32.04 -58.50 -32.71
CA TYR H 44 31.62 -59.87 -32.92
C TYR H 44 30.18 -59.97 -33.44
N SER H 45 29.35 -58.93 -33.29
CA SER H 45 28.04 -58.97 -33.93
C SER H 45 28.19 -58.97 -35.44
N PRO H 46 27.58 -59.96 -36.14
CA PRO H 46 27.59 -59.98 -37.61
C PRO H 46 26.81 -58.82 -38.22
N LYS H 47 25.90 -58.25 -37.42
CA LYS H 47 25.00 -57.21 -37.87
C LYS H 47 25.71 -55.86 -38.01
N LEU H 48 26.81 -55.67 -37.27
CA LEU H 48 27.57 -54.44 -37.33
C LEU H 48 28.94 -54.70 -37.93
N ASP H 49 29.35 -53.78 -38.81
CA ASP H 49 30.60 -53.84 -39.54
C ASP H 49 31.48 -52.67 -39.09
N VAL H 50 32.22 -52.87 -38.00
CA VAL H 50 32.96 -51.80 -37.36
C VAL H 50 34.12 -51.38 -38.25
N GLN H 51 34.14 -50.10 -38.65
CA GLN H 51 35.16 -49.56 -39.56
C GLN H 51 36.40 -49.09 -38.79
N TYR H 52 36.18 -48.44 -37.64
CA TYR H 52 37.27 -48.00 -36.78
C TYR H 52 36.72 -47.81 -35.38
N ILE H 53 37.63 -47.62 -34.42
CA ILE H 53 37.29 -47.13 -33.10
C ILE H 53 38.07 -45.84 -32.82
N SER H 54 37.37 -44.76 -32.46
CA SER H 54 38.00 -43.56 -31.96
C SER H 54 37.80 -43.51 -30.45
N THR H 55 38.86 -43.18 -29.71
CA THR H 55 38.78 -43.04 -28.28
C THR H 55 38.82 -41.55 -27.90
N THR H 56 38.30 -41.29 -26.70
CA THR H 56 38.15 -39.95 -26.20
C THR H 56 38.46 -39.97 -24.71
N HIS H 57 38.65 -38.78 -24.16
CA HIS H 57 38.85 -38.58 -22.72
C HIS H 57 37.55 -38.94 -21.99
N GLY H 58 37.68 -39.24 -20.71
CA GLY H 58 36.50 -39.42 -19.89
C GLY H 58 36.87 -40.08 -18.57
N ASN H 59 36.57 -41.39 -18.50
CA ASN H 59 37.00 -42.24 -17.42
C ASN H 59 38.47 -41.96 -17.12
N GLN H 60 39.33 -42.32 -18.07
CA GLN H 60 40.74 -41.97 -18.01
C GLN H 60 41.07 -40.91 -19.03
N THR H 61 42.35 -40.52 -19.05
CA THR H 61 42.91 -39.74 -20.14
C THR H 61 42.78 -40.50 -21.45
N VAL H 62 42.70 -39.77 -22.56
CA VAL H 62 42.42 -40.35 -23.87
C VAL H 62 43.53 -41.33 -24.24
N ASN H 63 44.70 -41.16 -23.62
CA ASN H 63 45.81 -42.04 -23.91
C ASN H 63 45.53 -43.43 -23.34
N LYS H 64 45.04 -43.49 -22.10
CA LYS H 64 44.71 -44.76 -21.49
C LYS H 64 43.51 -45.41 -22.15
N THR H 65 42.48 -44.61 -22.50
CA THR H 65 41.30 -45.15 -23.15
C THR H 65 41.69 -45.80 -24.48
N TYR H 66 42.60 -45.13 -25.20
CA TYR H 66 43.11 -45.63 -26.47
C TYR H 66 43.69 -47.04 -26.28
N GLN H 67 44.53 -47.21 -25.27
CA GLN H 67 45.16 -48.50 -25.04
C GLN H 67 44.12 -49.53 -24.60
N ASN H 68 43.15 -49.08 -23.79
CA ASN H 68 42.09 -49.94 -23.29
C ASN H 68 41.23 -50.47 -24.42
N ALA H 69 41.09 -49.69 -25.48
CA ALA H 69 40.37 -50.14 -26.65
C ALA H 69 41.19 -51.22 -27.35
N ARG H 70 42.50 -50.98 -27.49
CA ARG H 70 43.39 -51.92 -28.17
C ARG H 70 43.48 -53.24 -27.40
N ARG H 71 43.44 -53.16 -26.07
CA ARG H 71 43.43 -54.34 -25.22
C ARG H 71 42.15 -55.15 -25.44
N THR H 72 41.02 -54.46 -25.53
CA THR H 72 39.75 -55.12 -25.77
C THR H 72 39.87 -55.93 -27.07
N LEU H 73 40.38 -55.26 -28.10
CA LEU H 73 40.50 -55.83 -29.43
C LEU H 73 41.44 -57.04 -29.42
N ASN H 74 42.58 -56.89 -28.74
CA ASN H 74 43.64 -57.89 -28.76
C ASN H 74 43.19 -59.12 -27.96
N LEU H 75 42.43 -58.89 -26.89
CA LEU H 75 41.83 -59.96 -26.10
C LEU H 75 40.90 -60.80 -26.98
N ILE H 76 40.16 -60.15 -27.89
CA ILE H 76 39.14 -60.82 -28.69
C ILE H 76 39.67 -61.13 -30.08
N LYS H 77 41.00 -60.98 -30.27
CA LYS H 77 41.70 -61.40 -31.48
C LYS H 77 41.28 -60.51 -32.65
N ARG H 78 41.36 -59.18 -32.50
CA ARG H 78 40.91 -58.28 -33.55
C ARG H 78 41.79 -57.03 -33.69
N ALA H 79 42.90 -56.95 -32.93
CA ALA H 79 43.68 -55.71 -32.85
C ALA H 79 44.50 -55.51 -34.12
N ASP H 80 44.59 -56.55 -34.96
CA ASP H 80 45.33 -56.53 -36.20
C ASP H 80 44.41 -56.17 -37.37
N LYS H 81 43.10 -56.07 -37.09
CA LYS H 81 42.07 -55.92 -38.11
C LYS H 81 41.51 -54.49 -38.12
N ILE H 82 41.15 -53.99 -36.94
CA ILE H 82 40.42 -52.74 -36.81
C ILE H 82 41.37 -51.64 -36.36
N PRO H 83 41.40 -50.49 -37.07
CA PRO H 83 42.22 -49.34 -36.65
C PRO H 83 41.59 -48.64 -35.44
N VAL H 84 42.44 -48.25 -34.49
CA VAL H 84 42.02 -47.49 -33.33
C VAL H 84 42.70 -46.13 -33.39
N TYR H 85 41.89 -45.06 -33.33
CA TYR H 85 42.36 -43.69 -33.34
C TYR H 85 42.33 -43.13 -31.92
N ARG H 86 43.40 -42.43 -31.53
CA ARG H 86 43.45 -41.74 -30.26
C ARG H 86 42.99 -40.30 -30.50
N GLY H 87 41.89 -39.93 -29.83
CA GLY H 87 41.19 -38.69 -30.11
C GLY H 87 41.56 -37.55 -29.17
N TYR H 88 40.61 -36.62 -28.99
CA TYR H 88 40.85 -35.41 -28.23
C TYR H 88 40.89 -35.72 -26.74
N SER H 89 41.73 -34.96 -26.03
CA SER H 89 42.13 -35.20 -24.66
C SER H 89 41.34 -34.39 -23.64
N LYS H 90 40.60 -33.36 -24.06
CA LYS H 90 39.86 -32.55 -23.11
C LYS H 90 38.59 -32.01 -23.76
N PRO H 91 37.61 -31.53 -22.97
CA PRO H 91 36.42 -30.89 -23.52
C PRO H 91 36.74 -29.67 -24.37
N LEU H 92 35.75 -29.24 -25.16
CA LEU H 92 35.89 -28.10 -26.06
C LEU H 92 36.33 -26.87 -25.28
N THR H 93 35.62 -26.54 -24.19
CA THR H 93 35.85 -25.30 -23.47
C THR H 93 35.97 -25.51 -21.97
N ARG H 94 36.13 -26.75 -21.52
CA ARG H 94 36.18 -27.05 -20.10
C ARG H 94 37.41 -27.91 -19.78
N GLU H 95 37.70 -28.02 -18.48
CA GLU H 95 38.75 -28.90 -17.99
C GLU H 95 38.22 -30.33 -17.93
N SER H 96 39.12 -31.31 -18.10
CA SER H 96 38.76 -32.71 -17.94
C SER H 96 38.27 -32.94 -16.51
N VAL H 97 37.67 -34.10 -16.28
CA VAL H 97 37.62 -34.67 -14.94
C VAL H 97 38.41 -35.98 -15.01
N ALA H 98 39.68 -35.83 -15.40
CA ALA H 98 40.56 -36.90 -15.86
C ALA H 98 41.99 -36.41 -15.67
N GLY H 107 42.28 -47.81 -16.22
CA GLY H 107 40.94 -47.53 -16.78
C GLY H 107 40.13 -48.81 -16.98
N LEU H 108 40.76 -49.97 -16.76
CA LEU H 108 40.19 -51.24 -17.14
C LEU H 108 40.60 -52.29 -16.09
N GLY H 109 40.46 -51.91 -14.81
CA GLY H 109 41.05 -52.67 -13.71
C GLY H 109 40.28 -53.94 -13.37
N GLY H 110 40.87 -54.71 -12.45
CA GLY H 110 40.36 -56.00 -12.03
C GLY H 110 41.08 -57.17 -12.70
N VAL H 111 42.01 -56.83 -13.61
CA VAL H 111 42.55 -57.80 -14.55
C VAL H 111 43.99 -57.43 -14.87
N ASP H 112 44.80 -58.45 -15.22
CA ASP H 112 46.20 -58.28 -15.52
C ASP H 112 46.37 -58.21 -17.05
N TRP H 113 46.85 -57.06 -17.55
CA TRP H 113 46.90 -56.82 -18.99
C TRP H 113 48.30 -57.02 -19.54
N SER H 114 49.24 -57.46 -18.70
CA SER H 114 50.65 -57.49 -19.07
C SER H 114 50.88 -58.34 -20.32
N GLU H 115 50.13 -59.45 -20.46
CA GLU H 115 50.29 -60.33 -21.61
C GLU H 115 49.65 -59.70 -22.84
N ILE H 116 48.40 -59.27 -22.70
CA ILE H 116 47.66 -58.62 -23.79
C ILE H 116 48.45 -57.40 -24.29
N ASP H 117 49.17 -56.76 -23.36
CA ASP H 117 49.98 -55.60 -23.69
C ASP H 117 51.19 -55.97 -24.56
N ARG H 118 51.97 -56.97 -24.15
CA ARG H 118 53.22 -57.24 -24.85
C ARG H 118 53.00 -58.04 -26.13
N THR H 119 51.83 -58.67 -26.30
CA THR H 119 51.53 -59.41 -27.53
C THR H 119 50.65 -58.58 -28.45
N MET H 120 50.60 -57.28 -28.20
CA MET H 120 49.74 -56.36 -28.94
C MET H 120 50.32 -56.18 -30.34
N PRO H 121 49.54 -56.49 -31.41
CA PRO H 121 49.99 -56.23 -32.77
C PRO H 121 49.96 -54.75 -33.12
N ARG H 122 50.71 -54.39 -34.17
CA ARG H 122 50.75 -53.03 -34.69
C ARG H 122 49.33 -52.58 -35.02
N ASN H 123 49.09 -51.29 -34.77
CA ASN H 123 47.80 -50.66 -34.95
C ASN H 123 47.62 -50.40 -36.44
N PRO H 124 46.62 -51.03 -37.10
CA PRO H 124 46.29 -50.72 -38.50
C PRO H 124 46.17 -49.23 -38.80
N ALA H 125 45.85 -48.44 -37.78
CA ALA H 125 45.70 -47.00 -37.95
C ALA H 125 46.98 -46.38 -38.46
N LEU H 126 48.14 -46.89 -37.99
CA LEU H 126 49.42 -46.28 -38.31
C LEU H 126 49.71 -46.44 -39.80
N ASP H 127 49.31 -47.56 -40.39
CA ASP H 127 49.56 -47.82 -41.80
C ASP H 127 48.66 -46.92 -42.61
N ILE H 128 47.41 -46.78 -42.18
CA ILE H 128 46.46 -45.88 -42.81
C ILE H 128 47.04 -44.46 -42.85
N LEU H 129 47.71 -44.04 -41.77
CA LEU H 129 48.07 -42.65 -41.58
C LEU H 129 49.47 -42.33 -42.14
N GLY H 130 50.30 -43.35 -42.32
CA GLY H 130 51.68 -43.15 -42.75
C GLY H 130 52.64 -42.98 -41.57
N TYR H 131 52.22 -43.36 -40.37
CA TYR H 131 53.02 -43.21 -39.16
C TYR H 131 53.88 -44.44 -38.94
N LYS H 132 55.01 -44.24 -38.24
CA LYS H 132 55.89 -45.33 -37.88
C LYS H 132 55.44 -45.89 -36.54
N ASP H 133 55.14 -45.02 -35.57
CA ASP H 133 54.75 -45.45 -34.24
C ASP H 133 53.65 -44.56 -33.66
N GLU H 134 53.21 -44.90 -32.45
CA GLU H 134 52.00 -44.36 -31.84
C GLU H 134 52.19 -42.95 -31.32
N SER H 135 53.45 -42.51 -31.16
CA SER H 135 53.69 -41.15 -30.71
C SER H 135 53.19 -40.15 -31.76
N GLU H 136 53.06 -40.61 -33.00
CA GLU H 136 52.67 -39.74 -34.10
C GLU H 136 51.15 -39.56 -34.15
N LEU H 137 50.40 -40.40 -33.45
CA LEU H 137 48.93 -40.28 -33.45
C LEU H 137 48.51 -38.90 -32.91
N ARG H 138 47.54 -38.29 -33.59
CA ARG H 138 47.04 -36.97 -33.26
C ARG H 138 45.52 -37.04 -33.12
N PRO H 139 44.90 -36.13 -32.35
CA PRO H 139 43.45 -36.20 -32.12
C PRO H 139 42.58 -36.21 -33.39
N ASP H 140 43.05 -35.59 -34.48
CA ASP H 140 42.21 -35.38 -35.64
C ASP H 140 42.48 -36.43 -36.74
N ASP H 141 43.21 -37.50 -36.40
CA ASP H 141 43.56 -38.53 -37.37
C ASP H 141 42.34 -39.22 -37.95
N PHE H 142 41.26 -39.37 -37.18
CA PHE H 142 40.11 -40.13 -37.66
C PHE H 142 39.30 -39.32 -38.69
N PHE H 143 39.52 -38.00 -38.77
CA PHE H 143 38.66 -37.13 -39.56
C PHE H 143 38.58 -37.58 -41.02
N LYS H 144 39.73 -37.79 -41.67
CA LYS H 144 39.73 -38.10 -43.09
C LYS H 144 39.03 -39.44 -43.32
N HIS H 145 39.24 -40.40 -42.42
CA HIS H 145 38.66 -41.73 -42.53
C HIS H 145 37.14 -41.66 -42.38
N LEU H 146 36.67 -40.89 -41.40
CA LEU H 146 35.24 -40.72 -41.21
C LEU H 146 34.62 -40.07 -42.44
N HIS H 147 35.34 -39.11 -43.04
CA HIS H 147 34.80 -38.36 -44.15
C HIS H 147 34.63 -39.24 -45.40
N ARG H 148 35.52 -40.21 -45.59
CA ARG H 148 35.37 -41.17 -46.68
C ARG H 148 34.11 -41.98 -46.46
N LEU H 149 33.95 -42.51 -45.23
CA LEU H 149 32.79 -43.30 -44.87
C LEU H 149 31.49 -42.51 -45.06
N VAL H 150 31.49 -41.22 -44.70
CA VAL H 150 30.29 -40.40 -44.76
C VAL H 150 29.94 -40.11 -46.21
N SER H 151 30.94 -39.78 -47.02
CA SER H 151 30.75 -39.56 -48.45
C SER H 151 30.21 -40.83 -49.09
N ALA H 152 30.83 -41.96 -48.76
CA ALA H 152 30.41 -43.28 -49.25
C ALA H 152 28.97 -43.58 -48.85
N ALA H 153 28.57 -43.23 -47.63
CA ALA H 153 27.25 -43.57 -47.12
C ALA H 153 26.15 -43.26 -48.13
N GLU H 154 25.28 -44.26 -48.36
CA GLU H 154 24.12 -44.11 -49.23
C GLU H 154 23.19 -43.03 -48.65
N ASP H 155 22.78 -43.23 -47.40
CA ASP H 155 21.90 -42.32 -46.68
C ASP H 155 22.70 -41.56 -45.61
N LYS H 156 22.91 -42.20 -44.45
CA LYS H 156 23.72 -41.63 -43.38
C LYS H 156 24.65 -42.72 -42.85
N PHE H 157 25.80 -42.28 -42.29
CA PHE H 157 26.76 -43.19 -41.69
C PHE H 157 26.56 -43.21 -40.17
N ASP H 158 26.74 -44.38 -39.57
CA ASP H 158 26.37 -44.61 -38.19
C ASP H 158 27.57 -44.56 -37.26
N ILE H 159 27.43 -43.80 -36.17
CA ILE H 159 28.43 -43.71 -35.13
C ILE H 159 27.78 -44.07 -33.80
N ILE H 160 28.41 -44.99 -33.08
CA ILE H 160 28.00 -45.32 -31.73
C ILE H 160 28.97 -44.60 -30.80
N SER H 161 28.42 -43.77 -29.91
CA SER H 161 29.19 -42.97 -28.98
C SER H 161 28.80 -43.36 -27.56
N THR H 162 29.78 -43.76 -26.74
CA THR H 162 29.50 -44.18 -25.38
C THR H 162 30.46 -43.54 -24.37
N GLY H 163 31.17 -42.47 -24.80
CA GLY H 163 31.96 -41.65 -23.91
C GLY H 163 31.57 -40.18 -24.09
N SER H 164 32.48 -39.24 -23.76
CA SER H 164 32.25 -37.85 -24.12
C SER H 164 32.18 -37.75 -25.63
N GLU H 165 31.48 -36.73 -26.15
CA GLU H 165 31.23 -36.61 -27.58
C GLU H 165 32.04 -35.46 -28.19
N THR H 166 33.14 -35.10 -27.51
CA THR H 166 34.11 -34.12 -27.95
C THR H 166 34.63 -34.38 -29.37
N ASN H 167 34.96 -35.64 -29.67
CA ASN H 167 35.51 -36.04 -30.95
C ASN H 167 34.55 -35.68 -32.09
N ILE H 168 33.26 -35.92 -31.88
CA ILE H 168 32.27 -35.72 -32.94
C ILE H 168 31.99 -34.23 -33.10
N ALA H 169 31.98 -33.49 -31.98
CA ALA H 169 31.81 -32.04 -32.00
C ALA H 169 32.96 -31.43 -32.81
N GLN H 170 34.18 -31.91 -32.51
CA GLN H 170 35.37 -31.44 -33.20
CA GLN H 170 35.39 -31.48 -33.19
C GLN H 170 35.31 -31.79 -34.69
N TYR H 171 34.90 -33.04 -35.00
CA TYR H 171 34.78 -33.44 -36.40
C TYR H 171 33.85 -32.50 -37.15
N LEU H 172 32.72 -32.17 -36.52
CA LEU H 172 31.63 -31.43 -37.16
C LEU H 172 32.03 -29.97 -37.34
N LEU H 173 32.92 -29.48 -36.47
CA LEU H 173 33.42 -28.12 -36.59
C LEU H 173 34.37 -28.04 -37.79
N ALA H 174 34.94 -29.18 -38.17
CA ALA H 174 35.81 -29.26 -39.34
C ALA H 174 35.04 -29.73 -40.57
N TYR H 175 33.96 -30.48 -40.38
CA TYR H 175 33.15 -31.02 -41.48
C TYR H 175 31.68 -30.70 -41.24
N PRO H 176 31.33 -29.39 -41.22
CA PRO H 176 29.96 -28.95 -40.95
C PRO H 176 28.92 -29.65 -41.82
N GLU H 177 29.26 -29.77 -43.11
CA GLU H 177 28.33 -30.22 -44.13
C GLU H 177 28.05 -31.72 -44.00
N ASP H 178 28.93 -32.46 -43.30
CA ASP H 178 28.74 -33.89 -43.09
C ASP H 178 27.68 -34.17 -42.02
N ALA H 179 27.25 -33.13 -41.28
CA ALA H 179 26.35 -33.32 -40.15
C ALA H 179 25.07 -34.05 -40.57
N LYS H 180 24.52 -33.67 -41.72
CA LYS H 180 23.24 -34.17 -42.17
C LYS H 180 23.35 -35.62 -42.66
N LYS H 181 24.59 -36.11 -42.84
CA LYS H 181 24.82 -37.48 -43.28
C LYS H 181 25.42 -38.36 -42.17
N ILE H 182 25.30 -37.94 -40.90
CA ILE H 182 25.76 -38.76 -39.80
C ILE H 182 24.58 -39.09 -38.92
N ARG H 183 24.50 -40.36 -38.50
CA ARG H 183 23.53 -40.81 -37.53
C ARG H 183 24.27 -41.27 -36.28
N MET H 184 23.79 -40.79 -35.12
CA MET H 184 24.46 -41.05 -33.86
C MET H 184 23.53 -41.81 -32.93
N THR H 185 24.11 -42.80 -32.27
CA THR H 185 23.41 -43.67 -31.34
C THR H 185 24.26 -43.68 -30.08
N THR H 186 23.74 -43.11 -28.98
CA THR H 186 24.59 -42.79 -27.84
C THR H 186 24.09 -43.49 -26.58
N MET H 187 25.06 -43.89 -25.75
CA MET H 187 24.84 -44.02 -24.32
C MET H 187 25.19 -42.68 -23.66
N ALA H 188 24.14 -41.95 -23.25
CA ALA H 188 24.30 -40.63 -22.66
C ALA H 188 22.96 -40.18 -22.11
N GLY H 189 23.00 -39.39 -21.03
CA GLY H 189 21.84 -38.67 -20.52
C GLY H 189 21.08 -39.39 -19.42
N ASN H 190 20.28 -38.60 -18.70
CA ASN H 190 19.17 -39.08 -17.88
C ASN H 190 18.00 -38.14 -18.12
N PHE H 191 16.78 -38.69 -18.13
CA PHE H 191 15.59 -37.96 -18.58
C PHE H 191 14.51 -37.96 -17.50
N MET H 192 13.95 -39.14 -17.19
CA MET H 192 12.85 -39.27 -16.25
C MET H 192 13.36 -39.79 -14.90
N ILE H 193 14.67 -39.99 -14.78
CA ILE H 193 15.31 -40.24 -13.51
C ILE H 193 16.47 -39.27 -13.36
N VAL H 194 17.05 -39.22 -12.16
CA VAL H 194 18.09 -38.24 -11.85
C VAL H 194 19.43 -38.77 -12.37
N GLY H 195 20.50 -37.99 -12.14
CA GLY H 195 21.80 -38.27 -12.72
C GLY H 195 22.62 -39.23 -11.87
N ASN H 196 23.91 -39.43 -12.23
CA ASN H 196 24.82 -40.29 -11.50
C ASN H 196 25.95 -39.47 -10.86
N ILE H 197 26.87 -38.94 -11.67
CA ILE H 197 28.06 -38.28 -11.16
C ILE H 197 27.72 -36.89 -10.64
N MET H 198 26.60 -36.34 -11.12
CA MET H 198 26.06 -35.13 -10.50
C MET H 198 24.56 -35.31 -10.36
N PRO H 199 23.90 -34.49 -9.51
CA PRO H 199 22.53 -34.80 -9.07
C PRO H 199 21.50 -35.08 -10.18
N PHE H 200 21.60 -34.35 -11.30
CA PHE H 200 20.55 -34.39 -12.32
C PHE H 200 21.14 -34.58 -13.73
N ALA H 201 22.41 -34.98 -13.82
CA ALA H 201 23.09 -35.15 -15.10
C ALA H 201 23.92 -36.44 -15.09
N GLU H 202 24.18 -36.95 -16.30
CA GLU H 202 24.91 -38.19 -16.51
C GLU H 202 26.30 -37.85 -17.05
N PHE H 203 27.29 -38.68 -16.67
CA PHE H 203 28.71 -38.45 -16.86
C PHE H 203 29.09 -37.95 -18.27
N ASN H 204 28.65 -38.68 -19.30
CA ASN H 204 29.10 -38.48 -20.67
C ASN H 204 28.66 -37.12 -21.20
N VAL H 205 27.53 -36.61 -20.71
CA VAL H 205 27.03 -35.32 -21.16
C VAL H 205 27.75 -34.19 -20.42
N LEU H 206 27.87 -34.33 -19.08
CA LEU H 206 28.30 -33.24 -18.23
C LEU H 206 29.79 -33.01 -18.37
N ILE H 207 30.48 -34.02 -18.87
CA ILE H 207 31.93 -33.98 -18.97
C ILE H 207 32.35 -33.10 -20.17
N ASP H 208 31.46 -32.98 -21.17
CA ASP H 208 31.59 -31.95 -22.18
C ASP H 208 30.21 -31.62 -22.77
N PRO H 209 29.39 -30.78 -22.12
CA PRO H 209 28.04 -30.52 -22.57
C PRO H 209 27.93 -29.64 -23.81
N GLU H 210 28.95 -28.81 -24.06
CA GLU H 210 28.98 -27.98 -25.26
C GLU H 210 29.08 -28.89 -26.50
N ALA H 211 29.89 -29.94 -26.39
CA ALA H 211 29.97 -30.90 -27.48
C ALA H 211 28.58 -31.38 -27.88
N ILE H 212 27.78 -31.85 -26.91
CA ILE H 212 26.51 -32.46 -27.28
C ILE H 212 25.56 -31.37 -27.75
N SER H 213 25.61 -30.21 -27.08
CA SER H 213 24.82 -29.08 -27.51
C SER H 213 25.10 -28.76 -28.98
N ASN H 214 26.40 -28.64 -29.31
CA ASN H 214 26.85 -28.41 -30.68
C ASN H 214 26.28 -29.47 -31.63
N ILE H 215 26.46 -30.74 -31.28
CA ILE H 215 26.05 -31.89 -32.11
C ILE H 215 24.55 -31.79 -32.39
N LEU H 216 23.77 -31.52 -31.34
CA LEU H 216 22.32 -31.56 -31.41
C LEU H 216 21.82 -30.42 -32.29
N GLN H 217 22.51 -29.28 -32.30
CA GLN H 217 22.03 -28.21 -33.16
C GLN H 217 22.74 -28.22 -34.51
N SER H 218 23.54 -29.26 -34.80
CA SER H 218 24.29 -29.33 -36.05
C SER H 218 23.47 -29.90 -37.19
N GLY H 219 22.31 -30.48 -36.88
CA GLY H 219 21.53 -31.19 -37.88
C GLY H 219 21.90 -32.68 -37.97
N VAL H 220 22.72 -33.14 -37.03
CA VAL H 220 22.98 -34.56 -36.88
C VAL H 220 21.69 -35.24 -36.48
N ASP H 221 21.50 -36.48 -36.93
CA ASP H 221 20.40 -37.33 -36.51
C ASP H 221 20.85 -38.08 -35.26
N TYR H 222 20.25 -37.74 -34.11
CA TYR H 222 20.79 -38.16 -32.82
C TYR H 222 19.75 -39.00 -32.09
N THR H 223 20.15 -40.18 -31.61
CA THR H 223 19.32 -40.92 -30.68
C THR H 223 20.05 -41.07 -29.36
N PHE H 224 19.36 -40.69 -28.26
CA PHE H 224 19.70 -41.13 -26.92
C PHE H 224 19.17 -42.55 -26.75
N ALA H 225 19.99 -43.52 -27.13
CA ALA H 225 19.58 -44.90 -27.24
C ALA H 225 19.62 -45.60 -25.88
N ALA H 226 20.52 -45.12 -25.01
CA ALA H 226 20.82 -45.79 -23.77
C ALA H 226 21.07 -44.75 -22.68
N PRO H 227 20.05 -43.97 -22.28
CA PRO H 227 20.16 -43.09 -21.12
C PRO H 227 20.08 -43.94 -19.86
N LEU H 228 20.40 -43.32 -18.71
CA LEU H 228 20.33 -43.97 -17.41
C LEU H 228 18.96 -44.63 -17.25
N ASP H 229 17.93 -43.96 -17.80
CA ASP H 229 16.56 -44.43 -17.76
C ASP H 229 16.50 -45.92 -18.07
N ILE H 230 17.25 -46.36 -19.09
CA ILE H 230 17.25 -47.76 -19.53
C ILE H 230 18.37 -48.53 -18.82
N THR H 231 19.58 -48.00 -18.87
CA THR H 231 20.77 -48.76 -18.49
C THR H 231 20.69 -49.15 -17.02
N HIS H 232 20.01 -48.34 -16.20
CA HIS H 232 19.82 -48.63 -14.79
C HIS H 232 18.85 -49.81 -14.58
N THR H 233 18.16 -50.25 -15.65
CA THR H 233 17.34 -51.44 -15.63
C THR H 233 18.01 -52.60 -16.37
N VAL H 234 19.31 -52.49 -16.63
CA VAL H 234 20.07 -53.53 -17.34
C VAL H 234 21.21 -53.97 -16.43
N LEU H 235 20.92 -54.94 -15.56
CA LEU H 235 21.73 -55.22 -14.39
C LEU H 235 22.41 -56.58 -14.50
N VAL H 236 23.68 -56.60 -14.07
CA VAL H 236 24.48 -57.81 -14.04
C VAL H 236 24.18 -58.59 -12.77
N THR H 237 23.08 -59.35 -12.83
CA THR H 237 22.63 -60.20 -11.75
C THR H 237 23.52 -61.44 -11.67
N GLU H 238 23.37 -62.24 -10.60
CA GLU H 238 24.12 -63.47 -10.50
C GLU H 238 23.55 -64.49 -11.49
N LYS H 239 22.28 -64.30 -11.86
CA LYS H 239 21.65 -65.04 -12.94
C LYS H 239 22.37 -64.81 -14.26
N VAL H 240 22.61 -63.53 -14.60
CA VAL H 240 23.31 -63.17 -15.82
C VAL H 240 24.72 -63.75 -15.78
N ILE H 241 25.35 -63.73 -14.59
CA ILE H 241 26.70 -64.24 -14.40
C ILE H 241 26.76 -65.73 -14.71
N ASN H 242 25.78 -66.50 -14.23
CA ASN H 242 25.77 -67.93 -14.43
C ASN H 242 25.64 -68.26 -15.90
N ASP H 243 24.87 -67.45 -16.63
CA ASP H 243 24.68 -67.66 -18.06
C ASP H 243 25.99 -67.38 -18.81
N ILE H 244 26.75 -66.39 -18.32
CA ILE H 244 28.04 -66.07 -18.90
C ILE H 244 28.97 -67.26 -18.74
N LYS H 245 29.06 -67.77 -17.50
CA LYS H 245 29.82 -68.96 -17.18
C LYS H 245 29.37 -70.12 -18.06
N ALA H 246 28.05 -70.33 -18.14
CA ALA H 246 27.46 -71.36 -18.97
C ALA H 246 28.03 -71.30 -20.39
N ALA H 247 28.07 -70.11 -20.96
CA ALA H 247 28.38 -69.93 -22.37
C ALA H 247 29.89 -69.91 -22.63
N THR H 248 30.72 -69.65 -21.61
CA THR H 248 32.13 -69.37 -21.84
C THR H 248 33.07 -70.37 -21.17
N GLU H 249 32.77 -70.84 -19.95
CA GLU H 249 33.68 -71.74 -19.25
C GLU H 249 33.98 -72.96 -20.11
N PRO H 250 32.96 -73.62 -20.73
CA PRO H 250 33.19 -74.72 -21.66
C PRO H 250 34.30 -74.49 -22.69
N TYR H 251 34.46 -73.26 -23.17
CA TYR H 251 35.32 -72.98 -24.31
C TYR H 251 36.63 -72.30 -23.88
N SER H 252 36.58 -71.50 -22.80
CA SER H 252 37.74 -70.74 -22.37
C SER H 252 37.51 -70.23 -20.95
N PRO H 253 37.89 -71.01 -19.91
CA PRO H 253 37.64 -70.63 -18.53
C PRO H 253 38.54 -69.50 -18.03
N LYS H 254 39.56 -69.16 -18.80
CA LYS H 254 40.40 -68.00 -18.52
C LYS H 254 39.59 -66.73 -18.85
N PHE H 255 38.98 -66.73 -20.05
CA PHE H 255 38.16 -65.62 -20.51
C PHE H 255 37.00 -65.38 -19.54
N THR H 256 36.48 -66.46 -18.96
CA THR H 256 35.39 -66.41 -18.01
C THR H 256 35.79 -65.54 -16.81
N GLU H 257 36.97 -65.82 -16.23
CA GLU H 257 37.45 -65.11 -15.06
C GLU H 257 37.57 -63.63 -15.38
N MET H 258 38.13 -63.33 -16.55
CA MET H 258 38.40 -61.98 -16.98
C MET H 258 37.11 -61.17 -17.13
N ILE H 259 36.15 -61.71 -17.89
CA ILE H 259 34.95 -60.94 -18.17
C ILE H 259 34.16 -60.73 -16.88
N ILE H 260 34.29 -61.65 -15.92
CA ILE H 260 33.52 -61.55 -14.68
C ILE H 260 34.19 -60.58 -13.71
N LYS H 261 35.52 -60.63 -13.61
CA LYS H 261 36.26 -59.64 -12.83
C LYS H 261 35.94 -58.23 -13.29
N LEU H 262 36.04 -58.01 -14.61
CA LEU H 262 35.72 -56.73 -15.20
C LEU H 262 34.28 -56.34 -14.84
N LEU H 263 33.34 -57.28 -15.01
CA LEU H 263 31.92 -56.99 -14.86
C LEU H 263 31.55 -56.63 -13.43
N PHE H 264 32.34 -57.10 -12.46
CA PHE H 264 32.02 -56.87 -11.06
C PHE H 264 32.96 -55.83 -10.44
N PHE H 265 33.70 -55.08 -11.26
CA PHE H 265 34.82 -54.31 -10.75
C PHE H 265 34.36 -53.06 -9.99
N PHE H 266 33.31 -52.35 -10.46
CA PHE H 266 32.85 -51.17 -9.74
C PHE H 266 31.55 -51.50 -8.98
N LYS H 267 31.44 -52.76 -8.51
CA LYS H 267 30.18 -53.32 -8.06
C LYS H 267 29.84 -52.84 -6.65
N ASP H 268 30.84 -52.80 -5.76
CA ASP H 268 30.64 -52.39 -4.37
C ASP H 268 30.24 -50.91 -4.30
N THR H 269 30.97 -50.07 -5.04
CA THR H 269 30.63 -48.66 -5.20
C THR H 269 29.20 -48.53 -5.74
N TYR H 270 28.83 -49.34 -6.75
CA TYR H 270 27.48 -49.27 -7.30
C TYR H 270 26.47 -49.63 -6.20
N ARG H 271 26.82 -50.58 -5.32
CA ARG H 271 25.94 -50.95 -4.22
C ARG H 271 25.90 -49.85 -3.16
N ASP H 272 27.09 -49.39 -2.71
CA ASP H 272 27.23 -48.51 -1.56
C ASP H 272 27.05 -47.04 -1.95
N VAL H 273 27.64 -46.62 -3.06
CA VAL H 273 27.62 -45.22 -3.47
C VAL H 273 26.23 -44.92 -4.01
N PHE H 274 25.62 -45.89 -4.71
CA PHE H 274 24.48 -45.62 -5.56
C PHE H 274 23.27 -46.48 -5.20
N GLY H 275 23.45 -47.59 -4.47
CA GLY H 275 22.34 -48.38 -3.96
C GLY H 275 22.01 -49.61 -4.81
N PHE H 276 22.94 -50.01 -5.69
CA PHE H 276 22.72 -51.10 -6.62
C PHE H 276 23.20 -52.42 -6.02
N ILE H 277 22.25 -53.32 -5.73
CA ILE H 277 22.61 -54.67 -5.35
C ILE H 277 23.42 -55.28 -6.50
N ASP H 278 22.98 -55.03 -7.73
CA ASP H 278 23.67 -55.48 -8.93
C ASP H 278 23.95 -54.30 -9.85
N PRO H 279 25.15 -54.21 -10.45
CA PRO H 279 25.55 -53.02 -11.20
C PRO H 279 24.94 -52.97 -12.60
N PRO H 280 24.73 -51.77 -13.18
CA PRO H 280 24.18 -51.64 -14.52
C PRO H 280 25.31 -51.88 -15.53
N LEU H 281 24.94 -52.16 -16.78
CA LEU H 281 25.90 -52.26 -17.87
C LEU H 281 25.41 -51.35 -18.99
N HIS H 282 26.11 -50.24 -19.18
CA HIS H 282 25.58 -49.10 -19.90
C HIS H 282 25.75 -49.25 -21.41
N ASP H 283 27.01 -49.19 -21.85
CA ASP H 283 27.37 -48.84 -23.21
C ASP H 283 26.94 -49.87 -24.25
N PRO H 284 27.02 -51.21 -24.00
CA PRO H 284 26.57 -52.18 -25.00
C PRO H 284 25.10 -52.01 -25.43
N VAL H 285 24.30 -51.39 -24.57
CA VAL H 285 22.91 -51.09 -24.90
C VAL H 285 22.84 -50.20 -26.13
N ALA H 286 23.81 -49.28 -26.30
CA ALA H 286 23.83 -48.33 -27.42
C ALA H 286 24.05 -49.07 -28.74
N ALA H 287 25.02 -49.99 -28.75
CA ALA H 287 25.29 -50.85 -29.89
C ALA H 287 24.12 -51.78 -30.17
N PHE H 288 23.43 -52.20 -29.10
CA PHE H 288 22.27 -53.06 -29.26
C PHE H 288 21.13 -52.33 -29.96
N HIS H 289 21.03 -51.01 -29.75
CA HIS H 289 20.03 -50.22 -30.45
C HIS H 289 20.27 -50.32 -31.97
N LEU H 290 21.52 -50.18 -32.38
CA LEU H 290 21.83 -50.17 -33.80
C LEU H 290 21.64 -51.57 -34.38
N ILE H 291 21.83 -52.61 -33.55
CA ILE H 291 21.63 -53.98 -33.99
C ILE H 291 20.14 -54.28 -34.10
N ALA H 292 19.35 -53.90 -33.08
CA ALA H 292 17.97 -54.36 -32.97
C ALA H 292 17.11 -53.30 -32.28
N PRO H 293 16.71 -52.24 -33.02
CA PRO H 293 15.96 -51.12 -32.42
C PRO H 293 14.52 -51.42 -32.09
N GLU H 294 14.03 -52.58 -32.52
CA GLU H 294 12.65 -52.98 -32.30
C GLU H 294 12.38 -53.23 -30.81
N TRP H 295 13.44 -53.46 -30.01
CA TRP H 295 13.30 -53.73 -28.59
C TRP H 295 13.21 -52.45 -27.76
N PHE H 296 13.32 -51.28 -28.41
CA PHE H 296 13.32 -49.99 -27.72
C PHE H 296 12.06 -49.22 -28.09
N GLU H 297 11.51 -48.51 -27.11
CA GLU H 297 10.57 -47.44 -27.38
C GLU H 297 11.35 -46.18 -27.79
N HIS H 298 10.67 -45.28 -28.50
CA HIS H 298 11.29 -44.10 -29.06
C HIS H 298 10.29 -42.95 -29.01
N VAL H 299 10.78 -41.76 -28.68
CA VAL H 299 9.96 -40.58 -28.82
C VAL H 299 10.85 -39.46 -29.33
N ARG H 300 10.32 -38.66 -30.27
CA ARG H 300 11.00 -37.47 -30.75
C ARG H 300 10.67 -36.32 -29.81
N CYS H 301 11.67 -35.47 -29.55
CA CYS H 301 11.43 -34.27 -28.78
C CYS H 301 12.54 -33.25 -29.05
N HIS H 302 12.38 -32.07 -28.44
CA HIS H 302 13.46 -31.10 -28.42
C HIS H 302 14.22 -31.30 -27.11
N VAL H 303 15.52 -31.57 -27.22
CA VAL H 303 16.39 -31.66 -26.05
C VAL H 303 17.27 -30.42 -25.99
N ASP H 304 17.25 -29.76 -24.82
CA ASP H 304 18.18 -28.71 -24.48
C ASP H 304 19.22 -29.25 -23.50
N ILE H 305 20.50 -28.98 -23.80
CA ILE H 305 21.61 -29.37 -22.93
C ILE H 305 22.02 -28.15 -22.09
N GLU H 306 22.01 -28.31 -20.76
CA GLU H 306 22.37 -27.21 -19.87
C GLU H 306 23.89 -27.00 -19.96
N THR H 307 24.28 -25.75 -20.24
CA THR H 307 25.68 -25.38 -20.25
C THR H 307 25.95 -24.24 -19.27
N LYS H 308 24.99 -23.31 -19.14
CA LYS H 308 25.16 -22.15 -18.26
C LYS H 308 25.12 -22.55 -16.80
N GLY H 309 24.38 -23.63 -16.49
CA GLY H 309 24.09 -24.00 -15.13
C GLY H 309 25.35 -24.40 -14.36
N GLU H 310 25.41 -23.95 -13.10
CA GLU H 310 26.57 -24.13 -12.24
C GLU H 310 26.64 -25.53 -11.64
N TYR H 311 25.50 -26.06 -11.22
CA TYR H 311 25.41 -27.36 -10.56
C TYR H 311 24.69 -28.38 -11.46
N THR H 312 24.32 -27.93 -12.66
CA THR H 312 23.35 -28.63 -13.48
C THR H 312 23.80 -28.71 -14.94
N TYR H 313 25.05 -28.31 -15.24
CA TYR H 313 25.54 -28.45 -16.60
C TYR H 313 25.48 -29.93 -16.95
N GLY H 314 25.07 -30.20 -18.19
CA GLY H 314 24.97 -31.55 -18.73
C GLY H 314 23.57 -32.13 -18.58
N CYS H 315 22.65 -31.37 -17.95
CA CYS H 315 21.27 -31.81 -17.82
C CYS H 315 20.62 -31.88 -19.20
N CYS H 316 20.00 -33.02 -19.49
CA CYS H 316 19.20 -33.19 -20.69
C CYS H 316 17.75 -32.78 -20.39
N CYS H 317 17.39 -31.57 -20.84
CA CYS H 317 16.09 -30.99 -20.53
C CYS H 317 15.21 -31.03 -21.77
N THR H 318 14.16 -31.85 -21.74
CA THR H 318 13.32 -32.08 -22.90
C THR H 318 12.00 -31.37 -22.71
N ASN H 319 11.22 -31.26 -23.79
CA ASN H 319 9.88 -30.71 -23.74
C ASN H 319 8.84 -31.82 -23.75
N LEU H 320 9.23 -33.04 -23.34
CA LEU H 320 8.36 -34.21 -23.42
C LEU H 320 7.06 -33.97 -22.67
N ILE H 321 7.16 -33.33 -21.50
CA ILE H 321 5.99 -33.10 -20.67
C ILE H 321 5.20 -31.92 -21.24
N LEU H 322 5.85 -30.91 -21.81
CA LEU H 322 5.12 -29.82 -22.47
C LEU H 322 4.21 -30.40 -23.55
N LYS H 323 4.75 -31.38 -24.28
CA LYS H 323 4.02 -32.04 -25.35
C LYS H 323 2.68 -32.58 -24.85
N LYS H 324 2.66 -33.20 -23.66
CA LYS H 324 1.48 -33.94 -23.19
C LYS H 324 0.30 -32.98 -23.12
N LYS H 325 0.55 -31.72 -22.78
CA LYS H 325 -0.23 -30.57 -23.27
C LYS H 325 -0.19 -30.60 -24.81
N LYS H 332 9.41 -25.12 -30.60
CA LYS H 332 10.79 -25.56 -30.95
C LYS H 332 10.76 -26.91 -31.63
N PRO H 333 11.37 -27.05 -32.81
CA PRO H 333 11.37 -28.31 -33.54
C PRO H 333 12.07 -29.41 -32.74
N ASP H 334 11.61 -30.66 -32.90
CA ASP H 334 12.30 -31.80 -32.33
C ASP H 334 13.73 -31.81 -32.86
N ASN H 335 14.66 -32.38 -32.09
CA ASN H 335 16.04 -32.49 -32.54
C ASN H 335 16.66 -33.83 -32.13
N ALA H 336 15.94 -34.65 -31.38
CA ALA H 336 16.47 -35.94 -31.01
C ALA H 336 15.34 -36.95 -30.88
N THR H 337 15.72 -38.22 -30.97
CA THR H 337 14.90 -39.32 -30.50
C THR H 337 15.42 -39.71 -29.13
N VAL H 338 14.53 -40.01 -28.19
CA VAL H 338 14.90 -40.50 -26.88
C VAL H 338 14.29 -41.88 -26.67
N CYS H 339 15.10 -42.83 -26.21
CA CYS H 339 14.63 -44.15 -25.83
C CYS H 339 14.51 -44.24 -24.31
N LEU H 340 13.27 -44.20 -23.81
CA LEU H 340 13.01 -44.05 -22.38
C LEU H 340 12.93 -45.39 -21.66
N LYS H 341 12.88 -46.49 -22.41
CA LYS H 341 12.55 -47.79 -21.85
C LYS H 341 12.65 -48.85 -22.95
N LEU H 342 12.95 -50.10 -22.58
CA LEU H 342 12.86 -51.22 -23.52
C LEU H 342 11.42 -51.74 -23.59
N LYS H 343 11.02 -52.22 -24.76
CA LYS H 343 9.79 -52.99 -24.86
C LYS H 343 9.96 -54.30 -24.11
N GLU H 344 8.84 -54.95 -23.76
CA GLU H 344 8.92 -56.23 -23.07
C GLU H 344 9.62 -57.24 -23.97
N GLY H 345 10.51 -58.05 -23.37
CA GLY H 345 11.37 -58.96 -24.12
C GLY H 345 12.77 -58.38 -24.35
N GLY H 346 12.86 -57.03 -24.30
CA GLY H 346 14.07 -56.32 -24.66
C GLY H 346 15.27 -56.69 -23.79
N HIS H 347 15.04 -56.85 -22.48
CA HIS H 347 16.12 -57.19 -21.58
C HIS H 347 16.67 -58.57 -21.87
N ASP H 348 15.75 -59.54 -22.08
CA ASP H 348 16.15 -60.89 -22.42
C ASP H 348 16.89 -60.88 -23.75
N ALA H 349 16.32 -60.19 -24.75
CA ALA H 349 16.92 -60.09 -26.07
C ALA H 349 18.33 -59.50 -25.98
N PHE H 350 18.50 -58.44 -25.16
CA PHE H 350 19.80 -57.83 -24.95
C PHE H 350 20.79 -58.86 -24.40
N TRP H 351 20.38 -59.57 -23.35
CA TRP H 351 21.30 -60.49 -22.69
C TRP H 351 21.61 -61.72 -23.54
N ASN H 352 20.66 -62.16 -24.39
CA ASN H 352 20.94 -63.27 -25.29
C ASN H 352 21.97 -62.83 -26.32
N GLN H 353 21.80 -61.60 -26.81
CA GLN H 353 22.74 -61.00 -27.74
C GLN H 353 24.12 -60.94 -27.09
N MET H 354 24.18 -60.45 -25.85
CA MET H 354 25.45 -60.19 -25.21
C MET H 354 26.16 -61.50 -24.93
N ILE H 355 25.42 -62.49 -24.39
CA ILE H 355 25.99 -63.76 -23.98
C ILE H 355 26.41 -64.58 -25.21
N THR H 356 25.63 -64.53 -26.30
CA THR H 356 26.04 -65.12 -27.56
C THR H 356 27.46 -64.66 -27.90
N VAL H 357 27.66 -63.33 -27.92
CA VAL H 357 28.91 -62.75 -28.36
C VAL H 357 30.02 -63.21 -27.43
N TRP H 358 29.77 -63.19 -26.12
CA TRP H 358 30.78 -63.64 -25.17
C TRP H 358 31.15 -65.09 -25.44
N GLY H 359 30.14 -65.92 -25.71
CA GLY H 359 30.34 -67.32 -26.07
C GLY H 359 31.25 -67.46 -27.28
N GLU H 360 30.97 -66.69 -28.36
CA GLU H 360 31.74 -66.72 -29.59
C GLU H 360 33.18 -66.26 -29.34
N ILE H 361 33.35 -65.28 -28.44
CA ILE H 361 34.68 -64.80 -28.09
C ILE H 361 35.43 -65.90 -27.34
N ALA H 362 34.76 -66.55 -26.39
CA ALA H 362 35.33 -67.64 -25.62
C ALA H 362 35.82 -68.76 -26.54
N LYS H 363 35.08 -69.03 -27.62
CA LYS H 363 35.43 -70.06 -28.59
C LYS H 363 36.72 -69.71 -29.33
N GLU H 364 36.88 -68.43 -29.70
CA GLU H 364 38.06 -68.02 -30.45
C GLU H 364 39.30 -67.99 -29.56
N ILE H 365 39.15 -67.68 -28.28
CA ILE H 365 40.29 -67.64 -27.38
C ILE H 365 40.72 -69.06 -27.01
N GLY H 366 39.76 -69.94 -26.72
CA GLY H 366 39.98 -71.39 -26.65
C GLY H 366 40.84 -71.80 -25.47
#